data_7CWU
#
_entry.id   7CWU
#
loop_
_entity.id
_entity.type
_entity.pdbx_description
1 polymer 'heavy chain of FC05 Fab'
2 polymer 'light chain of FC05 Fab'
3 polymer 'Spike glycoprotein'
4 polymer 'heavy chain of P17 Fab'
5 polymer 'light chain of P17 Fab'
6 branched 2-acetamido-2-deoxy-beta-D-glucopyranose-(1-4)-2-acetamido-2-deoxy-beta-D-glucopyranose
7 non-polymer 2-acetamido-2-deoxy-beta-D-glucopyranose
#
loop_
_entity_poly.entity_id
_entity_poly.type
_entity_poly.pdbx_seq_one_letter_code
_entity_poly.pdbx_strand_id
1 'polypeptide(L)'
;EVQLLEQSGAEVKKPGASVRVSCKVSGYTLPEVAMHWVRQAPGKGLEWMGGFDPEDGETMYAQKFQGRVTMTEDTSTDTA
YMELSSLRSEDTAVYYCATTTPFSSSYWFDPWGQGTLVTV
;
P,N,J
2 'polypeptide(L)'
;SVLTQAPSVSAAPGQKVTISCSGSSSNIGNNYVSWYQQLPGTAPKLLIYDNNKRPSGIPDRFSGSKSGTSATLGITGLQT
GDEADYYCGTWDSSLSAVVFGGGTKLTVL
;
I,G,F
3 'polypeptide(L)'
;MFVFLVLLPLVSSQCVNLTTRTQLPPAYTNSFTRGVYYPDKVFRSSVLHSTQDLFLPFFSNVTWFHAIHVSGTNGTKRFD
NPVLPFNDGVYFASTEKSNIIRGWIFGTTLDSKTQSLLIVNNATNVVIKVCEFQFCNDPFLGVYYHKNNKSWMESEFRVY
SSANNCTFEYVSQPFLMDLEGKQGNFKNLREFVFKNIDGYFKIYSKHTPINLVRDLPQGFSALEPLVDLPIGINITRFQT
LLALHRSYLTPGDSSSGWTAGAAAYYVGYLQPRTFLLKYNENGTITDAVDCALDPLSETKCTLKSFTVEKGIYQTSNFRV
QPTESIVRFPNITNLCPFGEVFNATRFASVYAWNRKRISNCVADYSVLYNSASFSTFKCYGVSPTKLNDLCFTNVYADSF
VIRGDEVRQIAPGQTGKIADYNYKLPDDFTGCVIAWNSNNLDSKVGGNYNYLYRLFRKSNLKPFERDISTEIYQAGSTPC
NGVEGFNCYFPLQSYGFQPTNGVGYQPYRVVVLSFELLHAPATVCGPKKSTNLVKNKCVNFNFNGLTGTGVLTESNKKFL
PFQQFGRDIADTTDAVRDPQTLEILDITPCSFGGVSVITPGTNTSNQVAVLYQDVNCTEVPVAIHADQLTPTWRVYSTGS
NVFQTRAGCLIGAEHVNNSYECDIPIGAGICASYQTQTNSPRRARSVASQSIIAYTMSLGAENSVAYSNNSIAIPTNFTI
SVTTEILPVSMTKTSVDCTMYICGDSTECSNLLLQYGSFCTQLNRALTGIAVEQDKNTQEVFAQVKQIYKTPPIKDFGGF
NFSQILPDPSKPSKRSFIEDLLFNKVTLADAGFIKQYGDCLGDIAARDLICAQKFNGLTVLPPLLTDEMIAQYTSALLAG
TITSGWTFGAGAALQIPFAMQMAYRFNGIGVTQNVLYENQKLIANQFNSAIGKIQDSLSSTASALGKLQDVVNQNAQALN
TLVKQLSSNFGAISSVLNDILSRLDKVEAEVQIDRLITGRLQSLQTYVTQQLIRAAEIRASANLAATKMSECVLGQSKRV
DFCGKGYHLMSFPQSAPHGVVFLHVTYVPAQEKNFTTAPAICHDGKAHFPREGVFVSNGTHWFVTQRNFYEPQIITTDNT
FVSGNCDVVIGIVNNTVYDPLQPELDSFKEELDKYFKNHTSPDVDLGDISGINASVVNIQKEIDRLNEVAKNLNESLIDL
QELGKYEQYIKWPWYIWLGFIAGLIAIVMVTIMLCCMTSCCSCLKGCCSCGSCCKFDEDDSEPVLKGVKLHYT
;
B,C,A
4 'polypeptide(L)'
;QQLVESGGGVVQPGRSLRLSCAASGFTFSSYAMHWVRQAPGKGLEWVAVISYDGSNKYYADSVKGRFTISRDNSKNTLYL
QMNSLRAEDTAVYYCARHATLMNNKDIWGQGTLVTVSSAS
;
H,M,O
5 'polypeptide(L)'
;GDIQLTQSPSSLSASVGDRVTITCRASQSISSYLNWYQQKPGKAPKLLIYAASSLQSGVPSRFSGSGSGTDFTLTISSLQ
PEDFATYYCQQSYSTPRTFGQGTKVEIK
;
L,R,S
#
# COMPACT_ATOMS: atom_id res chain seq x y z
N GLU A 1 18.09 40.61 65.20
CA GLU A 1 18.00 41.43 64.00
C GLU A 1 19.34 41.52 63.27
N VAL A 2 20.22 42.37 63.81
CA VAL A 2 21.43 42.81 63.12
C VAL A 2 22.56 43.00 64.11
N GLN A 3 23.75 42.55 63.73
CA GLN A 3 25.00 42.96 64.35
C GLN A 3 25.79 43.71 63.30
N LEU A 4 26.73 44.53 63.74
CA LEU A 4 27.46 45.38 62.82
C LEU A 4 28.91 44.90 62.73
N LEU A 5 29.67 45.53 61.86
CA LEU A 5 31.11 45.36 61.87
C LEU A 5 31.71 46.44 62.76
N GLU A 6 33.02 46.40 62.95
CA GLU A 6 33.57 47.41 63.83
C GLU A 6 33.60 48.76 63.11
N GLN A 7 33.94 49.80 63.85
CA GLN A 7 33.94 51.15 63.29
C GLN A 7 35.22 51.38 62.50
N SER A 8 36.34 51.05 63.12
CA SER A 8 37.67 51.20 62.54
C SER A 8 38.44 49.90 62.73
N GLY A 9 38.56 49.47 63.97
CA GLY A 9 39.73 48.80 64.47
C GLY A 9 40.46 49.75 65.39
N ALA A 10 41.70 49.40 65.69
CA ALA A 10 42.58 50.27 66.47
C ALA A 10 43.37 51.13 65.50
N GLU A 11 43.09 52.44 65.50
CA GLU A 11 43.79 53.38 64.64
C GLU A 11 44.56 54.35 65.52
N VAL A 12 45.88 54.22 65.53
CA VAL A 12 46.73 55.12 66.29
C VAL A 12 47.59 55.91 65.31
N LYS A 13 47.32 57.20 65.18
CA LYS A 13 48.04 58.04 64.24
C LYS A 13 48.58 59.26 64.97
N LYS A 14 49.90 59.36 65.00
CA LYS A 14 50.65 60.40 65.68
C LYS A 14 50.23 61.76 65.11
N PRO A 15 50.45 62.84 65.84
CA PRO A 15 50.11 64.16 65.30
C PRO A 15 50.75 64.38 63.93
N GLY A 16 50.09 65.21 63.12
CA GLY A 16 50.46 65.31 61.72
C GLY A 16 49.89 64.24 60.82
N ALA A 17 48.68 63.77 61.08
CA ALA A 17 48.02 62.75 60.29
C ALA A 17 46.52 62.98 60.25
N SER A 18 45.82 62.08 59.56
CA SER A 18 44.36 62.09 59.52
C SER A 18 43.88 60.67 59.21
N VAL A 19 42.68 60.34 59.66
CA VAL A 19 42.24 58.95 59.69
C VAL A 19 40.80 58.83 59.20
N ARG A 20 40.60 57.89 58.27
CA ARG A 20 39.27 57.47 57.84
C ARG A 20 38.70 56.47 58.83
N VAL A 21 37.37 56.38 58.89
CA VAL A 21 36.69 55.42 59.74
C VAL A 21 35.67 54.68 58.90
N SER A 22 35.88 53.39 58.69
CA SER A 22 35.06 52.58 57.79
C SER A 22 34.23 51.61 58.60
N CYS A 23 32.93 51.87 58.69
CA CYS A 23 32.00 51.09 59.50
C CYS A 23 31.14 50.23 58.60
N LYS A 24 31.30 48.91 58.69
CA LYS A 24 30.48 48.03 57.88
C LYS A 24 29.36 47.42 58.73
N VAL A 25 28.48 46.66 58.08
CA VAL A 25 27.28 46.14 58.73
C VAL A 25 27.17 44.66 58.43
N SER A 26 26.16 44.03 59.01
CA SER A 26 25.81 42.65 58.70
C SER A 26 24.33 42.47 58.98
N GLY A 27 23.68 41.63 58.17
CA GLY A 27 22.26 41.38 58.31
C GLY A 27 21.37 42.43 57.68
N TYR A 28 21.92 43.61 57.41
CA TYR A 28 21.28 44.58 56.53
C TYR A 28 22.16 44.87 55.33
N THR A 29 21.67 45.71 54.43
CA THR A 29 22.49 46.29 53.38
C THR A 29 22.69 47.76 53.70
N LEU A 30 23.81 48.30 53.24
CA LEU A 30 24.20 49.63 53.69
C LEU A 30 23.12 50.68 53.42
N PRO A 31 22.67 50.90 52.17
CA PRO A 31 21.73 52.02 51.97
C PRO A 31 20.28 51.61 52.10
N GLU A 32 19.93 50.79 53.09
CA GLU A 32 18.57 50.74 53.59
C GLU A 32 18.43 51.41 54.95
N VAL A 33 19.53 51.88 55.52
CA VAL A 33 19.55 52.40 56.88
C VAL A 33 20.66 53.45 56.95
N ALA A 34 20.44 54.48 57.75
CA ALA A 34 21.32 55.64 57.79
C ALA A 34 22.31 55.50 58.93
N MET A 35 23.56 55.89 58.70
CA MET A 35 24.57 55.87 59.74
C MET A 35 24.64 57.21 60.46
N HIS A 36 25.44 57.23 61.52
CA HIS A 36 25.58 58.39 62.39
C HIS A 36 26.90 58.26 63.14
N TRP A 37 27.33 59.37 63.74
CA TRP A 37 28.60 59.37 64.45
C TRP A 37 28.49 60.24 65.69
N VAL A 38 29.19 59.85 66.75
CA VAL A 38 29.19 60.62 67.99
C VAL A 38 30.60 60.62 68.56
N ARG A 39 31.09 61.81 68.89
CA ARG A 39 32.32 61.89 69.67
C ARG A 39 32.05 61.49 71.11
N GLN A 40 32.86 60.57 71.61
CA GLN A 40 32.88 60.25 73.03
C GLN A 40 34.31 60.30 73.53
N ALA A 41 34.59 61.25 74.40
CA ALA A 41 35.90 61.36 75.00
C ALA A 41 35.90 60.65 76.34
N PRO A 42 36.92 59.83 76.64
CA PRO A 42 36.91 59.07 77.90
C PRO A 42 36.83 60.00 79.10
N GLY A 43 36.05 59.58 80.10
CA GLY A 43 35.79 60.45 81.23
C GLY A 43 34.97 61.66 80.88
N LYS A 44 34.29 61.65 79.73
CA LYS A 44 33.51 62.78 79.26
C LYS A 44 32.22 62.25 78.64
N GLY A 45 31.48 63.13 77.99
CA GLY A 45 30.17 62.80 77.47
C GLY A 45 30.12 62.65 75.95
N LEU A 46 28.90 62.70 75.44
CA LEU A 46 28.64 62.50 74.02
C LEU A 46 28.68 63.81 73.25
N GLU A 47 29.26 63.77 72.06
CA GLU A 47 29.22 64.88 71.11
C GLU A 47 28.88 64.28 69.75
N TRP A 48 27.71 64.61 69.22
CA TRP A 48 27.24 63.97 68.00
C TRP A 48 28.03 64.50 66.79
N MET A 49 28.04 63.70 65.73
CA MET A 49 28.95 63.94 64.63
C MET A 49 28.42 63.26 63.38
N GLY A 50 28.88 63.76 62.23
CA GLY A 50 28.56 63.12 60.97
C GLY A 50 27.06 63.00 60.76
N GLY A 51 26.60 61.79 60.49
CA GLY A 51 25.18 61.50 60.47
C GLY A 51 24.54 61.73 59.11
N PHE A 52 23.42 61.05 58.90
CA PHE A 52 22.59 61.21 57.71
C PHE A 52 21.28 61.86 58.13
N ASP A 53 20.66 62.60 57.21
CA ASP A 53 19.43 63.31 57.53
C ASP A 53 18.25 62.57 56.89
N PRO A 54 17.32 62.04 57.68
CA PRO A 54 16.11 61.47 57.07
C PRO A 54 15.35 62.47 56.21
N GLU A 55 15.21 63.71 56.69
CA GLU A 55 14.66 64.77 55.86
C GLU A 55 15.70 65.22 54.85
N ASP A 56 15.24 65.74 53.72
CA ASP A 56 16.11 66.40 52.74
C ASP A 56 17.09 65.43 52.08
N GLY A 57 17.23 64.22 52.64
CA GLY A 57 18.05 63.19 52.06
C GLY A 57 19.54 63.42 52.12
N GLU A 58 20.01 64.53 52.68
CA GLU A 58 21.43 64.78 52.77
C GLU A 58 22.07 63.96 53.89
N THR A 59 23.37 63.80 53.79
CA THR A 59 24.20 63.27 54.87
C THR A 59 24.64 64.47 55.71
N MET A 60 24.17 64.52 56.95
CA MET A 60 24.45 65.67 57.79
C MET A 60 25.93 65.75 58.17
N TYR A 61 26.35 66.95 58.55
CA TYR A 61 27.66 67.18 59.14
C TYR A 61 27.49 68.18 60.28
N ALA A 62 27.95 67.78 61.47
CA ALA A 62 27.78 68.62 62.65
C ALA A 62 28.41 69.98 62.41
N GLN A 63 27.60 71.03 62.58
CA GLN A 63 28.04 72.38 62.22
C GLN A 63 29.33 72.76 62.93
N LYS A 64 29.40 72.52 64.24
CA LYS A 64 30.62 72.81 64.99
C LYS A 64 31.83 72.16 64.33
N PHE A 65 31.71 70.89 63.96
CA PHE A 65 32.79 70.14 63.34
C PHE A 65 32.71 70.12 61.82
N GLN A 66 31.77 70.85 61.24
CA GLN A 66 31.54 70.78 59.80
C GLN A 66 32.79 71.18 59.02
N GLY A 67 33.04 70.47 57.93
CA GLY A 67 34.15 70.76 57.04
C GLY A 67 35.44 70.06 57.40
N ARG A 68 35.64 69.70 58.67
CA ARG A 68 36.82 68.94 59.07
C ARG A 68 36.67 67.46 58.82
N VAL A 69 35.46 66.93 58.89
CA VAL A 69 35.20 65.51 58.73
C VAL A 69 34.22 65.31 57.57
N THR A 70 34.48 64.29 56.76
CA THR A 70 33.66 63.98 55.61
C THR A 70 33.29 62.50 55.62
N MET A 71 32.30 62.14 54.82
CA MET A 71 31.80 60.77 54.76
C MET A 71 31.53 60.38 53.31
N THR A 72 31.85 59.14 52.97
CA THR A 72 31.50 58.53 51.70
C THR A 72 30.90 57.15 51.97
N GLU A 73 30.30 56.55 50.95
CA GLU A 73 29.57 55.30 51.09
C GLU A 73 29.82 54.41 49.89
N ASP A 74 30.11 53.14 50.14
CA ASP A 74 30.09 52.11 49.10
C ASP A 74 28.95 51.15 49.44
N THR A 75 27.89 51.19 48.65
CA THR A 75 26.66 50.50 49.01
C THR A 75 26.82 48.99 49.00
N SER A 76 27.56 48.45 48.03
CA SER A 76 27.66 46.99 47.92
C SER A 76 28.54 46.41 48.99
N THR A 77 29.69 47.02 49.26
CA THR A 77 30.61 46.52 50.27
C THR A 77 30.31 47.05 51.66
N ASP A 78 29.29 47.90 51.79
CA ASP A 78 28.80 48.37 53.09
C ASP A 78 29.85 49.19 53.84
N THR A 79 30.79 49.78 53.11
CA THR A 79 31.89 50.54 53.71
C THR A 79 31.56 52.02 53.72
N ALA A 80 31.40 52.59 54.91
CA ALA A 80 31.17 54.02 55.06
C ALA A 80 32.37 54.65 55.77
N TYR A 81 33.12 55.46 55.03
CA TYR A 81 34.38 56.01 55.52
C TYR A 81 34.15 57.37 56.14
N MET A 82 34.54 57.50 57.41
CA MET A 82 34.51 58.78 58.10
C MET A 82 35.95 59.27 58.24
N GLU A 83 36.28 60.30 57.47
CA GLU A 83 37.61 60.89 57.46
C GLU A 83 37.62 62.16 58.30
N LEU A 84 38.33 62.12 59.42
CA LEU A 84 38.59 63.30 60.22
C LEU A 84 39.99 63.79 59.93
N SER A 85 40.16 65.11 59.91
CA SER A 85 41.40 65.71 59.45
C SER A 85 41.87 66.76 60.45
N SER A 86 43.13 67.17 60.28
CA SER A 86 43.73 68.28 61.02
C SER A 86 43.67 68.03 62.53
N LEU A 87 44.47 67.05 62.95
CA LEU A 87 44.45 66.60 64.34
C LEU A 87 44.68 67.77 65.31
N ARG A 88 43.96 67.76 66.42
CA ARG A 88 44.10 68.77 67.46
C ARG A 88 44.18 68.12 68.84
N SER A 89 44.30 68.94 69.88
CA SER A 89 44.49 68.43 71.24
C SER A 89 43.37 67.51 71.69
N GLU A 90 42.17 68.03 71.86
CA GLU A 90 41.07 67.32 72.50
C GLU A 90 40.31 66.39 71.56
N ASP A 91 40.75 66.27 70.30
CA ASP A 91 39.97 65.52 69.34
C ASP A 91 40.38 64.06 69.23
N THR A 92 41.28 63.57 70.07
CA THR A 92 41.48 62.13 70.17
C THR A 92 40.49 61.54 71.15
N ALA A 93 39.69 60.57 70.68
CA ALA A 93 38.56 60.06 71.47
C ALA A 93 37.90 58.93 70.69
N VAL A 94 36.98 58.25 71.37
CA VAL A 94 36.16 57.21 70.77
C VAL A 94 35.09 57.90 69.93
N TYR A 95 34.98 57.51 68.67
CA TYR A 95 33.94 58.02 67.80
C TYR A 95 33.07 56.86 67.37
N TYR A 96 31.83 56.83 67.84
CA TYR A 96 30.96 55.68 67.66
C TYR A 96 30.25 55.73 66.31
N CYS A 97 30.22 54.59 65.64
CA CYS A 97 29.34 54.36 64.50
C CYS A 97 27.93 54.09 65.03
N ALA A 98 26.98 54.90 64.61
CA ALA A 98 25.59 54.76 65.04
C ALA A 98 24.69 54.81 63.83
N THR A 99 23.46 54.31 63.99
CA THR A 99 22.59 54.20 62.79
C THR A 99 21.10 54.36 63.14
N THR A 100 20.50 55.50 62.80
CA THR A 100 19.03 55.64 62.99
C THR A 100 18.34 55.20 61.69
N THR A 101 17.03 55.45 61.56
CA THR A 101 16.28 54.99 60.36
C THR A 101 15.93 56.19 59.47
N PRO A 102 16.24 56.15 58.16
CA PRO A 102 15.88 57.24 57.23
C PRO A 102 14.36 57.37 57.04
N PHE A 103 13.61 56.28 57.21
CA PHE A 103 12.15 56.29 56.96
C PHE A 103 11.44 57.30 57.85
N SER A 104 11.79 57.35 59.15
CA SER A 104 11.12 58.27 60.10
C SER A 104 12.18 59.15 60.76
N SER A 105 11.80 60.00 61.73
CA SER A 105 12.83 60.78 62.45
C SER A 105 13.75 59.81 63.19
N SER A 106 13.18 58.83 63.90
CA SER A 106 13.99 57.76 64.54
C SER A 106 15.22 58.34 65.24
N TYR A 107 15.01 59.30 66.13
CA TYR A 107 16.17 59.83 66.91
C TYR A 107 16.85 58.64 67.59
N TRP A 108 16.06 57.59 67.87
CA TRP A 108 16.67 56.37 68.47
C TRP A 108 17.68 55.79 67.49
N PHE A 109 18.86 55.46 67.99
CA PHE A 109 19.93 54.92 67.11
C PHE A 109 19.89 53.39 67.10
N ASP A 110 20.86 52.76 66.45
CA ASP A 110 21.01 51.29 66.45
C ASP A 110 21.31 50.86 67.89
N PRO A 111 21.12 49.60 68.32
CA PRO A 111 21.27 49.27 69.74
C PRO A 111 22.63 49.70 70.29
N TRP A 112 23.74 49.42 69.60
CA TRP A 112 25.04 49.95 70.08
C TRP A 112 26.15 49.88 69.02
N GLY A 113 27.19 50.71 69.15
CA GLY A 113 28.38 50.59 68.30
C GLY A 113 29.49 50.21 69.25
N GLN A 114 30.55 49.54 68.80
CA GLN A 114 31.49 49.10 69.84
C GLN A 114 32.54 50.17 70.19
N GLY A 115 32.72 51.18 69.36
CA GLY A 115 33.62 52.28 69.68
C GLY A 115 35.03 52.11 69.18
N THR A 116 35.66 53.21 68.74
CA THR A 116 37.06 53.23 68.38
C THR A 116 37.69 54.55 68.81
N LEU A 117 38.78 54.47 69.58
CA LEU A 117 39.59 55.63 69.93
C LEU A 117 40.40 56.05 68.72
N VAL A 118 40.74 57.34 68.64
CA VAL A 118 41.68 57.83 67.64
C VAL A 118 42.90 58.40 68.35
N THR A 119 43.80 58.99 67.58
CA THR A 119 45.07 59.45 68.11
C THR A 119 45.46 60.77 67.45
N VAL A 120 45.98 61.69 68.26
CA VAL A 120 46.38 62.99 67.75
C VAL A 120 47.85 63.26 68.01
N SER B 1 26.24 68.86 77.04
CA SER B 1 26.52 69.90 76.05
C SER B 1 25.59 71.09 76.25
N VAL B 2 24.50 71.09 75.49
CA VAL B 2 23.56 72.19 75.53
C VAL B 2 22.39 71.89 76.48
N LEU B 3 22.38 70.70 77.08
CA LEU B 3 21.25 70.26 77.89
C LEU B 3 21.66 70.21 79.35
N THR B 4 20.71 69.87 80.23
CA THR B 4 20.90 69.99 81.67
C THR B 4 20.66 68.65 82.36
N GLN B 5 21.72 68.08 82.91
CA GLN B 5 21.61 67.00 83.89
C GLN B 5 22.90 66.93 84.69
N ALA B 6 22.80 66.34 85.88
CA ALA B 6 23.88 66.42 86.84
C ALA B 6 24.96 65.38 86.52
N PRO B 7 26.18 65.55 87.05
CA PRO B 7 27.21 64.52 86.81
C PRO B 7 26.89 63.18 87.43
N SER B 8 26.38 63.14 88.66
CA SER B 8 26.20 61.86 89.35
C SER B 8 25.01 61.93 90.28
N VAL B 9 24.50 60.74 90.63
CA VAL B 9 23.40 60.61 91.58
C VAL B 9 23.54 59.24 92.25
N SER B 10 23.05 59.13 93.48
CA SER B 10 23.23 57.91 94.26
C SER B 10 21.94 57.55 94.97
N ALA B 11 21.71 56.23 95.12
CA ALA B 11 20.55 55.75 95.85
C ALA B 11 20.81 54.32 96.30
N ALA B 12 20.05 53.91 97.32
CA ALA B 12 20.14 52.57 97.90
C ALA B 12 19.59 51.52 96.93
N PRO B 13 20.06 50.28 97.03
CA PRO B 13 19.64 49.25 96.07
C PRO B 13 18.17 48.91 96.22
N GLY B 14 17.60 48.34 95.16
CA GLY B 14 16.23 47.90 95.16
C GLY B 14 15.20 49.00 95.34
N GLN B 15 15.61 50.27 95.35
CA GLN B 15 14.70 51.37 95.62
C GLN B 15 14.12 51.88 94.30
N LYS B 16 13.37 52.97 94.35
CA LYS B 16 12.78 53.59 93.17
C LYS B 16 13.15 55.07 93.15
N VAL B 17 13.98 55.45 92.18
CA VAL B 17 14.34 56.85 91.96
C VAL B 17 14.69 57.01 90.48
N THR B 18 14.33 58.16 89.92
CA THR B 18 14.46 58.40 88.50
C THR B 18 15.51 59.47 88.24
N ILE B 19 15.69 59.80 86.97
CA ILE B 19 16.63 60.85 86.54
C ILE B 19 15.93 61.66 85.46
N SER B 20 16.08 62.98 85.51
CA SER B 20 15.42 63.90 84.61
C SER B 20 16.46 64.71 83.84
N CYS B 21 16.02 65.25 82.70
CA CYS B 21 16.87 66.06 81.83
C CYS B 21 16.06 67.26 81.35
N SER B 22 16.60 68.47 81.57
CA SER B 22 15.88 69.70 81.30
C SER B 22 16.36 70.30 79.98
N GLY B 23 15.48 70.32 78.98
CA GLY B 23 15.76 70.92 77.70
C GLY B 23 15.01 72.21 77.47
N SER B 24 14.78 72.53 76.20
CA SER B 24 14.01 73.70 75.84
C SER B 24 12.94 73.34 74.83
N SER B 25 12.11 74.31 74.45
CA SER B 25 11.14 74.08 73.39
C SER B 25 11.82 73.89 72.06
N SER B 26 13.00 74.49 71.89
CA SER B 26 13.79 74.36 70.67
C SER B 26 14.38 72.98 70.50
N ASN B 27 14.40 72.15 71.54
CA ASN B 27 14.99 70.82 71.47
C ASN B 27 14.02 69.75 71.96
N ILE B 28 13.67 69.73 73.24
CA ILE B 28 12.79 68.69 73.74
C ILE B 28 11.33 69.00 73.39
N GLY B 29 10.98 70.27 73.30
CA GLY B 29 9.60 70.67 73.13
C GLY B 29 8.87 70.01 71.98
N ASN B 30 9.40 70.11 70.77
CA ASN B 30 8.77 69.52 69.59
C ASN B 30 9.36 68.18 69.19
N ASN B 31 10.35 67.65 69.92
CA ASN B 31 11.10 66.50 69.46
C ASN B 31 11.00 65.36 70.47
N TYR B 32 11.22 64.15 69.96
CA TYR B 32 11.21 62.96 70.80
C TYR B 32 12.55 62.75 71.48
N VAL B 33 12.51 62.13 72.66
CA VAL B 33 13.67 62.01 73.53
C VAL B 33 14.12 60.56 73.57
N SER B 34 15.43 60.35 73.67
CA SER B 34 16.02 59.04 73.83
C SER B 34 16.91 59.03 75.06
N TRP B 35 17.27 57.83 75.50
CA TRP B 35 18.11 57.64 76.67
C TRP B 35 19.05 56.48 76.46
N TYR B 36 20.26 56.61 76.98
CA TYR B 36 21.34 55.68 76.66
C TYR B 36 22.08 55.28 77.93
N GLN B 37 22.64 54.08 77.95
CA GLN B 37 23.41 53.55 79.06
C GLN B 37 24.74 53.03 78.56
N GLN B 38 25.81 53.30 79.31
CA GLN B 38 27.12 52.76 79.03
C GLN B 38 27.79 52.35 80.34
N LEU B 39 28.37 51.20 80.35
CA LEU B 39 29.27 50.75 81.41
C LEU B 39 30.69 51.25 81.11
N PRO B 40 31.57 51.24 82.10
CA PRO B 40 32.93 51.76 81.87
C PRO B 40 33.60 51.07 80.70
N GLY B 41 34.12 51.89 79.78
CA GLY B 41 34.75 51.39 78.57
C GLY B 41 33.92 50.42 77.75
N THR B 42 32.62 50.67 77.61
CA THR B 42 31.74 49.74 76.91
C THR B 42 30.91 50.50 75.88
N ALA B 43 29.96 49.79 75.31
CA ALA B 43 29.09 50.22 74.23
C ALA B 43 27.81 50.86 74.77
N PRO B 44 27.63 52.17 74.54
CA PRO B 44 26.45 52.85 75.08
C PRO B 44 25.17 52.29 74.50
N LYS B 45 24.28 51.86 75.40
CA LYS B 45 23.11 51.08 75.04
C LYS B 45 21.88 51.96 75.06
N LEU B 46 21.08 51.90 74.00
CA LEU B 46 19.81 52.59 73.99
C LEU B 46 18.92 52.08 75.11
N LEU B 47 18.41 53.00 75.92
CA LEU B 47 17.55 52.67 77.04
C LEU B 47 16.08 52.75 76.68
N ILE B 48 15.58 53.95 76.39
CA ILE B 48 14.18 54.18 76.03
C ILE B 48 14.16 55.17 74.88
N TYR B 49 13.29 54.92 73.88
CA TYR B 49 13.14 55.88 72.76
C TYR B 49 11.72 56.45 72.75
N ASP B 50 11.58 57.78 72.66
CA ASP B 50 10.26 58.47 72.64
C ASP B 50 9.73 58.59 74.07
N ASN B 51 10.44 58.02 75.05
CA ASN B 51 10.06 58.10 76.49
C ASN B 51 8.91 57.13 76.80
N ASN B 52 8.40 56.43 75.79
CA ASN B 52 7.32 55.43 76.03
C ASN B 52 7.66 54.10 75.35
N LYS B 53 8.78 54.01 74.63
CA LYS B 53 9.06 52.78 73.86
C LYS B 53 10.34 52.08 74.33
N ARG B 54 10.22 50.84 74.81
CA ARG B 54 11.36 50.04 75.24
C ARG B 54 11.94 49.31 74.04
N PRO B 55 13.25 49.39 73.84
CA PRO B 55 13.92 48.53 72.87
C PRO B 55 13.85 47.07 73.31
N SER B 56 14.14 46.18 72.36
CA SER B 56 14.12 44.76 72.65
C SER B 56 15.21 44.41 73.65
N GLY B 57 14.79 43.75 74.74
CA GLY B 57 15.71 43.35 75.78
C GLY B 57 15.78 44.27 76.97
N ILE B 58 14.93 45.28 77.05
CA ILE B 58 14.94 46.25 78.14
C ILE B 58 13.98 45.78 79.21
N PRO B 59 14.37 45.78 80.49
CA PRO B 59 13.40 45.48 81.55
C PRO B 59 12.24 46.47 81.51
N ASP B 60 11.03 45.93 81.68
CA ASP B 60 9.84 46.77 81.65
C ASP B 60 9.83 47.77 82.80
N ARG B 61 10.69 47.57 83.80
CA ARG B 61 10.71 48.42 84.98
C ARG B 61 11.10 49.85 84.67
N PHE B 62 11.51 50.14 83.44
CA PHE B 62 11.86 51.51 83.07
C PHE B 62 10.69 52.18 82.37
N SER B 63 10.46 53.45 82.68
CA SER B 63 9.42 54.25 82.06
C SER B 63 10.01 55.61 81.69
N GLY B 64 9.14 56.50 81.23
CA GLY B 64 9.58 57.84 80.89
C GLY B 64 8.42 58.80 80.79
N SER B 65 8.75 60.09 80.79
CA SER B 65 7.74 61.13 80.67
C SER B 65 8.37 62.38 80.07
N LYS B 66 7.55 63.17 79.41
CA LYS B 66 7.95 64.50 78.93
C LYS B 66 6.93 65.51 79.41
N SER B 67 7.35 66.40 80.32
CA SER B 67 6.52 67.50 80.78
C SER B 67 7.14 68.79 80.30
N GLY B 68 6.51 69.43 79.32
CA GLY B 68 7.04 70.64 78.73
C GLY B 68 8.44 70.39 78.20
N THR B 69 9.38 71.20 78.65
CA THR B 69 10.78 71.08 78.27
C THR B 69 11.54 70.10 79.15
N SER B 70 10.87 69.45 80.09
CA SER B 70 11.50 68.54 81.04
C SER B 70 11.13 67.11 80.68
N ALA B 71 12.13 66.23 80.65
CA ALA B 71 11.95 64.83 80.33
C ALA B 71 12.63 63.97 81.37
N THR B 72 11.83 63.16 82.08
CA THR B 72 12.30 62.29 83.13
C THR B 72 12.42 60.87 82.58
N LEU B 73 13.50 60.19 82.97
CA LEU B 73 13.72 58.80 82.62
C LEU B 73 13.34 57.96 83.84
N GLY B 74 12.24 57.22 83.73
CA GLY B 74 11.78 56.37 84.82
C GLY B 74 12.77 55.25 85.09
N ILE B 75 13.24 55.19 86.35
CA ILE B 75 14.21 54.20 86.78
C ILE B 75 13.67 53.56 88.05
N THR B 76 13.37 52.27 87.98
CA THR B 76 12.76 51.56 89.09
C THR B 76 13.46 50.22 89.29
N GLY B 77 13.26 49.64 90.47
CA GLY B 77 13.83 48.34 90.77
C GLY B 77 15.34 48.33 90.68
N LEU B 78 15.99 49.20 91.43
CA LEU B 78 17.44 49.36 91.33
C LEU B 78 18.15 48.03 91.56
N GLN B 79 19.18 47.78 90.76
CA GLN B 79 19.99 46.58 90.83
C GLN B 79 21.43 46.95 91.14
N THR B 80 22.17 45.96 91.64
CA THR B 80 23.59 46.15 91.89
C THR B 80 24.35 46.39 90.58
N GLY B 81 23.81 45.89 89.47
CA GLY B 81 24.43 46.10 88.17
C GLY B 81 23.88 47.29 87.42
N ASP B 82 23.11 48.15 88.07
CA ASP B 82 22.51 49.28 87.39
C ASP B 82 23.36 50.54 87.48
N GLU B 83 24.55 50.47 88.09
CA GLU B 83 25.38 51.66 88.23
C GLU B 83 26.10 51.95 86.91
N ALA B 84 25.82 53.11 86.35
CA ALA B 84 26.34 53.53 85.05
C ALA B 84 25.79 54.92 84.78
N ASP B 85 26.24 55.52 83.67
CA ASP B 85 25.81 56.84 83.27
C ASP B 85 24.67 56.73 82.27
N TYR B 86 23.65 57.56 82.45
CA TYR B 86 22.52 57.63 81.54
C TYR B 86 22.52 58.98 80.83
N TYR B 87 22.29 58.96 79.52
CA TYR B 87 22.39 60.15 78.68
C TYR B 87 21.05 60.46 78.05
N CYS B 88 20.62 61.71 78.18
CA CYS B 88 19.45 62.20 77.48
C CYS B 88 19.84 62.75 76.12
N GLY B 89 18.95 62.59 75.16
CA GLY B 89 19.10 63.23 73.86
C GLY B 89 17.76 63.41 73.20
N THR B 90 17.71 64.40 72.31
CA THR B 90 16.53 64.65 71.48
C THR B 90 16.99 65.41 70.25
N TRP B 91 16.17 65.40 69.21
CA TRP B 91 16.53 66.07 67.97
C TRP B 91 16.56 67.58 68.18
N ASP B 92 17.53 68.23 67.54
CA ASP B 92 17.67 69.67 67.62
C ASP B 92 17.46 70.27 66.23
N SER B 93 16.56 71.24 66.14
CA SER B 93 16.45 72.01 64.91
C SER B 93 17.24 73.31 64.99
N SER B 94 17.70 73.69 66.18
CA SER B 94 18.46 74.93 66.34
C SER B 94 19.70 74.90 65.47
N LEU B 95 20.66 74.05 65.81
CA LEU B 95 21.78 73.79 64.93
C LEU B 95 21.45 72.73 63.90
N SER B 96 20.20 72.25 63.91
CA SER B 96 19.73 71.19 63.02
C SER B 96 20.63 69.97 63.10
N ALA B 97 20.65 69.36 64.28
CA ALA B 97 21.60 68.29 64.56
C ALA B 97 21.08 67.44 65.72
N VAL B 98 21.97 66.59 66.21
CA VAL B 98 21.69 65.73 67.34
C VAL B 98 22.46 66.25 68.56
N VAL B 99 21.78 66.37 69.69
CA VAL B 99 22.36 66.94 70.90
C VAL B 99 22.21 65.95 72.05
N PHE B 100 23.06 66.14 73.07
CA PHE B 100 23.02 65.32 74.27
C PHE B 100 23.37 66.18 75.48
N GLY B 101 23.05 65.63 76.65
CA GLY B 101 23.52 66.23 77.88
C GLY B 101 24.85 65.66 78.32
N GLY B 102 25.42 66.26 79.37
CA GLY B 102 26.71 65.81 79.87
C GLY B 102 26.73 64.40 80.40
N GLY B 103 25.59 63.87 80.79
CA GLY B 103 25.54 62.53 81.35
C GLY B 103 25.50 62.53 82.86
N THR B 104 24.81 61.54 83.41
CA THR B 104 24.62 61.42 84.85
C THR B 104 25.00 60.01 85.27
N LYS B 105 26.04 59.89 86.08
CA LYS B 105 26.53 58.58 86.48
C LYS B 105 25.81 58.17 87.75
N LEU B 106 24.94 57.18 87.63
CA LEU B 106 24.17 56.67 88.75
C LEU B 106 25.11 55.92 89.66
N THR B 107 24.74 55.81 90.93
CA THR B 107 25.44 54.97 91.89
C THR B 107 24.40 54.25 92.74
N VAL B 108 24.48 52.92 92.77
CA VAL B 108 23.57 52.14 93.60
C VAL B 108 24.25 51.89 94.94
N LEU B 109 23.69 52.46 96.00
CA LEU B 109 24.33 52.46 97.31
C LEU B 109 24.21 51.12 98.01
N GLU C 1 10.93 -78.20 4.35
CA GLU C 1 10.77 -77.55 5.64
C GLU C 1 12.10 -77.09 6.22
N VAL C 2 12.85 -78.04 6.77
CA VAL C 2 14.00 -77.76 7.63
C VAL C 2 15.07 -78.83 7.41
N GLN C 3 16.32 -78.37 7.34
CA GLN C 3 17.49 -79.22 7.51
C GLN C 3 18.20 -78.74 8.76
N LEU C 4 19.01 -79.61 9.34
CA LEU C 4 19.64 -79.30 10.62
C LEU C 4 21.14 -79.12 10.40
N LEU C 5 21.84 -78.72 11.46
CA LEU C 5 23.29 -78.77 11.46
C LEU C 5 23.71 -80.14 12.01
N GLU C 6 25.01 -80.40 12.01
CA GLU C 6 25.41 -81.71 12.51
C GLU C 6 25.28 -81.74 14.03
N GLN C 7 25.44 -82.93 14.58
CA GLN C 7 25.28 -83.10 16.02
C GLN C 7 26.53 -82.65 16.75
N SER C 8 27.68 -83.12 16.28
CA SER C 8 28.98 -82.81 16.83
C SER C 8 29.93 -82.40 15.70
N GLY C 9 30.06 -83.27 14.72
CA GLY C 9 31.30 -83.48 14.02
C GLY C 9 31.88 -84.80 14.45
N ALA C 10 33.15 -85.00 14.12
CA ALA C 10 33.88 -86.18 14.58
C ALA C 10 34.57 -85.84 15.89
N GLU C 11 34.12 -86.44 16.99
CA GLU C 11 34.72 -86.23 18.30
C GLU C 11 35.32 -87.54 18.78
N VAL C 12 36.65 -87.60 18.79
CA VAL C 12 37.35 -88.77 19.28
C VAL C 12 38.13 -88.38 20.53
N LYS C 13 37.68 -88.88 21.68
CA LYS C 13 38.30 -88.54 22.95
C LYS C 13 38.66 -89.82 23.69
N LYS C 14 39.95 -90.01 23.89
CA LYS C 14 40.54 -91.18 24.54
C LYS C 14 39.96 -91.31 25.93
N PRO C 15 40.02 -92.50 26.54
CA PRO C 15 39.51 -92.65 27.91
C PRO C 15 40.15 -91.63 28.84
N GLY C 16 39.41 -91.27 29.88
CA GLY C 16 39.79 -90.15 30.71
C GLY C 16 39.40 -88.80 30.18
N ALA C 17 38.25 -88.68 29.52
CA ALA C 17 37.75 -87.43 28.97
C ALA C 17 36.23 -87.38 29.04
N SER C 18 35.67 -86.29 28.52
CA SER C 18 34.23 -86.12 28.40
C SER C 18 33.96 -85.11 27.29
N VAL C 19 32.79 -85.23 26.66
CA VAL C 19 32.55 -84.54 25.40
C VAL C 19 31.15 -83.93 25.38
N ARG C 20 31.09 -82.65 25.02
CA ARG C 20 29.85 -81.95 24.74
C ARG C 20 29.39 -82.27 23.32
N VAL C 21 28.09 -82.16 23.08
CA VAL C 21 27.52 -82.37 21.75
C VAL C 21 26.62 -81.19 21.42
N SER C 22 27.02 -80.39 20.45
CA SER C 22 26.33 -79.15 20.12
C SER C 22 25.62 -79.30 18.79
N CYS C 23 24.29 -79.38 18.83
CA CYS C 23 23.45 -79.63 17.65
C CYS C 23 22.75 -78.33 17.28
N LYS C 24 23.07 -77.79 16.12
CA LYS C 24 22.40 -76.58 15.68
C LYS C 24 21.36 -76.92 14.60
N VAL C 25 20.59 -75.91 14.19
CA VAL C 25 19.47 -76.11 13.29
C VAL C 25 19.56 -75.11 12.16
N SER C 26 18.62 -75.22 11.21
CA SER C 26 18.47 -74.24 10.15
C SER C 26 17.02 -74.26 9.70
N GLY C 27 16.50 -73.09 9.31
CA GLY C 27 15.13 -72.97 8.87
C GLY C 27 14.13 -72.86 10.01
N TYR C 28 14.52 -73.26 11.21
CA TYR C 28 13.77 -72.92 12.42
C TYR C 28 14.64 -72.10 13.36
N THR C 29 14.07 -71.69 14.48
CA THR C 29 14.82 -71.13 15.59
C THR C 29 14.81 -72.14 16.72
N LEU C 30 15.87 -72.12 17.53
CA LEU C 30 16.06 -73.19 18.50
C LEU C 30 14.86 -73.38 19.41
N PRO C 31 14.41 -72.37 20.18
CA PRO C 31 13.34 -72.66 21.14
C PRO C 31 11.95 -72.44 20.58
N GLU C 32 11.69 -72.87 19.35
CA GLU C 32 10.33 -73.16 18.91
C GLU C 32 10.08 -74.66 18.79
N VAL C 33 11.09 -75.47 19.02
CA VAL C 33 11.01 -76.90 18.80
C VAL C 33 11.97 -77.58 19.78
N ALA C 34 11.59 -78.76 20.25
CA ALA C 34 12.31 -79.45 21.32
C ALA C 34 13.29 -80.46 20.72
N MET C 35 14.47 -80.55 21.32
CA MET C 35 15.46 -81.53 20.88
C MET C 35 15.32 -82.82 21.67
N HIS C 36 16.08 -83.82 21.26
CA HIS C 36 16.06 -85.15 21.83
C HIS C 36 17.36 -85.85 21.48
N TRP C 37 17.62 -86.95 22.18
CA TRP C 37 18.87 -87.69 21.97
C TRP C 37 18.61 -89.18 22.09
N VAL C 38 19.33 -89.97 21.30
CA VAL C 38 19.20 -91.41 21.33
C VAL C 38 20.58 -92.03 21.21
N ARG C 39 20.91 -92.95 22.11
CA ARG C 39 22.08 -93.76 21.92
C ARG C 39 21.84 -94.80 20.83
N GLN C 40 22.75 -94.85 19.87
CA GLN C 40 22.77 -95.92 18.89
C GLN C 40 24.18 -96.50 18.83
N ALA C 41 24.30 -97.75 19.24
CA ALA C 41 25.59 -98.44 19.17
C ALA C 41 25.66 -99.25 17.89
N PRO C 42 26.75 -99.19 17.14
CA PRO C 42 26.82 -99.91 15.87
C PRO C 42 26.58 -101.40 16.06
N GLY C 43 25.85 -102.00 15.13
CA GLY C 43 25.44 -103.39 15.28
C GLY C 43 24.47 -103.61 16.41
N LYS C 44 23.84 -102.55 16.89
CA LYS C 44 22.93 -102.62 18.02
C LYS C 44 21.73 -101.72 17.75
N GLY C 45 20.89 -101.51 18.76
CA GLY C 45 19.66 -100.78 18.59
C GLY C 45 19.66 -99.40 19.21
N LEU C 46 18.45 -98.86 19.39
CA LEU C 46 18.25 -97.51 19.89
C LEU C 46 18.14 -97.50 21.40
N GLU C 47 18.75 -96.50 22.02
CA GLU C 47 18.58 -96.22 23.45
C GLU C 47 18.36 -94.72 23.58
N TRP C 48 17.16 -94.32 24.00
CA TRP C 48 16.82 -92.90 24.02
C TRP C 48 17.56 -92.19 25.14
N MET C 49 17.70 -90.87 24.99
CA MET C 49 18.60 -90.12 25.84
C MET C 49 18.19 -88.65 25.83
N GLY C 50 18.61 -87.94 26.87
CA GLY C 50 18.41 -86.50 26.93
C GLY C 50 16.94 -86.14 26.76
N GLY C 51 16.65 -85.27 25.81
CA GLY C 51 15.28 -84.98 25.42
C GLY C 51 14.66 -83.87 26.23
N PHE C 52 13.64 -83.25 25.64
CA PHE C 52 12.83 -82.22 26.28
C PHE C 52 11.43 -82.79 26.49
N ASP C 53 10.74 -82.31 27.53
CA ASP C 53 9.42 -82.82 27.85
C ASP C 53 8.37 -81.81 27.42
N PRO C 54 7.50 -82.15 26.47
CA PRO C 54 6.38 -81.23 26.15
C PRO C 54 5.52 -80.92 27.36
N GLU C 55 5.21 -81.93 28.17
CA GLU C 55 4.54 -81.67 29.44
C GLU C 55 5.54 -81.13 30.44
N ASP C 56 5.04 -80.35 31.41
CA ASP C 56 5.83 -79.90 32.55
C ASP C 56 6.95 -78.94 32.14
N GLY C 57 7.23 -78.85 30.84
CA GLY C 57 8.20 -77.91 30.32
C GLY C 57 9.65 -78.19 30.65
N GLU C 58 9.94 -79.27 31.37
CA GLU C 58 11.32 -79.59 31.70
C GLU C 58 12.03 -80.22 30.50
N THR C 59 13.36 -80.17 30.55
CA THR C 59 14.21 -80.92 29.64
C THR C 59 14.47 -82.27 30.29
N MET C 60 13.97 -83.33 29.67
CA MET C 60 14.08 -84.65 30.27
C MET C 60 15.51 -85.14 30.31
N TYR C 61 15.76 -86.09 31.19
CA TYR C 61 17.01 -86.85 31.24
C TYR C 61 16.68 -88.30 31.51
N ALA C 62 17.16 -89.18 30.62
CA ALA C 62 16.86 -90.60 30.74
C ALA C 62 17.30 -91.11 32.09
N GLN C 63 16.37 -91.70 32.83
CA GLN C 63 16.62 -92.10 34.22
C GLN C 63 17.83 -93.01 34.33
N LYS C 64 17.91 -94.03 33.47
CA LYS C 64 19.06 -94.93 33.47
C LYS C 64 20.36 -94.16 33.37
N PHE C 65 20.42 -93.20 32.45
CA PHE C 65 21.60 -92.38 32.22
C PHE C 65 21.57 -91.05 32.96
N GLN C 66 20.55 -90.81 33.77
CA GLN C 66 20.36 -89.52 34.41
C GLN C 66 21.56 -89.15 35.28
N GLY C 67 21.94 -87.87 35.23
CA GLY C 67 23.02 -87.34 36.03
C GLY C 67 24.38 -87.43 35.39
N ARG C 68 24.59 -88.36 34.47
CA ARG C 68 25.85 -88.44 33.75
C ARG C 68 25.92 -87.48 32.57
N VAL C 69 24.78 -87.18 31.96
CA VAL C 69 24.71 -86.31 30.79
C VAL C 69 23.80 -85.13 31.10
N THR C 70 24.22 -83.95 30.64
CA THR C 70 23.47 -82.73 30.86
C THR C 70 23.31 -81.99 29.55
N MET C 71 22.39 -81.03 29.53
CA MET C 71 22.08 -80.25 28.33
C MET C 71 21.89 -78.79 28.69
N THR C 72 22.40 -77.91 27.83
CA THR C 72 22.15 -76.47 27.90
C THR C 72 21.74 -75.98 26.52
N GLU C 73 21.25 -74.75 26.45
CA GLU C 73 20.69 -74.20 25.22
C GLU C 73 21.09 -72.73 25.09
N ASP C 74 21.54 -72.35 23.89
CA ASP C 74 21.67 -70.94 23.52
C ASP C 74 20.67 -70.67 22.41
N THR C 75 19.62 -69.91 22.73
CA THR C 75 18.50 -69.78 21.83
C THR C 75 18.86 -69.05 20.54
N SER C 76 19.68 -68.00 20.64
CA SER C 76 19.98 -67.19 19.46
C SER C 76 20.90 -67.92 18.50
N THR C 77 21.96 -68.54 19.02
CA THR C 77 22.91 -69.26 18.18
C THR C 77 22.51 -70.69 17.91
N ASP C 78 21.38 -71.15 18.48
CA ASP C 78 20.80 -72.46 18.18
C ASP C 78 21.72 -73.60 18.62
N THR C 79 22.58 -73.34 19.60
CA THR C 79 23.56 -74.32 20.05
C THR C 79 23.03 -75.02 21.29
N ALA C 80 22.78 -76.32 21.18
CA ALA C 80 22.35 -77.15 22.31
C ALA C 80 23.43 -78.17 22.62
N TYR C 81 24.09 -77.99 23.76
CA TYR C 81 25.24 -78.79 24.13
C TYR C 81 24.82 -79.99 24.96
N MET C 82 25.17 -81.18 24.48
CA MET C 82 24.95 -82.41 25.23
C MET C 82 26.30 -82.89 25.74
N GLU C 83 26.51 -82.76 27.05
CA GLU C 83 27.76 -83.16 27.69
C GLU C 83 27.58 -84.51 28.37
N LEU C 84 28.25 -85.53 27.85
CA LEU C 84 28.33 -86.82 28.50
C LEU C 84 29.67 -86.93 29.20
N SER C 85 29.66 -87.57 30.37
CA SER C 85 30.83 -87.58 31.24
C SER C 85 31.13 -89.00 31.69
N SER C 86 32.32 -89.16 32.27
CA SER C 86 32.75 -90.40 32.91
C SER C 86 32.69 -91.58 31.94
N LEU C 87 33.59 -91.54 30.97
CA LEU C 87 33.60 -92.53 29.89
C LEU C 87 33.65 -93.96 30.44
N ARG C 88 32.91 -94.86 29.79
CA ARG C 88 32.89 -96.27 30.17
C ARG C 88 33.03 -97.14 28.93
N SER C 89 33.01 -98.46 29.13
CA SER C 89 33.24 -99.40 28.03
C SER C 89 32.24 -99.23 26.90
N GLU C 90 30.97 -99.54 27.14
CA GLU C 90 29.97 -99.65 26.09
C GLU C 90 29.37 -98.32 25.69
N ASP C 91 29.85 -97.21 26.24
CA ASP C 91 29.18 -95.93 26.00
C ASP C 91 29.79 -95.15 24.84
N THR C 92 30.73 -95.72 24.10
CA THR C 92 31.13 -95.12 22.83
C THR C 92 30.19 -95.59 21.73
N ALA C 93 29.54 -94.64 21.05
CA ALA C 93 28.48 -94.97 20.10
C ALA C 93 27.99 -93.69 19.44
N VAL C 94 27.15 -93.85 18.41
CA VAL C 94 26.49 -92.76 17.74
C VAL C 94 25.37 -92.27 18.63
N TYR C 95 25.34 -90.99 18.92
CA TYR C 95 24.25 -90.39 19.69
C TYR C 95 23.56 -89.36 18.81
N TYR C 96 22.32 -89.66 18.43
CA TYR C 96 21.61 -88.85 17.43
C TYR C 96 20.95 -87.65 18.08
N CYS C 97 21.09 -86.50 17.43
CA CYS C 97 20.26 -85.34 17.71
C CYS C 97 18.89 -85.53 17.06
N ALA C 98 17.85 -85.48 17.87
CA ALA C 98 16.49 -85.67 17.39
C ALA C 98 15.62 -84.56 17.94
N THR C 99 14.38 -84.46 17.43
CA THR C 99 13.52 -83.31 17.84
C THR C 99 12.02 -83.60 17.75
N THR C 100 11.21 -83.03 18.65
CA THR C 100 9.72 -83.14 18.56
C THR C 100 9.13 -81.74 18.78
N THR C 101 7.90 -81.49 18.32
CA THR C 101 7.28 -80.16 18.61
C THR C 101 6.82 -80.11 20.07
N PRO C 102 7.22 -79.10 20.87
CA PRO C 102 6.74 -78.95 22.25
C PRO C 102 5.25 -78.59 22.34
N PHE C 103 4.77 -77.68 21.47
CA PHE C 103 3.37 -77.19 21.55
C PHE C 103 2.37 -78.34 21.30
N SER C 104 2.65 -79.21 20.33
CA SER C 104 1.71 -80.31 20.00
C SER C 104 2.31 -81.64 20.47
N SER C 105 1.54 -82.44 21.23
CA SER C 105 2.12 -83.69 21.80
C SER C 105 2.69 -84.53 20.64
N SER C 106 3.91 -85.04 20.81
CA SER C 106 4.58 -85.76 19.69
C SER C 106 5.65 -86.70 20.23
N TYR C 107 5.57 -87.99 19.89
CA TYR C 107 6.64 -88.91 20.28
C TYR C 107 7.70 -89.09 19.20
N TRP C 108 7.31 -88.92 17.93
CA TRP C 108 8.23 -89.18 16.80
C TRP C 108 9.41 -88.21 16.79
N PHE C 109 10.56 -88.61 16.25
CA PHE C 109 11.76 -87.74 16.33
C PHE C 109 11.87 -86.74 15.17
N ASP C 110 10.82 -86.59 14.36
CA ASP C 110 10.82 -85.57 13.27
C ASP C 110 12.13 -85.75 12.45
N PRO C 111 12.94 -84.72 12.03
CA PRO C 111 14.22 -85.00 11.33
C PRO C 111 15.34 -85.59 12.19
N TRP C 112 16.54 -85.72 11.64
CA TRP C 112 17.68 -86.37 12.35
C TRP C 112 18.98 -85.58 12.13
N GLY C 113 19.95 -85.71 13.04
CA GLY C 113 21.20 -84.94 12.94
C GLY C 113 22.32 -85.68 12.23
N GLN C 114 22.01 -86.80 11.54
CA GLN C 114 22.97 -87.56 10.74
C GLN C 114 23.86 -88.47 11.60
N GLY C 115 23.93 -88.28 12.90
CA GLY C 115 24.67 -89.18 13.78
C GLY C 115 26.10 -88.77 14.04
N THR C 116 26.57 -89.00 15.26
CA THR C 116 27.97 -88.81 15.61
C THR C 116 28.42 -89.88 16.59
N LEU C 117 29.48 -90.60 16.25
CA LEU C 117 30.11 -91.56 17.16
C LEU C 117 30.90 -90.78 18.21
N VAL C 118 31.07 -91.38 19.39
CA VAL C 118 31.95 -90.84 20.41
C VAL C 118 33.06 -91.83 20.68
N THR C 119 33.90 -91.52 21.67
CA THR C 119 35.09 -92.33 21.92
C THR C 119 35.31 -92.44 23.42
N VAL C 120 35.68 -93.63 23.87
CA VAL C 120 35.92 -93.87 25.29
C VAL C 120 37.34 -94.35 25.54
N SER D 1 14.95 -103.05 23.61
CA SER D 1 15.12 -102.74 25.03
C SER D 1 14.04 -103.41 25.86
N VAL D 2 12.97 -102.65 26.12
CA VAL D 2 11.89 -103.15 26.96
C VAL D 2 10.75 -103.71 26.09
N LEU D 3 10.89 -103.66 24.77
CA LEU D 3 9.81 -104.04 23.87
C LEU D 3 10.18 -105.33 23.14
N THR D 4 9.27 -105.83 22.32
CA THR D 4 9.40 -107.14 21.71
C THR D 4 9.33 -107.07 20.20
N GLN D 5 10.45 -107.36 19.54
CA GLN D 5 10.45 -107.67 18.11
C GLN D 5 11.72 -108.44 17.79
N ALA D 6 11.68 -109.18 16.69
CA ALA D 6 12.72 -110.14 16.38
C ALA D 6 13.93 -109.45 15.76
N PRO D 7 15.10 -110.09 15.77
CA PRO D 7 16.26 -109.48 15.11
C PRO D 7 16.12 -109.32 13.61
N SER D 8 15.58 -110.32 12.91
CA SER D 8 15.56 -110.27 11.45
C SER D 8 14.34 -111.02 10.91
N VAL D 9 14.00 -110.69 9.67
CA VAL D 9 12.91 -111.35 8.96
C VAL D 9 13.21 -111.26 7.47
N SER D 10 12.70 -112.24 6.71
CA SER D 10 13.03 -112.33 5.29
C SER D 10 11.78 -112.65 4.48
N ALA D 11 11.72 -112.13 3.27
CA ALA D 11 10.63 -112.40 2.36
C ALA D 11 11.07 -112.13 0.93
N ALA D 12 10.34 -112.74 -0.02
CA ALA D 12 10.60 -112.60 -1.44
C ALA D 12 10.21 -111.19 -1.92
N PRO D 13 10.85 -110.70 -2.98
CA PRO D 13 10.58 -109.33 -3.44
C PRO D 13 9.16 -109.17 -3.96
N GLY D 14 8.70 -107.92 -3.98
CA GLY D 14 7.40 -107.59 -4.50
C GLY D 14 6.23 -108.19 -3.76
N GLN D 15 6.47 -108.85 -2.63
CA GLN D 15 5.43 -109.55 -1.91
C GLN D 15 4.82 -108.61 -0.87
N LYS D 16 3.92 -109.13 -0.04
CA LYS D 16 3.28 -108.36 1.02
C LYS D 16 3.45 -109.09 2.34
N VAL D 17 4.25 -108.52 3.24
CA VAL D 17 4.42 -109.04 4.60
C VAL D 17 4.77 -107.87 5.51
N THR D 18 4.28 -107.93 6.74
CA THR D 18 4.41 -106.81 7.67
C THR D 18 5.32 -107.21 8.82
N ILE D 19 5.49 -106.29 9.77
CA ILE D 19 6.27 -106.52 10.98
C ILE D 19 5.51 -105.91 12.15
N SER D 20 5.48 -106.62 13.27
CA SER D 20 4.72 -106.23 14.44
C SER D 20 5.66 -106.05 15.63
N CYS D 21 5.19 -105.30 16.62
CA CYS D 21 5.93 -105.02 17.84
C CYS D 21 4.99 -105.12 19.02
N SER D 22 5.35 -105.94 20.00
CA SER D 22 4.48 -106.25 21.14
C SER D 22 4.91 -105.45 22.36
N GLY D 23 4.06 -104.51 22.78
CA GLY D 23 4.28 -103.72 23.96
C GLY D 23 3.37 -104.09 25.10
N SER D 24 3.15 -103.13 25.99
CA SER D 24 2.22 -103.32 27.10
C SER D 24 1.23 -102.17 27.18
N SER D 25 0.29 -102.26 28.12
CA SER D 25 -0.61 -101.14 28.34
C SER D 25 0.13 -99.95 28.93
N SER D 26 1.21 -100.20 29.65
CA SER D 26 2.04 -99.15 30.23
C SER D 26 2.82 -98.37 29.18
N ASN D 27 2.91 -98.88 27.95
CA ASN D 27 3.68 -98.21 26.90
C ASN D 27 2.85 -98.02 25.64
N ILE D 28 2.48 -99.10 24.95
CA ILE D 28 1.72 -98.93 23.70
C ILE D 28 0.25 -98.67 23.99
N GLY D 29 -0.26 -99.18 25.10
CA GLY D 29 -1.68 -99.10 25.39
C GLY D 29 -2.28 -97.71 25.31
N ASN D 30 -1.73 -96.76 26.05
CA ASN D 30 -2.26 -95.40 26.07
C ASN D 30 -1.49 -94.44 25.18
N ASN D 31 -0.46 -94.91 24.48
CA ASN D 31 0.46 -94.01 23.78
C ASN D 31 0.49 -94.31 22.29
N TYR D 32 0.88 -93.30 21.53
CA TYR D 32 1.00 -93.43 20.08
C TYR D 32 2.36 -94.04 19.70
N VAL D 33 2.36 -94.75 18.58
CA VAL D 33 3.50 -95.55 18.15
C VAL D 33 4.14 -94.91 16.93
N SER D 34 5.46 -95.00 16.85
CA SER D 34 6.22 -94.55 15.69
C SER D 34 7.09 -95.69 15.16
N TRP D 35 7.58 -95.51 13.96
CA TRP D 35 8.41 -96.51 13.30
C TRP D 35 9.51 -95.84 12.50
N TYR D 36 10.67 -96.46 12.47
CA TYR D 36 11.87 -95.81 11.94
C TYR D 36 12.63 -96.79 11.05
N GLN D 37 13.34 -96.25 10.07
CA GLN D 37 14.15 -97.03 9.13
C GLN D 37 15.55 -96.46 9.07
N GLN D 38 16.55 -97.34 9.04
CA GLN D 38 17.94 -96.94 8.85
C GLN D 38 18.62 -97.94 7.92
N LEU D 39 19.35 -97.43 6.98
CA LEU D 39 20.27 -98.20 6.17
C LEU D 39 21.62 -98.32 6.88
N PRO D 40 22.47 -99.25 6.48
CA PRO D 40 23.75 -99.43 7.19
C PRO D 40 24.55 -98.13 7.25
N GLY D 41 24.97 -97.77 8.46
CA GLY D 41 25.69 -96.54 8.70
C GLY D 41 25.01 -95.28 8.19
N THR D 42 23.69 -95.16 8.33
CA THR D 42 22.96 -94.02 7.80
C THR D 42 22.06 -93.44 8.88
N ALA D 43 21.23 -92.50 8.45
CA ALA D 43 20.33 -91.70 9.26
C ALA D 43 18.97 -92.37 9.42
N PRO D 44 18.63 -92.80 10.63
CA PRO D 44 17.36 -93.50 10.83
C PRO D 44 16.17 -92.62 10.50
N LYS D 45 15.32 -93.11 9.60
CA LYS D 45 14.28 -92.31 8.98
C LYS D 45 12.94 -92.66 9.60
N LEU D 46 12.19 -91.63 9.99
CA LEU D 46 10.83 -91.84 10.47
C LEU D 46 9.99 -92.49 9.37
N LEU D 47 9.35 -93.60 9.71
CA LEU D 47 8.52 -94.35 8.77
C LEU D 47 7.06 -93.93 8.87
N ILE D 48 6.40 -94.23 9.99
CA ILE D 48 5.01 -93.91 10.22
C ILE D 48 4.86 -93.40 11.65
N TYR D 49 4.09 -92.33 11.83
CA TYR D 49 3.84 -91.79 13.19
C TYR D 49 2.35 -91.91 13.53
N ASP D 50 2.03 -92.52 14.68
CA ASP D 50 0.62 -92.69 15.16
C ASP D 50 -0.01 -93.90 14.46
N ASN D 51 0.71 -94.51 13.50
CA ASN D 51 0.24 -95.74 12.79
C ASN D 51 -0.83 -95.40 11.75
N ASN D 52 -1.22 -94.13 11.64
CA ASN D 52 -2.22 -93.71 10.61
C ASN D 52 -1.70 -92.54 9.79
N LYS D 53 -0.56 -91.95 10.16
CA LYS D 53 -0.08 -90.73 9.45
C LYS D 53 1.27 -91.01 8.78
N ARG D 54 1.39 -90.67 7.50
CA ARG D 54 2.64 -90.93 6.74
C ARG D 54 3.47 -89.64 6.66
N PRO D 55 4.76 -89.58 7.11
CA PRO D 55 5.58 -88.37 6.90
C PRO D 55 5.69 -88.03 5.43
N SER D 56 6.11 -86.80 5.17
CA SER D 56 6.27 -86.35 3.79
C SER D 56 7.38 -87.14 3.10
N GLY D 57 7.04 -87.72 1.96
CA GLY D 57 7.96 -88.51 1.18
C GLY D 57 7.89 -90.00 1.39
N ILE D 58 6.90 -90.49 2.13
CA ILE D 58 6.77 -91.91 2.43
C ILE D 58 5.84 -92.52 1.39
N PRO D 59 6.20 -93.66 0.79
CA PRO D 59 5.25 -94.36 -0.09
C PRO D 59 3.97 -94.70 0.65
N ASP D 60 2.84 -94.48 -0.02
CA ASP D 60 1.55 -94.76 0.60
C ASP D 60 1.38 -96.25 0.89
N ARG D 61 2.23 -97.09 0.30
CA ARG D 61 2.11 -98.53 0.44
C ARG D 61 2.32 -99.01 1.87
N PHE D 62 2.72 -98.11 2.78
CA PHE D 62 2.89 -98.49 4.18
C PHE D 62 1.65 -98.12 4.97
N SER D 63 1.25 -98.99 5.89
CA SER D 63 0.13 -98.75 6.78
C SER D 63 0.53 -99.16 8.19
N GLY D 64 -0.43 -99.13 9.11
CA GLY D 64 -0.17 -99.52 10.47
C GLY D 64 -1.44 -99.80 11.22
N SER D 65 -1.29 -100.46 12.37
CA SER D 65 -2.42 -100.79 13.22
C SER D 65 -1.94 -100.93 14.65
N LYS D 66 -2.86 -100.69 15.59
CA LYS D 66 -2.62 -100.95 17.00
C LYS D 66 -3.78 -101.78 17.53
N SER D 67 -3.50 -103.03 17.89
CA SER D 67 -4.49 -103.91 18.52
C SER D 67 -4.02 -104.18 19.94
N GLY D 68 -4.73 -103.59 20.91
CA GLY D 68 -4.34 -103.72 22.29
C GLY D 68 -2.91 -103.26 22.50
N THR D 69 -2.09 -104.13 23.07
CA THR D 69 -0.68 -103.87 23.30
C THR D 69 0.19 -104.21 22.10
N SER D 70 -0.43 -104.64 21.00
CA SER D 70 0.31 -105.08 19.81
C SER D 70 0.13 -104.03 18.72
N ALA D 71 1.24 -103.66 18.08
CA ALA D 71 1.26 -102.67 17.02
C ALA D 71 2.02 -103.22 15.82
N THR D 72 1.32 -103.36 14.70
CA THR D 72 1.89 -103.88 13.47
C THR D 72 2.21 -102.73 12.53
N LEU D 73 3.35 -102.82 11.87
CA LEU D 73 3.75 -101.85 10.86
C LEU D 73 3.46 -102.46 9.50
N GLY D 74 2.48 -101.91 8.80
CA GLY D 74 2.12 -102.39 7.48
C GLY D 74 3.24 -102.17 6.47
N ILE D 75 3.68 -103.26 5.86
CA ILE D 75 4.77 -103.24 4.90
C ILE D 75 4.29 -103.98 3.65
N THR D 76 4.16 -103.25 2.54
CA THR D 76 3.63 -103.81 1.31
C THR D 76 4.50 -103.39 0.13
N GLY D 77 4.35 -104.12 -0.97
CA GLY D 77 5.08 -103.79 -2.19
C GLY D 77 6.58 -103.83 -1.99
N LEU D 78 7.10 -104.97 -1.54
CA LEU D 78 8.51 -105.08 -1.21
C LEU D 78 9.38 -104.70 -2.40
N GLN D 79 10.45 -103.96 -2.09
CA GLN D 79 11.41 -103.51 -3.09
C GLN D 79 12.79 -104.08 -2.78
N THR D 80 13.64 -104.10 -3.80
CA THR D 80 15.01 -104.52 -3.61
C THR D 80 15.76 -103.58 -2.68
N GLY D 81 15.32 -102.32 -2.61
CA GLY D 81 15.95 -101.36 -1.72
C GLY D 81 15.26 -101.24 -0.38
N ASP D 82 14.37 -102.16 -0.04
CA ASP D 82 13.63 -102.08 1.22
C ASP D 82 14.31 -102.84 2.34
N GLU D 83 15.48 -103.44 2.11
CA GLU D 83 16.14 -104.22 3.14
C GLU D 83 16.84 -103.29 4.12
N ALA D 84 16.42 -103.34 5.38
CA ALA D 84 16.91 -102.47 6.44
C ALA D 84 16.19 -102.86 7.72
N ASP D 85 16.59 -102.25 8.82
CA ASP D 85 15.99 -102.50 10.12
C ASP D 85 14.90 -101.48 10.40
N TYR D 86 13.77 -101.97 10.92
CA TYR D 86 12.66 -101.11 11.32
C TYR D 86 12.50 -101.17 12.83
N TYR D 87 12.31 -99.99 13.44
CA TYR D 87 12.27 -99.86 14.89
C TYR D 87 10.91 -99.36 15.34
N CYS D 88 10.32 -100.05 16.30
CA CYS D 88 9.11 -99.58 16.96
C CYS D 88 9.46 -98.70 18.14
N GLY D 89 8.61 -97.71 18.39
CA GLY D 89 8.72 -96.91 19.60
C GLY D 89 7.38 -96.32 19.95
N THR D 90 7.21 -96.02 21.24
CA THR D 90 6.04 -95.32 21.74
C THR D 90 6.42 -94.67 23.06
N TRP D 91 5.63 -93.69 23.48
CA TRP D 91 5.93 -92.98 24.72
C TRP D 91 5.74 -93.89 25.92
N ASP D 92 6.63 -93.76 26.89
CA ASP D 92 6.58 -94.54 28.12
C ASP D 92 6.33 -93.62 29.30
N SER D 93 5.30 -93.93 30.08
CA SER D 93 5.12 -93.23 31.35
C SER D 93 5.73 -94.01 32.51
N SER D 94 6.11 -95.27 32.28
CA SER D 94 6.69 -96.08 33.35
C SER D 94 7.95 -95.42 33.90
N LEU D 95 9.00 -95.39 33.09
CA LEU D 95 10.18 -94.59 33.44
C LEU D 95 10.01 -93.15 32.99
N SER D 96 8.83 -92.81 32.45
CA SER D 96 8.52 -91.47 31.93
C SER D 96 9.59 -91.02 30.94
N ALA D 97 9.67 -91.75 29.82
CA ALA D 97 10.73 -91.55 28.85
C ALA D 97 10.31 -92.10 27.50
N VAL D 98 11.29 -92.18 26.61
CA VAL D 98 11.10 -92.71 25.27
C VAL D 98 11.77 -94.09 25.19
N VAL D 99 11.04 -95.07 24.67
CA VAL D 99 11.51 -96.44 24.61
C VAL D 99 11.47 -96.94 23.18
N PHE D 100 12.26 -97.99 22.92
CA PHE D 100 12.32 -98.63 21.61
C PHE D 100 12.50 -100.14 21.79
N GLY D 101 12.24 -100.85 20.70
CA GLY D 101 12.60 -102.26 20.65
C GLY D 101 13.98 -102.46 20.08
N GLY D 102 14.44 -103.72 20.12
CA GLY D 102 15.76 -104.05 19.63
C GLY D 102 15.95 -103.81 18.15
N GLY D 103 14.88 -103.80 17.38
CA GLY D 103 15.01 -103.61 15.94
C GLY D 103 14.93 -104.92 15.18
N THR D 104 14.36 -104.85 13.98
CA THR D 104 14.16 -106.02 13.15
C THR D 104 14.71 -105.73 11.76
N LYS D 105 15.75 -106.46 11.36
CA LYS D 105 16.39 -106.20 10.09
C LYS D 105 15.71 -107.05 9.02
N LEU D 106 14.98 -106.38 8.15
CA LEU D 106 14.25 -107.03 7.07
C LEU D 106 15.27 -107.53 6.06
N THR D 107 14.89 -108.55 5.28
CA THR D 107 15.67 -109.03 4.16
C THR D 107 14.72 -109.32 3.02
N VAL D 108 14.96 -108.70 1.87
CA VAL D 108 14.16 -108.95 0.68
C VAL D 108 14.83 -110.06 -0.13
N LEU D 109 14.17 -111.21 -0.22
CA LEU D 109 14.77 -112.40 -0.81
C LEU D 109 14.81 -112.33 -2.33
N GLU E 1 21.20 33.64 -68.41
CA GLU E 1 20.92 32.21 -68.51
C GLU E 1 22.16 31.37 -68.26
N VAL E 2 23.02 31.29 -69.28
CA VAL E 2 24.10 30.32 -69.35
C VAL E 2 25.31 30.93 -70.04
N GLN E 3 26.49 30.66 -69.49
CA GLN E 3 27.75 30.84 -70.18
C GLN E 3 28.37 29.45 -70.32
N LEU E 4 29.28 29.30 -71.27
CA LEU E 4 29.83 27.99 -71.57
C LEU E 4 31.29 27.96 -71.15
N LEU E 5 31.90 26.79 -71.26
CA LEU E 5 33.34 26.69 -71.16
C LEU E 5 33.94 26.84 -72.55
N GLU E 6 35.25 26.86 -72.66
CA GLU E 6 35.82 27.03 -73.98
C GLU E 6 35.65 25.75 -74.78
N GLN E 7 35.97 25.83 -76.07
CA GLN E 7 35.80 24.68 -76.95
C GLN E 7 36.95 23.72 -76.79
N SER E 8 38.17 24.26 -76.83
CA SER E 8 39.40 23.51 -76.71
C SER E 8 40.30 24.20 -75.70
N GLY E 9 40.58 25.47 -75.96
CA GLY E 9 41.85 26.07 -75.65
C GLY E 9 42.60 26.30 -76.94
N ALA E 10 43.90 26.57 -76.82
CA ALA E 10 44.76 26.69 -77.98
C ALA E 10 45.37 25.32 -78.26
N GLU E 11 44.96 24.71 -79.38
CA GLU E 11 45.50 23.42 -79.79
C GLU E 11 46.26 23.60 -81.09
N VAL E 12 47.59 23.50 -81.01
CA VAL E 12 48.44 23.58 -82.19
C VAL E 12 49.12 22.24 -82.39
N LYS E 13 48.71 21.53 -83.45
CA LYS E 13 49.26 20.21 -83.72
C LYS E 13 49.76 20.16 -85.15
N LYS E 14 51.07 19.97 -85.28
CA LYS E 14 51.78 19.94 -86.55
C LYS E 14 51.19 18.83 -87.42
N PRO E 15 51.41 18.89 -88.74
CA PRO E 15 50.89 17.82 -89.60
C PRO E 15 51.36 16.46 -89.12
N GLY E 16 50.55 15.43 -89.41
CA GLY E 16 50.76 14.13 -88.82
C GLY E 16 50.21 13.98 -87.42
N ALA E 17 49.06 14.58 -87.12
CA ALA E 17 48.42 14.49 -85.81
C ALA E 17 46.91 14.54 -85.96
N SER E 18 46.22 14.50 -84.83
CA SER E 18 44.77 14.65 -84.77
C SER E 18 44.39 15.14 -83.39
N VAL E 19 43.27 15.85 -83.30
CA VAL E 19 42.96 16.62 -82.10
C VAL E 19 41.49 16.46 -81.71
N ARG E 20 41.27 16.14 -80.43
CA ARG E 20 39.95 16.16 -79.82
C ARG E 20 39.58 17.59 -79.43
N VAL E 21 38.28 17.85 -79.36
CA VAL E 21 37.78 19.16 -78.94
C VAL E 21 36.74 18.94 -77.85
N SER E 22 37.05 19.36 -76.63
CA SER E 22 36.21 19.09 -75.47
C SER E 22 35.56 20.39 -75.01
N CYS E 23 34.26 20.50 -75.24
CA CYS E 23 33.49 21.71 -74.96
C CYS E 23 32.61 21.47 -73.74
N LYS E 24 32.89 22.19 -72.65
CA LYS E 24 32.08 22.03 -71.46
C LYS E 24 31.12 23.21 -71.33
N VAL E 25 30.23 23.14 -70.34
CA VAL E 25 29.17 24.12 -70.17
C VAL E 25 29.14 24.60 -68.74
N SER E 26 28.26 25.55 -68.46
CA SER E 26 28.00 26.01 -67.11
C SER E 26 26.58 26.55 -67.05
N GLY E 27 25.92 26.35 -65.91
CA GLY E 27 24.55 26.79 -65.73
C GLY E 27 23.52 25.84 -66.30
N TYR E 28 23.93 24.96 -67.20
CA TYR E 28 23.11 23.81 -67.59
C TYR E 28 23.84 22.51 -67.25
N THR E 29 23.19 21.39 -67.52
CA THR E 29 23.84 20.09 -67.51
C THR E 29 23.93 19.61 -68.95
N LEU E 30 24.96 18.80 -69.23
CA LEU E 30 25.28 18.47 -70.61
C LEU E 30 24.09 17.88 -71.35
N PRO E 31 23.49 16.75 -70.91
CA PRO E 31 22.44 16.16 -71.75
C PRO E 31 21.05 16.66 -71.44
N GLU E 32 20.88 17.96 -71.21
CA GLU E 32 19.58 18.60 -71.39
C GLU E 32 19.53 19.45 -72.63
N VAL E 33 20.64 19.57 -73.35
CA VAL E 33 20.76 20.47 -74.49
C VAL E 33 21.78 19.87 -75.45
N ALA E 34 21.55 20.08 -76.74
CA ALA E 34 22.33 19.42 -77.78
C ALA E 34 23.44 20.35 -78.26
N MET E 35 24.61 19.78 -78.51
CA MET E 35 25.73 20.55 -79.04
C MET E 35 25.75 20.51 -80.56
N HIS E 36 26.66 21.29 -81.13
CA HIS E 36 26.79 21.45 -82.57
C HIS E 36 28.18 21.98 -82.86
N TRP E 37 28.58 21.90 -84.13
CA TRP E 37 29.91 22.33 -84.53
C TRP E 37 29.85 22.99 -85.89
N VAL E 38 30.69 23.99 -86.10
CA VAL E 38 30.76 24.68 -87.38
C VAL E 38 32.21 24.98 -87.71
N ARG E 39 32.62 24.61 -88.91
CA ARG E 39 33.92 25.08 -89.40
C ARG E 39 33.83 26.55 -89.78
N GLN E 40 34.77 27.33 -89.23
CA GLN E 40 34.96 28.71 -89.67
C GLN E 40 36.43 28.92 -90.00
N ALA E 41 36.71 29.16 -91.27
CA ALA E 41 38.07 29.44 -91.70
C ALA E 41 38.27 30.95 -91.75
N PRO E 42 39.37 31.47 -91.21
CA PRO E 42 39.57 32.92 -91.19
C PRO E 42 39.53 33.51 -92.60
N GLY E 43 38.91 34.68 -92.71
CA GLY E 43 38.69 35.26 -94.02
C GLY E 43 37.73 34.47 -94.88
N LYS E 44 36.93 33.59 -94.27
CA LYS E 44 36.02 32.72 -95.00
C LYS E 44 34.73 32.63 -94.21
N GLY E 45 33.84 31.72 -94.62
CA GLY E 45 32.52 31.63 -94.04
C GLY E 45 32.33 30.40 -93.15
N LEU E 46 31.05 30.10 -92.90
CA LEU E 46 30.67 29.01 -92.01
C LEU E 46 30.51 27.69 -92.77
N GLU E 47 30.97 26.61 -92.15
CA GLU E 47 30.74 25.25 -92.63
C GLU E 47 30.31 24.43 -91.42
N TRP E 48 29.07 23.97 -91.43
CA TRP E 48 28.53 23.29 -90.25
C TRP E 48 29.14 21.89 -90.11
N MET E 49 29.10 21.37 -88.89
CA MET E 49 29.88 20.19 -88.57
C MET E 49 29.28 19.51 -87.35
N GLY E 50 29.58 18.23 -87.21
CA GLY E 50 29.17 17.49 -86.02
C GLY E 50 27.68 17.58 -85.78
N GLY E 51 27.30 18.01 -84.59
CA GLY E 51 25.91 18.32 -84.29
C GLY E 51 25.12 17.13 -83.80
N PHE E 52 24.05 17.43 -83.07
CA PHE E 52 23.09 16.44 -82.60
C PHE E 52 21.78 16.65 -83.33
N ASP E 53 21.01 15.58 -83.51
CA ASP E 53 19.76 15.67 -84.24
C ASP E 53 18.59 15.63 -83.27
N PRO E 54 17.79 16.70 -83.17
CA PRO E 54 16.58 16.63 -82.35
C PRO E 54 15.65 15.49 -82.77
N GLU E 55 15.45 15.31 -84.07
CA GLU E 55 14.74 14.15 -84.56
C GLU E 55 15.63 12.93 -84.48
N ASP E 56 15.01 11.75 -84.34
CA ASP E 56 15.70 10.47 -84.45
C ASP E 56 16.70 10.26 -83.30
N GLY E 57 16.98 11.31 -82.54
CA GLY E 57 17.84 11.22 -81.38
C GLY E 57 19.30 10.95 -81.64
N GLU E 58 19.71 10.82 -82.89
CA GLU E 58 21.12 10.58 -83.18
C GLU E 58 21.93 11.86 -83.05
N THR E 59 23.24 11.68 -82.90
CA THR E 59 24.20 12.77 -83.00
C THR E 59 24.63 12.84 -84.46
N MET E 60 24.29 13.94 -85.13
CA MET E 60 24.56 14.06 -86.55
C MET E 60 26.05 14.14 -86.83
N TYR E 61 26.40 13.82 -88.07
CA TYR E 61 27.73 14.04 -88.61
C TYR E 61 27.60 14.55 -90.03
N ALA E 62 28.22 15.71 -90.29
CA ALA E 62 28.10 16.33 -91.60
C ALA E 62 28.58 15.37 -92.68
N GLN E 63 27.71 15.10 -93.65
CA GLN E 63 27.99 14.08 -94.65
C GLN E 63 29.31 14.32 -95.37
N LYS E 64 29.53 15.56 -95.81
CA LYS E 64 30.79 15.89 -96.46
C LYS E 64 31.99 15.49 -95.61
N PHE E 65 31.93 15.81 -94.32
CA PHE E 65 33.00 15.51 -93.39
C PHE E 65 32.77 14.22 -92.61
N GLN E 66 31.71 13.49 -92.91
CA GLN E 66 31.34 12.31 -92.14
C GLN E 66 32.46 11.28 -92.13
N GLY E 67 32.66 10.66 -90.97
CA GLY E 67 33.64 9.61 -90.80
C GLY E 67 35.02 10.08 -90.41
N ARG E 68 35.38 11.33 -90.73
CA ARG E 68 36.65 11.88 -90.31
C ARG E 68 36.61 12.42 -88.89
N VAL E 69 35.46 12.91 -88.44
CA VAL E 69 35.31 13.50 -87.12
C VAL E 69 34.24 12.73 -86.35
N THR E 70 34.50 12.51 -85.06
CA THR E 70 33.59 11.79 -84.20
C THR E 70 33.37 12.58 -82.93
N MET E 71 32.32 12.19 -82.19
CA MET E 71 31.94 12.89 -80.96
C MET E 71 31.55 11.86 -79.89
N THR E 72 31.95 12.15 -78.65
CA THR E 72 31.52 11.40 -77.48
C THR E 72 31.08 12.39 -76.41
N GLU E 73 30.43 11.89 -75.37
CA GLU E 73 29.84 12.73 -74.33
C GLU E 73 30.03 12.10 -72.97
N ASP E 74 30.47 12.90 -72.00
CA ASP E 74 30.42 12.53 -70.59
C ASP E 74 29.42 13.45 -69.90
N THR E 75 28.27 12.88 -69.52
CA THR E 75 27.14 13.70 -69.08
C THR E 75 27.44 14.42 -67.77
N SER E 76 28.12 13.75 -66.82
CA SER E 76 28.33 14.35 -65.51
C SER E 76 29.36 15.46 -65.56
N THR E 77 30.48 15.22 -66.26
CA THR E 77 31.55 16.21 -66.34
C THR E 77 31.34 17.19 -67.50
N ASP E 78 30.27 17.02 -68.28
CA ASP E 78 29.87 17.96 -69.32
C ASP E 78 30.94 18.08 -70.43
N THR E 79 31.73 17.03 -70.60
CA THR E 79 32.82 17.03 -71.57
C THR E 79 32.36 16.34 -72.85
N ALA E 80 32.29 17.10 -73.94
CA ALA E 80 31.94 16.56 -75.25
C ALA E 80 33.15 16.69 -76.17
N TYR E 81 33.75 15.56 -76.52
CA TYR E 81 34.99 15.54 -77.28
C TYR E 81 34.71 15.44 -78.77
N MET E 82 35.22 16.41 -79.52
CA MET E 82 35.16 16.38 -80.97
C MET E 82 36.54 16.06 -81.50
N GLU E 83 36.71 14.84 -82.01
CA GLU E 83 37.98 14.38 -82.54
C GLU E 83 37.96 14.47 -84.07
N LEU E 84 38.78 15.36 -84.61
CA LEU E 84 39.01 15.42 -86.04
C LEU E 84 40.34 14.75 -86.36
N SER E 85 40.39 14.05 -87.48
CA SER E 85 41.52 13.20 -87.80
C SER E 85 42.00 13.47 -89.21
N SER E 86 43.19 12.96 -89.52
CA SER E 86 43.77 12.97 -90.86
C SER E 86 43.89 14.39 -91.41
N LEU E 87 44.80 15.14 -90.79
CA LEU E 87 44.97 16.55 -91.10
C LEU E 87 45.19 16.78 -92.60
N ARG E 88 44.60 17.83 -93.13
CA ARG E 88 44.76 18.21 -94.53
C ARG E 88 45.04 19.70 -94.65
N SER E 89 45.19 20.18 -95.89
CA SER E 89 45.57 21.56 -96.13
C SER E 89 44.58 22.56 -95.53
N GLU E 90 43.36 22.61 -96.04
CA GLU E 90 42.41 23.66 -95.73
C GLU E 90 41.65 23.41 -94.43
N ASP E 91 41.96 22.33 -93.71
CA ASP E 91 41.14 21.98 -92.55
C ASP E 91 41.65 22.55 -91.24
N THR E 92 42.69 23.39 -91.26
CA THR E 92 43.02 24.16 -90.08
C THR E 92 42.18 25.44 -90.02
N ALA E 93 41.43 25.61 -88.94
CA ALA E 93 40.45 26.69 -88.87
C ALA E 93 39.81 26.67 -87.48
N VAL E 94 39.03 27.72 -87.20
CA VAL E 94 38.24 27.83 -85.99
C VAL E 94 37.04 26.91 -86.14
N TYR E 95 36.84 26.03 -85.17
CA TYR E 95 35.66 25.16 -85.16
C TYR E 95 34.86 25.48 -83.91
N TYR E 96 33.68 26.08 -84.10
CA TYR E 96 32.89 26.59 -82.99
C TYR E 96 32.05 25.51 -82.35
N CYS E 97 32.06 25.49 -81.01
CA CYS E 97 31.08 24.75 -80.23
C CYS E 97 29.77 25.52 -80.22
N ALA E 98 28.70 24.89 -80.69
CA ALA E 98 27.40 25.52 -80.76
C ALA E 98 26.37 24.56 -80.17
N THR E 99 25.22 25.13 -79.77
CA THR E 99 24.24 24.28 -79.05
C THR E 99 22.79 24.69 -79.32
N THR E 100 22.08 23.99 -80.20
CA THR E 100 20.63 24.26 -80.37
C THR E 100 19.91 23.48 -79.29
N THR E 101 18.66 23.82 -78.93
CA THR E 101 18.02 23.15 -77.77
C THR E 101 17.26 21.90 -78.20
N PRO E 102 17.23 20.81 -77.40
CA PRO E 102 16.57 19.58 -77.80
C PRO E 102 15.08 19.89 -77.97
N PHE E 103 14.51 20.65 -77.04
CA PHE E 103 13.05 20.96 -77.08
C PHE E 103 12.74 22.02 -78.16
N SER E 104 11.64 21.86 -78.90
CA SER E 104 11.19 22.82 -79.94
C SER E 104 11.96 22.62 -81.26
N SER E 105 11.61 23.36 -82.31
CA SER E 105 12.35 23.27 -83.60
C SER E 105 13.53 24.26 -83.58
N SER E 106 14.56 23.99 -82.77
CA SER E 106 15.64 24.99 -82.62
C SER E 106 16.74 24.85 -83.69
N TYR E 107 16.87 25.86 -84.56
CA TYR E 107 17.98 25.85 -85.55
C TYR E 107 19.00 26.90 -85.09
N TRP E 108 18.56 27.89 -84.30
CA TRP E 108 19.46 28.97 -83.82
C TRP E 108 20.56 28.39 -82.91
N PHE E 109 21.84 28.60 -83.26
CA PHE E 109 22.96 27.95 -82.52
C PHE E 109 23.03 28.32 -81.03
N ASP E 110 22.37 29.41 -80.59
CA ASP E 110 22.31 29.74 -79.13
C ASP E 110 23.71 30.15 -78.65
N PRO E 111 24.02 30.25 -77.33
CA PRO E 111 25.38 30.51 -76.86
C PRO E 111 26.50 29.84 -77.65
N TRP E 112 27.62 30.55 -77.87
CA TRP E 112 28.75 30.01 -78.67
C TRP E 112 29.92 29.67 -77.74
N GLY E 113 30.94 28.99 -78.27
CA GLY E 113 32.10 28.58 -77.43
C GLY E 113 33.31 29.49 -77.62
N GLN E 114 33.15 30.67 -78.24
CA GLN E 114 34.23 31.65 -78.40
C GLN E 114 35.20 31.28 -79.52
N GLY E 115 35.22 30.04 -80.00
CA GLY E 115 36.05 29.66 -81.12
C GLY E 115 37.41 29.11 -80.76
N THR E 116 37.88 28.13 -81.51
CA THR E 116 39.23 27.61 -81.38
C THR E 116 39.79 27.23 -82.74
N LEU E 117 40.95 27.79 -83.08
CA LEU E 117 41.69 27.42 -84.29
C LEU E 117 42.33 26.06 -84.06
N VAL E 118 42.55 25.32 -85.14
CA VAL E 118 43.32 24.09 -85.10
C VAL E 118 44.56 24.25 -85.97
N THR E 119 45.33 23.18 -86.11
CA THR E 119 46.61 23.23 -86.80
C THR E 119 46.80 21.97 -87.63
N VAL E 120 47.31 22.13 -88.84
CA VAL E 120 47.55 21.00 -89.73
C VAL E 120 49.02 20.90 -90.12
N SER F 1 28.05 28.79 -98.99
CA SER F 1 28.13 27.39 -99.39
C SER F 1 27.14 27.09 -100.50
N VAL F 2 25.98 26.59 -100.09
CA VAL F 2 24.94 26.20 -101.05
C VAL F 2 23.92 27.33 -101.23
N LEU F 3 24.07 28.43 -100.50
CA LEU F 3 23.07 29.50 -100.50
C LEU F 3 23.64 30.72 -101.20
N THR F 4 22.81 31.77 -101.32
CA THR F 4 23.14 32.93 -102.14
C THR F 4 23.09 34.21 -101.32
N GLN F 5 24.26 34.82 -101.14
CA GLN F 5 24.35 36.21 -100.69
C GLN F 5 25.71 36.76 -101.06
N ALA F 6 25.78 38.08 -101.14
CA ALA F 6 26.95 38.73 -101.72
C ALA F 6 28.07 38.82 -100.69
N PRO F 7 29.32 39.02 -101.11
CA PRO F 7 30.41 39.20 -100.14
C PRO F 7 30.29 40.44 -99.28
N SER F 8 29.89 41.58 -99.85
CA SER F 8 29.90 42.82 -99.08
C SER F 8 28.81 43.75 -99.58
N VAL F 9 28.46 44.71 -98.71
CA VAL F 9 27.48 45.74 -99.04
C VAL F 9 27.81 46.96 -98.21
N SER F 10 27.46 48.14 -98.71
CA SER F 10 27.82 49.39 -98.05
C SER F 10 26.65 50.36 -98.06
N ALA F 11 26.55 51.16 -97.00
CA ALA F 11 25.52 52.19 -96.90
C ALA F 11 25.95 53.25 -95.91
N ALA F 12 25.34 54.42 -96.04
CA ALA F 12 25.61 55.57 -95.17
C ALA F 12 25.05 55.33 -93.78
N PRO F 13 25.64 55.96 -92.76
CA PRO F 13 25.20 55.70 -91.38
C PRO F 13 23.80 56.20 -91.12
N GLY F 14 23.16 55.63 -90.09
CA GLY F 14 21.85 56.04 -89.68
C GLY F 14 20.75 55.79 -90.69
N GLN F 15 21.05 55.12 -91.79
CA GLN F 15 20.09 54.92 -92.86
C GLN F 15 19.33 53.62 -92.63
N LYS F 16 18.49 53.24 -93.59
CA LYS F 16 17.72 51.99 -93.51
C LYS F 16 17.96 51.19 -94.80
N VAL F 17 18.66 50.06 -94.66
CA VAL F 17 18.87 49.13 -95.77
C VAL F 17 19.04 47.73 -95.17
N THR F 18 18.53 46.74 -95.88
CA THR F 18 18.48 45.38 -95.39
C THR F 18 19.41 44.49 -96.21
N ILE F 19 19.43 43.20 -95.86
CA ILE F 19 20.21 42.20 -96.58
C ILE F 19 19.35 40.95 -96.72
N SER F 20 19.39 40.33 -97.89
CA SER F 20 18.56 39.18 -98.21
C SER F 20 19.43 37.99 -98.56
N CYS F 21 18.84 36.79 -98.45
CA CYS F 21 19.52 35.54 -98.73
C CYS F 21 18.56 34.65 -99.52
N SER F 22 19.01 34.16 -100.67
CA SER F 22 18.16 33.41 -101.59
C SER F 22 18.45 31.92 -101.47
N GLY F 23 17.46 31.17 -100.96
CA GLY F 23 17.56 29.75 -100.84
C GLY F 23 16.68 29.01 -101.83
N SER F 24 16.30 27.79 -101.46
CA SER F 24 15.39 27.00 -102.28
C SER F 24 14.25 26.46 -101.43
N SER F 25 13.30 25.76 -102.07
CA SER F 25 12.25 25.10 -101.31
C SER F 25 12.82 23.94 -100.50
N SER F 26 13.92 23.36 -100.96
CA SER F 26 14.57 22.27 -100.26
C SER F 26 15.26 22.72 -98.98
N ASN F 27 15.46 24.02 -98.80
CA ASN F 27 16.16 24.54 -97.64
C ASN F 27 15.34 25.62 -96.92
N ILE F 28 15.13 26.77 -97.54
CA ILE F 28 14.39 27.84 -96.86
C ILE F 28 12.89 27.59 -96.93
N GLY F 29 12.42 26.92 -97.97
CA GLY F 29 11.00 26.76 -98.20
C GLY F 29 10.22 26.20 -97.03
N ASN F 30 10.61 25.03 -96.52
CA ASN F 30 9.92 24.40 -95.41
C ASN F 30 10.57 24.63 -94.06
N ASN F 31 11.67 25.39 -94.00
CA ASN F 31 12.47 25.47 -92.79
C ASN F 31 12.57 26.91 -92.30
N TYR F 32 12.85 27.04 -91.01
CA TYR F 32 13.03 28.34 -90.40
C TYR F 32 14.44 28.85 -90.58
N VAL F 33 14.58 30.18 -90.65
CA VAL F 33 15.83 30.83 -91.00
C VAL F 33 16.40 31.52 -89.77
N SER F 34 17.74 31.52 -89.68
CA SER F 34 18.45 32.24 -88.63
C SER F 34 19.46 33.18 -89.26
N TRP F 35 19.97 34.11 -88.45
CA TRP F 35 20.94 35.09 -88.90
C TRP F 35 21.95 35.36 -87.80
N TYR F 36 23.20 35.58 -88.20
CA TYR F 36 24.31 35.63 -87.27
C TYR F 36 25.21 36.81 -87.58
N GLN F 37 25.86 37.34 -86.55
CA GLN F 37 26.79 38.46 -86.67
C GLN F 37 28.11 38.11 -86.01
N GLN F 38 29.22 38.48 -86.65
CA GLN F 38 30.54 38.32 -86.06
C GLN F 38 31.37 39.56 -86.38
N LEU F 39 32.05 40.06 -85.40
CA LEU F 39 33.09 41.07 -85.56
C LEU F 39 34.41 40.39 -85.88
N PRO F 40 35.40 41.12 -86.38
CA PRO F 40 36.67 40.49 -86.76
C PRO F 40 37.28 39.73 -85.59
N GLY F 41 37.63 38.45 -85.85
CA GLY F 41 38.17 37.58 -84.83
C GLY F 41 37.34 37.47 -83.57
N THR F 42 36.02 37.40 -83.67
CA THR F 42 35.15 37.36 -82.50
C THR F 42 34.16 36.23 -82.62
N ALA F 43 33.22 36.20 -81.69
CA ALA F 43 32.20 35.18 -81.50
C ALA F 43 30.94 35.51 -82.30
N PRO F 44 30.62 34.69 -83.31
CA PRO F 44 29.45 34.98 -84.15
C PRO F 44 28.17 34.93 -83.35
N LYS F 45 27.42 36.03 -83.40
CA LYS F 45 26.29 36.26 -82.52
C LYS F 45 25.00 36.01 -83.26
N LEU F 46 24.11 35.23 -82.66
CA LEU F 46 22.78 35.05 -83.21
C LEU F 46 22.06 36.38 -83.32
N LEU F 47 21.56 36.69 -84.52
CA LEU F 47 20.86 37.94 -84.77
C LEU F 47 19.36 37.78 -84.62
N ILE F 48 18.73 37.01 -85.49
CA ILE F 48 17.28 36.78 -85.49
C ILE F 48 17.05 35.30 -85.76
N TYR F 49 16.15 34.69 -84.98
CA TYR F 49 15.80 33.26 -85.22
C TYR F 49 14.35 33.18 -85.68
N ASP F 50 14.03 32.23 -86.59
CA ASP F 50 12.66 32.11 -87.17
C ASP F 50 12.40 33.31 -88.07
N ASN F 51 13.21 34.37 -87.96
CA ASN F 51 13.10 35.59 -88.80
C ASN F 51 12.01 36.52 -88.26
N ASN F 52 11.31 36.11 -87.19
CA ASN F 52 10.31 36.99 -86.56
C ASN F 52 10.59 37.14 -85.06
N LYS F 53 11.58 36.40 -84.54
CA LYS F 53 11.83 36.41 -83.07
C LYS F 53 13.23 36.96 -82.77
N ARG F 54 13.34 37.88 -81.81
CA ARG F 54 14.64 38.52 -81.46
C ARG F 54 15.27 37.88 -80.21
N PRO F 55 16.55 37.38 -80.22
CA PRO F 55 17.19 36.88 -79.00
C PRO F 55 17.29 37.99 -77.96
N SER F 56 17.55 37.57 -76.72
CA SER F 56 17.69 38.53 -75.64
C SER F 56 18.90 39.42 -75.87
N GLY F 57 18.67 40.73 -75.83
CA GLY F 57 19.72 41.71 -76.01
C GLY F 57 19.83 42.27 -77.42
N ILE F 58 18.90 41.94 -78.31
CA ILE F 58 18.95 42.39 -79.70
C ILE F 58 18.13 43.68 -79.80
N PRO F 59 18.66 44.73 -80.45
CA PRO F 59 17.84 45.91 -80.71
C PRO F 59 16.59 45.55 -81.50
N ASP F 60 15.46 46.13 -81.09
CA ASP F 60 14.21 45.84 -81.78
C ASP F 60 14.23 46.33 -83.23
N ARG F 61 15.21 47.18 -83.57
CA ARG F 61 15.27 47.77 -84.89
C ARG F 61 15.50 46.75 -85.99
N PHE F 62 15.76 45.49 -85.64
CA PHE F 62 15.95 44.45 -86.64
C PHE F 62 14.65 43.68 -86.84
N SER F 63 14.36 43.35 -88.09
CA SER F 63 13.19 42.55 -88.45
C SER F 63 13.61 41.50 -89.45
N GLY F 64 12.63 40.78 -89.99
CA GLY F 64 12.91 39.76 -90.98
C GLY F 64 11.66 39.36 -91.72
N SER F 65 11.87 38.68 -92.85
CA SER F 65 10.77 38.19 -93.67
C SER F 65 11.24 36.98 -94.46
N LYS F 66 10.27 36.13 -94.80
CA LYS F 66 10.51 35.02 -95.72
C LYS F 66 9.46 35.06 -96.81
N SER F 67 9.89 35.34 -98.04
CA SER F 67 9.02 35.32 -99.20
C SER F 67 9.48 34.17 -100.11
N GLY F 68 8.69 33.11 -100.15
CA GLY F 68 9.06 31.93 -100.92
C GLY F 68 10.40 31.41 -100.46
N THR F 69 11.31 31.27 -101.42
CA THR F 69 12.68 30.81 -101.15
C THR F 69 13.60 31.95 -100.76
N SER F 70 13.09 33.17 -100.65
CA SER F 70 13.90 34.35 -100.35
C SER F 70 13.61 34.80 -98.93
N ALA F 71 14.68 35.07 -98.18
CA ALA F 71 14.59 35.51 -96.80
C ALA F 71 15.44 36.75 -96.59
N THR F 72 14.79 37.85 -96.23
CA THR F 72 15.45 39.12 -96.00
C THR F 72 15.65 39.34 -94.52
N LEU F 73 16.81 39.86 -94.15
CA LEU F 73 17.10 40.23 -92.77
C LEU F 73 16.92 41.73 -92.65
N GLY F 74 15.89 42.16 -91.92
CA GLY F 74 15.63 43.57 -91.72
C GLY F 74 16.74 44.22 -90.91
N ILE F 75 17.33 45.26 -91.50
CA ILE F 75 18.42 46.00 -90.89
C ILE F 75 18.08 47.47 -90.95
N THR F 76 17.88 48.09 -89.79
CA THR F 76 17.46 49.49 -89.72
C THR F 76 18.29 50.22 -88.68
N GLY F 77 18.27 51.54 -88.77
CA GLY F 77 18.98 52.37 -87.80
C GLY F 77 20.47 52.09 -87.77
N LEU F 78 21.11 52.22 -88.93
CA LEU F 78 22.53 51.87 -89.05
C LEU F 78 23.37 52.62 -88.03
N GLN F 79 24.32 51.91 -87.44
CA GLN F 79 25.24 52.46 -86.46
C GLN F 79 26.67 52.36 -86.96
N THR F 80 27.53 53.18 -86.37
CA THR F 80 28.95 53.10 -86.70
C THR F 80 29.54 51.77 -86.26
N GLY F 81 28.94 51.13 -85.26
CA GLY F 81 29.41 49.83 -84.81
C GLY F 81 28.68 48.66 -85.44
N ASP F 82 27.90 48.91 -86.50
CA ASP F 82 27.15 47.84 -87.13
C ASP F 82 27.90 47.18 -88.28
N GLU F 83 29.13 47.58 -88.56
CA GLU F 83 29.87 47.01 -89.68
C GLU F 83 30.42 45.65 -89.28
N ALA F 84 29.98 44.61 -89.99
CA ALA F 84 30.32 43.22 -89.71
C ALA F 84 29.63 42.37 -90.78
N ASP F 85 29.91 41.08 -90.75
CA ASP F 85 29.32 40.13 -91.68
C ASP F 85 28.10 39.48 -91.06
N TYR F 86 27.03 39.36 -91.85
CA TYR F 86 25.82 38.69 -91.43
C TYR F 86 25.62 37.41 -92.25
N TYR F 87 25.26 36.33 -91.56
CA TYR F 87 25.17 35.01 -92.16
C TYR F 87 23.75 34.50 -92.10
N CYS F 88 23.23 34.05 -93.23
CA CYS F 88 21.95 33.36 -93.28
C CYS F 88 22.15 31.87 -93.09
N GLY F 89 21.18 31.24 -92.43
CA GLY F 89 21.14 29.80 -92.34
C GLY F 89 19.73 29.31 -92.14
N THR F 90 19.49 28.06 -92.55
CA THR F 90 18.22 27.39 -92.32
C THR F 90 18.49 25.89 -92.38
N TRP F 91 17.57 25.12 -91.83
CA TRP F 91 17.74 23.67 -91.80
C TRP F 91 17.65 23.10 -93.20
N ASP F 92 18.48 22.10 -93.48
CA ASP F 92 18.51 21.43 -94.76
C ASP F 92 18.11 19.98 -94.59
N SER F 93 17.11 19.54 -95.36
CA SER F 93 16.81 18.11 -95.41
C SER F 93 17.49 17.44 -96.59
N SER F 94 18.04 18.22 -97.52
CA SER F 94 18.70 17.64 -98.69
C SER F 94 19.85 16.73 -98.26
N LEU F 95 20.91 17.33 -97.72
CA LEU F 95 21.94 16.54 -97.08
C LEU F 95 21.60 16.23 -95.63
N SER F 96 20.41 16.64 -95.20
CA SER F 96 19.93 16.46 -93.82
C SER F 96 20.95 17.00 -92.83
N ALA F 97 21.15 18.32 -92.89
CA ALA F 97 22.20 18.97 -92.13
C ALA F 97 21.89 20.44 -91.96
N VAL F 98 22.89 21.17 -91.49
CA VAL F 98 22.81 22.62 -91.30
C VAL F 98 23.66 23.29 -92.38
N VAL F 99 23.08 24.29 -93.04
CA VAL F 99 23.73 24.98 -94.15
C VAL F 99 23.80 26.47 -93.86
N PHE F 100 24.72 27.14 -94.55
CA PHE F 100 24.89 28.58 -94.46
C PHE F 100 25.28 29.15 -95.82
N GLY F 101 25.14 30.48 -95.93
CA GLY F 101 25.68 31.17 -97.06
C GLY F 101 27.09 31.65 -96.82
N GLY F 102 27.71 32.18 -97.88
CA GLY F 102 29.08 32.65 -97.77
C GLY F 102 29.28 33.80 -96.81
N GLY F 103 28.23 34.56 -96.52
CA GLY F 103 28.36 35.71 -95.64
C GLY F 103 28.48 37.01 -96.40
N THR F 104 27.94 38.07 -95.80
CA THR F 104 27.91 39.39 -96.41
C THR F 104 28.45 40.40 -95.41
N LYS F 105 29.58 41.01 -95.74
CA LYS F 105 30.22 41.93 -94.82
C LYS F 105 29.68 43.33 -95.08
N LEU F 106 28.89 43.83 -94.14
CA LEU F 106 28.28 45.14 -94.24
C LEU F 106 29.38 46.18 -94.07
N THR F 107 29.15 47.37 -94.60
CA THR F 107 30.02 48.52 -94.37
C THR F 107 29.14 49.74 -94.15
N VAL F 108 29.33 50.40 -93.02
CA VAL F 108 28.60 51.63 -92.73
C VAL F 108 29.43 52.82 -93.21
N LEU F 109 28.93 53.52 -94.21
CA LEU F 109 29.70 54.55 -94.89
C LEU F 109 29.77 55.84 -94.06
N GLN G 14 17.72 -62.26 8.79
CA GLN G 14 16.48 -62.91 8.40
C GLN G 14 16.16 -62.67 6.93
N CYS G 15 15.19 -61.78 6.68
CA CYS G 15 14.73 -61.46 5.33
C CYS G 15 14.31 -62.71 4.56
N VAL G 16 13.69 -63.67 5.27
CA VAL G 16 13.15 -64.87 4.56
C VAL G 16 12.12 -64.36 3.55
N ASN G 17 12.16 -64.89 2.32
CA ASN G 17 11.27 -64.31 1.27
C ASN G 17 10.31 -65.35 0.67
N LEU G 18 9.00 -65.05 0.65
CA LEU G 18 8.03 -65.93 -0.04
C LEU G 18 7.29 -65.04 -1.05
N THR G 19 7.44 -65.30 -2.36
CA THR G 19 6.85 -64.38 -3.36
C THR G 19 5.51 -64.92 -3.88
N THR G 20 5.41 -66.24 -4.09
CA THR G 20 4.17 -66.88 -4.64
C THR G 20 4.04 -66.53 -6.13
N ARG G 21 2.90 -66.88 -6.75
CA ARG G 21 2.70 -66.64 -8.20
C ARG G 21 1.33 -66.01 -8.45
N THR G 22 0.91 -65.06 -7.61
CA THR G 22 -0.49 -64.53 -7.76
C THR G 22 -0.51 -63.19 -8.49
N GLN G 23 -1.12 -63.14 -9.68
CA GLN G 23 -1.32 -61.85 -10.40
C GLN G 23 -2.80 -61.79 -10.78
N LEU G 24 -3.52 -60.74 -10.37
CA LEU G 24 -4.99 -60.73 -10.62
C LEU G 24 -5.53 -59.30 -10.75
N PRO G 25 -6.68 -59.04 -11.45
CA PRO G 25 -7.26 -57.71 -11.46
C PRO G 25 -7.71 -57.34 -10.06
N PRO G 26 -7.28 -56.19 -9.54
CA PRO G 26 -7.66 -55.84 -8.17
C PRO G 26 -9.17 -55.73 -8.05
N ALA G 27 -9.73 -56.46 -7.09
CA ALA G 27 -11.18 -56.47 -6.92
C ALA G 27 -11.56 -55.14 -6.29
N TYR G 28 -12.39 -54.38 -6.98
CA TYR G 28 -12.73 -53.05 -6.50
C TYR G 28 -14.02 -53.08 -5.71
N THR G 29 -14.38 -51.92 -5.19
CA THR G 29 -15.61 -51.77 -4.43
C THR G 29 -15.96 -50.29 -4.41
N ASN G 30 -17.05 -49.97 -3.72
CA ASN G 30 -17.59 -48.63 -3.71
C ASN G 30 -17.80 -48.23 -2.25
N SER G 31 -17.02 -47.25 -1.79
CA SER G 31 -17.24 -46.71 -0.46
C SER G 31 -18.42 -45.77 -0.51
N PHE G 32 -19.48 -46.11 0.21
CA PHE G 32 -20.74 -45.41 0.04
C PHE G 32 -20.71 -44.11 0.82
N THR G 33 -20.77 -44.23 2.14
CA THR G 33 -20.46 -43.14 3.05
C THR G 33 -19.35 -43.65 3.95
N ARG G 34 -18.14 -43.10 3.78
CA ARG G 34 -17.01 -43.70 4.45
C ARG G 34 -15.89 -42.68 4.59
N GLY G 35 -14.99 -42.93 5.54
CA GLY G 35 -13.80 -42.13 5.70
C GLY G 35 -14.03 -40.70 6.11
N VAL G 36 -15.00 -40.45 6.99
CA VAL G 36 -15.25 -39.11 7.52
C VAL G 36 -14.76 -39.08 8.95
N TYR G 37 -13.66 -38.37 9.17
CA TYR G 37 -13.06 -38.22 10.48
C TYR G 37 -13.39 -36.84 11.01
N TYR G 38 -12.90 -36.54 12.20
CA TYR G 38 -13.10 -35.22 12.79
C TYR G 38 -11.87 -34.37 12.52
N PRO G 39 -11.92 -33.40 11.62
CA PRO G 39 -10.72 -32.61 11.33
C PRO G 39 -10.57 -31.40 12.24
N ASP G 40 -10.70 -31.59 13.54
CA ASP G 40 -10.49 -30.61 14.61
C ASP G 40 -10.80 -31.26 15.94
N LYS G 41 -10.32 -30.64 17.01
CA LYS G 41 -10.67 -31.00 18.38
C LYS G 41 -11.91 -30.26 18.86
N VAL G 42 -12.31 -29.22 18.15
CA VAL G 42 -13.34 -28.30 18.61
C VAL G 42 -14.67 -29.04 18.68
N PHE G 43 -15.32 -28.96 19.84
CA PHE G 43 -16.60 -29.59 20.04
C PHE G 43 -17.72 -28.73 19.47
N ARG G 44 -18.49 -29.30 18.54
CA ARG G 44 -19.62 -28.61 17.95
C ARG G 44 -20.85 -29.49 18.08
N SER G 45 -22.01 -28.85 18.16
CA SER G 45 -23.28 -29.53 18.45
C SER G 45 -24.32 -29.14 17.42
N SER G 46 -24.77 -30.12 16.64
CA SER G 46 -25.91 -29.95 15.72
C SER G 46 -25.76 -28.71 14.84
N VAL G 47 -24.62 -28.58 14.18
CA VAL G 47 -24.37 -27.48 13.26
C VAL G 47 -23.85 -28.08 11.96
N LEU G 48 -23.96 -27.33 10.87
CA LEU G 48 -23.39 -27.77 9.60
C LEU G 48 -22.09 -27.02 9.33
N HIS G 49 -20.98 -27.73 9.47
CA HIS G 49 -19.66 -27.14 9.30
C HIS G 49 -19.08 -27.61 7.98
N SER G 50 -18.36 -26.73 7.31
CA SER G 50 -17.85 -27.02 5.96
C SER G 50 -16.37 -26.66 5.89
N THR G 51 -15.55 -27.66 5.59
CA THR G 51 -14.13 -27.44 5.30
C THR G 51 -13.74 -28.20 4.04
N GLN G 52 -12.69 -27.72 3.40
CA GLN G 52 -12.10 -28.38 2.25
C GLN G 52 -10.77 -28.98 2.72
N ASP G 53 -10.74 -30.31 2.82
CA ASP G 53 -9.60 -31.03 3.36
C ASP G 53 -9.46 -32.35 2.61
N LEU G 54 -8.32 -33.01 2.83
CA LEU G 54 -8.10 -34.33 2.27
C LEU G 54 -9.10 -35.32 2.87
N PHE G 55 -9.84 -36.01 2.01
CA PHE G 55 -10.74 -37.08 2.42
C PHE G 55 -10.75 -38.15 1.36
N LEU G 56 -11.46 -39.24 1.65
CA LEU G 56 -11.80 -40.22 0.63
C LEU G 56 -13.18 -39.89 0.10
N PRO G 57 -13.31 -39.35 -1.11
CA PRO G 57 -14.62 -38.90 -1.57
C PRO G 57 -15.60 -40.05 -1.70
N PHE G 58 -16.87 -39.71 -1.54
CA PHE G 58 -17.90 -40.76 -1.51
C PHE G 58 -17.98 -41.47 -2.84
N PHE G 59 -18.50 -42.69 -2.80
CA PHE G 59 -18.62 -43.51 -4.03
C PHE G 59 -17.29 -43.47 -4.80
N SER G 60 -16.22 -43.94 -4.17
CA SER G 60 -14.91 -43.96 -4.85
C SER G 60 -14.42 -45.39 -5.10
N ASN G 61 -13.39 -45.53 -5.95
CA ASN G 61 -12.92 -46.89 -6.27
C ASN G 61 -12.02 -47.33 -5.13
N VAL G 62 -12.43 -48.37 -4.42
CA VAL G 62 -11.63 -48.81 -3.26
C VAL G 62 -11.06 -50.19 -3.59
N THR G 63 -9.75 -50.29 -3.56
CA THR G 63 -9.07 -51.50 -4.09
C THR G 63 -9.05 -52.56 -3.00
N TRP G 64 -10.04 -53.44 -2.98
CA TRP G 64 -10.01 -54.55 -1.99
C TRP G 64 -8.74 -55.33 -2.30
N PHE G 65 -7.90 -55.60 -1.30
CA PHE G 65 -6.61 -56.29 -1.52
C PHE G 65 -6.43 -57.39 -0.47
N HIS G 66 -6.09 -58.61 -0.91
CA HIS G 66 -5.95 -59.74 0.05
C HIS G 66 -4.47 -60.06 0.27
N ALA G 67 -3.98 -59.89 1.49
CA ALA G 67 -2.57 -60.23 1.80
C ALA G 67 -2.36 -61.74 1.67
N ILE G 68 -3.29 -62.55 2.20
CA ILE G 68 -3.22 -64.04 2.03
C ILE G 68 -4.57 -64.47 1.46
N HIS G 69 -4.58 -65.27 0.38
CA HIS G 69 -5.89 -65.58 -0.25
C HIS G 69 -6.01 -67.05 -0.66
N VAL G 70 -6.84 -67.83 0.04
CA VAL G 70 -7.11 -69.19 -0.38
C VAL G 70 -8.21 -69.20 -1.44
N SER G 71 -7.86 -69.70 -2.63
CA SER G 71 -8.83 -70.05 -3.66
C SER G 71 -8.81 -71.56 -3.76
N GLY G 72 -9.88 -72.19 -3.30
CA GLY G 72 -9.83 -73.60 -2.95
C GLY G 72 -9.61 -74.62 -4.04
N THR G 73 -8.53 -75.39 -3.88
CA THR G 73 -8.43 -76.73 -4.42
C THR G 73 -7.93 -77.61 -3.28
N ASN G 74 -6.70 -77.42 -2.85
CA ASN G 74 -6.29 -77.66 -1.47
C ASN G 74 -5.25 -76.61 -1.12
N GLY G 75 -5.45 -75.93 0.01
CA GLY G 75 -4.50 -74.90 0.39
C GLY G 75 -4.51 -73.77 -0.62
N THR G 76 -3.34 -73.52 -1.23
CA THR G 76 -3.13 -72.44 -2.19
C THR G 76 -3.38 -71.07 -1.55
N LYS G 77 -2.47 -70.72 -0.64
CA LYS G 77 -2.46 -69.41 0.00
C LYS G 77 -1.66 -68.44 -0.85
N ARG G 78 -2.29 -67.32 -1.24
CA ARG G 78 -1.72 -66.38 -2.20
C ARG G 78 -1.28 -65.12 -1.46
N PHE G 79 0.03 -64.92 -1.37
CA PHE G 79 0.62 -63.76 -0.72
C PHE G 79 0.85 -62.70 -1.80
N ASP G 80 -0.06 -61.72 -1.87
CA ASP G 80 -0.01 -60.71 -2.93
C ASP G 80 0.38 -59.30 -2.47
N ASN G 81 0.50 -59.05 -1.17
CA ASN G 81 0.39 -57.65 -0.75
C ASN G 81 1.52 -56.79 -1.30
N PRO G 82 1.24 -55.87 -2.20
CA PRO G 82 2.31 -55.09 -2.84
C PRO G 82 2.76 -53.92 -1.99
N VAL G 83 3.98 -53.45 -2.28
CA VAL G 83 4.35 -52.11 -1.87
C VAL G 83 3.45 -51.12 -2.60
N LEU G 84 2.83 -50.22 -1.85
CA LEU G 84 1.86 -49.35 -2.48
C LEU G 84 2.23 -47.89 -2.28
N PRO G 85 2.06 -47.06 -3.30
CA PRO G 85 2.36 -45.64 -3.14
C PRO G 85 1.42 -45.00 -2.14
N PHE G 86 1.90 -43.96 -1.46
CA PHE G 86 1.05 -43.22 -0.55
C PHE G 86 0.17 -42.22 -1.27
N ASN G 87 0.67 -41.62 -2.36
CA ASN G 87 -0.04 -40.61 -3.15
C ASN G 87 -0.40 -39.46 -2.22
N ASP G 88 -1.62 -38.92 -2.30
CA ASP G 88 -2.03 -37.80 -1.46
C ASP G 88 -2.27 -38.20 -0.02
N GLY G 89 -3.24 -39.07 0.22
CA GLY G 89 -3.45 -39.65 1.54
C GLY G 89 -3.96 -41.05 1.39
N VAL G 90 -4.03 -41.75 2.52
CA VAL G 90 -4.34 -43.17 2.52
C VAL G 90 -5.46 -43.47 3.50
N TYR G 91 -6.38 -44.32 3.07
CA TYR G 91 -7.45 -44.86 3.91
C TYR G 91 -7.22 -46.36 4.03
N PHE G 92 -7.72 -46.96 5.10
CA PHE G 92 -7.55 -48.39 5.33
C PHE G 92 -8.73 -48.96 6.09
N ALA G 93 -9.10 -50.20 5.75
CA ALA G 93 -10.21 -50.86 6.40
C ALA G 93 -9.97 -52.37 6.39
N SER G 94 -10.42 -53.04 7.45
CA SER G 94 -10.25 -54.49 7.55
C SER G 94 -11.26 -55.04 8.53
N THR G 95 -11.50 -56.35 8.44
CA THR G 95 -12.37 -57.05 9.38
C THR G 95 -11.51 -57.90 10.31
N GLU G 96 -11.01 -59.02 9.80
CA GLU G 96 -9.96 -59.82 10.45
C GLU G 96 -10.36 -60.21 11.87
N LYS G 97 -11.42 -61.03 11.96
CA LYS G 97 -11.82 -61.54 13.31
C LYS G 97 -10.55 -62.10 13.94
N SER G 98 -9.78 -62.90 13.19
CA SER G 98 -8.46 -63.35 13.71
C SER G 98 -7.43 -62.38 13.15
N ASN G 99 -6.84 -61.54 14.01
CA ASN G 99 -5.94 -60.50 13.48
C ASN G 99 -4.72 -61.16 12.82
N ILE G 100 -4.40 -60.73 11.61
CA ILE G 100 -3.17 -61.24 10.94
C ILE G 100 -2.45 -59.97 10.56
N ILE G 101 -3.09 -58.82 10.82
CA ILE G 101 -2.55 -57.52 10.43
C ILE G 101 -2.10 -56.78 11.67
N ARG G 102 -0.98 -56.09 11.58
CA ARG G 102 -0.42 -55.43 12.75
C ARG G 102 -0.16 -53.96 12.46
N GLY G 103 0.67 -53.66 11.47
CA GLY G 103 1.07 -52.29 11.20
C GLY G 103 1.46 -52.13 9.74
N TRP G 104 2.07 -50.98 9.44
CA TRP G 104 2.43 -50.65 8.08
C TRP G 104 3.86 -50.10 8.06
N ILE G 105 4.49 -50.15 6.89
CA ILE G 105 5.92 -49.90 6.75
C ILE G 105 6.22 -48.47 6.34
N PHE G 106 5.24 -47.56 6.44
CA PHE G 106 5.23 -46.33 5.65
C PHE G 106 6.59 -45.67 5.56
N GLY G 107 6.94 -45.24 4.35
CA GLY G 107 8.24 -44.66 4.10
C GLY G 107 8.33 -44.13 2.69
N THR G 108 9.56 -43.95 2.22
CA THR G 108 9.78 -43.50 0.85
C THR G 108 10.64 -44.49 0.10
N THR G 109 11.90 -44.63 0.49
CA THR G 109 12.78 -45.59 -0.14
C THR G 109 12.47 -47.03 0.29
N LEU G 110 11.74 -47.19 1.40
CA LEU G 110 11.45 -48.49 1.99
C LEU G 110 12.76 -49.20 2.35
N ASP G 111 13.71 -48.39 2.80
CA ASP G 111 15.11 -48.76 2.92
C ASP G 111 15.74 -47.75 3.87
N SER G 112 17.06 -47.76 3.97
CA SER G 112 17.77 -46.65 4.58
C SER G 112 17.75 -45.46 3.62
N LYS G 113 18.48 -44.41 3.98
CA LYS G 113 18.61 -43.12 3.29
C LYS G 113 17.41 -42.23 3.56
N THR G 114 16.30 -42.75 4.08
CA THR G 114 15.18 -41.96 4.54
C THR G 114 14.76 -42.49 5.90
N GLN G 115 13.90 -41.75 6.58
CA GLN G 115 13.34 -42.30 7.80
C GLN G 115 12.38 -43.43 7.44
N SER G 116 11.81 -44.05 8.48
CA SER G 116 10.86 -45.12 8.26
C SER G 116 9.77 -45.03 9.30
N LEU G 117 8.52 -45.08 8.86
CA LEU G 117 7.42 -45.19 9.80
C LEU G 117 7.07 -46.66 10.00
N LEU G 118 7.33 -47.17 11.20
CA LEU G 118 6.97 -48.59 11.52
C LEU G 118 6.00 -48.62 12.70
N ILE G 119 4.69 -48.57 12.44
CA ILE G 119 3.67 -48.58 13.52
C ILE G 119 3.34 -50.02 13.91
N VAL G 120 4.22 -50.69 14.66
CA VAL G 120 4.01 -52.13 15.02
C VAL G 120 3.27 -52.23 16.35
N ASN G 121 2.07 -52.83 16.36
CA ASN G 121 1.33 -53.03 17.62
C ASN G 121 2.17 -53.94 18.53
N ASN G 122 2.77 -55.00 17.97
CA ASN G 122 3.58 -55.99 18.76
C ASN G 122 2.63 -56.91 19.52
N ALA G 123 1.31 -56.72 19.36
CA ALA G 123 0.29 -57.56 20.03
C ALA G 123 0.44 -57.48 21.56
N THR G 124 1.00 -56.38 22.05
CA THR G 124 0.82 -56.00 23.47
C THR G 124 0.43 -54.52 23.52
N ASN G 125 1.42 -53.64 23.52
CA ASN G 125 1.14 -52.20 23.49
C ASN G 125 1.76 -51.70 22.18
N VAL G 126 0.99 -50.97 21.38
CA VAL G 126 1.56 -50.59 20.05
C VAL G 126 2.87 -49.85 20.29
N VAL G 127 3.95 -50.29 19.64
CA VAL G 127 5.22 -49.50 19.75
C VAL G 127 5.39 -48.76 18.42
N ILE G 128 5.07 -47.48 18.41
CA ILE G 128 5.15 -46.69 17.15
C ILE G 128 6.60 -46.35 16.94
N LYS G 129 7.14 -46.75 15.79
CA LYS G 129 8.54 -46.45 15.54
C LYS G 129 8.68 -45.58 14.30
N VAL G 130 9.36 -44.45 14.47
CA VAL G 130 9.84 -43.65 13.35
C VAL G 130 11.36 -43.71 13.42
N CYS G 131 11.97 -44.44 12.49
CA CYS G 131 13.39 -44.75 12.57
C CYS G 131 13.94 -44.85 11.16
N GLU G 132 15.18 -45.34 11.05
CA GLU G 132 15.75 -45.75 9.77
C GLU G 132 15.99 -47.25 9.83
N PHE G 133 15.26 -48.01 9.03
CA PHE G 133 15.38 -49.47 9.02
C PHE G 133 15.93 -49.94 7.68
N GLN G 134 16.14 -51.25 7.59
CA GLN G 134 16.33 -51.94 6.32
C GLN G 134 15.17 -52.91 6.17
N PHE G 135 14.22 -52.57 5.30
CA PHE G 135 13.09 -53.46 5.08
C PHE G 135 13.42 -54.48 3.99
N CYS G 136 13.09 -55.73 4.27
CA CYS G 136 13.43 -56.82 3.38
C CYS G 136 12.58 -56.76 2.12
N ASN G 137 12.81 -57.70 1.21
CA ASN G 137 12.01 -57.78 0.00
C ASN G 137 10.60 -58.28 0.25
N ASP G 138 10.39 -59.12 1.27
CA ASP G 138 9.07 -59.64 1.64
C ASP G 138 8.87 -59.45 3.14
N PRO G 139 8.74 -58.21 3.59
CA PRO G 139 8.67 -57.96 5.04
C PRO G 139 7.32 -58.35 5.62
N PHE G 140 7.36 -58.85 6.86
CA PHE G 140 6.19 -59.14 7.68
C PHE G 140 6.70 -59.65 9.02
N LEU G 141 5.84 -59.56 10.03
CA LEU G 141 6.22 -59.98 11.38
C LEU G 141 6.07 -61.49 11.51
N GLY G 142 7.17 -62.16 11.86
CA GLY G 142 7.08 -63.57 12.17
C GLY G 142 6.66 -63.78 13.61
N VAL G 143 5.86 -64.83 13.82
CA VAL G 143 5.42 -65.23 15.14
C VAL G 143 5.77 -66.70 15.31
N TYR G 144 6.29 -67.04 16.49
CA TYR G 144 6.69 -68.40 16.79
C TYR G 144 6.33 -68.69 18.24
N TYR G 145 6.70 -69.88 18.71
CA TYR G 145 6.39 -70.31 20.10
C TYR G 145 7.68 -70.27 20.91
N HIS G 146 7.74 -69.47 21.97
CA HIS G 146 9.01 -69.30 22.75
C HIS G 146 9.33 -70.58 23.52
N LYS G 147 8.34 -71.44 23.79
CA LYS G 147 8.53 -72.74 24.50
C LYS G 147 8.62 -72.49 26.01
N ASN G 148 8.54 -71.24 26.44
CA ASN G 148 8.59 -70.91 27.89
C ASN G 148 7.24 -70.30 28.29
N ASN G 149 6.58 -70.90 29.29
CA ASN G 149 5.26 -70.40 29.77
C ASN G 149 4.24 -70.45 28.61
N LYS G 150 4.40 -71.39 27.67
CA LYS G 150 3.44 -71.55 26.56
C LYS G 150 3.23 -70.20 25.85
N SER G 151 4.30 -69.47 25.54
CA SER G 151 4.13 -68.11 24.98
C SER G 151 4.47 -68.02 23.49
N TRP G 152 3.77 -67.15 22.75
CA TRP G 152 4.03 -66.90 21.35
C TRP G 152 4.72 -65.56 21.21
N MET G 153 6.01 -65.57 20.90
CA MET G 153 6.71 -64.32 20.64
C MET G 153 6.46 -63.87 19.21
N GLU G 154 6.98 -62.70 18.90
CA GLU G 154 6.93 -62.16 17.55
C GLU G 154 8.34 -61.80 17.14
N SER G 155 8.86 -62.48 16.13
CA SER G 155 10.15 -62.11 15.57
C SER G 155 9.90 -60.90 14.67
N GLU G 156 10.48 -59.76 15.04
CA GLU G 156 10.21 -58.52 14.34
C GLU G 156 11.22 -58.25 13.24
N PHE G 157 12.30 -59.03 13.15
CA PHE G 157 13.29 -58.80 12.13
C PHE G 157 13.04 -59.63 10.89
N ARG G 158 11.94 -60.39 10.86
CA ARG G 158 11.47 -60.94 9.60
C ARG G 158 10.91 -59.84 8.72
N VAL G 159 10.54 -58.72 9.33
CA VAL G 159 10.18 -57.52 8.60
C VAL G 159 11.45 -56.89 8.06
N TYR G 160 12.29 -56.42 8.97
CA TYR G 160 13.43 -55.58 8.64
C TYR G 160 14.69 -56.12 9.29
N SER G 161 15.82 -56.00 8.58
CA SER G 161 17.08 -56.47 9.14
C SER G 161 17.62 -55.49 10.16
N SER G 162 18.02 -54.30 9.71
CA SER G 162 18.68 -53.32 10.56
C SER G 162 17.65 -52.43 11.24
N ALA G 163 17.94 -52.08 12.50
CA ALA G 163 17.26 -51.00 13.20
C ALA G 163 18.32 -50.13 13.85
N ASN G 164 18.42 -48.88 13.40
CA ASN G 164 19.46 -47.98 13.88
C ASN G 164 19.07 -46.55 13.51
N ASN G 165 19.88 -45.59 13.96
CA ASN G 165 19.75 -44.17 13.62
C ASN G 165 18.45 -43.57 14.16
N CYS G 166 17.61 -44.35 14.83
CA CYS G 166 16.20 -44.06 14.97
C CYS G 166 15.93 -42.64 15.47
N THR G 167 15.02 -41.95 14.77
CA THR G 167 14.61 -40.59 15.11
C THR G 167 13.55 -40.53 16.20
N PHE G 168 12.54 -41.40 16.17
CA PHE G 168 11.42 -41.24 17.09
C PHE G 168 10.92 -42.60 17.53
N GLU G 169 10.32 -42.62 18.72
CA GLU G 169 9.75 -43.82 19.32
C GLU G 169 8.55 -43.40 20.16
N TYR G 170 7.54 -44.27 20.20
CA TYR G 170 6.36 -44.01 21.03
C TYR G 170 5.65 -45.32 21.32
N VAL G 171 4.85 -45.30 22.40
CA VAL G 171 4.06 -46.45 22.81
C VAL G 171 2.69 -45.95 23.25
N SER G 172 1.66 -46.76 23.00
CA SER G 172 0.30 -46.40 23.40
C SER G 172 -0.50 -47.68 23.62
N GLN G 173 -1.76 -47.51 24.02
CA GLN G 173 -2.71 -48.61 24.10
C GLN G 173 -3.06 -49.12 22.71
N PRO G 174 -3.27 -50.44 22.57
CA PRO G 174 -3.35 -51.03 21.24
C PRO G 174 -4.49 -50.46 20.41
N PHE G 175 -4.14 -50.01 19.21
CA PHE G 175 -5.14 -49.52 18.26
C PHE G 175 -5.99 -50.68 17.77
N LEU G 176 -5.33 -51.72 17.27
CA LEU G 176 -5.95 -53.00 16.97
C LEU G 176 -6.43 -53.60 18.28
N MET G 177 -7.70 -53.99 18.32
CA MET G 177 -8.28 -54.54 19.53
C MET G 177 -9.31 -55.57 19.13
N ASP G 178 -9.40 -56.65 19.89
CA ASP G 178 -10.43 -57.64 19.63
C ASP G 178 -11.54 -57.52 20.66
N LEU G 179 -12.63 -58.26 20.41
CA LEU G 179 -13.71 -58.47 21.36
C LEU G 179 -14.06 -59.95 21.30
N GLU G 180 -14.50 -60.37 20.13
CA GLU G 180 -14.80 -61.74 19.74
C GLU G 180 -15.85 -62.36 20.65
N GLY G 181 -15.78 -63.68 20.88
CA GLY G 181 -16.88 -64.42 21.45
C GLY G 181 -18.16 -64.38 20.64
N LYS G 182 -18.16 -63.73 19.48
CA LYS G 182 -19.38 -63.39 18.75
C LYS G 182 -19.66 -64.31 17.58
N GLN G 183 -18.83 -65.31 17.33
CA GLN G 183 -18.96 -66.25 16.20
C GLN G 183 -19.34 -65.51 14.91
N GLY G 184 -18.71 -64.36 14.72
CA GLY G 184 -19.05 -63.49 13.61
C GLY G 184 -20.11 -62.46 13.99
N ASN G 185 -20.86 -62.03 12.98
CA ASN G 185 -21.96 -61.07 13.13
C ASN G 185 -21.46 -59.69 13.50
N PHE G 186 -20.19 -59.61 13.92
CA PHE G 186 -19.46 -58.34 14.02
C PHE G 186 -18.42 -58.23 12.91
N LYS G 187 -17.49 -59.18 12.86
CA LYS G 187 -16.31 -59.17 12.00
C LYS G 187 -15.32 -58.13 12.49
N ASN G 188 -15.77 -57.31 13.44
CA ASN G 188 -14.98 -56.23 14.02
C ASN G 188 -14.30 -55.42 12.92
N LEU G 189 -15.13 -54.76 12.11
CA LEU G 189 -14.58 -53.96 11.02
C LEU G 189 -13.76 -52.82 11.60
N ARG G 190 -12.51 -52.72 11.15
CA ARG G 190 -11.55 -51.80 11.72
C ARG G 190 -10.96 -50.95 10.62
N GLU G 191 -10.99 -49.63 10.82
CA GLU G 191 -10.56 -48.66 9.83
C GLU G 191 -9.46 -47.79 10.40
N PHE G 192 -8.51 -47.43 9.55
CA PHE G 192 -7.43 -46.55 9.98
C PHE G 192 -7.10 -45.60 8.86
N VAL G 193 -7.12 -44.30 9.17
CA VAL G 193 -6.82 -43.26 8.19
C VAL G 193 -5.46 -42.66 8.53
N PHE G 194 -4.67 -42.42 7.49
CA PHE G 194 -3.29 -41.98 7.63
C PHE G 194 -3.09 -40.77 6.73
N LYS G 195 -2.84 -39.61 7.32
CA LYS G 195 -2.69 -38.37 6.57
C LYS G 195 -1.43 -37.66 7.04
N ASN G 196 -0.55 -37.36 6.10
CA ASN G 196 0.76 -36.80 6.40
C ASN G 196 0.81 -35.36 5.90
N ILE G 197 0.79 -34.42 6.84
CA ILE G 197 0.80 -32.98 6.53
C ILE G 197 1.60 -32.27 7.61
N ASP G 198 2.12 -31.09 7.24
CA ASP G 198 2.58 -30.04 8.14
C ASP G 198 3.35 -30.55 9.35
N GLY G 199 4.20 -31.57 9.15
CA GLY G 199 4.95 -32.12 10.25
C GLY G 199 4.15 -33.00 11.19
N TYR G 200 2.83 -33.05 11.04
CA TYR G 200 1.97 -33.93 11.84
C TYR G 200 1.36 -34.99 10.94
N PHE G 201 1.82 -36.23 11.11
CA PHE G 201 1.16 -37.39 10.55
C PHE G 201 0.23 -37.92 11.63
N LYS G 202 -1.07 -37.82 11.39
CA LYS G 202 -2.08 -38.13 12.38
C LYS G 202 -2.78 -39.43 12.03
N ILE G 203 -3.11 -40.20 13.06
CA ILE G 203 -3.72 -41.51 12.90
C ILE G 203 -5.16 -41.43 13.38
N TYR G 204 -6.04 -42.12 12.67
CA TYR G 204 -7.45 -42.17 13.00
C TYR G 204 -7.86 -43.63 13.10
N SER G 205 -8.96 -43.90 13.79
CA SER G 205 -9.36 -45.29 14.02
C SER G 205 -10.86 -45.35 14.20
N LYS G 206 -11.37 -46.57 14.36
CA LYS G 206 -12.78 -46.86 14.54
C LYS G 206 -12.90 -48.37 14.69
N HIS G 207 -14.01 -48.80 15.28
CA HIS G 207 -14.35 -50.22 15.36
C HIS G 207 -15.85 -50.35 15.16
N THR G 208 -16.24 -51.21 14.23
CA THR G 208 -17.64 -51.30 13.88
C THR G 208 -18.05 -52.75 13.68
N PRO G 209 -19.25 -53.12 14.12
CA PRO G 209 -19.82 -54.42 13.73
C PRO G 209 -20.29 -54.39 12.29
N ILE G 210 -20.10 -55.49 11.58
CA ILE G 210 -20.66 -55.66 10.24
C ILE G 210 -21.14 -57.09 10.08
N ASN G 211 -22.39 -57.25 9.67
CA ASN G 211 -22.95 -58.57 9.41
C ASN G 211 -22.83 -59.00 7.96
N LEU G 212 -22.43 -58.10 7.06
CA LEU G 212 -22.35 -58.45 5.65
C LEU G 212 -21.16 -59.36 5.41
N VAL G 213 -21.21 -60.11 4.31
CA VAL G 213 -20.18 -61.11 4.04
C VAL G 213 -18.81 -60.47 3.94
N ARG G 214 -18.68 -59.45 3.09
CA ARG G 214 -17.39 -58.78 2.94
C ARG G 214 -17.50 -57.26 2.99
N ASP G 215 -18.10 -56.68 1.96
CA ASP G 215 -17.95 -55.26 1.67
C ASP G 215 -18.75 -54.41 2.68
N LEU G 216 -18.68 -53.10 2.50
CA LEU G 216 -19.00 -52.11 3.51
C LEU G 216 -20.49 -51.75 3.49
N PRO G 217 -21.03 -51.33 4.64
CA PRO G 217 -22.45 -50.90 4.68
C PRO G 217 -22.63 -49.45 4.28
N GLN G 218 -23.85 -48.95 4.47
CA GLN G 218 -24.20 -47.57 4.14
C GLN G 218 -23.97 -46.61 5.30
N GLY G 219 -23.55 -47.09 6.46
CA GLY G 219 -23.42 -46.26 7.64
C GLY G 219 -22.21 -45.36 7.60
N PHE G 220 -22.27 -44.31 8.42
CA PHE G 220 -21.18 -43.35 8.55
C PHE G 220 -20.23 -43.80 9.66
N SER G 221 -18.93 -43.60 9.42
CA SER G 221 -17.90 -43.97 10.37
C SER G 221 -17.09 -42.74 10.73
N ALA G 222 -17.19 -42.31 11.98
CA ALA G 222 -16.42 -41.16 12.43
C ALA G 222 -15.13 -41.63 13.10
N LEU G 223 -14.02 -41.03 12.71
CA LEU G 223 -12.70 -41.45 13.16
C LEU G 223 -12.06 -40.33 13.95
N GLU G 224 -11.77 -40.58 15.20
CA GLU G 224 -11.10 -39.55 15.98
C GLU G 224 -9.61 -39.61 15.72
N PRO G 225 -8.90 -38.49 15.82
CA PRO G 225 -7.43 -38.55 15.77
C PRO G 225 -6.89 -39.27 17.00
N LEU G 226 -6.02 -40.24 16.77
CA LEU G 226 -5.41 -40.95 17.90
C LEU G 226 -4.29 -40.11 18.50
N VAL G 227 -3.20 -39.95 17.76
CA VAL G 227 -2.07 -39.15 18.18
C VAL G 227 -1.66 -38.26 17.01
N ASP G 228 -1.34 -37.01 17.33
CA ASP G 228 -0.81 -36.08 16.34
C ASP G 228 0.70 -36.00 16.52
N LEU G 229 1.46 -36.66 15.63
CA LEU G 229 2.91 -36.78 15.92
C LEU G 229 3.80 -35.83 15.14
N PRO G 230 4.83 -35.23 15.78
CA PRO G 230 5.80 -34.40 15.07
C PRO G 230 6.66 -35.35 14.22
N ILE G 231 6.26 -35.55 12.97
CA ILE G 231 6.96 -36.50 12.12
C ILE G 231 7.99 -35.81 11.23
N GLY G 232 7.53 -35.10 10.21
CA GLY G 232 8.42 -34.33 9.37
C GLY G 232 8.98 -35.03 8.13
N ILE G 233 8.56 -36.26 7.84
CA ILE G 233 9.00 -36.94 6.62
C ILE G 233 7.86 -37.02 5.63
N ASN G 234 8.19 -36.94 4.35
CA ASN G 234 7.26 -37.27 3.28
C ASN G 234 7.27 -38.78 3.08
N ILE G 235 6.09 -39.38 3.06
CA ILE G 235 5.92 -40.80 2.83
C ILE G 235 5.22 -40.96 1.48
N THR G 236 5.94 -41.45 0.48
CA THR G 236 5.34 -41.65 -0.84
C THR G 236 4.94 -43.10 -1.13
N ARG G 237 5.28 -44.05 -0.27
CA ARG G 237 4.99 -45.45 -0.59
C ARG G 237 5.03 -46.27 0.69
N PHE G 238 4.37 -47.44 0.65
CA PHE G 238 4.25 -48.26 1.85
C PHE G 238 3.80 -49.66 1.47
N GLN G 239 3.65 -50.50 2.49
CA GLN G 239 3.05 -51.83 2.42
C GLN G 239 2.60 -52.16 3.85
N THR G 240 1.66 -53.10 3.98
CA THR G 240 1.15 -53.48 5.28
C THR G 240 2.10 -54.49 5.92
N LEU G 241 1.74 -54.95 7.12
CA LEU G 241 2.51 -55.96 7.83
C LEU G 241 1.60 -57.13 8.18
N LEU G 242 2.23 -58.24 8.55
CA LEU G 242 1.53 -59.51 8.69
C LEU G 242 2.03 -60.22 9.94
N ALA G 243 1.21 -61.16 10.41
CA ALA G 243 1.58 -62.05 11.50
C ALA G 243 1.33 -63.48 11.04
N LEU G 244 2.40 -64.26 10.91
CA LEU G 244 2.32 -65.64 10.46
C LEU G 244 3.04 -66.48 11.50
N HIS G 245 3.04 -67.80 11.33
CA HIS G 245 3.64 -68.67 12.32
C HIS G 245 4.24 -69.90 11.69
N ARG G 246 4.62 -70.86 12.53
CA ARG G 246 5.23 -72.11 12.06
C ARG G 246 4.32 -73.28 12.37
N SER G 247 4.29 -74.27 11.49
CA SER G 247 3.61 -75.52 11.76
C SER G 247 4.62 -76.66 11.76
N TYR G 248 4.14 -77.87 12.07
CA TYR G 248 5.00 -79.03 12.21
C TYR G 248 4.31 -80.24 11.60
N LEU G 249 5.06 -81.34 11.49
CA LEU G 249 4.93 -82.21 10.32
C LEU G 249 3.49 -82.61 10.05
N THR G 250 3.03 -82.23 8.86
CA THR G 250 1.73 -82.56 8.29
C THR G 250 1.93 -82.65 6.79
N PRO G 251 1.09 -83.43 6.08
CA PRO G 251 1.25 -83.48 4.62
C PRO G 251 0.85 -82.17 3.94
N SER G 256 9.27 -74.51 5.22
CA SER G 256 8.92 -74.17 6.62
C SER G 256 7.44 -73.80 6.69
N GLY G 257 6.78 -74.02 7.83
CA GLY G 257 5.37 -73.65 8.00
C GLY G 257 5.16 -72.16 7.82
N TRP G 258 4.10 -71.75 7.11
CA TRP G 258 3.75 -70.30 6.96
C TRP G 258 2.26 -70.17 6.57
N THR G 259 1.86 -69.04 5.95
CA THR G 259 0.47 -68.86 5.41
C THR G 259 -0.67 -69.14 6.41
N ALA G 260 -0.76 -68.37 7.50
CA ALA G 260 -1.80 -68.58 8.54
C ALA G 260 -3.19 -68.07 8.13
N GLY G 261 -4.26 -68.82 8.44
CA GLY G 261 -5.67 -68.43 8.19
C GLY G 261 -5.84 -67.70 6.87
N ALA G 262 -6.56 -66.57 6.89
CA ALA G 262 -6.80 -65.78 5.66
C ALA G 262 -6.60 -64.29 5.96
N ALA G 263 -6.57 -63.45 4.94
CA ALA G 263 -6.33 -62.03 5.12
C ALA G 263 -6.79 -61.24 3.91
N ALA G 264 -7.59 -60.20 4.16
CA ALA G 264 -7.99 -59.26 3.13
C ALA G 264 -8.30 -57.93 3.79
N TYR G 265 -8.09 -56.85 3.03
CA TYR G 265 -8.35 -55.51 3.57
C TYR G 265 -8.73 -54.58 2.43
N TYR G 266 -9.03 -53.34 2.81
CA TYR G 266 -9.51 -52.30 1.91
C TYR G 266 -8.56 -51.12 1.95
N VAL G 267 -8.30 -50.55 0.78
CA VAL G 267 -7.44 -49.38 0.65
C VAL G 267 -8.06 -48.42 -0.35
N GLY G 268 -7.98 -47.14 -0.03
CA GLY G 268 -8.38 -46.08 -0.94
C GLY G 268 -7.54 -44.85 -0.66
N TYR G 269 -7.43 -43.96 -1.64
CA TYR G 269 -6.55 -42.81 -1.52
C TYR G 269 -7.38 -41.57 -1.22
N LEU G 270 -6.80 -40.68 -0.42
CA LEU G 270 -7.48 -39.45 -0.04
C LEU G 270 -7.39 -38.43 -1.16
N GLN G 271 -7.98 -37.26 -0.91
CA GLN G 271 -8.18 -36.24 -1.94
C GLN G 271 -8.82 -35.00 -1.31
N PRO G 272 -8.40 -33.80 -1.69
CA PRO G 272 -9.06 -32.60 -1.15
C PRO G 272 -10.49 -32.50 -1.66
N ARG G 273 -11.42 -32.34 -0.72
CA ARG G 273 -12.84 -32.16 -1.02
C ARG G 273 -13.47 -31.34 0.08
N THR G 274 -14.54 -30.63 -0.25
CA THR G 274 -15.27 -29.83 0.71
C THR G 274 -16.46 -30.64 1.22
N PHE G 275 -16.47 -30.96 2.52
CA PHE G 275 -17.54 -31.81 3.09
C PHE G 275 -18.49 -31.00 3.98
N LEU G 276 -19.72 -31.49 4.19
CA LEU G 276 -20.67 -30.80 5.11
C LEU G 276 -20.74 -31.63 6.40
N LEU G 277 -20.20 -31.10 7.51
CA LEU G 277 -20.13 -31.89 8.78
C LEU G 277 -21.35 -31.63 9.66
N LYS G 278 -22.35 -32.53 9.66
CA LYS G 278 -23.48 -32.38 10.58
C LYS G 278 -23.13 -33.04 11.90
N TYR G 279 -22.60 -32.17 12.76
CA TYR G 279 -22.19 -32.59 14.10
C TYR G 279 -23.48 -32.78 14.86
N ASN G 280 -23.55 -33.74 15.76
CA ASN G 280 -24.81 -34.03 16.48
C ASN G 280 -24.70 -33.26 17.76
N GLU G 281 -25.77 -33.23 18.55
CA GLU G 281 -25.77 -32.38 19.76
C GLU G 281 -24.61 -32.85 20.63
N ASN G 282 -24.36 -34.13 20.62
CA ASN G 282 -23.32 -34.67 21.52
C ASN G 282 -21.96 -34.48 20.85
N GLY G 283 -21.90 -33.84 19.68
CA GLY G 283 -20.60 -33.54 19.07
C GLY G 283 -20.13 -34.51 18.02
N THR G 284 -21.00 -35.41 17.58
CA THR G 284 -20.60 -36.56 16.75
C THR G 284 -21.20 -36.42 15.36
N ILE G 285 -20.46 -36.68 14.29
CA ILE G 285 -20.98 -36.42 12.93
C ILE G 285 -21.68 -37.64 12.31
N THR G 286 -22.97 -37.59 11.96
CA THR G 286 -23.57 -38.62 11.11
C THR G 286 -23.46 -38.26 9.64
N ASP G 287 -24.30 -37.34 9.18
CA ASP G 287 -24.37 -37.01 7.76
C ASP G 287 -23.23 -36.09 7.37
N ALA G 288 -22.45 -36.54 6.39
CA ALA G 288 -21.49 -35.71 5.68
C ALA G 288 -21.84 -35.75 4.21
N VAL G 289 -21.60 -34.64 3.51
CA VAL G 289 -21.92 -34.53 2.10
C VAL G 289 -20.74 -33.88 1.38
N ASP G 290 -20.28 -34.53 0.31
CA ASP G 290 -19.15 -34.00 -0.49
C ASP G 290 -19.74 -33.09 -1.57
N CYS G 291 -19.30 -31.81 -1.62
CA CYS G 291 -19.83 -30.84 -2.61
C CYS G 291 -19.47 -31.26 -4.04
N ALA G 292 -18.24 -31.73 -4.27
CA ALA G 292 -17.79 -32.05 -5.64
C ALA G 292 -18.19 -33.47 -6.04
N LEU G 293 -19.30 -33.98 -5.51
CA LEU G 293 -19.79 -35.31 -5.89
C LEU G 293 -20.56 -35.28 -7.20
N ASP G 294 -21.71 -34.65 -7.21
CA ASP G 294 -22.45 -34.48 -8.46
C ASP G 294 -22.96 -33.05 -8.52
N PRO G 295 -23.60 -32.63 -9.63
CA PRO G 295 -24.21 -31.29 -9.63
C PRO G 295 -25.30 -31.12 -8.59
N LEU G 296 -25.79 -32.22 -8.02
CA LEU G 296 -26.83 -32.17 -6.95
C LEU G 296 -26.23 -31.83 -5.59
N SER G 297 -25.15 -32.51 -5.18
CA SER G 297 -24.56 -32.31 -3.82
C SER G 297 -24.12 -30.86 -3.61
N GLU G 298 -23.69 -30.20 -4.69
CA GLU G 298 -23.26 -28.77 -4.59
C GLU G 298 -24.43 -27.93 -4.07
N THR G 299 -25.66 -28.26 -4.47
CA THR G 299 -26.86 -27.51 -4.02
C THR G 299 -26.97 -27.58 -2.50
N LYS G 300 -26.70 -28.74 -1.91
CA LYS G 300 -26.80 -28.91 -0.44
C LYS G 300 -25.78 -27.96 0.23
N CYS G 301 -24.58 -27.87 -0.33
CA CYS G 301 -23.55 -26.94 0.20
C CYS G 301 -24.02 -25.49 0.08
N THR G 302 -24.58 -25.13 -1.07
CA THR G 302 -25.10 -23.74 -1.28
C THR G 302 -26.26 -23.47 -0.32
N LEU G 303 -27.18 -24.43 -0.20
CA LEU G 303 -28.34 -24.30 0.71
C LEU G 303 -27.87 -24.32 2.17
N LYS G 304 -26.76 -25.01 2.45
CA LYS G 304 -26.29 -25.17 3.86
C LYS G 304 -27.38 -25.87 4.68
N SER G 305 -28.03 -26.88 4.09
CA SER G 305 -29.06 -27.67 4.82
C SER G 305 -29.18 -29.06 4.20
N PHE G 306 -29.07 -30.12 5.01
CA PHE G 306 -29.23 -31.48 4.50
C PHE G 306 -30.61 -31.74 3.92
N THR G 307 -31.56 -30.84 4.12
CA THR G 307 -32.85 -30.95 3.46
C THR G 307 -33.00 -29.75 2.55
N VAL G 308 -32.92 -29.97 1.25
CA VAL G 308 -33.08 -28.90 0.28
C VAL G 308 -34.55 -28.89 -0.13
N GLU G 309 -35.25 -27.86 0.30
CA GLU G 309 -36.65 -27.75 0.01
C GLU G 309 -36.88 -27.45 -1.47
N LYS G 310 -38.12 -27.67 -1.88
CA LYS G 310 -38.51 -27.57 -3.29
C LYS G 310 -38.13 -26.22 -3.86
N GLY G 311 -37.88 -26.21 -5.16
CA GLY G 311 -37.54 -25.01 -5.88
C GLY G 311 -36.10 -25.03 -6.41
N ILE G 312 -35.84 -24.13 -7.33
CA ILE G 312 -34.62 -24.11 -8.12
C ILE G 312 -33.54 -23.35 -7.39
N TYR G 313 -32.30 -23.83 -7.50
CA TYR G 313 -31.17 -23.21 -6.82
C TYR G 313 -30.02 -23.07 -7.80
N GLN G 314 -29.47 -21.87 -7.88
CA GLN G 314 -28.22 -21.66 -8.59
C GLN G 314 -27.10 -22.15 -7.70
N THR G 315 -26.26 -23.03 -8.24
CA THR G 315 -25.19 -23.67 -7.48
C THR G 315 -23.81 -23.22 -7.93
N SER G 316 -23.46 -23.51 -9.18
CA SER G 316 -22.11 -23.26 -9.68
C SER G 316 -22.20 -22.60 -11.04
N ASN G 317 -21.04 -22.44 -11.67
CA ASN G 317 -20.94 -21.92 -13.02
C ASN G 317 -19.95 -22.79 -13.78
N PHE G 318 -20.17 -22.97 -15.07
CA PHE G 318 -19.23 -23.70 -15.90
C PHE G 318 -18.68 -22.78 -16.98
N ARG G 319 -17.38 -22.81 -17.13
CA ARG G 319 -16.69 -22.00 -18.14
C ARG G 319 -16.07 -22.98 -19.13
N VAL G 320 -16.61 -23.04 -20.33
CA VAL G 320 -16.09 -23.98 -21.31
C VAL G 320 -14.62 -23.67 -21.53
N GLN G 321 -13.79 -24.63 -21.32
CA GLN G 321 -12.38 -24.34 -21.48
C GLN G 321 -11.99 -24.48 -22.95
N PRO G 322 -10.96 -23.75 -23.45
CA PRO G 322 -10.59 -23.80 -24.88
C PRO G 322 -9.75 -25.04 -25.27
N THR G 323 -10.02 -25.62 -26.45
CA THR G 323 -9.32 -26.86 -26.88
C THR G 323 -7.81 -26.63 -27.12
N GLU G 324 -7.42 -25.56 -27.80
CA GLU G 324 -5.98 -25.35 -28.15
C GLU G 324 -5.71 -23.87 -28.48
N SER G 325 -4.45 -23.49 -28.67
CA SER G 325 -4.09 -22.06 -28.89
C SER G 325 -3.85 -21.73 -30.37
N ILE G 326 -4.28 -20.55 -30.83
CA ILE G 326 -3.98 -20.11 -32.19
C ILE G 326 -3.00 -18.95 -32.09
N VAL G 327 -1.81 -19.14 -32.61
CA VAL G 327 -0.86 -18.00 -32.70
C VAL G 327 -0.79 -17.70 -34.20
N ARG G 328 -1.35 -16.58 -34.65
CA ARG G 328 -1.39 -16.38 -36.14
C ARG G 328 -0.60 -15.13 -36.49
N PHE G 329 0.74 -15.23 -36.52
CA PHE G 329 1.59 -14.10 -36.96
C PHE G 329 1.42 -13.97 -38.47
N PRO G 330 1.63 -12.78 -39.09
CA PRO G 330 1.31 -12.60 -40.51
C PRO G 330 2.06 -13.48 -41.52
N ASN G 331 1.69 -13.37 -42.80
CA ASN G 331 2.28 -14.27 -43.82
C ASN G 331 3.67 -13.76 -44.21
N ILE G 332 4.71 -14.56 -43.98
CA ILE G 332 6.12 -14.21 -44.35
C ILE G 332 6.65 -13.10 -43.43
N ASN G 334 9.58 -12.35 -41.07
CA ASN G 334 10.63 -12.28 -42.08
C ASN G 334 11.24 -13.65 -42.31
N LEU G 335 12.49 -13.64 -42.77
CA LEU G 335 13.38 -14.79 -42.80
C LEU G 335 14.80 -14.27 -42.63
N CYS G 336 15.62 -15.05 -41.94
CA CYS G 336 17.00 -14.62 -41.74
C CYS G 336 17.86 -15.09 -42.91
N PRO G 337 18.78 -14.25 -43.42
CA PRO G 337 19.48 -14.53 -44.68
C PRO G 337 20.57 -15.59 -44.59
N PHE G 338 20.19 -16.79 -44.15
CA PHE G 338 21.16 -17.88 -44.05
C PHE G 338 21.44 -18.47 -45.43
N GLY G 339 20.52 -18.29 -46.37
CA GLY G 339 20.82 -18.58 -47.76
C GLY G 339 21.73 -17.54 -48.37
N GLU G 340 21.81 -16.36 -47.77
CA GLU G 340 22.69 -15.30 -48.24
C GLU G 340 24.01 -15.26 -47.49
N VAL G 341 24.10 -15.92 -46.34
CA VAL G 341 25.34 -15.97 -45.57
C VAL G 341 26.02 -17.30 -45.85
N PHE G 342 25.27 -18.39 -45.76
CA PHE G 342 25.88 -19.71 -45.79
C PHE G 342 26.11 -20.17 -47.22
N ASN G 343 25.27 -19.74 -48.16
CA ASN G 343 25.53 -19.98 -49.56
C ASN G 343 26.17 -18.77 -50.24
N ALA G 344 26.86 -17.91 -49.49
CA ALA G 344 27.46 -16.72 -50.06
C ALA G 344 28.66 -17.09 -50.93
N THR G 345 28.98 -16.19 -51.86
CA THR G 345 29.91 -16.54 -52.93
C THR G 345 31.33 -16.09 -52.64
N ARG G 346 31.54 -15.21 -51.66
CA ARG G 346 32.84 -14.58 -51.50
C ARG G 346 33.04 -14.19 -50.04
N PHE G 347 33.76 -15.02 -49.29
CA PHE G 347 34.17 -14.69 -47.94
C PHE G 347 35.53 -14.02 -47.98
N ALA G 348 35.69 -13.00 -47.16
CA ALA G 348 36.98 -12.35 -47.05
C ALA G 348 37.92 -13.17 -46.16
N SER G 349 39.15 -12.69 -46.05
CA SER G 349 40.12 -13.36 -45.20
C SER G 349 39.90 -12.97 -43.75
N VAL G 350 40.88 -13.34 -42.92
CA VAL G 350 40.70 -13.19 -41.48
C VAL G 350 41.27 -11.86 -41.01
N TYR G 351 42.06 -11.19 -41.86
CA TYR G 351 42.58 -9.89 -41.46
C TYR G 351 41.51 -8.82 -41.61
N ALA G 352 40.53 -9.06 -42.46
CA ALA G 352 39.41 -8.16 -42.71
C ALA G 352 38.08 -8.88 -42.77
N TRP G 353 37.79 -9.73 -41.78
CA TRP G 353 36.63 -10.61 -41.81
C TRP G 353 35.31 -9.85 -41.81
N ASN G 354 34.35 -10.38 -42.55
CA ASN G 354 33.06 -9.75 -42.71
C ASN G 354 32.15 -10.09 -41.54
N ARG G 355 31.41 -9.08 -41.09
CA ARG G 355 30.53 -9.19 -39.95
C ARG G 355 29.16 -8.65 -40.34
N LYS G 356 28.11 -9.40 -40.00
CA LYS G 356 26.76 -9.06 -40.42
C LYS G 356 25.85 -9.16 -39.20
N ARG G 357 25.45 -7.99 -38.68
CA ARG G 357 24.49 -7.94 -37.59
C ARG G 357 23.13 -8.37 -38.09
N ILE G 358 22.58 -9.41 -37.48
CA ILE G 358 21.31 -9.96 -37.93
C ILE G 358 20.33 -9.96 -36.76
N SER G 359 19.12 -9.47 -37.05
CA SER G 359 18.01 -9.39 -36.12
C SER G 359 16.74 -9.23 -36.95
N ASN G 360 15.59 -9.29 -36.28
CA ASN G 360 14.27 -8.99 -36.85
C ASN G 360 13.91 -9.92 -38.00
N CYS G 361 14.07 -11.22 -37.75
CA CYS G 361 13.75 -12.26 -38.71
C CYS G 361 13.57 -13.57 -37.95
N VAL G 362 13.48 -14.69 -38.66
CA VAL G 362 13.23 -15.98 -38.02
C VAL G 362 14.30 -16.99 -38.44
N ALA G 363 14.60 -17.88 -37.51
CA ALA G 363 15.72 -18.80 -37.64
C ALA G 363 15.30 -20.08 -38.33
N ASP G 364 16.09 -20.53 -39.28
CA ASP G 364 15.83 -21.75 -40.03
C ASP G 364 16.73 -22.89 -39.54
N TYR G 365 16.90 -23.01 -38.22
CA TYR G 365 17.87 -23.89 -37.57
C TYR G 365 17.79 -25.37 -37.92
N SER G 366 16.70 -25.80 -38.54
CA SER G 366 16.52 -27.17 -38.99
C SER G 366 17.58 -27.61 -39.98
N VAL G 367 17.66 -26.92 -41.13
CA VAL G 367 18.52 -27.38 -42.22
C VAL G 367 19.99 -27.17 -41.93
N LEU G 368 20.30 -26.41 -40.88
CA LEU G 368 21.65 -26.35 -40.34
C LEU G 368 22.14 -27.74 -39.97
N TYR G 369 21.29 -28.50 -39.29
CA TYR G 369 21.66 -29.86 -38.90
C TYR G 369 21.42 -30.81 -40.06
N ASN G 370 20.45 -30.48 -40.91
CA ASN G 370 20.15 -31.34 -42.05
C ASN G 370 21.13 -31.12 -43.20
N SER G 371 22.02 -30.13 -43.09
CA SER G 371 23.05 -29.92 -44.10
C SER G 371 24.00 -31.10 -44.17
N ALA G 372 24.72 -31.36 -43.07
CA ALA G 372 25.53 -32.57 -42.85
C ALA G 372 26.65 -32.74 -43.88
N SER G 373 27.03 -31.67 -44.55
CA SER G 373 28.23 -31.63 -45.37
C SER G 373 29.35 -30.83 -44.71
N PHE G 374 29.24 -30.60 -43.41
CA PHE G 374 30.08 -29.65 -42.70
C PHE G 374 31.05 -30.42 -41.82
N SER G 375 32.34 -30.10 -41.95
CA SER G 375 33.39 -30.81 -41.24
C SER G 375 33.31 -30.63 -39.72
N THR G 376 33.51 -29.41 -39.24
CA THR G 376 33.60 -29.17 -37.82
C THR G 376 32.50 -28.22 -37.41
N PHE G 377 31.51 -28.73 -36.69
CA PHE G 377 30.27 -28.02 -36.40
C PHE G 377 30.02 -28.14 -34.91
N LYS G 378 30.40 -27.13 -34.13
CA LYS G 378 30.22 -27.24 -32.70
C LYS G 378 29.48 -26.04 -32.16
N CYS G 379 28.95 -26.18 -30.94
CA CYS G 379 28.11 -25.16 -30.36
C CYS G 379 28.40 -25.06 -28.87
N TYR G 380 27.79 -24.06 -28.25
CA TYR G 380 27.99 -23.75 -26.84
C TYR G 380 26.69 -23.16 -26.30
N GLY G 381 26.78 -22.57 -25.11
CA GLY G 381 25.65 -21.93 -24.48
C GLY G 381 24.65 -22.89 -23.88
N VAL G 382 23.89 -23.59 -24.72
CA VAL G 382 23.12 -24.76 -24.34
C VAL G 382 23.02 -25.57 -25.63
N SER G 383 22.65 -26.85 -25.52
CA SER G 383 22.75 -27.91 -26.53
C SER G 383 22.25 -27.52 -27.93
N PRO G 384 22.82 -28.08 -29.00
CA PRO G 384 22.37 -27.69 -30.35
C PRO G 384 20.96 -28.13 -30.69
N THR G 385 20.48 -29.24 -30.13
CA THR G 385 19.08 -29.61 -30.32
C THR G 385 18.16 -28.64 -29.58
N LYS G 386 18.66 -28.06 -28.49
CA LYS G 386 17.82 -27.18 -27.70
C LYS G 386 17.71 -25.80 -28.31
N LEU G 387 18.63 -25.43 -29.22
CA LEU G 387 18.66 -24.05 -29.65
C LEU G 387 17.67 -23.74 -30.75
N ASN G 388 16.87 -24.71 -31.17
CA ASN G 388 15.88 -24.51 -32.23
C ASN G 388 14.86 -23.45 -31.84
N ASP G 389 14.45 -23.45 -30.57
CA ASP G 389 13.44 -22.51 -30.11
C ASP G 389 14.03 -21.45 -29.18
N LEU G 390 15.04 -21.82 -28.40
CA LEU G 390 15.63 -20.91 -27.43
C LEU G 390 16.38 -19.80 -28.16
N CYS G 391 15.79 -18.60 -28.20
CA CYS G 391 16.10 -17.65 -29.24
C CYS G 391 16.65 -16.35 -28.65
N PHE G 392 16.97 -15.42 -29.57
CA PHE G 392 18.07 -14.48 -29.41
C PHE G 392 17.63 -13.05 -29.64
N THR G 393 18.27 -12.13 -28.92
CA THR G 393 17.96 -10.72 -29.11
C THR G 393 18.59 -10.18 -30.38
N ASN G 394 19.89 -10.45 -30.57
CA ASN G 394 20.67 -9.84 -31.64
C ASN G 394 21.91 -10.66 -31.94
N VAL G 395 21.96 -11.23 -33.14
CA VAL G 395 23.04 -12.16 -33.41
C VAL G 395 24.06 -11.47 -34.29
N TYR G 396 25.30 -11.94 -34.18
CA TYR G 396 26.40 -11.46 -35.00
C TYR G 396 26.90 -12.62 -35.83
N ALA G 397 26.71 -12.53 -37.14
CA ALA G 397 27.17 -13.57 -38.04
C ALA G 397 28.43 -13.08 -38.74
N ASP G 398 29.59 -13.57 -38.33
CA ASP G 398 30.82 -13.12 -38.96
C ASP G 398 31.59 -14.32 -39.51
N SER G 399 32.10 -14.17 -40.74
CA SER G 399 32.67 -15.31 -41.43
C SER G 399 34.01 -14.95 -42.04
N PHE G 400 34.83 -15.98 -42.27
CA PHE G 400 36.14 -15.84 -42.87
C PHE G 400 36.60 -17.21 -43.36
N VAL G 401 37.80 -17.24 -43.93
CA VAL G 401 38.37 -18.45 -44.53
C VAL G 401 39.75 -18.68 -43.93
N ILE G 402 39.96 -19.86 -43.35
CA ILE G 402 41.24 -20.20 -42.73
C ILE G 402 41.65 -21.58 -43.22
N ARG G 403 42.79 -22.06 -42.70
CA ARG G 403 43.37 -23.31 -43.16
C ARG G 403 42.77 -24.50 -42.44
N GLY G 404 42.94 -25.67 -43.04
CA GLY G 404 42.37 -26.88 -42.48
C GLY G 404 43.09 -27.38 -41.25
N ASP G 405 44.28 -26.86 -41.00
CA ASP G 405 45.02 -27.25 -39.79
C ASP G 405 44.73 -26.29 -38.64
N GLU G 406 44.59 -25.00 -38.94
CA GLU G 406 44.51 -24.00 -37.88
C GLU G 406 43.12 -23.87 -37.28
N VAL G 407 42.15 -24.65 -37.75
CA VAL G 407 40.76 -24.43 -37.34
C VAL G 407 40.55 -24.85 -35.91
N ARG G 408 41.41 -25.73 -35.39
CA ARG G 408 41.33 -26.10 -33.98
C ARG G 408 41.78 -24.94 -33.09
N GLN G 409 42.56 -24.01 -33.65
CA GLN G 409 42.80 -22.75 -32.97
C GLN G 409 41.50 -22.00 -32.73
N ILE G 410 40.58 -22.06 -33.70
CA ILE G 410 39.26 -21.47 -33.49
C ILE G 410 38.52 -22.34 -32.50
N ALA G 411 38.44 -21.85 -31.27
CA ALA G 411 37.78 -22.40 -30.11
C ALA G 411 37.82 -21.30 -29.09
N PRO G 412 36.76 -21.09 -28.32
CA PRO G 412 36.74 -19.97 -27.37
C PRO G 412 37.72 -20.18 -26.22
N GLY G 413 38.79 -19.41 -26.23
CA GLY G 413 39.84 -19.55 -25.23
C GLY G 413 40.92 -20.54 -25.60
N GLN G 414 41.54 -20.34 -26.75
CA GLN G 414 42.73 -21.09 -27.13
C GLN G 414 43.78 -20.12 -27.67
N THR G 415 44.92 -20.68 -28.09
CA THR G 415 46.00 -19.89 -28.65
C THR G 415 46.28 -20.38 -30.06
N GLY G 416 47.35 -19.85 -30.64
CA GLY G 416 47.63 -20.04 -32.04
C GLY G 416 47.19 -18.85 -32.88
N LYS G 417 47.77 -18.77 -34.08
CA LYS G 417 47.94 -17.49 -34.79
C LYS G 417 46.62 -16.82 -35.09
N ILE G 418 45.63 -17.59 -35.54
CA ILE G 418 44.33 -17.04 -35.91
C ILE G 418 43.62 -16.49 -34.69
N ALA G 419 43.75 -17.20 -33.56
CA ALA G 419 43.19 -16.66 -32.34
C ALA G 419 44.17 -15.75 -31.61
N ASP G 420 45.37 -15.55 -32.13
CA ASP G 420 46.28 -14.69 -31.40
C ASP G 420 46.29 -13.28 -31.98
N TYR G 421 46.30 -13.17 -33.30
CA TYR G 421 46.46 -11.87 -33.91
C TYR G 421 45.42 -11.57 -34.97
N ASN G 422 44.56 -12.54 -35.31
CA ASN G 422 43.68 -12.43 -36.47
C ASN G 422 42.23 -12.25 -36.05
N TYR G 423 41.70 -13.14 -35.24
CA TYR G 423 40.30 -13.12 -34.86
C TYR G 423 40.14 -13.78 -33.51
N LYS G 424 39.50 -13.09 -32.56
CA LYS G 424 39.55 -13.53 -31.18
C LYS G 424 38.16 -13.80 -30.64
N LEU G 425 37.89 -15.08 -30.37
CA LEU G 425 36.74 -15.46 -29.58
C LEU G 425 36.92 -14.99 -28.14
N PRO G 426 35.85 -14.60 -27.45
CA PRO G 426 35.99 -14.01 -26.12
C PRO G 426 36.29 -15.03 -25.04
N ASP G 427 36.33 -14.58 -23.79
CA ASP G 427 36.53 -15.50 -22.68
C ASP G 427 35.24 -16.22 -22.31
N ASP G 428 34.10 -15.57 -22.49
CA ASP G 428 32.80 -16.19 -22.24
C ASP G 428 31.98 -16.04 -23.51
N PHE G 429 31.66 -17.17 -24.14
CA PHE G 429 31.14 -17.19 -25.49
C PHE G 429 29.89 -18.06 -25.54
N THR G 430 29.00 -17.77 -26.47
CA THR G 430 27.74 -18.49 -26.57
C THR G 430 27.59 -19.25 -27.88
N GLY G 431 28.08 -18.69 -28.98
CA GLY G 431 27.65 -19.10 -30.31
C GLY G 431 28.23 -20.40 -30.80
N CYS G 432 27.96 -20.69 -32.06
CA CYS G 432 28.39 -21.91 -32.72
C CYS G 432 29.49 -21.59 -33.72
N VAL G 433 30.44 -22.51 -33.83
CA VAL G 433 31.46 -22.45 -34.85
C VAL G 433 31.05 -23.42 -35.93
N ILE G 434 30.82 -22.91 -37.11
CA ILE G 434 30.45 -23.73 -38.24
C ILE G 434 31.59 -23.72 -39.23
N ALA G 435 32.06 -24.90 -39.60
CA ALA G 435 33.28 -25.05 -40.36
C ALA G 435 33.12 -26.14 -41.40
N TRP G 436 33.47 -25.83 -42.64
CA TRP G 436 33.50 -26.84 -43.68
C TRP G 436 34.58 -26.49 -44.69
N ASN G 437 34.85 -27.45 -45.56
CA ASN G 437 35.80 -27.29 -46.63
C ASN G 437 35.13 -26.71 -47.86
N SER G 438 35.85 -25.79 -48.51
CA SER G 438 35.48 -25.31 -49.81
C SER G 438 36.62 -25.48 -50.81
N ASN G 439 37.22 -26.68 -50.85
CA ASN G 439 38.41 -26.91 -51.66
C ASN G 439 38.10 -26.81 -53.16
N ASN G 440 36.89 -27.16 -53.56
CA ASN G 440 36.53 -27.11 -54.96
C ASN G 440 36.30 -25.70 -55.49
N LEU G 441 36.28 -24.70 -54.61
CA LEU G 441 36.08 -23.32 -55.03
C LEU G 441 37.32 -22.46 -54.82
N ASP G 442 37.85 -22.45 -53.60
CA ASP G 442 38.89 -21.51 -53.20
C ASP G 442 40.22 -21.85 -53.84
N SER G 443 40.71 -23.06 -53.56
CA SER G 443 42.03 -23.47 -54.05
C SER G 443 41.98 -23.72 -55.55
N LYS G 444 42.76 -22.94 -56.29
CA LYS G 444 42.72 -22.97 -57.74
C LYS G 444 44.07 -23.39 -58.29
N VAL G 445 44.04 -24.08 -59.43
CA VAL G 445 45.28 -24.39 -60.14
C VAL G 445 45.87 -23.12 -60.71
N GLY G 446 47.20 -23.07 -60.75
CA GLY G 446 47.89 -21.81 -60.93
C GLY G 446 48.09 -21.03 -59.65
N GLY G 447 47.50 -21.48 -58.55
CA GLY G 447 47.73 -20.93 -57.23
C GLY G 447 46.62 -19.97 -56.80
N ASN G 448 46.13 -20.17 -55.58
CA ASN G 448 45.25 -19.21 -54.92
C ASN G 448 46.11 -18.43 -53.94
N TYR G 449 46.19 -17.13 -54.14
CA TYR G 449 46.84 -16.22 -53.21
C TYR G 449 46.00 -14.98 -52.97
N ASN G 450 44.70 -15.07 -53.19
CA ASN G 450 43.78 -14.02 -52.81
C ASN G 450 43.75 -13.86 -51.30
N TYR G 451 43.78 -14.98 -50.58
CA TYR G 451 43.56 -14.94 -49.14
C TYR G 451 44.80 -14.48 -48.40
N LEU G 452 44.57 -13.93 -47.22
CA LEU G 452 45.62 -13.32 -46.41
C LEU G 452 45.34 -13.60 -44.94
N TYR G 453 46.23 -13.12 -44.08
CA TYR G 453 46.10 -13.16 -42.64
C TYR G 453 47.19 -12.28 -42.07
N ARG G 454 47.04 -11.92 -40.80
CA ARG G 454 48.06 -11.18 -40.08
C ARG G 454 48.90 -12.15 -39.27
N LEU G 455 50.21 -12.04 -39.39
CA LEU G 455 51.12 -12.94 -38.71
C LEU G 455 51.73 -12.34 -37.46
N PHE G 456 51.73 -11.02 -37.31
CA PHE G 456 52.36 -10.39 -36.15
C PHE G 456 51.63 -9.12 -35.77
N ARG G 457 51.73 -8.79 -34.49
CA ARG G 457 51.19 -7.59 -33.86
C ARG G 457 51.84 -7.51 -32.50
N LYS G 458 51.95 -6.30 -31.95
CA LYS G 458 52.67 -6.07 -30.70
C LYS G 458 51.84 -6.40 -29.46
N SER G 459 50.68 -7.02 -29.61
CA SER G 459 49.94 -7.55 -28.48
C SER G 459 48.98 -8.61 -28.99
N ASN G 460 48.46 -9.42 -28.06
CA ASN G 460 47.36 -10.30 -28.40
C ASN G 460 46.11 -9.48 -28.69
N LEU G 461 45.18 -10.09 -29.42
CA LEU G 461 44.09 -9.35 -30.01
C LEU G 461 42.88 -9.32 -29.09
N LYS G 462 42.28 -8.14 -28.97
CA LYS G 462 41.08 -7.96 -28.19
C LYS G 462 39.93 -8.72 -28.84
N PRO G 463 38.96 -9.21 -28.08
CA PRO G 463 37.96 -10.13 -28.63
C PRO G 463 36.99 -9.45 -29.61
N PHE G 464 36.74 -10.13 -30.71
CA PHE G 464 35.90 -9.73 -31.84
C PHE G 464 36.34 -8.48 -32.57
N GLU G 465 37.55 -8.00 -32.37
CA GLU G 465 37.98 -6.78 -33.05
C GLU G 465 38.96 -7.14 -34.15
N ARG G 466 38.62 -6.79 -35.39
CA ARG G 466 39.49 -7.03 -36.52
C ARG G 466 40.70 -6.10 -36.49
N ASP G 467 41.64 -6.35 -37.38
CA ASP G 467 42.84 -5.55 -37.48
C ASP G 467 43.16 -5.36 -38.96
N ILE G 468 42.70 -4.24 -39.52
CA ILE G 468 42.97 -3.93 -40.92
C ILE G 468 44.19 -3.05 -41.08
N SER G 469 44.76 -2.59 -39.96
CA SER G 469 45.92 -1.70 -39.99
C SER G 469 47.15 -2.46 -40.49
N THR G 470 47.49 -2.24 -41.75
CA THR G 470 48.57 -2.95 -42.41
C THR G 470 49.90 -2.22 -42.33
N GLU G 471 50.11 -1.38 -41.32
CA GLU G 471 51.38 -0.71 -41.13
C GLU G 471 52.44 -1.69 -40.66
N ILE G 472 53.69 -1.28 -40.74
CA ILE G 472 54.82 -2.12 -40.37
C ILE G 472 54.98 -2.14 -38.87
N TYR G 473 55.08 -3.33 -38.29
CA TYR G 473 55.43 -3.48 -36.88
C TYR G 473 56.94 -3.53 -36.78
N GLN G 474 57.48 -2.97 -35.71
CA GLN G 474 58.92 -2.89 -35.50
C GLN G 474 59.27 -3.80 -34.32
N ALA G 475 59.71 -5.02 -34.64
CA ALA G 475 60.00 -5.99 -33.60
C ALA G 475 61.24 -5.58 -32.81
N GLY G 476 62.35 -5.35 -33.50
CA GLY G 476 63.48 -4.73 -32.87
C GLY G 476 63.29 -3.23 -32.74
N SER G 477 64.24 -2.61 -32.05
CA SER G 477 64.12 -1.20 -31.69
C SER G 477 64.42 -0.26 -32.85
N THR G 478 64.99 -0.74 -33.94
CA THR G 478 65.38 0.13 -35.06
C THR G 478 64.16 0.63 -35.82
N PRO G 479 63.88 1.94 -35.85
CA PRO G 479 62.63 2.42 -36.43
C PRO G 479 62.64 2.37 -37.95
N CYS G 480 61.71 1.58 -38.50
CA CYS G 480 61.54 1.50 -39.94
C CYS G 480 60.59 2.58 -40.46
N ASN G 481 59.59 2.93 -39.67
CA ASN G 481 58.70 4.09 -39.88
C ASN G 481 57.96 4.01 -41.21
N GLY G 482 57.10 3.00 -41.32
CA GLY G 482 56.18 2.87 -42.42
C GLY G 482 56.71 2.06 -43.59
N VAL G 483 57.95 2.30 -44.00
CA VAL G 483 58.58 1.49 -45.04
C VAL G 483 59.16 0.27 -44.34
N GLU G 484 59.38 -0.80 -45.11
CA GLU G 484 59.96 -2.01 -44.57
C GLU G 484 61.43 -1.81 -44.28
N GLY G 485 62.04 -2.78 -43.60
CA GLY G 485 63.47 -2.69 -43.34
C GLY G 485 64.01 -3.81 -42.47
N PHE G 486 64.99 -3.49 -41.62
CA PHE G 486 65.59 -4.46 -40.74
C PHE G 486 65.02 -4.33 -39.33
N ASN G 487 64.88 -5.50 -38.69
CA ASN G 487 64.25 -5.80 -37.40
C ASN G 487 62.73 -5.71 -37.49
N CYS G 488 62.21 -5.29 -38.63
CA CYS G 488 60.80 -5.10 -38.85
C CYS G 488 60.38 -5.92 -40.05
N TYR G 489 59.18 -6.48 -39.99
CA TYR G 489 58.65 -7.27 -41.09
C TYR G 489 57.38 -6.63 -41.60
N PHE G 490 56.90 -7.16 -42.71
CA PHE G 490 55.58 -6.81 -43.19
C PHE G 490 54.55 -7.46 -42.27
N PRO G 491 53.39 -6.84 -42.05
CA PRO G 491 52.40 -7.47 -41.15
C PRO G 491 51.72 -8.70 -41.74
N LEU G 492 51.29 -8.66 -42.99
CA LEU G 492 50.38 -9.65 -43.52
C LEU G 492 51.14 -10.71 -44.32
N GLN G 493 50.47 -11.83 -44.55
CA GLN G 493 51.01 -12.89 -45.39
C GLN G 493 49.82 -13.59 -46.02
N SER G 494 50.04 -14.19 -47.17
CA SER G 494 49.01 -14.98 -47.81
C SER G 494 48.97 -16.39 -47.22
N TYR G 495 48.00 -17.17 -47.68
CA TYR G 495 48.03 -18.63 -47.62
C TYR G 495 48.45 -19.13 -48.99
N GLY G 496 48.90 -20.38 -49.06
CA GLY G 496 49.11 -21.02 -50.35
C GLY G 496 48.07 -22.08 -50.58
N PHE G 497 47.09 -21.80 -51.44
CA PHE G 497 46.05 -22.78 -51.73
C PHE G 497 46.13 -23.22 -53.18
N GLN G 498 46.20 -24.53 -53.38
CA GLN G 498 46.00 -25.25 -54.63
C GLN G 498 45.31 -26.54 -54.27
N PRO G 499 44.62 -27.18 -55.23
CA PRO G 499 44.12 -28.55 -54.96
C PRO G 499 45.21 -29.62 -54.89
N THR G 500 46.47 -29.24 -55.14
CA THR G 500 47.61 -30.11 -54.87
C THR G 500 47.92 -30.22 -53.38
N ASN G 501 47.26 -29.42 -52.55
CA ASN G 501 47.48 -29.52 -51.11
C ASN G 501 46.88 -30.82 -50.56
N GLY G 502 47.41 -31.26 -49.43
CA GLY G 502 46.80 -32.36 -48.72
C GLY G 502 45.52 -31.94 -48.02
N VAL G 503 44.90 -32.91 -47.34
CA VAL G 503 43.60 -32.69 -46.72
C VAL G 503 43.73 -31.79 -45.49
N GLY G 504 44.91 -31.74 -44.89
CA GLY G 504 45.12 -30.87 -43.76
C GLY G 504 45.31 -29.42 -44.16
N TYR G 505 45.60 -29.18 -45.43
CA TYR G 505 45.85 -27.83 -45.92
C TYR G 505 44.72 -27.30 -46.78
N GLN G 506 43.50 -27.77 -46.56
CA GLN G 506 42.37 -27.38 -47.39
C GLN G 506 41.66 -26.18 -46.78
N PRO G 507 41.11 -25.27 -47.59
CA PRO G 507 40.50 -24.06 -47.05
C PRO G 507 39.14 -24.34 -46.44
N TYR G 508 38.98 -23.86 -45.21
CA TYR G 508 37.70 -23.91 -44.53
C TYR G 508 37.07 -22.54 -44.59
N ARG G 509 35.78 -22.52 -44.91
CA ARG G 509 35.00 -21.29 -44.85
C ARG G 509 34.28 -21.26 -43.51
N VAL G 510 34.99 -20.85 -42.47
CA VAL G 510 34.49 -20.84 -41.12
C VAL G 510 33.55 -19.66 -40.98
N VAL G 511 32.28 -19.94 -40.71
CA VAL G 511 31.34 -18.91 -40.29
C VAL G 511 31.07 -19.12 -38.82
N VAL G 512 31.08 -18.03 -38.07
CA VAL G 512 30.89 -18.06 -36.63
C VAL G 512 29.63 -17.30 -36.31
N LEU G 513 28.75 -17.93 -35.54
CA LEU G 513 27.53 -17.29 -35.09
C LEU G 513 27.65 -16.99 -33.61
N SER G 514 27.37 -15.75 -33.24
CA SER G 514 27.53 -15.35 -31.86
C SER G 514 26.24 -14.71 -31.39
N PHE G 515 25.90 -14.95 -30.13
CA PHE G 515 24.56 -14.61 -29.66
C PHE G 515 24.67 -13.82 -28.37
N GLU G 516 23.53 -13.26 -27.94
CA GLU G 516 23.50 -12.41 -26.76
C GLU G 516 22.09 -12.36 -26.22
N LEU G 517 21.90 -11.56 -25.15
CA LEU G 517 20.61 -11.36 -24.51
C LEU G 517 20.63 -10.03 -23.78
N LEU G 518 19.57 -9.24 -23.94
CA LEU G 518 19.56 -7.85 -23.47
C LEU G 518 18.17 -7.47 -22.99
N HIS G 519 18.05 -6.21 -22.53
CA HIS G 519 16.77 -5.52 -22.34
C HIS G 519 15.95 -5.46 -23.63
N ALA G 520 16.61 -5.50 -24.78
CA ALA G 520 15.99 -5.67 -26.08
C ALA G 520 15.28 -7.01 -26.16
N PRO G 521 14.19 -7.09 -26.92
CA PRO G 521 13.46 -8.37 -27.02
C PRO G 521 14.16 -9.31 -27.96
N ALA G 522 13.66 -10.54 -27.98
CA ALA G 522 14.18 -11.58 -28.87
C ALA G 522 13.72 -11.27 -30.28
N THR G 523 14.44 -10.37 -30.95
CA THR G 523 14.03 -9.91 -32.27
C THR G 523 14.21 -10.96 -33.35
N VAL G 524 15.21 -11.83 -33.21
CA VAL G 524 15.38 -12.96 -34.11
C VAL G 524 14.99 -14.23 -33.37
N CYS G 525 13.99 -14.95 -33.89
CA CYS G 525 13.48 -16.06 -33.13
C CYS G 525 12.90 -17.12 -34.04
N GLY G 526 13.17 -18.38 -33.69
CA GLY G 526 12.69 -19.50 -34.46
C GLY G 526 11.20 -19.74 -34.27
N PRO G 527 10.70 -20.82 -34.90
CA PRO G 527 9.27 -21.14 -34.85
C PRO G 527 8.80 -21.62 -33.48
N LYS G 529 6.44 -18.72 -34.94
CA LYS G 529 5.51 -19.83 -35.28
C LYS G 529 4.06 -19.42 -35.36
N SER G 530 3.45 -19.67 -36.52
CA SER G 530 1.99 -19.42 -36.62
C SER G 530 1.33 -20.80 -36.47
N THR G 531 0.74 -21.10 -35.31
CA THR G 531 0.00 -22.39 -35.17
C THR G 531 -1.10 -22.45 -36.24
N ASN G 532 -1.46 -23.64 -36.70
CA ASN G 532 -2.44 -23.76 -37.81
C ASN G 532 -3.75 -23.09 -37.38
N LEU G 533 -4.36 -22.30 -38.27
CA LEU G 533 -5.60 -21.56 -37.91
C LEU G 533 -6.74 -22.55 -37.67
N VAL G 534 -7.33 -22.49 -36.47
CA VAL G 534 -8.52 -23.36 -36.16
C VAL G 534 -9.77 -22.49 -36.32
N LYS G 535 -10.85 -23.03 -36.89
CA LYS G 535 -12.09 -22.23 -37.10
C LYS G 535 -13.32 -22.94 -36.52
N ASN G 536 -14.30 -22.15 -36.08
CA ASN G 536 -15.60 -22.64 -35.52
C ASN G 536 -15.36 -23.52 -34.28
N LYS G 537 -14.37 -23.20 -33.46
CA LYS G 537 -14.10 -23.99 -32.23
C LYS G 537 -13.64 -23.06 -31.10
N CYS G 538 -13.94 -23.43 -29.85
CA CYS G 538 -13.49 -22.62 -28.68
C CYS G 538 -11.97 -22.76 -28.59
N VAL G 539 -11.23 -21.68 -28.86
CA VAL G 539 -9.78 -21.76 -28.87
C VAL G 539 -9.24 -20.60 -28.06
N ASN G 540 -7.96 -20.65 -27.78
CA ASN G 540 -7.30 -19.57 -27.05
C ASN G 540 -6.32 -18.93 -28.03
N PHE G 541 -6.69 -17.79 -28.59
CA PHE G 541 -6.04 -17.33 -29.80
C PHE G 541 -5.10 -16.16 -29.53
N ASN G 542 -4.04 -16.11 -30.34
CA ASN G 542 -3.16 -14.94 -30.41
C ASN G 542 -3.04 -14.55 -31.88
N PHE G 543 -3.45 -13.33 -32.20
CA PHE G 543 -3.33 -12.79 -33.55
C PHE G 543 -2.41 -11.58 -33.52
N ASN G 544 -1.24 -11.71 -34.13
CA ASN G 544 -0.28 -10.62 -34.25
C ASN G 544 -0.10 -9.89 -32.93
N GLY G 545 0.11 -10.69 -31.87
CA GLY G 545 0.23 -10.16 -30.54
C GLY G 545 -1.07 -9.93 -29.81
N LEU G 546 -2.20 -9.85 -30.51
CA LEU G 546 -3.49 -9.76 -29.85
C LEU G 546 -3.87 -11.12 -29.30
N THR G 547 -4.09 -11.21 -28.00
CA THR G 547 -4.48 -12.46 -27.37
C THR G 547 -5.94 -12.40 -26.95
N GLY G 548 -6.59 -13.55 -26.98
CA GLY G 548 -7.96 -13.65 -26.55
C GLY G 548 -8.40 -15.08 -26.69
N THR G 549 -9.51 -15.39 -26.02
CA THR G 549 -10.08 -16.72 -26.03
C THR G 549 -11.55 -16.62 -26.41
N GLY G 550 -11.90 -17.23 -27.54
CA GLY G 550 -13.26 -17.14 -27.99
C GLY G 550 -13.55 -18.17 -29.04
N VAL G 551 -14.72 -18.03 -29.67
CA VAL G 551 -15.14 -18.91 -30.75
C VAL G 551 -14.94 -18.15 -32.05
N LEU G 552 -13.94 -18.55 -32.81
CA LEU G 552 -13.61 -17.86 -34.05
C LEU G 552 -14.50 -18.40 -35.15
N THR G 553 -15.21 -17.51 -35.84
CA THR G 553 -16.14 -17.91 -36.88
C THR G 553 -15.90 -17.06 -38.11
N GLU G 554 -16.48 -17.47 -39.23
CA GLU G 554 -16.55 -16.57 -40.37
C GLU G 554 -17.52 -15.45 -40.06
N SER G 555 -17.31 -14.30 -40.71
CA SER G 555 -18.13 -13.14 -40.43
C SER G 555 -18.22 -12.27 -41.66
N ASN G 556 -19.36 -11.61 -41.81
CA ASN G 556 -19.62 -10.79 -42.98
C ASN G 556 -19.25 -9.33 -42.82
N LYS G 557 -18.94 -8.89 -41.60
CA LYS G 557 -18.57 -7.49 -41.40
C LYS G 557 -17.28 -7.18 -42.14
N LYS G 558 -17.23 -6.00 -42.76
CA LYS G 558 -16.21 -5.69 -43.75
C LYS G 558 -15.32 -4.56 -43.24
N PHE G 559 -14.05 -4.85 -43.03
CA PHE G 559 -13.11 -3.84 -42.54
C PHE G 559 -12.75 -2.84 -43.61
N LEU G 560 -12.20 -1.73 -43.18
CA LEU G 560 -11.34 -0.95 -44.03
C LEU G 560 -9.97 -1.58 -44.09
N PRO G 561 -9.28 -1.47 -45.22
CA PRO G 561 -8.04 -2.24 -45.43
C PRO G 561 -6.96 -2.03 -44.38
N PHE G 562 -6.71 -0.80 -43.96
CA PHE G 562 -5.61 -0.53 -43.05
C PHE G 562 -5.90 -1.00 -41.63
N GLN G 563 -7.16 -1.26 -41.32
CA GLN G 563 -7.61 -1.53 -39.96
C GLN G 563 -7.07 -2.85 -39.45
N GLN G 564 -7.15 -3.02 -38.13
CA GLN G 564 -6.73 -4.26 -37.49
C GLN G 564 -7.89 -4.90 -36.72
N PHE G 565 -8.27 -4.35 -35.58
CA PHE G 565 -9.30 -4.94 -34.74
C PHE G 565 -10.65 -4.33 -35.06
N GLY G 566 -11.65 -5.18 -35.22
CA GLY G 566 -13.00 -4.73 -34.97
C GLY G 566 -13.25 -4.64 -33.48
N ARG G 567 -14.23 -3.83 -33.10
CA ARG G 567 -14.59 -3.74 -31.69
C ARG G 567 -16.10 -3.55 -31.57
N ASP G 568 -16.52 -3.27 -30.35
CA ASP G 568 -17.92 -3.27 -29.98
C ASP G 568 -18.14 -2.09 -29.04
N ILE G 569 -19.39 -1.92 -28.60
CA ILE G 569 -19.73 -0.79 -27.76
C ILE G 569 -18.93 -0.79 -26.47
N ALA G 570 -18.54 -1.98 -25.99
CA ALA G 570 -17.82 -2.11 -24.75
C ALA G 570 -16.31 -1.97 -24.92
N ASP G 571 -15.84 -1.68 -26.14
CA ASP G 571 -14.43 -1.59 -26.48
C ASP G 571 -13.81 -2.98 -26.50
N THR G 572 -14.55 -3.98 -26.03
CA THR G 572 -14.11 -5.36 -26.08
C THR G 572 -13.86 -5.79 -27.52
N THR G 573 -12.83 -6.61 -27.71
CA THR G 573 -12.49 -7.12 -29.03
C THR G 573 -13.67 -7.91 -29.56
N ASP G 574 -14.05 -7.64 -30.82
CA ASP G 574 -15.18 -8.34 -31.41
C ASP G 574 -14.77 -9.10 -32.66
N ALA G 575 -14.39 -8.37 -33.71
CA ALA G 575 -13.97 -9.00 -34.95
C ALA G 575 -12.48 -8.78 -35.14
N VAL G 576 -11.84 -9.73 -35.82
CA VAL G 576 -10.42 -9.63 -36.13
C VAL G 576 -10.20 -10.02 -37.59
N ARG G 577 -9.01 -9.72 -38.07
CA ARG G 577 -8.63 -10.01 -39.44
C ARG G 577 -7.45 -10.95 -39.43
N ASP G 578 -7.60 -12.09 -40.07
CA ASP G 578 -6.53 -13.09 -40.07
C ASP G 578 -5.38 -12.54 -40.89
N PRO G 579 -4.21 -12.33 -40.30
CA PRO G 579 -3.12 -11.74 -41.09
C PRO G 579 -2.64 -12.57 -42.27
N GLN G 580 -2.40 -13.88 -42.09
CA GLN G 580 -1.78 -14.65 -43.16
C GLN G 580 -2.67 -14.73 -44.40
N THR G 581 -3.97 -14.77 -44.21
CA THR G 581 -4.92 -14.54 -45.29
C THR G 581 -6.03 -13.67 -44.75
N LEU G 582 -6.25 -12.53 -45.39
CA LEU G 582 -7.13 -11.55 -44.80
C LEU G 582 -8.55 -12.09 -44.82
N GLU G 583 -9.12 -12.24 -43.63
CA GLU G 583 -10.50 -12.66 -43.52
C GLU G 583 -10.99 -12.15 -42.19
N ILE G 584 -12.29 -11.92 -42.10
CA ILE G 584 -12.86 -11.22 -40.97
C ILE G 584 -13.47 -12.28 -40.05
N LEU G 585 -12.85 -12.49 -38.92
CA LEU G 585 -13.30 -13.50 -37.98
C LEU G 585 -14.04 -12.81 -36.84
N ASP G 586 -15.22 -13.33 -36.50
CA ASP G 586 -15.87 -12.89 -35.27
C ASP G 586 -15.15 -13.46 -34.06
N ILE G 587 -15.64 -13.06 -32.90
CA ILE G 587 -15.28 -13.64 -31.62
C ILE G 587 -16.58 -13.78 -30.84
N THR G 588 -16.55 -14.51 -29.70
CA THR G 588 -17.79 -14.77 -28.91
C THR G 588 -17.41 -15.30 -27.53
N PRO G 589 -18.26 -15.20 -26.48
CA PRO G 589 -17.96 -15.77 -25.16
C PRO G 589 -18.00 -17.30 -25.21
N CYS G 590 -17.47 -17.96 -24.17
CA CYS G 590 -17.66 -19.44 -24.07
C CYS G 590 -19.11 -19.64 -23.60
N SER G 591 -19.53 -20.87 -23.34
CA SER G 591 -20.97 -21.08 -22.99
C SER G 591 -21.37 -20.32 -21.72
N PHE G 592 -20.54 -20.36 -20.67
CA PHE G 592 -20.79 -19.60 -19.42
C PHE G 592 -22.17 -19.92 -18.83
N GLY G 593 -22.94 -18.89 -18.43
CA GLY G 593 -24.27 -19.11 -17.80
C GLY G 593 -24.14 -19.68 -16.39
N GLY G 594 -25.25 -19.85 -15.67
CA GLY G 594 -25.15 -20.49 -14.38
C GLY G 594 -25.77 -21.87 -14.40
N VAL G 595 -25.23 -22.74 -13.56
CA VAL G 595 -25.88 -24.03 -13.34
C VAL G 595 -27.04 -23.81 -12.39
N SER G 596 -28.12 -24.55 -12.61
CA SER G 596 -29.27 -24.44 -11.73
C SER G 596 -29.79 -25.83 -11.48
N VAL G 597 -29.97 -26.17 -10.21
CA VAL G 597 -30.44 -27.50 -9.85
C VAL G 597 -31.92 -27.39 -9.54
N ILE G 598 -32.74 -27.94 -10.42
CA ILE G 598 -34.17 -27.99 -10.22
C ILE G 598 -34.46 -29.24 -9.41
N THR G 599 -35.04 -29.07 -8.23
CA THR G 599 -35.36 -30.24 -7.46
C THR G 599 -36.73 -30.13 -6.81
N PRO G 600 -37.48 -31.22 -6.78
CA PRO G 600 -38.49 -31.38 -5.74
C PRO G 600 -37.79 -31.44 -4.40
N GLY G 601 -38.54 -31.21 -3.35
CA GLY G 601 -37.96 -31.27 -2.02
C GLY G 601 -37.20 -32.56 -1.82
N THR G 602 -36.06 -32.48 -1.15
CA THR G 602 -35.33 -33.69 -0.79
C THR G 602 -36.20 -34.62 0.04
N ASN G 603 -37.34 -34.13 0.53
CA ASN G 603 -38.28 -34.99 1.22
C ASN G 603 -39.01 -35.91 0.25
N THR G 604 -39.27 -35.43 -0.96
CA THR G 604 -39.91 -36.24 -1.99
C THR G 604 -38.91 -37.15 -2.68
N SER G 605 -37.92 -36.56 -3.36
CA SER G 605 -36.95 -37.30 -4.12
C SER G 605 -35.55 -36.79 -3.86
N ASN G 606 -34.58 -37.65 -4.17
CA ASN G 606 -33.19 -37.26 -4.30
C ASN G 606 -32.80 -37.00 -5.74
N GLN G 607 -33.75 -37.10 -6.66
CA GLN G 607 -33.47 -36.87 -8.07
C GLN G 607 -33.55 -35.38 -8.39
N VAL G 608 -32.65 -34.91 -9.23
CA VAL G 608 -32.63 -33.52 -9.62
C VAL G 608 -32.49 -33.42 -11.13
N ALA G 609 -33.00 -32.34 -11.69
CA ALA G 609 -32.82 -32.00 -13.09
C ALA G 609 -31.99 -30.73 -13.16
N VAL G 610 -30.86 -30.81 -13.83
CA VAL G 610 -29.92 -29.71 -13.93
C VAL G 610 -30.30 -28.85 -15.12
N LEU G 611 -30.38 -27.55 -14.90
CA LEU G 611 -30.54 -26.57 -15.98
C LEU G 611 -29.24 -25.84 -16.18
N TYR G 612 -28.63 -26.01 -17.34
CA TYR G 612 -27.57 -25.12 -17.79
C TYR G 612 -28.20 -23.92 -18.44
N GLN G 613 -27.93 -22.73 -17.91
CA GLN G 613 -28.61 -21.54 -18.37
C GLN G 613 -27.91 -20.93 -19.56
N ASP G 614 -28.70 -20.53 -20.55
CA ASP G 614 -28.23 -19.71 -21.66
C ASP G 614 -27.03 -20.37 -22.36
N VAL G 615 -27.21 -21.62 -22.77
CA VAL G 615 -26.21 -22.32 -23.56
C VAL G 615 -26.92 -23.12 -24.63
N ASN G 616 -26.13 -23.61 -25.59
CA ASN G 616 -26.61 -24.54 -26.58
C ASN G 616 -26.16 -25.92 -26.14
N CYS G 617 -26.97 -26.95 -26.39
CA CYS G 617 -26.62 -28.24 -25.84
C CYS G 617 -25.65 -28.88 -26.81
N THR G 618 -24.37 -28.68 -26.54
CA THR G 618 -23.26 -29.42 -27.11
C THR G 618 -22.22 -29.62 -26.01
N GLU G 619 -21.65 -28.51 -25.53
CA GLU G 619 -20.48 -28.51 -24.65
C GLU G 619 -20.70 -29.28 -23.36
N VAL G 620 -21.93 -29.67 -23.06
CA VAL G 620 -22.19 -30.48 -21.90
C VAL G 620 -21.35 -31.76 -21.93
N ASN G 641 -30.74 -37.84 -20.70
CA ASN G 641 -31.95 -37.32 -21.31
C ASN G 641 -31.95 -35.80 -21.37
N VAL G 642 -31.69 -35.27 -22.56
CA VAL G 642 -31.42 -33.84 -22.74
C VAL G 642 -32.57 -33.20 -23.49
N PHE G 643 -32.80 -31.93 -23.20
CA PHE G 643 -33.82 -31.13 -23.84
C PHE G 643 -33.30 -29.71 -23.96
N GLN G 644 -33.60 -29.06 -25.07
CA GLN G 644 -33.21 -27.67 -25.29
C GLN G 644 -34.41 -26.76 -24.99
N THR G 645 -34.15 -25.67 -24.28
CA THR G 645 -35.20 -24.78 -23.83
C THR G 645 -34.98 -23.40 -24.42
N ARG G 646 -35.84 -22.46 -24.00
CA ARG G 646 -35.54 -21.06 -24.22
C ARG G 646 -34.50 -20.56 -23.23
N ALA G 647 -34.51 -21.10 -22.01
CA ALA G 647 -33.65 -20.55 -20.96
C ALA G 647 -32.29 -21.23 -20.91
N GLY G 648 -32.12 -22.32 -21.62
CA GLY G 648 -30.82 -22.97 -21.66
C GLY G 648 -30.98 -24.46 -21.84
N CYS G 649 -29.88 -25.17 -21.55
CA CYS G 649 -29.81 -26.60 -21.75
C CYS G 649 -30.25 -27.29 -20.47
N LEU G 650 -31.36 -28.02 -20.55
CA LEU G 650 -31.92 -28.71 -19.41
C LEU G 650 -31.57 -30.19 -19.52
N ILE G 651 -31.30 -30.81 -18.38
CA ILE G 651 -30.84 -32.19 -18.34
C ILE G 651 -31.59 -32.92 -17.23
N GLY G 652 -32.10 -34.10 -17.56
CA GLY G 652 -32.69 -34.94 -16.55
C GLY G 652 -34.12 -34.61 -16.22
N ALA G 653 -34.84 -33.96 -17.13
CA ALA G 653 -36.27 -33.80 -16.98
C ALA G 653 -36.93 -34.02 -18.33
N GLU G 654 -37.86 -34.97 -18.37
CA GLU G 654 -38.50 -35.35 -19.61
C GLU G 654 -39.49 -34.27 -20.01
N HIS G 655 -39.32 -33.75 -21.22
CA HIS G 655 -40.26 -32.78 -21.78
C HIS G 655 -41.66 -33.35 -21.77
N VAL G 656 -42.66 -32.47 -21.63
CA VAL G 656 -44.05 -32.86 -21.66
C VAL G 656 -44.82 -31.89 -22.54
N ASN G 657 -45.45 -32.42 -23.58
CA ASN G 657 -46.28 -31.57 -24.43
C ASN G 657 -47.50 -31.03 -23.69
N ASN G 658 -47.98 -31.72 -22.68
CA ASN G 658 -49.07 -31.19 -21.86
C ASN G 658 -48.59 -29.95 -21.13
N SER G 659 -49.54 -29.15 -20.67
CA SER G 659 -49.25 -27.88 -20.03
C SER G 659 -50.07 -27.76 -18.75
N TYR G 660 -49.40 -27.53 -17.63
CA TYR G 660 -50.05 -27.51 -16.33
C TYR G 660 -49.72 -26.20 -15.63
N GLU G 661 -50.13 -26.06 -14.37
CA GLU G 661 -49.81 -24.85 -13.62
C GLU G 661 -48.33 -24.75 -13.37
N CYS G 662 -47.80 -23.52 -13.42
CA CYS G 662 -46.40 -23.32 -13.12
C CYS G 662 -46.14 -23.65 -11.67
N ASP G 663 -45.12 -24.47 -11.44
CA ASP G 663 -44.90 -25.06 -10.14
C ASP G 663 -43.53 -24.68 -9.60
N ILE G 664 -42.47 -25.11 -10.29
CA ILE G 664 -41.14 -24.61 -10.01
C ILE G 664 -40.74 -23.71 -11.17
N PRO G 665 -40.71 -22.39 -11.00
CA PRO G 665 -40.43 -21.50 -12.12
C PRO G 665 -38.99 -21.63 -12.57
N ILE G 666 -38.79 -21.70 -13.89
CA ILE G 666 -37.45 -21.88 -14.44
C ILE G 666 -37.08 -20.65 -15.22
N GLY G 667 -37.63 -20.52 -16.42
CA GLY G 667 -37.46 -19.32 -17.20
C GLY G 667 -38.33 -19.39 -18.43
N ALA G 668 -38.68 -18.21 -18.93
CA ALA G 668 -39.39 -18.07 -20.20
C ALA G 668 -40.57 -19.02 -20.31
N GLY G 669 -41.30 -19.18 -19.22
CA GLY G 669 -42.50 -19.99 -19.23
C GLY G 669 -42.27 -21.45 -18.90
N ILE G 670 -41.05 -21.96 -19.01
CA ILE G 670 -40.77 -23.34 -18.64
C ILE G 670 -40.93 -23.48 -17.14
N CYS G 671 -41.77 -24.41 -16.71
CA CYS G 671 -41.99 -24.66 -15.30
C CYS G 671 -42.00 -26.15 -15.05
N ALA G 672 -41.26 -26.58 -14.03
CA ALA G 672 -41.04 -27.98 -13.75
C ALA G 672 -41.82 -28.43 -12.53
N SER G 673 -42.24 -29.69 -12.55
CA SER G 673 -42.89 -30.31 -11.41
C SER G 673 -42.47 -31.77 -11.35
N TYR G 674 -42.69 -32.39 -10.19
CA TYR G 674 -42.09 -33.69 -9.94
C TYR G 674 -42.89 -34.85 -10.52
N GLN G 675 -44.21 -34.77 -10.55
CA GLN G 675 -45.03 -35.97 -10.73
C GLN G 675 -44.82 -36.60 -12.10
N THR G 676 -45.23 -37.86 -12.20
CA THR G 676 -45.34 -38.54 -13.51
C THR G 676 -46.03 -37.65 -14.54
N SER G 689 -41.06 -44.83 -11.05
CA SER G 689 -41.85 -44.35 -12.17
C SER G 689 -41.62 -42.87 -12.42
N GLN G 690 -41.77 -42.11 -11.34
CA GLN G 690 -41.85 -40.66 -11.47
C GLN G 690 -40.54 -40.05 -11.93
N SER G 691 -40.65 -38.90 -12.58
CA SER G 691 -39.51 -38.15 -13.08
C SER G 691 -39.86 -36.68 -13.09
N ILE G 692 -38.86 -35.85 -12.85
CA ILE G 692 -39.02 -34.41 -13.01
C ILE G 692 -39.39 -34.11 -14.44
N ILE G 693 -40.39 -33.28 -14.65
CA ILE G 693 -40.81 -32.93 -16.00
C ILE G 693 -40.54 -31.46 -16.24
N ALA G 694 -40.73 -31.04 -17.49
CA ALA G 694 -40.61 -29.64 -17.86
C ALA G 694 -41.62 -29.39 -18.95
N TYR G 695 -42.35 -28.29 -18.84
CA TYR G 695 -43.46 -28.06 -19.74
C TYR G 695 -43.72 -26.57 -19.80
N THR G 696 -44.36 -26.14 -20.88
CA THR G 696 -44.78 -24.76 -20.98
C THR G 696 -45.88 -24.52 -19.97
N MET G 697 -45.66 -23.55 -19.08
CA MET G 697 -46.65 -23.29 -18.06
C MET G 697 -47.94 -22.80 -18.70
N SER G 698 -49.05 -23.39 -18.30
CA SER G 698 -50.35 -22.81 -18.62
C SER G 698 -50.58 -21.67 -17.65
N LEU G 699 -50.75 -20.47 -18.18
CA LEU G 699 -51.16 -19.39 -17.31
C LEU G 699 -52.65 -19.61 -17.09
N GLY G 700 -53.02 -19.91 -15.86
CA GLY G 700 -54.42 -20.09 -15.52
C GLY G 700 -55.04 -21.31 -16.19
N ALA G 701 -56.23 -21.67 -15.73
CA ALA G 701 -57.14 -22.48 -16.52
C ALA G 701 -57.91 -21.59 -17.48
N GLU G 702 -58.37 -22.17 -18.57
CA GLU G 702 -59.04 -21.40 -19.61
C GLU G 702 -60.54 -21.38 -19.36
N ASN G 703 -61.15 -20.23 -19.64
CA ASN G 703 -62.59 -20.06 -19.64
C ASN G 703 -62.95 -19.12 -20.78
N SER G 704 -64.17 -19.27 -21.29
CA SER G 704 -64.75 -18.30 -22.21
C SER G 704 -66.12 -17.97 -21.70
N VAL G 705 -66.31 -16.71 -21.29
CA VAL G 705 -67.59 -16.30 -20.76
C VAL G 705 -68.64 -16.40 -21.84
N ALA G 706 -69.81 -16.92 -21.50
CA ALA G 706 -70.89 -17.07 -22.47
C ALA G 706 -71.67 -15.77 -22.44
N TYR G 707 -71.53 -14.99 -23.50
CA TYR G 707 -71.91 -13.58 -23.48
C TYR G 707 -72.86 -13.28 -24.62
N SER G 708 -73.96 -12.64 -24.29
CA SER G 708 -74.83 -12.10 -25.31
C SER G 708 -75.54 -10.89 -24.74
N ASN G 709 -75.82 -9.94 -25.61
CA ASN G 709 -76.22 -8.60 -25.20
C ASN G 709 -77.43 -8.59 -24.28
N ASN G 710 -78.21 -9.65 -24.22
CA ASN G 710 -79.26 -9.74 -23.22
C ASN G 710 -78.93 -10.67 -22.06
N SER G 711 -77.73 -11.22 -22.00
CA SER G 711 -77.41 -12.28 -21.05
C SER G 711 -76.74 -11.74 -19.80
N ILE G 712 -77.37 -11.96 -18.65
CA ILE G 712 -76.82 -11.58 -17.35
C ILE G 712 -76.86 -12.78 -16.42
N ALA G 713 -75.88 -12.86 -15.52
CA ALA G 713 -75.81 -13.93 -14.54
C ALA G 713 -75.66 -13.30 -13.16
N ILE G 714 -76.68 -13.47 -12.33
CA ILE G 714 -76.76 -12.85 -11.02
C ILE G 714 -76.62 -13.94 -9.96
N PRO G 715 -75.67 -13.82 -9.03
CA PRO G 715 -75.47 -14.89 -8.06
C PRO G 715 -76.66 -15.04 -7.13
N THR G 716 -77.06 -16.28 -6.90
CA THR G 716 -78.18 -16.61 -6.04
C THR G 716 -77.76 -16.89 -4.61
N ASN G 717 -76.47 -17.05 -4.36
CA ASN G 717 -76.00 -17.51 -3.08
C ASN G 717 -74.54 -17.13 -2.96
N PHE G 718 -74.03 -17.15 -1.74
CA PHE G 718 -72.73 -16.60 -1.48
C PHE G 718 -71.97 -17.46 -0.49
N THR G 719 -70.69 -17.16 -0.36
CA THR G 719 -69.89 -17.66 0.72
C THR G 719 -69.27 -16.48 1.45
N ILE G 720 -68.83 -16.74 2.67
CA ILE G 720 -68.06 -15.78 3.45
C ILE G 720 -66.71 -16.42 3.70
N SER G 721 -65.68 -15.91 3.06
CA SER G 721 -64.36 -16.52 3.17
C SER G 721 -63.48 -15.64 4.03
N VAL G 722 -62.61 -16.27 4.81
CA VAL G 722 -61.65 -15.57 5.63
C VAL G 722 -60.27 -15.86 5.06
N THR G 723 -59.67 -14.86 4.45
CA THR G 723 -58.38 -15.01 3.81
C THR G 723 -57.31 -14.31 4.62
N THR G 724 -56.41 -15.08 5.19
CA THR G 724 -55.28 -14.55 5.93
C THR G 724 -54.44 -13.68 5.00
N GLU G 725 -54.01 -12.53 5.49
CA GLU G 725 -53.06 -11.69 4.80
C GLU G 725 -52.02 -11.23 5.79
N ILE G 726 -50.75 -11.30 5.41
CA ILE G 726 -49.66 -11.22 6.35
C ILE G 726 -48.65 -10.19 5.86
N LEU G 727 -48.22 -9.30 6.76
CA LEU G 727 -47.35 -8.21 6.40
C LEU G 727 -46.31 -8.01 7.49
N PRO G 728 -45.08 -7.69 7.14
CA PRO G 728 -44.13 -7.25 8.14
C PRO G 728 -44.53 -5.89 8.68
N VAL G 729 -44.01 -5.57 9.86
CA VAL G 729 -44.25 -4.27 10.44
C VAL G 729 -42.92 -3.67 10.84
N SER G 730 -42.23 -4.33 11.75
CA SER G 730 -40.92 -3.91 12.17
C SER G 730 -39.93 -5.06 11.97
N MET G 731 -38.65 -4.72 12.01
CA MET G 731 -37.58 -5.67 11.93
C MET G 731 -36.71 -5.54 13.18
N THR G 732 -35.88 -6.54 13.41
CA THR G 732 -35.09 -6.58 14.63
C THR G 732 -34.18 -5.36 14.74
N LYS G 733 -34.32 -4.62 15.82
CA LYS G 733 -33.52 -3.43 16.04
C LYS G 733 -32.11 -3.84 16.44
N THR G 734 -31.12 -3.10 15.96
CA THR G 734 -29.75 -3.36 16.35
C THR G 734 -29.01 -2.04 16.53
N SER G 735 -27.91 -2.14 17.25
CA SER G 735 -26.88 -1.12 17.26
C SER G 735 -25.55 -1.82 17.27
N VAL G 736 -24.57 -1.24 16.59
CA VAL G 736 -23.27 -1.86 16.42
C VAL G 736 -22.22 -0.83 16.76
N ASP G 737 -21.31 -1.18 17.66
CA ASP G 737 -20.27 -0.26 18.05
C ASP G 737 -19.10 -0.42 17.11
N CYS G 738 -18.90 0.58 16.26
CA CYS G 738 -17.81 0.56 15.31
C CYS G 738 -16.47 0.37 16.00
N THR G 739 -16.19 1.16 17.01
CA THR G 739 -14.89 1.11 17.66
C THR G 739 -14.56 -0.29 18.13
N MET G 740 -15.50 -0.94 18.80
CA MET G 740 -15.23 -2.29 19.31
C MET G 740 -15.28 -3.31 18.19
N TYR G 741 -16.25 -3.17 17.27
CA TYR G 741 -16.37 -4.15 16.20
C TYR G 741 -15.10 -4.18 15.35
N ILE G 742 -14.74 -3.04 14.78
CA ILE G 742 -13.56 -2.97 13.92
C ILE G 742 -12.33 -3.36 14.72
N CYS G 743 -12.07 -2.64 15.80
CA CYS G 743 -10.87 -2.80 16.59
C CYS G 743 -11.25 -3.53 17.87
N GLY G 744 -10.89 -4.80 17.97
CA GLY G 744 -11.26 -5.45 19.20
C GLY G 744 -10.46 -4.89 20.35
N ASP G 745 -11.14 -4.17 21.24
CA ASP G 745 -10.63 -3.79 22.57
C ASP G 745 -9.15 -3.42 22.59
N SER G 746 -8.65 -2.78 21.54
CA SER G 746 -7.22 -2.53 21.43
C SER G 746 -6.98 -1.13 20.89
N THR G 747 -6.21 -0.34 21.63
CA THR G 747 -6.02 1.05 21.26
C THR G 747 -5.19 1.18 19.99
N GLU G 748 -4.27 0.25 19.75
CA GLU G 748 -3.46 0.28 18.54
C GLU G 748 -4.33 0.48 17.32
N CYS G 749 -5.41 -0.28 17.23
CA CYS G 749 -6.37 -0.09 16.15
C CYS G 749 -7.28 1.09 16.43
N SER G 750 -7.57 1.39 17.69
CA SER G 750 -8.47 2.49 18.01
C SER G 750 -7.91 3.82 17.54
N ASN G 751 -6.59 4.00 17.66
CA ASN G 751 -5.99 5.24 17.20
C ASN G 751 -6.24 5.46 15.72
N LEU G 752 -5.92 4.46 14.90
CA LEU G 752 -6.09 4.60 13.46
C LEU G 752 -7.53 4.94 13.09
N LEU G 753 -8.49 4.33 13.79
CA LEU G 753 -9.89 4.59 13.49
C LEU G 753 -10.22 6.07 13.62
N LEU G 754 -9.51 6.79 14.48
CA LEU G 754 -9.73 8.22 14.61
C LEU G 754 -9.43 8.96 13.31
N GLN G 755 -8.60 8.38 12.46
CA GLN G 755 -8.22 9.05 11.24
C GLN G 755 -9.28 8.97 10.15
N TYR G 756 -10.18 8.00 10.25
CA TYR G 756 -11.31 7.93 9.33
C TYR G 756 -12.48 8.79 9.78
N GLY G 757 -12.34 9.50 10.89
CA GLY G 757 -13.32 10.48 11.28
C GLY G 757 -14.67 9.91 11.65
N SER G 758 -15.70 10.40 10.98
CA SER G 758 -17.08 10.11 11.34
C SER G 758 -17.54 8.73 10.93
N PHE G 759 -16.78 8.03 10.09
CA PHE G 759 -17.17 6.70 9.65
C PHE G 759 -17.60 5.85 10.83
N CYS G 760 -16.89 5.95 11.95
CA CYS G 760 -17.30 5.22 13.14
C CYS G 760 -18.65 5.73 13.62
N THR G 761 -18.77 7.04 13.84
CA THR G 761 -19.98 7.56 14.45
C THR G 761 -21.17 7.49 13.51
N GLN G 762 -21.02 8.02 12.30
CA GLN G 762 -22.19 8.19 11.44
C GLN G 762 -22.91 6.89 11.19
N LEU G 763 -22.21 5.75 11.30
CA LEU G 763 -22.91 4.48 11.23
C LEU G 763 -23.92 4.36 12.36
N ASN G 764 -23.48 4.63 13.58
CA ASN G 764 -24.42 4.64 14.70
C ASN G 764 -25.57 5.57 14.41
N ARG G 765 -25.29 6.75 13.87
CA ARG G 765 -26.37 7.65 13.48
C ARG G 765 -27.29 6.99 12.46
N ALA G 766 -26.73 6.24 11.52
CA ALA G 766 -27.56 5.53 10.57
C ALA G 766 -28.38 4.46 11.26
N LEU G 767 -27.70 3.58 12.02
CA LEU G 767 -28.41 2.50 12.69
C LEU G 767 -29.44 3.04 13.66
N THR G 768 -29.04 3.97 14.52
CA THR G 768 -30.01 4.63 15.38
C THR G 768 -31.14 5.22 14.55
N GLY G 769 -30.81 5.83 13.42
CA GLY G 769 -31.85 6.33 12.53
C GLY G 769 -32.84 5.25 12.15
N ILE G 770 -32.35 4.04 11.92
CA ILE G 770 -33.24 2.92 11.67
C ILE G 770 -34.00 2.56 12.94
N ALA G 771 -33.27 2.25 14.00
CA ALA G 771 -33.91 1.68 15.18
C ALA G 771 -34.91 2.64 15.82
N VAL G 772 -34.66 3.94 15.70
CA VAL G 772 -35.62 4.91 16.20
C VAL G 772 -36.96 4.72 15.51
N GLU G 773 -36.96 4.75 14.17
CA GLU G 773 -38.24 4.65 13.48
C GLU G 773 -38.82 3.26 13.52
N GLN G 774 -38.01 2.24 13.76
CA GLN G 774 -38.55 0.89 13.87
C GLN G 774 -39.68 0.82 14.88
N ASP G 775 -39.61 1.62 15.92
CA ASP G 775 -40.73 1.72 16.84
C ASP G 775 -41.79 2.69 16.35
N LYS G 776 -41.46 3.60 15.44
CA LYS G 776 -42.50 4.41 14.84
C LYS G 776 -43.39 3.56 13.95
N ASN G 777 -42.80 2.60 13.25
CA ASN G 777 -43.59 1.65 12.49
C ASN G 777 -44.64 0.99 13.38
N THR G 778 -44.17 0.21 14.36
CA THR G 778 -45.08 -0.43 15.30
C THR G 778 -46.00 0.58 15.97
N GLN G 779 -45.53 1.81 16.13
CA GLN G 779 -46.36 2.83 16.75
C GLN G 779 -47.62 3.08 15.93
N GLU G 780 -47.46 3.43 14.66
CA GLU G 780 -48.60 3.82 13.86
C GLU G 780 -49.43 2.63 13.43
N VAL G 781 -48.79 1.48 13.18
CA VAL G 781 -49.56 0.32 12.77
C VAL G 781 -50.50 -0.13 13.88
N PHE G 782 -49.94 -0.47 15.03
CA PHE G 782 -50.76 -1.10 16.07
C PHE G 782 -51.51 -0.09 16.90
N ALA G 783 -50.88 1.01 17.31
CA ALA G 783 -51.61 1.95 18.16
C ALA G 783 -52.07 3.09 17.28
N GLN G 784 -53.28 2.94 16.75
CA GLN G 784 -54.10 4.01 16.26
C GLN G 784 -55.24 4.31 17.21
N VAL G 785 -55.36 3.53 18.28
CA VAL G 785 -56.55 3.51 19.10
C VAL G 785 -56.31 4.34 20.34
N LYS G 786 -57.27 5.19 20.67
CA LYS G 786 -57.11 6.09 21.80
C LYS G 786 -57.15 5.36 23.13
N GLN G 787 -58.05 4.39 23.25
CA GLN G 787 -58.30 3.72 24.51
C GLN G 787 -58.23 2.22 24.31
N ILE G 788 -57.93 1.49 25.37
CA ILE G 788 -57.87 0.04 25.28
C ILE G 788 -59.25 -0.49 25.63
N TYR G 789 -59.96 -0.96 24.63
CA TYR G 789 -61.25 -1.58 24.84
C TYR G 789 -61.06 -3.00 25.32
N LYS G 790 -62.11 -3.54 25.93
CA LYS G 790 -62.15 -4.97 26.17
C LYS G 790 -63.58 -5.45 26.01
N THR G 791 -63.73 -6.63 25.46
CA THR G 791 -65.04 -7.19 25.19
C THR G 791 -65.84 -7.28 26.49
N PRO G 792 -67.15 -7.31 26.41
CA PRO G 792 -67.95 -7.55 27.59
C PRO G 792 -67.68 -8.95 28.11
N PRO G 793 -68.08 -9.25 29.34
CA PRO G 793 -67.82 -10.59 29.87
C PRO G 793 -68.53 -11.67 29.07
N ILE G 794 -69.72 -11.39 28.54
CA ILE G 794 -70.56 -12.38 27.89
C ILE G 794 -70.64 -12.07 26.41
N LYS G 795 -70.60 -13.11 25.59
CA LYS G 795 -70.61 -12.98 24.14
C LYS G 795 -71.91 -13.56 23.59
N ASP G 796 -72.80 -12.70 23.11
CA ASP G 796 -73.77 -13.12 22.11
C ASP G 796 -73.59 -12.20 20.90
N PHE G 797 -72.96 -12.72 19.87
CA PHE G 797 -72.76 -12.00 18.64
C PHE G 797 -73.72 -12.44 17.55
N GLY G 798 -74.65 -13.31 17.88
CA GLY G 798 -75.53 -13.89 16.88
C GLY G 798 -75.06 -15.21 16.35
N GLY G 799 -74.17 -15.89 17.05
CA GLY G 799 -73.63 -17.14 16.58
C GLY G 799 -72.26 -17.05 15.98
N PHE G 800 -71.63 -15.89 16.01
CA PHE G 800 -70.29 -15.72 15.49
C PHE G 800 -69.32 -15.99 16.62
N ASN G 801 -68.55 -17.06 16.50
CA ASN G 801 -67.71 -17.50 17.60
C ASN G 801 -66.33 -16.88 17.41
N PHE G 802 -65.99 -15.91 18.25
CA PHE G 802 -64.70 -15.27 18.19
C PHE G 802 -63.70 -15.82 19.19
N SER G 803 -64.09 -16.82 19.97
CA SER G 803 -63.22 -17.31 21.04
C SER G 803 -61.89 -17.77 20.51
N GLN G 804 -61.74 -17.94 19.20
CA GLN G 804 -60.42 -18.16 18.64
C GLN G 804 -59.61 -16.87 18.63
N ILE G 805 -60.18 -15.79 18.09
CA ILE G 805 -59.43 -14.56 17.90
C ILE G 805 -59.33 -13.68 19.13
N LEU G 806 -60.22 -13.84 20.09
CA LEU G 806 -60.16 -12.97 21.26
C LEU G 806 -58.99 -13.38 22.14
N PRO G 807 -58.54 -12.51 23.03
CA PRO G 807 -57.43 -12.87 23.90
C PRO G 807 -57.76 -14.09 24.72
N ASP G 808 -56.81 -14.99 24.82
CA ASP G 808 -57.00 -16.15 25.69
C ASP G 808 -56.87 -15.70 27.12
N PRO G 809 -57.91 -15.75 27.93
CA PRO G 809 -57.80 -15.28 29.31
C PRO G 809 -56.85 -16.11 30.14
N SER G 810 -56.72 -17.39 29.80
CA SER G 810 -55.92 -18.33 30.61
C SER G 810 -54.42 -18.24 30.32
N LYS G 811 -54.02 -18.12 29.07
CA LYS G 811 -52.57 -17.94 28.82
C LYS G 811 -51.99 -16.79 29.66
N PRO G 812 -50.81 -16.90 30.32
CA PRO G 812 -50.21 -15.78 31.05
C PRO G 812 -50.13 -14.53 30.21
N SER G 813 -49.63 -14.64 28.99
CA SER G 813 -49.76 -13.57 28.01
C SER G 813 -51.09 -13.77 27.30
N LYS G 814 -51.99 -12.80 27.42
CA LYS G 814 -53.30 -12.98 26.83
C LYS G 814 -53.16 -12.75 25.34
N ARG G 815 -53.38 -13.80 24.57
CA ARG G 815 -53.18 -13.83 23.14
C ARG G 815 -54.18 -14.78 22.55
N SER G 816 -54.73 -14.44 21.39
CA SER G 816 -55.71 -15.30 20.77
C SER G 816 -55.10 -16.67 20.53
N PHE G 817 -55.95 -17.69 20.57
CA PHE G 817 -55.48 -19.02 20.23
C PHE G 817 -54.74 -19.01 18.91
N ILE G 818 -55.19 -18.16 17.98
CA ILE G 818 -54.53 -18.09 16.68
C ILE G 818 -53.11 -17.55 16.83
N GLU G 819 -52.96 -16.41 17.51
CA GLU G 819 -51.65 -15.78 17.60
C GLU G 819 -50.59 -16.77 18.06
N ASP G 820 -50.92 -17.65 19.00
CA ASP G 820 -49.92 -18.58 19.51
C ASP G 820 -49.47 -19.55 18.42
N LEU G 821 -50.36 -19.91 17.50
CA LEU G 821 -49.94 -20.69 16.35
C LEU G 821 -48.80 -19.99 15.63
N LEU G 822 -48.95 -18.68 15.43
CA LEU G 822 -47.92 -17.92 14.75
C LEU G 822 -46.61 -17.97 15.53
N PHE G 823 -46.65 -17.65 16.81
CA PHE G 823 -45.43 -17.61 17.60
C PHE G 823 -44.72 -18.96 17.62
N ASN G 824 -45.44 -20.04 17.33
CA ASN G 824 -44.76 -21.32 17.10
C ASN G 824 -44.06 -21.32 15.75
N LYS G 825 -44.79 -20.94 14.70
CA LYS G 825 -44.28 -21.16 13.35
C LYS G 825 -43.08 -20.27 13.06
N VAL G 826 -43.08 -19.05 13.53
CA VAL G 826 -41.90 -18.21 13.43
C VAL G 826 -40.95 -18.58 14.56
N THR G 827 -39.66 -18.35 14.33
CA THR G 827 -38.66 -18.56 15.37
C THR G 827 -37.88 -17.28 15.65
N ASP G 848 -25.05 -19.35 21.45
CA ASP G 848 -26.24 -19.02 20.62
C ASP G 848 -25.86 -17.94 19.60
N LEU G 849 -26.69 -17.75 18.57
CA LEU G 849 -26.35 -16.77 17.50
C LEU G 849 -26.25 -15.38 18.13
N ILE G 850 -27.23 -15.04 18.97
CA ILE G 850 -27.24 -13.71 19.63
C ILE G 850 -25.96 -13.59 20.45
N CYS G 851 -25.52 -14.66 21.10
CA CYS G 851 -24.35 -14.52 22.01
C CYS G 851 -23.11 -14.06 21.24
N ALA G 852 -22.75 -14.67 20.11
CA ALA G 852 -21.51 -14.28 19.40
C ALA G 852 -21.68 -12.84 18.94
N GLN G 853 -22.83 -12.52 18.37
CA GLN G 853 -23.21 -11.16 18.01
C GLN G 853 -23.03 -10.23 19.20
N LYS G 854 -23.68 -10.59 20.31
CA LYS G 854 -23.55 -9.81 21.55
C LYS G 854 -22.08 -9.64 21.92
N PHE G 855 -21.22 -10.52 21.42
CA PHE G 855 -19.82 -10.50 21.84
C PHE G 855 -18.92 -9.60 21.00
N ASN G 856 -19.31 -9.24 19.78
CA ASN G 856 -18.47 -8.42 18.94
C ASN G 856 -18.85 -6.96 18.92
N GLY G 857 -19.82 -6.55 19.70
CA GLY G 857 -20.36 -5.21 19.60
C GLY G 857 -21.70 -5.15 18.91
N LEU G 858 -22.25 -6.28 18.52
CA LEU G 858 -23.56 -6.33 17.88
C LEU G 858 -24.61 -6.56 18.96
N THR G 859 -25.43 -5.57 19.19
CA THR G 859 -26.44 -5.63 20.23
C THR G 859 -27.82 -5.58 19.62
N VAL G 860 -28.81 -6.19 20.25
CA VAL G 860 -30.14 -6.21 19.61
C VAL G 860 -31.06 -5.54 20.60
N LEU G 861 -31.29 -4.25 20.42
CA LEU G 861 -32.08 -3.50 21.41
C LEU G 861 -33.50 -4.06 21.54
N PRO G 862 -34.22 -3.93 22.68
CA PRO G 862 -35.52 -4.55 22.83
C PRO G 862 -36.58 -3.73 22.11
N PRO G 863 -37.52 -4.39 21.43
CA PRO G 863 -38.62 -3.64 20.81
C PRO G 863 -39.40 -2.92 21.88
N LEU G 864 -39.62 -1.62 21.66
CA LEU G 864 -40.23 -0.77 22.68
C LEU G 864 -41.51 -1.37 23.22
N LEU G 865 -42.28 -2.02 22.38
CA LEU G 865 -43.53 -2.63 22.79
C LEU G 865 -43.34 -4.14 22.90
N THR G 866 -43.47 -4.67 24.11
CA THR G 866 -43.41 -6.10 24.28
C THR G 866 -44.62 -6.77 23.64
N ASP G 867 -44.47 -8.07 23.37
CA ASP G 867 -45.55 -8.80 22.73
C ASP G 867 -46.82 -8.75 23.55
N GLU G 868 -46.71 -8.71 24.87
CA GLU G 868 -47.91 -8.59 25.69
C GLU G 868 -48.58 -7.25 25.47
N MET G 869 -47.83 -6.22 25.11
CA MET G 869 -48.45 -4.94 24.82
C MET G 869 -49.13 -4.95 23.47
N ILE G 870 -48.43 -5.43 22.45
CA ILE G 870 -49.03 -5.59 21.13
C ILE G 870 -50.35 -6.34 21.25
N ALA G 871 -50.36 -7.38 22.07
CA ALA G 871 -51.56 -8.17 22.26
C ALA G 871 -52.67 -7.42 22.97
N GLN G 872 -52.37 -6.29 23.62
CA GLN G 872 -53.47 -5.47 24.08
C GLN G 872 -54.06 -4.63 22.95
N TYR G 873 -53.21 -4.00 22.15
CA TYR G 873 -53.70 -3.27 20.98
C TYR G 873 -54.53 -4.17 20.09
N THR G 874 -53.90 -5.20 19.53
CA THR G 874 -54.64 -6.11 18.67
C THR G 874 -55.79 -6.77 19.39
N SER G 875 -55.87 -6.65 20.71
CA SER G 875 -57.11 -6.94 21.40
C SER G 875 -58.08 -5.78 21.32
N ALA G 876 -57.59 -4.56 21.56
CA ALA G 876 -58.47 -3.40 21.60
C ALA G 876 -59.12 -3.16 20.24
N LEU G 877 -58.31 -2.98 19.20
CA LEU G 877 -58.83 -2.85 17.85
C LEU G 877 -59.80 -3.98 17.55
N LEU G 878 -59.42 -5.20 17.89
CA LEU G 878 -60.28 -6.33 17.65
C LEU G 878 -61.51 -6.29 18.54
N ALA G 879 -61.38 -5.81 19.78
CA ALA G 879 -62.55 -5.71 20.63
C ALA G 879 -63.39 -4.49 20.31
N GLY G 880 -62.82 -3.48 19.70
CA GLY G 880 -63.61 -2.34 19.32
C GLY G 880 -64.43 -2.64 18.10
N THR G 881 -63.79 -3.28 17.12
CA THR G 881 -64.46 -3.60 15.87
C THR G 881 -65.66 -4.48 16.10
N ILE G 882 -65.56 -5.41 17.05
CA ILE G 882 -66.66 -6.31 17.33
C ILE G 882 -67.87 -5.54 17.84
N THR G 883 -67.70 -4.86 18.97
CA THR G 883 -68.81 -4.21 19.64
C THR G 883 -69.21 -2.93 18.94
N SER G 884 -68.26 -2.03 18.76
CA SER G 884 -68.54 -0.64 18.49
C SER G 884 -68.69 -0.32 17.01
N GLY G 885 -68.66 -1.33 16.15
CA GLY G 885 -68.66 -0.99 14.76
C GLY G 885 -67.32 -0.38 14.39
N TRP G 886 -67.31 0.43 13.35
CA TRP G 886 -66.11 1.10 12.93
C TRP G 886 -65.94 2.47 13.57
N THR G 887 -66.95 2.94 14.29
CA THR G 887 -66.99 4.33 14.71
C THR G 887 -65.91 4.71 15.69
N PHE G 888 -65.15 3.76 16.21
CA PHE G 888 -64.13 4.17 17.17
C PHE G 888 -62.90 4.74 16.50
N GLY G 889 -62.72 4.51 15.20
CA GLY G 889 -61.68 5.20 14.48
C GLY G 889 -61.97 6.65 14.21
N ALA G 890 -63.26 7.00 14.14
CA ALA G 890 -63.70 8.36 13.87
C ALA G 890 -64.06 9.13 15.13
N GLY G 891 -63.92 8.53 16.30
CA GLY G 891 -64.36 9.22 17.50
C GLY G 891 -64.69 8.22 18.60
N ALA G 892 -65.59 8.64 19.48
CA ALA G 892 -65.99 7.78 20.59
C ALA G 892 -66.65 6.51 20.07
N ALA G 893 -66.19 5.38 20.57
CA ALA G 893 -66.76 4.10 20.19
C ALA G 893 -68.24 4.05 20.57
N LEU G 894 -69.03 3.45 19.69
CA LEU G 894 -70.48 3.41 19.87
C LEU G 894 -70.91 1.95 19.92
N GLN G 895 -71.35 1.49 21.09
CA GLN G 895 -71.84 0.13 21.16
C GLN G 895 -73.02 -0.02 20.21
N ILE G 896 -72.96 -1.04 19.38
CA ILE G 896 -74.01 -1.33 18.40
C ILE G 896 -74.12 -2.84 18.34
N PRO G 897 -75.31 -3.41 18.21
CA PRO G 897 -75.42 -4.86 18.11
C PRO G 897 -74.63 -5.35 16.92
N PHE G 898 -73.76 -6.34 17.15
CA PHE G 898 -72.92 -6.80 16.06
C PHE G 898 -73.77 -7.25 14.88
N ALA G 899 -74.79 -8.06 15.15
CA ALA G 899 -75.65 -8.53 14.08
C ALA G 899 -76.30 -7.39 13.32
N MET G 900 -76.34 -6.20 13.89
CA MET G 900 -76.69 -5.03 13.10
C MET G 900 -75.50 -4.50 12.34
N GLN G 901 -74.32 -4.48 12.98
CA GLN G 901 -73.13 -3.98 12.31
C GLN G 901 -72.93 -4.64 10.96
N MET G 902 -73.28 -5.91 10.86
CA MET G 902 -73.19 -6.57 9.57
C MET G 902 -74.24 -6.04 8.61
N ALA G 903 -75.43 -5.72 9.10
CA ALA G 903 -76.43 -5.14 8.22
C ALA G 903 -75.93 -3.86 7.59
N TYR G 904 -74.96 -3.20 8.20
CA TYR G 904 -74.31 -2.10 7.50
C TYR G 904 -73.31 -2.64 6.49
N ARG G 905 -72.31 -3.35 6.98
CA ARG G 905 -71.19 -3.73 6.13
C ARG G 905 -71.63 -4.45 4.87
N PHE G 906 -72.87 -4.95 4.82
CA PHE G 906 -73.39 -5.37 3.53
C PHE G 906 -73.77 -4.18 2.66
N ASN G 907 -74.45 -3.19 3.22
CA ASN G 907 -74.71 -1.99 2.44
C ASN G 907 -73.43 -1.40 1.88
N GLY G 908 -72.31 -1.64 2.56
CA GLY G 908 -71.04 -1.21 2.02
C GLY G 908 -70.66 -1.96 0.76
N ILE G 909 -71.07 -3.21 0.64
CA ILE G 909 -70.78 -3.98 -0.58
C ILE G 909 -71.95 -3.99 -1.54
N GLY G 910 -73.03 -3.29 -1.23
CA GLY G 910 -74.14 -3.20 -2.14
C GLY G 910 -75.20 -4.25 -1.94
N VAL G 911 -75.02 -5.18 -1.02
CA VAL G 911 -76.02 -6.18 -0.71
C VAL G 911 -77.00 -5.60 0.29
N THR G 912 -78.27 -5.55 -0.07
CA THR G 912 -79.27 -5.03 0.85
C THR G 912 -79.32 -5.89 2.11
N GLN G 913 -79.43 -5.21 3.25
CA GLN G 913 -79.33 -5.87 4.55
C GLN G 913 -80.38 -6.95 4.76
N ASN G 914 -81.51 -6.89 4.06
CA ASN G 914 -82.51 -7.93 4.26
C ASN G 914 -81.96 -9.30 3.94
N VAL G 915 -80.80 -9.36 3.29
CA VAL G 915 -80.17 -10.69 3.07
C VAL G 915 -79.66 -11.21 4.42
N LEU G 916 -78.94 -10.38 5.18
CA LEU G 916 -78.30 -10.86 6.44
C LEU G 916 -79.30 -11.32 7.51
N TYR G 917 -80.36 -10.57 7.80
CA TYR G 917 -81.26 -10.95 8.92
C TYR G 917 -81.92 -12.28 8.61
N GLU G 918 -82.13 -12.57 7.34
CA GLU G 918 -82.73 -13.80 6.87
C GLU G 918 -81.71 -14.92 6.82
N ASN G 919 -80.51 -14.63 6.34
CA ASN G 919 -79.46 -15.62 6.20
C ASN G 919 -78.52 -15.64 7.40
N GLN G 920 -78.86 -14.94 8.47
CA GLN G 920 -77.94 -14.75 9.60
C GLN G 920 -77.30 -16.06 10.04
N LYS G 921 -78.13 -17.07 10.33
CA LYS G 921 -77.60 -18.35 10.78
C LYS G 921 -76.62 -18.93 9.77
N LEU G 922 -77.07 -19.05 8.52
CA LEU G 922 -76.20 -19.59 7.48
C LEU G 922 -74.91 -18.81 7.35
N ILE G 923 -74.95 -17.50 7.61
CA ILE G 923 -73.72 -16.73 7.56
C ILE G 923 -72.86 -17.04 8.76
N ALA G 924 -73.48 -17.38 9.88
CA ALA G 924 -72.71 -17.69 11.08
C ALA G 924 -71.81 -18.88 10.84
N ASN G 925 -72.40 -20.01 10.44
CA ASN G 925 -71.61 -21.21 10.24
C ASN G 925 -70.56 -21.00 9.17
N GLN G 926 -70.93 -20.30 8.08
CA GLN G 926 -69.94 -19.99 7.07
C GLN G 926 -68.80 -19.18 7.64
N PHE G 927 -69.10 -18.22 8.52
CA PHE G 927 -68.02 -17.51 9.19
C PHE G 927 -67.28 -18.44 10.14
N ASN G 928 -68.00 -19.06 11.08
CA ASN G 928 -67.35 -19.86 12.10
C ASN G 928 -66.49 -20.96 11.50
N SER G 929 -67.03 -21.69 10.53
CA SER G 929 -66.25 -22.73 9.88
C SER G 929 -65.04 -22.14 9.17
N ALA G 930 -65.22 -21.05 8.44
CA ALA G 930 -64.10 -20.43 7.75
C ALA G 930 -63.00 -20.04 8.71
N ILE G 931 -63.34 -19.73 9.96
CA ILE G 931 -62.32 -19.53 10.98
C ILE G 931 -61.59 -20.84 11.22
N GLY G 932 -62.33 -21.92 11.41
CA GLY G 932 -61.71 -23.20 11.70
C GLY G 932 -60.71 -23.62 10.64
N LYS G 933 -60.99 -23.28 9.38
CA LYS G 933 -60.03 -23.60 8.33
C LYS G 933 -58.72 -22.87 8.54
N ILE G 934 -58.77 -21.65 9.07
CA ILE G 934 -57.53 -20.90 9.26
C ILE G 934 -56.59 -21.64 10.17
N GLN G 935 -57.11 -22.13 11.29
CA GLN G 935 -56.26 -22.75 12.29
C GLN G 935 -55.68 -24.07 11.82
N ASP G 936 -56.39 -24.74 10.91
CA ASP G 936 -55.86 -25.99 10.32
C ASP G 936 -54.70 -25.61 9.41
N SER G 937 -54.93 -24.60 8.56
CA SER G 937 -53.85 -24.12 7.65
C SER G 937 -52.60 -23.86 8.48
N LEU G 938 -52.68 -22.97 9.46
CA LEU G 938 -51.47 -22.59 10.23
C LEU G 938 -50.88 -23.84 10.89
N SER G 939 -51.72 -24.71 11.43
CA SER G 939 -51.25 -25.95 12.11
C SER G 939 -50.18 -26.66 11.28
N SER G 940 -50.32 -26.69 9.94
CA SER G 940 -49.34 -27.43 9.15
C SER G 940 -48.61 -26.56 8.15
N THR G 941 -48.92 -25.26 8.06
CA THR G 941 -48.35 -24.38 7.07
C THR G 941 -47.15 -23.65 7.67
N ALA G 942 -45.96 -23.98 7.20
CA ALA G 942 -44.79 -23.16 7.45
C ALA G 942 -44.68 -21.99 6.48
N SER G 943 -45.26 -22.12 5.29
CA SER G 943 -44.99 -21.19 4.19
C SER G 943 -45.77 -19.88 4.31
N ALA G 944 -47.03 -19.93 4.77
CA ALA G 944 -47.86 -18.72 4.79
C ALA G 944 -47.18 -17.58 5.55
N LEU G 945 -46.30 -17.92 6.48
CA LEU G 945 -45.51 -16.93 7.19
C LEU G 945 -44.20 -16.64 6.49
N GLY G 946 -44.01 -17.17 5.29
CA GLY G 946 -42.77 -16.94 4.56
C GLY G 946 -42.37 -15.49 4.51
N LYS G 947 -43.34 -14.59 4.38
CA LYS G 947 -43.03 -13.17 4.37
C LYS G 947 -42.32 -12.77 5.65
N LEU G 948 -42.89 -13.13 6.79
CA LEU G 948 -42.23 -12.87 8.07
C LEU G 948 -40.94 -13.67 8.19
N GLN G 949 -41.02 -14.99 7.97
CA GLN G 949 -39.86 -15.83 8.16
C GLN G 949 -38.68 -15.37 7.31
N ASP G 950 -38.96 -14.83 6.12
CA ASP G 950 -37.90 -14.30 5.28
C ASP G 950 -37.25 -13.08 5.93
N VAL G 951 -38.06 -12.17 6.45
CA VAL G 951 -37.54 -10.94 7.05
C VAL G 951 -36.62 -11.27 8.22
N VAL G 952 -37.07 -12.17 9.10
CA VAL G 952 -36.23 -12.58 10.21
C VAL G 952 -34.96 -13.23 9.70
N ASN G 953 -35.08 -14.10 8.69
CA ASN G 953 -33.90 -14.71 8.10
C ASN G 953 -32.93 -13.67 7.59
N GLN G 954 -33.36 -12.87 6.61
CA GLN G 954 -32.44 -11.99 5.90
C GLN G 954 -31.63 -11.12 6.84
N ASN G 955 -32.18 -10.76 7.99
CA ASN G 955 -31.43 -9.98 8.95
C ASN G 955 -30.33 -10.82 9.58
N ALA G 956 -30.71 -11.94 10.18
CA ALA G 956 -29.72 -12.85 10.75
C ALA G 956 -28.72 -13.30 9.70
N GLN G 957 -29.15 -13.41 8.46
CA GLN G 957 -28.22 -13.69 7.37
C GLN G 957 -27.14 -12.63 7.31
N ALA G 958 -27.52 -11.40 6.96
CA ALA G 958 -26.55 -10.32 6.91
C ALA G 958 -25.86 -10.12 8.24
N LEU G 959 -26.54 -10.41 9.34
CA LEU G 959 -25.87 -10.38 10.63
C LEU G 959 -24.78 -11.43 10.70
N ASN G 960 -25.09 -12.68 10.32
CA ASN G 960 -24.06 -13.69 10.23
C ASN G 960 -22.89 -13.21 9.37
N THR G 961 -23.17 -12.96 8.08
CA THR G 961 -22.14 -12.52 7.17
C THR G 961 -21.34 -11.36 7.73
N LEU G 962 -22.00 -10.44 8.42
CA LEU G 962 -21.26 -9.37 9.09
C LEU G 962 -20.25 -9.95 10.06
N VAL G 963 -20.63 -11.02 10.78
CA VAL G 963 -19.71 -11.59 11.75
C VAL G 963 -18.57 -12.31 11.07
N LYS G 964 -18.89 -13.18 10.11
CA LYS G 964 -17.84 -13.91 9.40
C LYS G 964 -16.77 -12.98 8.85
N GLN G 965 -17.17 -11.77 8.45
CA GLN G 965 -16.17 -10.83 7.96
C GLN G 965 -15.12 -10.49 9.00
N LEU G 966 -15.32 -10.85 10.26
CA LEU G 966 -14.26 -10.69 11.23
C LEU G 966 -13.19 -11.75 11.11
N SER G 967 -13.44 -12.82 10.38
CA SER G 967 -12.45 -13.88 10.20
C SER G 967 -11.66 -13.76 8.91
N SER G 968 -11.90 -12.73 8.11
CA SER G 968 -11.29 -12.64 6.79
C SER G 968 -10.00 -11.84 6.84
N ASN G 969 -9.03 -12.27 6.05
CA ASN G 969 -7.73 -11.61 6.03
C ASN G 969 -7.82 -10.20 5.47
N PHE G 970 -8.64 -10.01 4.44
CA PHE G 970 -8.73 -8.74 3.72
C PHE G 970 -7.40 -8.34 3.12
N GLY G 971 -6.52 -9.31 2.88
CA GLY G 971 -5.18 -9.05 2.41
C GLY G 971 -4.14 -8.93 3.50
N ALA G 972 -4.54 -8.60 4.72
CA ALA G 972 -3.59 -8.54 5.82
C ALA G 972 -3.17 -9.94 6.24
N ILE G 973 -2.05 -10.01 6.95
CA ILE G 973 -1.42 -11.30 7.21
C ILE G 973 -2.24 -12.18 8.14
N SER G 974 -3.18 -11.61 8.88
CA SER G 974 -4.08 -12.45 9.68
C SER G 974 -5.33 -11.66 10.00
N SER G 975 -6.38 -12.39 10.38
CA SER G 975 -7.65 -11.79 10.73
C SER G 975 -7.81 -11.58 12.23
N VAL G 976 -6.83 -11.98 13.02
CA VAL G 976 -6.81 -11.67 14.44
C VAL G 976 -6.07 -10.35 14.62
N LEU G 977 -6.66 -9.42 15.37
CA LEU G 977 -6.07 -8.11 15.50
C LEU G 977 -4.74 -8.18 16.23
N ASN G 978 -4.73 -8.81 17.41
CA ASN G 978 -3.52 -8.83 18.22
C ASN G 978 -2.42 -9.67 17.61
N ASP G 979 -2.79 -10.75 16.92
CA ASP G 979 -1.78 -11.66 16.40
C ASP G 979 -0.97 -11.02 15.28
N ILE G 980 -1.50 -9.96 14.68
CA ILE G 980 -0.64 -9.15 13.80
C ILE G 980 0.34 -8.35 14.63
N LEU G 981 -0.14 -7.77 15.72
CA LEU G 981 0.71 -6.96 16.59
C LEU G 981 1.89 -7.77 17.10
N SER G 982 1.62 -8.74 17.98
CA SER G 982 2.69 -9.45 18.66
C SER G 982 3.63 -10.16 17.70
N ARG G 983 3.25 -10.31 16.43
CA ARG G 983 4.18 -10.85 15.46
C ARG G 983 5.19 -9.82 14.96
N LEU G 984 4.78 -8.56 14.84
CA LEU G 984 5.56 -7.57 14.14
C LEU G 984 5.76 -6.32 14.99
N ASP G 985 6.76 -5.56 14.63
CA ASP G 985 6.90 -4.29 15.34
C ASP G 985 5.90 -3.28 14.79
N LYS G 986 5.25 -2.55 15.69
CA LYS G 986 4.02 -1.82 15.35
C LYS G 986 4.13 -0.98 14.08
N VAL G 987 5.23 -0.27 13.84
CA VAL G 987 5.29 0.54 12.62
C VAL G 987 4.94 -0.25 11.36
N GLU G 988 5.08 -1.57 11.39
CA GLU G 988 4.51 -2.39 10.33
C GLU G 988 3.02 -2.64 10.55
N ALA G 989 2.62 -2.88 11.79
CA ALA G 989 1.22 -3.15 12.08
C ALA G 989 0.33 -2.00 11.66
N GLU G 990 0.81 -0.76 11.80
CA GLU G 990 0.05 0.39 11.33
C GLU G 990 -0.33 0.22 9.87
N VAL G 991 0.53 -0.43 9.09
CA VAL G 991 0.22 -0.70 7.70
C VAL G 991 -0.82 -1.80 7.58
N GLN G 992 -0.58 -2.92 8.24
CA GLN G 992 -1.48 -4.05 8.13
C GLN G 992 -2.86 -3.70 8.64
N ILE G 993 -2.94 -3.16 9.86
CA ILE G 993 -4.23 -2.88 10.47
C ILE G 993 -5.09 -2.01 9.58
N ASP G 994 -4.49 -1.24 8.68
CA ASP G 994 -5.27 -0.63 7.61
C ASP G 994 -6.10 -1.67 6.88
N ARG G 995 -5.42 -2.62 6.23
CA ARG G 995 -6.12 -3.64 5.46
C ARG G 995 -7.13 -4.41 6.30
N LEU G 996 -6.94 -4.45 7.62
CA LEU G 996 -8.04 -4.92 8.46
C LEU G 996 -9.14 -3.88 8.54
N ILE G 997 -8.79 -2.65 8.94
CA ILE G 997 -9.82 -1.63 9.10
C ILE G 997 -10.49 -1.34 7.78
N THR G 998 -9.69 -1.06 6.75
CA THR G 998 -10.25 -0.82 5.43
C THR G 998 -11.18 -1.94 5.03
N GLY G 999 -10.85 -3.17 5.38
CA GLY G 999 -11.76 -4.26 5.14
C GLY G 999 -13.00 -4.20 6.00
N ARG G 1000 -12.81 -4.18 7.31
CA ARG G 1000 -13.96 -4.26 8.21
C ARG G 1000 -14.85 -3.04 8.08
N LEU G 1001 -14.24 -1.85 8.07
CA LEU G 1001 -15.01 -0.62 7.91
C LEU G 1001 -15.89 -0.71 6.68
N GLN G 1002 -15.33 -1.18 5.57
CA GLN G 1002 -16.15 -1.42 4.39
C GLN G 1002 -17.28 -2.37 4.70
N SER G 1003 -16.94 -3.54 5.25
CA SER G 1003 -17.95 -4.57 5.51
C SER G 1003 -19.09 -4.05 6.36
N LEU G 1004 -18.82 -3.11 7.25
CA LEU G 1004 -19.91 -2.41 7.91
C LEU G 1004 -20.74 -1.63 6.91
N GLN G 1005 -20.09 -0.74 6.17
CA GLN G 1005 -20.85 0.13 5.27
C GLN G 1005 -21.63 -0.68 4.26
N THR G 1006 -21.13 -1.85 3.87
CA THR G 1006 -21.97 -2.77 3.13
C THR G 1006 -23.19 -3.16 3.95
N TYR G 1007 -22.95 -3.71 5.14
CA TYR G 1007 -24.05 -4.15 5.98
C TYR G 1007 -24.99 -3.00 6.32
N VAL G 1008 -24.43 -1.85 6.67
CA VAL G 1008 -25.27 -0.73 7.04
C VAL G 1008 -26.14 -0.31 5.87
N THR G 1009 -25.49 0.00 4.74
CA THR G 1009 -26.24 0.41 3.55
C THR G 1009 -27.29 -0.62 3.17
N GLN G 1010 -27.02 -1.90 3.41
CA GLN G 1010 -28.07 -2.90 3.29
C GLN G 1010 -29.25 -2.54 4.16
N GLN G 1011 -29.02 -2.49 5.48
CA GLN G 1011 -30.10 -2.28 6.42
C GLN G 1011 -30.97 -1.08 6.03
N LEU G 1012 -30.33 0.04 5.69
CA LEU G 1012 -31.10 1.20 5.26
C LEU G 1012 -32.05 0.85 4.13
N ILE G 1013 -31.53 0.19 3.10
CA ILE G 1013 -32.39 -0.24 2.00
C ILE G 1013 -33.45 -1.19 2.52
N ARG G 1014 -33.04 -2.20 3.27
CA ARG G 1014 -34.00 -3.16 3.80
C ARG G 1014 -34.97 -2.48 4.75
N ALA G 1015 -34.49 -1.50 5.52
CA ALA G 1015 -35.40 -0.78 6.41
C ALA G 1015 -36.52 -0.12 5.63
N ALA G 1016 -36.18 0.57 4.55
CA ALA G 1016 -37.20 1.21 3.74
C ALA G 1016 -38.18 0.18 3.19
N GLU G 1017 -37.68 -1.00 2.83
CA GLU G 1017 -38.57 -2.05 2.34
C GLU G 1017 -39.62 -2.40 3.39
N ILE G 1018 -39.19 -2.57 4.64
CA ILE G 1018 -40.14 -2.76 5.73
C ILE G 1018 -40.98 -1.50 5.90
N ARG G 1019 -40.31 -0.34 5.81
CA ARG G 1019 -40.93 0.99 5.94
C ARG G 1019 -42.19 1.08 5.05
N ALA G 1020 -42.04 0.77 3.77
CA ALA G 1020 -43.20 0.80 2.82
C ALA G 1020 -44.24 -0.23 3.26
N SER G 1021 -43.78 -1.42 3.69
CA SER G 1021 -44.68 -2.49 4.16
C SER G 1021 -45.43 -2.02 5.41
N ALA G 1022 -44.74 -1.33 6.32
CA ALA G 1022 -45.32 -0.79 7.57
C ALA G 1022 -46.39 0.24 7.20
N ASN G 1023 -46.10 1.08 6.19
CA ASN G 1023 -47.06 2.10 5.72
C ASN G 1023 -48.31 1.37 5.19
N LEU G 1024 -48.11 0.28 4.44
CA LEU G 1024 -49.23 -0.51 3.87
C LEU G 1024 -50.06 -1.09 5.02
N ALA G 1025 -49.38 -1.58 6.07
CA ALA G 1025 -50.06 -2.17 7.25
C ALA G 1025 -50.90 -1.09 7.94
N ALA G 1026 -50.36 0.12 8.06
CA ALA G 1026 -51.09 1.24 8.69
C ALA G 1026 -52.32 1.56 7.83
N THR G 1027 -52.12 1.55 6.51
CA THR G 1027 -53.21 1.80 5.53
C THR G 1027 -54.29 0.73 5.69
N LYS G 1028 -53.88 -0.55 5.79
CA LYS G 1028 -54.89 -1.60 5.94
C LYS G 1028 -55.51 -1.53 7.32
N MET G 1029 -54.67 -1.42 8.34
CA MET G 1029 -55.19 -1.25 9.69
C MET G 1029 -56.18 -0.11 9.76
N SER G 1030 -55.84 1.01 9.15
CA SER G 1030 -56.72 2.17 9.17
C SER G 1030 -57.98 1.90 8.36
N GLU G 1031 -57.82 1.56 7.09
CA GLU G 1031 -58.96 1.49 6.19
C GLU G 1031 -59.72 0.19 6.34
N CYS G 1032 -59.01 -0.93 6.41
CA CYS G 1032 -59.69 -2.22 6.32
C CYS G 1032 -60.35 -2.46 7.67
N VAL G 1033 -59.55 -2.52 8.73
CA VAL G 1033 -60.12 -2.87 10.06
C VAL G 1033 -61.03 -1.75 10.57
N LEU G 1034 -60.53 -0.51 10.63
CA LEU G 1034 -61.30 0.60 11.28
C LEU G 1034 -62.42 1.09 10.38
N GLY G 1035 -62.32 0.82 9.08
CA GLY G 1035 -63.38 1.16 8.16
C GLY G 1035 -64.00 -0.06 7.50
N GLN G 1036 -64.58 0.17 6.33
CA GLN G 1036 -64.86 -0.88 5.35
C GLN G 1036 -64.35 -0.39 4.01
N SER G 1037 -63.45 -1.14 3.40
CA SER G 1037 -62.72 -0.62 2.25
C SER G 1037 -63.54 -0.78 0.99
N LYS G 1038 -63.90 0.33 0.38
CA LYS G 1038 -64.49 0.30 -0.94
C LYS G 1038 -63.48 -0.10 -2.00
N ARG G 1039 -62.20 0.11 -1.73
CA ARG G 1039 -61.15 -0.33 -2.65
C ARG G 1039 -61.32 -1.81 -2.92
N VAL G 1040 -61.06 -2.21 -4.16
CA VAL G 1040 -61.26 -3.60 -4.57
C VAL G 1040 -59.95 -4.35 -4.46
N ASP G 1041 -60.01 -5.53 -3.86
CA ASP G 1041 -58.86 -6.43 -3.71
C ASP G 1041 -57.70 -5.77 -2.99
N PHE G 1042 -58.00 -4.71 -2.24
CA PHE G 1042 -57.02 -4.20 -1.30
C PHE G 1042 -57.04 -5.03 -0.03
N CYS G 1043 -58.22 -5.44 0.40
CA CYS G 1043 -58.41 -6.30 1.54
C CYS G 1043 -58.53 -7.77 1.17
N GLY G 1044 -58.29 -8.13 -0.08
CA GLY G 1044 -58.38 -9.51 -0.51
C GLY G 1044 -59.57 -9.75 -1.41
N LYS G 1045 -59.53 -10.87 -2.13
CA LYS G 1045 -60.52 -11.17 -3.14
C LYS G 1045 -61.92 -11.17 -2.53
N GLY G 1046 -62.89 -10.73 -3.32
CA GLY G 1046 -64.25 -10.60 -2.85
C GLY G 1046 -64.50 -9.22 -2.27
N TYR G 1047 -65.77 -8.90 -2.13
CA TYR G 1047 -66.15 -7.68 -1.45
C TYR G 1047 -65.85 -7.82 0.03
N HIS G 1048 -65.34 -6.75 0.63
CA HIS G 1048 -64.81 -6.84 1.98
C HIS G 1048 -65.85 -6.46 3.02
N LEU G 1049 -65.91 -7.25 4.08
CA LEU G 1049 -66.78 -6.97 5.22
C LEU G 1049 -66.00 -6.38 6.38
N MET G 1050 -65.08 -7.14 6.97
CA MET G 1050 -64.28 -6.58 8.04
C MET G 1050 -62.99 -7.38 8.11
N SER G 1051 -62.02 -6.82 8.83
CA SER G 1051 -60.78 -7.51 9.07
C SER G 1051 -60.49 -7.55 10.56
N PHE G 1052 -59.85 -8.64 10.98
CA PHE G 1052 -59.42 -8.82 12.36
C PHE G 1052 -57.91 -8.92 12.40
N PRO G 1053 -57.20 -7.92 12.89
CA PRO G 1053 -55.75 -8.03 12.95
C PRO G 1053 -55.34 -9.04 14.01
N GLN G 1054 -54.17 -9.64 13.79
CA GLN G 1054 -53.58 -10.55 14.77
C GLN G 1054 -52.09 -10.30 14.77
N SER G 1055 -51.51 -10.12 15.95
CA SER G 1055 -50.09 -9.86 16.03
C SER G 1055 -49.31 -11.10 15.63
N ALA G 1056 -48.11 -10.88 15.12
CA ALA G 1056 -47.15 -11.94 14.84
C ALA G 1056 -45.77 -11.35 15.04
N PRO G 1057 -44.75 -12.17 15.29
CA PRO G 1057 -43.44 -11.61 15.62
C PRO G 1057 -42.96 -10.73 14.50
N HIS G 1058 -42.65 -9.49 14.82
CA HIS G 1058 -42.20 -8.52 13.84
C HIS G 1058 -43.12 -8.50 12.64
N GLY G 1059 -44.41 -8.32 12.90
CA GLY G 1059 -45.37 -8.27 11.81
C GLY G 1059 -46.78 -8.24 12.33
N VAL G 1060 -47.71 -8.25 11.40
CA VAL G 1060 -49.14 -8.25 11.72
C VAL G 1060 -49.82 -9.20 10.74
N VAL G 1061 -50.93 -9.79 11.18
CA VAL G 1061 -51.69 -10.73 10.37
C VAL G 1061 -53.15 -10.33 10.41
N PHE G 1062 -53.69 -9.98 9.26
CA PHE G 1062 -55.10 -9.65 9.15
C PHE G 1062 -55.87 -10.89 8.78
N LEU G 1063 -57.06 -11.02 9.32
CA LEU G 1063 -58.01 -12.01 8.84
C LEU G 1063 -59.11 -11.24 8.13
N HIS G 1064 -59.12 -11.30 6.81
CA HIS G 1064 -60.07 -10.53 6.03
C HIS G 1064 -61.32 -11.36 5.86
N VAL G 1065 -62.45 -10.81 6.28
CA VAL G 1065 -63.72 -11.48 6.11
C VAL G 1065 -64.38 -10.87 4.89
N THR G 1066 -64.46 -11.63 3.81
CA THR G 1066 -64.88 -11.11 2.52
C THR G 1066 -66.08 -11.87 2.01
N TYR G 1067 -66.93 -11.18 1.26
CA TYR G 1067 -68.19 -11.70 0.78
C TYR G 1067 -68.06 -12.12 -0.67
N VAL G 1068 -68.06 -13.42 -0.93
CA VAL G 1068 -67.84 -13.95 -2.27
C VAL G 1068 -69.14 -14.61 -2.74
N PRO G 1069 -69.70 -14.17 -3.87
CA PRO G 1069 -70.89 -14.84 -4.41
C PRO G 1069 -70.56 -16.23 -4.92
N ALA G 1070 -71.60 -17.04 -5.08
CA ALA G 1070 -71.37 -18.44 -5.38
C ALA G 1070 -72.14 -18.99 -6.58
N GLN G 1071 -73.45 -19.15 -6.45
CA GLN G 1071 -74.25 -19.88 -7.43
C GLN G 1071 -74.94 -18.90 -8.36
N GLU G 1072 -74.79 -19.10 -9.66
CA GLU G 1072 -75.28 -18.18 -10.66
C GLU G 1072 -76.36 -18.83 -11.50
N LYS G 1073 -77.22 -18.00 -12.09
CA LYS G 1073 -78.26 -18.49 -12.98
C LYS G 1073 -78.39 -17.55 -14.16
N ASN G 1074 -78.23 -18.10 -15.37
CA ASN G 1074 -78.34 -17.31 -16.57
C ASN G 1074 -79.71 -16.65 -16.66
N PHE G 1075 -79.73 -15.35 -16.87
CA PHE G 1075 -80.96 -14.57 -16.91
C PHE G 1075 -81.01 -13.73 -18.16
N THR G 1076 -82.15 -13.75 -18.84
CA THR G 1076 -82.43 -12.74 -19.83
C THR G 1076 -82.68 -11.43 -19.12
N THR G 1077 -82.09 -10.36 -19.63
CA THR G 1077 -82.18 -9.06 -18.99
C THR G 1077 -82.57 -8.00 -20.01
N ALA G 1078 -83.00 -6.85 -19.52
CA ALA G 1078 -83.18 -5.71 -20.38
C ALA G 1078 -82.78 -4.44 -19.65
N PRO G 1079 -82.12 -3.50 -20.31
CA PRO G 1079 -81.76 -2.25 -19.65
C PRO G 1079 -82.92 -1.36 -19.35
N ALA G 1080 -84.09 -1.61 -19.93
CA ALA G 1080 -85.20 -0.69 -19.76
C ALA G 1080 -86.50 -1.43 -19.99
N ILE G 1081 -87.59 -0.80 -19.57
CA ILE G 1081 -88.92 -1.35 -19.78
C ILE G 1081 -89.88 -0.24 -20.18
N CYS G 1082 -90.45 -0.34 -21.37
CA CYS G 1082 -91.56 0.53 -21.72
C CYS G 1082 -92.77 0.21 -20.87
N HIS G 1083 -93.55 1.22 -20.56
CA HIS G 1083 -94.87 0.90 -20.05
C HIS G 1083 -95.93 1.51 -20.96
N ASP G 1084 -96.14 2.81 -20.83
CA ASP G 1084 -97.07 3.54 -21.65
C ASP G 1084 -96.38 4.22 -22.82
N GLY G 1085 -95.11 3.95 -23.01
CA GLY G 1085 -94.25 4.75 -23.85
C GLY G 1085 -93.24 5.54 -23.05
N LYS G 1086 -93.50 5.74 -21.76
CA LYS G 1086 -92.43 6.16 -20.88
C LYS G 1086 -91.42 5.03 -20.77
N ALA G 1087 -90.20 5.36 -20.40
CA ALA G 1087 -89.21 4.36 -20.09
C ALA G 1087 -89.08 4.24 -18.58
N HIS G 1088 -88.85 3.04 -18.10
CA HIS G 1088 -88.66 2.79 -16.69
C HIS G 1088 -87.30 2.17 -16.49
N PHE G 1089 -86.50 2.76 -15.60
CA PHE G 1089 -85.20 2.25 -15.27
C PHE G 1089 -85.16 1.91 -13.79
N PRO G 1090 -84.38 0.92 -13.40
CA PRO G 1090 -84.33 0.55 -11.98
C PRO G 1090 -83.60 1.62 -11.20
N ARG G 1091 -84.08 1.89 -9.98
CA ARG G 1091 -83.29 2.74 -9.09
C ARG G 1091 -81.97 2.06 -8.75
N GLU G 1092 -82.04 0.84 -8.25
CA GLU G 1092 -80.84 0.07 -7.96
C GLU G 1092 -81.08 -1.35 -8.40
N GLY G 1093 -80.13 -1.91 -9.12
CA GLY G 1093 -80.29 -3.25 -9.66
C GLY G 1093 -80.69 -3.20 -11.12
N VAL G 1094 -81.13 -4.35 -11.61
CA VAL G 1094 -81.43 -4.47 -13.02
C VAL G 1094 -82.68 -5.28 -13.26
N PHE G 1095 -83.35 -4.95 -14.35
CA PHE G 1095 -84.45 -5.74 -14.84
C PHE G 1095 -83.95 -7.07 -15.33
N VAL G 1096 -84.51 -8.15 -14.81
CA VAL G 1096 -84.20 -9.47 -15.30
C VAL G 1096 -85.50 -10.20 -15.53
N SER G 1097 -85.41 -11.32 -16.21
CA SER G 1097 -86.48 -12.29 -16.20
C SER G 1097 -85.89 -13.65 -16.42
N ASN G 1098 -86.58 -14.64 -15.87
CA ASN G 1098 -86.26 -16.04 -16.10
C ASN G 1098 -86.85 -16.50 -17.43
N GLY G 1099 -87.36 -15.58 -18.22
CA GLY G 1099 -87.98 -15.85 -19.51
C GLY G 1099 -89.44 -15.51 -19.61
N THR G 1100 -90.13 -15.14 -18.54
CA THR G 1100 -91.48 -14.63 -18.74
C THR G 1100 -91.71 -13.33 -17.98
N HIS G 1101 -91.68 -13.41 -16.66
CA HIS G 1101 -92.05 -12.29 -15.81
C HIS G 1101 -90.82 -11.45 -15.51
N TRP G 1102 -90.90 -10.18 -15.85
CA TRP G 1102 -89.76 -9.31 -15.65
C TRP G 1102 -89.63 -8.93 -14.19
N PHE G 1103 -88.47 -9.18 -13.63
CA PHE G 1103 -88.18 -8.88 -12.25
C PHE G 1103 -87.01 -7.93 -12.18
N VAL G 1104 -87.10 -6.95 -11.31
CA VAL G 1104 -85.96 -6.12 -10.95
C VAL G 1104 -85.36 -6.69 -9.68
N THR G 1105 -84.03 -6.78 -9.65
CA THR G 1105 -83.36 -7.35 -8.50
C THR G 1105 -82.08 -6.59 -8.22
N GLN G 1106 -81.65 -6.64 -6.98
CA GLN G 1106 -80.37 -6.10 -6.60
C GLN G 1106 -79.26 -6.87 -7.30
N ARG G 1107 -78.10 -6.25 -7.44
CA ARG G 1107 -77.12 -6.80 -8.36
C ARG G 1107 -76.35 -7.98 -7.77
N ASN G 1108 -75.82 -7.84 -6.56
CA ASN G 1108 -74.87 -8.82 -6.07
C ASN G 1108 -75.54 -10.02 -5.41
N PHE G 1109 -76.86 -10.10 -5.44
CA PHE G 1109 -77.58 -11.23 -4.89
C PHE G 1109 -78.88 -11.34 -5.65
N TYR G 1110 -79.39 -12.55 -5.82
CA TYR G 1110 -80.59 -12.74 -6.62
C TYR G 1110 -81.80 -12.67 -5.69
N GLU G 1111 -82.56 -11.59 -5.80
CA GLU G 1111 -83.70 -11.35 -4.93
C GLU G 1111 -84.78 -10.69 -5.77
N PRO G 1112 -85.49 -11.46 -6.57
CA PRO G 1112 -86.43 -10.87 -7.51
C PRO G 1112 -87.60 -10.21 -6.81
N GLN G 1113 -88.06 -9.12 -7.39
CA GLN G 1113 -89.20 -8.38 -6.89
C GLN G 1113 -90.03 -7.88 -8.06
N ILE G 1114 -91.35 -7.87 -7.88
CA ILE G 1114 -92.21 -7.38 -8.93
C ILE G 1114 -91.92 -5.90 -9.17
N ILE G 1115 -92.14 -5.45 -10.38
CA ILE G 1115 -91.67 -4.14 -10.83
C ILE G 1115 -92.78 -3.14 -10.65
N THR G 1116 -92.57 -2.18 -9.75
CA THR G 1116 -93.51 -1.10 -9.51
C THR G 1116 -92.75 0.21 -9.52
N THR G 1117 -93.51 1.31 -9.53
CA THR G 1117 -92.88 2.62 -9.59
C THR G 1117 -91.86 2.82 -8.48
N ASP G 1118 -92.10 2.24 -7.30
CA ASP G 1118 -91.11 2.39 -6.25
C ASP G 1118 -89.80 1.72 -6.63
N ASN G 1119 -89.84 0.75 -7.54
CA ASN G 1119 -88.60 0.15 -8.03
C ASN G 1119 -87.95 0.98 -9.12
N THR G 1120 -88.75 1.72 -9.91
CA THR G 1120 -88.28 2.27 -11.17
C THR G 1120 -88.60 3.74 -11.28
N PHE G 1121 -87.71 4.47 -11.93
CA PHE G 1121 -87.96 5.87 -12.22
C PHE G 1121 -88.10 6.07 -13.71
N VAL G 1122 -88.82 7.13 -14.07
CA VAL G 1122 -89.19 7.40 -15.46
C VAL G 1122 -88.21 8.37 -16.05
N SER G 1123 -87.73 8.10 -17.26
CA SER G 1123 -86.89 9.04 -17.98
C SER G 1123 -87.07 8.82 -19.48
N GLY G 1124 -87.05 9.90 -20.24
CA GLY G 1124 -87.12 9.79 -21.68
C GLY G 1124 -88.40 9.13 -22.17
N ASN G 1125 -88.29 8.41 -23.28
CA ASN G 1125 -89.40 7.60 -23.78
C ASN G 1125 -88.81 6.43 -24.57
N CYS G 1126 -89.69 5.68 -25.24
CA CYS G 1126 -89.35 4.36 -25.71
C CYS G 1126 -88.49 4.33 -26.97
N ASP G 1127 -88.22 5.46 -27.59
CA ASP G 1127 -87.47 5.40 -28.84
C ASP G 1127 -85.99 5.11 -28.60
N VAL G 1128 -85.38 5.84 -27.68
CA VAL G 1128 -83.93 5.99 -27.69
C VAL G 1128 -83.25 4.75 -27.17
N VAL G 1129 -83.74 4.21 -26.06
CA VAL G 1129 -83.05 3.10 -25.40
C VAL G 1129 -82.86 1.96 -26.39
N ILE G 1130 -81.68 1.35 -26.35
CA ILE G 1130 -81.35 0.21 -27.18
C ILE G 1130 -81.48 -1.03 -26.32
N GLY G 1131 -82.50 -1.84 -26.58
CA GLY G 1131 -82.77 -3.01 -25.78
C GLY G 1131 -83.97 -2.92 -24.87
N ILE G 1132 -84.70 -1.83 -24.89
CA ILE G 1132 -85.90 -1.76 -24.08
C ILE G 1132 -86.90 -2.81 -24.56
N VAL G 1133 -87.66 -3.37 -23.63
CA VAL G 1133 -88.66 -4.42 -23.99
C VAL G 1133 -90.07 -3.90 -23.71
N ASN G 1134 -91.09 -4.69 -24.07
CA ASN G 1134 -92.50 -4.30 -23.84
C ASN G 1134 -93.01 -5.04 -22.60
N ASN G 1135 -93.45 -4.30 -21.58
CA ASN G 1135 -93.93 -4.92 -20.31
C ASN G 1135 -94.88 -3.96 -19.61
N THR G 1136 -95.42 -4.39 -18.46
CA THR G 1136 -96.35 -3.60 -17.68
C THR G 1136 -95.80 -3.46 -16.27
N VAL G 1137 -95.53 -2.24 -15.84
CA VAL G 1137 -95.00 -1.99 -14.52
C VAL G 1137 -96.18 -1.78 -13.58
N TYR G 1138 -96.38 -2.74 -12.70
CA TYR G 1138 -97.49 -2.68 -11.77
C TYR G 1138 -97.40 -1.43 -10.92
N ASP G 1139 -98.55 -0.91 -10.52
CA ASP G 1139 -98.63 0.30 -9.73
C ASP G 1139 -99.09 -0.01 -8.31
N PRO G 1140 -98.32 0.37 -7.30
CA PRO G 1140 -98.84 0.24 -5.94
C PRO G 1140 -100.15 0.96 -5.75
N LEU G 1141 -100.26 2.16 -6.31
CA LEU G 1141 -101.33 3.06 -5.94
C LEU G 1141 -102.65 2.68 -6.58
N GLN G 1142 -102.65 2.35 -7.86
CA GLN G 1142 -103.88 2.06 -8.59
C GLN G 1142 -104.85 1.14 -7.86
N PRO G 1143 -104.45 -0.03 -7.37
CA PRO G 1143 -105.42 -0.83 -6.60
C PRO G 1143 -105.89 -0.14 -5.34
N GLU G 1144 -104.97 0.52 -4.64
CA GLU G 1144 -105.32 1.21 -3.40
C GLU G 1144 -106.51 2.12 -3.60
N LEU G 1145 -106.62 2.70 -4.79
CA LEU G 1145 -107.78 3.54 -5.10
C LEU G 1145 -109.07 2.74 -5.01
N ASP G 1146 -109.11 1.60 -5.71
CA ASP G 1146 -110.37 1.17 -6.32
C ASP G 1146 -111.55 1.16 -5.37
N SER G 1147 -111.31 1.05 -4.08
CA SER G 1147 -112.40 1.24 -3.14
C SER G 1147 -112.76 2.72 -3.06
N GLN H 14 23.88 35.69 49.02
CA GLN H 14 22.66 35.84 49.80
C GLN H 14 22.18 34.49 50.33
N CYS H 15 21.11 33.98 49.71
CA CYS H 15 20.50 32.71 50.12
C CYS H 15 20.10 32.72 51.59
N VAL H 16 19.69 33.89 52.09
CA VAL H 16 19.14 33.95 53.44
C VAL H 16 17.88 33.10 53.48
N ASN H 17 17.74 32.30 54.54
CA ASN H 17 16.63 31.31 54.53
C ASN H 17 15.87 31.21 55.85
N LEU H 18 14.54 31.09 55.79
CA LEU H 18 13.70 30.91 57.01
C LEU H 18 12.62 29.88 56.70
N THR H 19 12.92 28.59 56.88
CA THR H 19 11.96 27.53 56.47
C THR H 19 10.65 27.64 57.24
N THR H 20 10.69 27.80 58.57
CA THR H 20 9.45 28.01 59.37
C THR H 20 8.39 26.97 58.98
N ARG H 21 8.76 25.67 58.96
CA ARG H 21 7.82 24.62 58.50
C ARG H 21 6.58 24.57 59.39
N THR H 22 5.41 24.35 58.79
CA THR H 22 4.13 24.33 59.57
C THR H 22 3.34 23.06 59.24
N GLN H 23 2.55 22.56 60.19
CA GLN H 23 1.77 21.31 60.01
C GLN H 23 0.37 21.61 59.45
N LEU H 24 -0.57 20.64 59.53
CA LEU H 24 -1.99 20.79 59.07
C LEU H 24 -2.15 20.32 57.62
N PRO H 25 -3.35 19.84 57.20
CA PRO H 25 -3.56 19.33 55.85
C PRO H 25 -3.75 20.42 54.77
N PRO H 26 -3.33 20.28 53.49
CA PRO H 26 -3.59 21.33 52.51
C PRO H 26 -5.08 21.58 52.39
N ALA H 27 -5.48 22.83 52.56
CA ALA H 27 -6.88 23.19 52.51
C ALA H 27 -7.32 23.13 51.06
N TYR H 28 -8.29 22.28 50.76
CA TYR H 28 -8.67 22.07 49.38
C TYR H 28 -9.89 22.94 49.05
N THR H 29 -10.29 22.88 47.78
CA THR H 29 -11.43 23.61 47.30
C THR H 29 -11.91 22.95 46.02
N ASN H 30 -12.94 23.53 45.43
CA ASN H 30 -13.60 22.96 44.27
C ASN H 30 -13.67 24.04 43.20
N SER H 31 -12.95 23.85 42.11
CA SER H 31 -13.08 24.76 40.98
C SER H 31 -14.33 24.41 40.21
N PHE H 32 -15.28 25.35 40.17
CA PHE H 32 -16.61 25.02 39.69
C PHE H 32 -16.60 25.05 38.17
N THR H 33 -16.52 26.26 37.62
CA THR H 33 -16.21 26.47 36.21
C THR H 33 -14.96 27.34 36.18
N ARG H 34 -13.84 26.76 35.76
CA ARG H 34 -12.60 27.48 35.92
C ARG H 34 -11.56 26.94 34.94
N GLY H 35 -10.56 27.77 34.67
CA GLY H 35 -9.43 27.36 33.86
C GLY H 35 -9.74 27.03 32.43
N VAL H 36 -10.62 27.80 31.79
CA VAL H 36 -10.94 27.63 30.38
C VAL H 36 -10.30 28.78 29.61
N TYR H 37 -9.25 28.47 28.87
CA TYR H 37 -8.53 29.44 28.07
C TYR H 37 -8.93 29.26 26.61
N TYR H 38 -8.35 30.08 25.74
CA TYR H 38 -8.60 29.97 24.32
C TYR H 38 -7.48 29.16 23.69
N PRO H 39 -7.71 27.91 23.30
CA PRO H 39 -6.62 27.12 22.73
C PRO H 39 -6.48 27.28 21.22
N ASP H 40 -6.45 28.51 20.74
CA ASP H 40 -6.22 28.91 19.35
C ASP H 40 -6.34 30.43 19.26
N LYS H 41 -5.79 30.98 18.18
CA LYS H 41 -5.97 32.38 17.82
C LYS H 41 -7.21 32.59 16.97
N VAL H 42 -7.78 31.52 16.43
CA VAL H 42 -8.83 31.61 15.43
C VAL H 42 -10.08 32.21 16.07
N PHE H 43 -10.61 33.25 15.43
CA PHE H 43 -11.81 33.91 15.91
C PHE H 43 -13.03 33.13 15.48
N ARG H 44 -13.85 32.73 16.45
CA ARG H 44 -15.09 32.04 16.17
C ARG H 44 -16.22 32.74 16.89
N SER H 45 -17.43 32.65 16.33
CA SER H 45 -18.58 33.40 16.82
C SER H 45 -19.76 32.46 17.01
N SER H 46 -20.21 32.33 18.26
CA SER H 46 -21.44 31.61 18.61
C SER H 46 -21.49 30.23 17.96
N VAL H 47 -20.44 29.44 18.15
CA VAL H 47 -20.39 28.07 17.65
C VAL H 47 -19.95 27.18 18.80
N LEU H 48 -20.24 25.88 18.70
CA LEU H 48 -19.77 24.94 19.70
C LEU H 48 -18.58 24.17 19.15
N HIS H 49 -17.40 24.48 19.67
CA HIS H 49 -16.17 23.87 19.22
C HIS H 49 -15.69 22.89 20.27
N SER H 50 -15.10 21.78 19.83
CA SER H 50 -14.73 20.69 20.72
C SER H 50 -13.30 20.26 20.42
N THR H 51 -12.42 20.37 21.41
CA THR H 51 -11.08 19.84 21.34
C THR H 51 -10.75 19.07 22.61
N GLN H 52 -9.82 18.14 22.49
CA GLN H 52 -9.29 17.40 23.63
C GLN H 52 -7.88 17.92 23.88
N ASP H 53 -7.72 18.65 24.99
CA ASP H 53 -6.48 19.32 25.31
C ASP H 53 -6.30 19.31 26.82
N LEU H 54 -5.09 19.67 27.25
CA LEU H 54 -4.82 19.82 28.67
C LEU H 54 -5.66 20.94 29.25
N PHE H 55 -6.42 20.64 30.30
CA PHE H 55 -7.17 21.65 31.04
C PHE H 55 -7.20 21.26 32.51
N LEU H 56 -7.78 22.13 33.33
CA LEU H 56 -8.13 21.78 34.69
C LEU H 56 -9.59 21.35 34.69
N PRO H 57 -9.89 20.07 34.83
CA PRO H 57 -11.28 19.62 34.70
C PRO H 57 -12.16 20.20 35.80
N PHE H 58 -13.42 20.46 35.44
CA PHE H 58 -14.37 21.13 36.37
C PHE H 58 -14.65 20.28 37.61
N PHE H 59 -15.17 20.91 38.66
CA PHE H 59 -15.45 20.19 39.93
C PHE H 59 -14.17 19.49 40.37
N SER H 60 -13.04 20.20 40.28
CA SER H 60 -11.73 19.57 40.61
C SER H 60 -11.24 19.96 41.99
N ASN H 61 -10.32 19.18 42.53
CA ASN H 61 -9.72 19.45 43.85
C ASN H 61 -8.58 20.42 43.64
N VAL H 62 -8.69 21.61 44.22
CA VAL H 62 -7.67 22.66 44.03
C VAL H 62 -7.13 23.03 45.40
N THR H 63 -5.82 23.09 45.55
CA THR H 63 -5.27 23.32 46.90
C THR H 63 -5.17 24.82 47.18
N TRP H 64 -5.96 25.34 48.13
CA TRP H 64 -5.84 26.76 48.53
C TRP H 64 -4.63 26.84 49.46
N PHE H 65 -3.45 27.10 48.91
CA PHE H 65 -2.18 27.16 49.70
C PHE H 65 -2.00 28.56 50.27
N HIS H 66 -1.18 28.70 51.32
CA HIS H 66 -0.85 30.05 51.84
C HIS H 66 0.67 30.21 51.90
N ALA H 67 1.23 31.14 51.12
CA ALA H 67 2.70 31.41 51.19
C ALA H 67 3.05 31.98 52.57
N ILE H 68 2.27 32.94 53.06
CA ILE H 68 2.48 33.51 54.43
C ILE H 68 1.13 33.41 55.14
N HIS H 69 1.08 32.85 56.35
CA HIS H 69 -0.25 32.64 56.98
C HIS H 69 -0.29 33.03 58.46
N VAL H 70 -0.88 34.18 58.78
CA VAL H 70 -1.07 34.52 60.18
C VAL H 70 -2.26 33.77 60.75
N SER H 71 -2.00 32.93 61.76
CA SER H 71 -3.04 32.35 62.59
C SER H 71 -2.90 33.00 63.96
N GLY H 72 -3.86 33.85 64.31
CA GLY H 72 -3.66 34.84 65.34
C GLY H 72 -3.45 34.37 66.77
N THR H 73 -2.30 34.74 67.33
CA THR H 73 -2.14 34.93 68.76
C THR H 73 -1.45 36.28 68.95
N ASN H 74 -0.20 36.39 68.53
CA ASN H 74 0.36 37.64 68.05
C ASN H 74 1.34 37.29 66.93
N GLY H 75 1.20 37.95 65.79
CA GLY H 75 2.09 37.64 64.68
C GLY H 75 1.87 36.22 64.20
N THR H 76 2.95 35.42 64.26
CA THR H 76 2.97 34.02 63.80
C THR H 76 2.66 33.94 62.30
N LYS H 77 3.63 34.43 61.53
CA LYS H 77 3.59 34.33 60.08
C LYS H 77 4.21 33.02 59.63
N ARG H 78 3.45 32.22 58.88
CA ARG H 78 3.84 30.86 58.52
C ARG H 78 4.24 30.81 57.06
N PHE H 79 5.53 30.61 56.80
CA PHE H 79 6.08 30.53 55.46
C PHE H 79 6.10 29.04 55.08
N ASP H 80 5.11 28.62 54.28
CA ASP H 80 4.96 27.22 53.93
C ASP H 80 5.28 26.87 52.48
N ASN H 81 5.50 27.84 51.60
CA ASN H 81 5.32 27.54 50.19
C ASN H 81 6.31 26.49 49.69
N PRO H 82 5.85 25.29 49.34
CA PRO H 82 6.77 24.22 48.96
C PRO H 82 7.21 24.32 47.51
N VAL H 83 8.35 23.68 47.22
CA VAL H 83 8.64 23.32 45.85
C VAL H 83 7.59 22.32 45.38
N LEU H 84 6.97 22.61 44.24
CA LEU H 84 5.86 21.77 43.82
C LEU H 84 6.13 21.18 42.45
N PRO H 85 5.78 19.91 42.25
CA PRO H 85 5.97 19.30 40.93
C PRO H 85 5.09 19.98 39.89
N PHE H 86 5.54 19.98 38.64
CA PHE H 86 4.74 20.53 37.56
C PHE H 86 3.70 19.53 37.07
N ASN H 87 4.04 18.24 37.09
CA ASN H 87 3.17 17.15 36.63
C ASN H 87 2.80 17.43 35.17
N ASP H 88 1.54 17.25 34.78
CA ASP H 88 1.11 17.48 33.39
C ASP H 88 1.06 18.95 33.04
N GLY H 89 0.20 19.73 33.69
CA GLY H 89 0.19 21.17 33.53
C GLY H 89 -0.22 21.79 34.84
N VAL H 90 -0.11 23.12 34.88
CA VAL H 90 -0.29 23.86 36.12
C VAL H 90 -1.27 25.01 35.92
N TYR H 91 -2.16 25.17 36.89
CA TYR H 91 -3.08 26.30 36.97
C TYR H 91 -2.70 27.12 38.20
N PHE H 92 -3.04 28.40 38.20
CA PHE H 92 -2.72 29.27 39.32
C PHE H 92 -3.76 30.37 39.47
N ALA H 93 -4.05 30.73 40.71
CA ALA H 93 -5.03 31.77 41.00
C ALA H 93 -4.66 32.47 42.29
N SER H 94 -4.93 33.76 42.36
CA SER H 94 -4.65 34.54 43.57
C SER H 94 -5.50 35.79 43.58
N THR H 95 -5.63 36.38 44.76
CA THR H 95 -6.32 37.66 44.93
C THR H 95 -5.30 38.77 45.17
N GLU H 96 -4.76 38.81 46.39
CA GLU H 96 -3.59 39.62 46.73
C GLU H 96 -3.81 41.09 46.37
N LYS H 97 -4.80 41.70 47.03
CA LYS H 97 -5.04 43.15 46.79
C LYS H 97 -3.68 43.84 46.91
N SER H 98 -2.90 43.51 47.93
CA SER H 98 -1.52 44.04 48.03
C SER H 98 -0.60 42.94 47.48
N ASN H 99 0.09 43.22 46.37
CA ASN H 99 0.88 42.14 45.74
C ASN H 99 1.98 41.67 46.68
N ILE H 100 2.16 40.37 46.78
CA ILE H 100 3.32 39.82 47.56
C ILE H 100 3.88 38.76 46.63
N ILE H 101 3.18 38.53 45.52
CA ILE H 101 3.56 37.49 44.58
C ILE H 101 4.06 38.14 43.31
N ARG H 102 5.10 37.56 42.72
CA ARG H 102 5.73 38.15 41.55
C ARG H 102 5.82 37.16 40.42
N GLY H 103 6.52 36.04 40.63
CA GLY H 103 6.77 35.08 39.58
C GLY H 103 6.99 33.71 40.15
N TRP H 104 7.46 32.80 39.29
CA TRP H 104 7.64 31.41 39.67
C TRP H 104 9.00 30.94 39.17
N ILE H 105 9.51 29.87 39.78
CA ILE H 105 10.90 29.44 39.60
C ILE H 105 11.04 28.34 38.56
N PHE H 106 10.00 28.11 37.74
CA PHE H 106 9.78 26.83 37.07
C PHE H 106 11.07 26.25 36.51
N GLY H 107 11.26 24.95 36.74
CA GLY H 107 12.47 24.28 36.33
C GLY H 107 12.36 22.78 36.57
N THR H 108 13.51 22.13 36.62
CA THR H 108 13.55 20.71 36.90
C THR H 108 14.41 20.42 38.12
N THR H 109 15.71 20.66 38.01
CA THR H 109 16.61 20.47 39.15
C THR H 109 16.46 21.59 40.18
N LEU H 110 15.88 22.72 39.77
CA LEU H 110 15.76 23.92 40.62
C LEU H 110 17.16 24.40 41.01
N ASP H 111 18.08 24.25 40.07
CA ASP H 111 19.50 24.36 40.30
C ASP H 111 20.14 24.59 38.94
N SER H 112 21.47 24.50 38.86
CA SER H 112 22.13 24.39 37.57
C SER H 112 21.91 22.98 37.03
N LYS H 113 22.58 22.67 35.92
CA LYS H 113 22.52 21.44 35.15
C LYS H 113 21.28 21.39 34.27
N THR H 114 20.28 22.23 34.50
CA THR H 114 19.14 22.39 33.60
C THR H 114 18.93 23.89 33.39
N GLN H 115 18.08 24.22 32.43
CA GLN H 115 17.70 25.61 32.32
C GLN H 115 16.80 26.00 33.49
N SER H 116 16.41 27.26 33.53
CA SER H 116 15.54 27.72 34.59
C SER H 116 14.55 28.74 34.02
N LEU H 117 13.28 28.53 34.31
CA LEU H 117 12.30 29.54 33.97
C LEU H 117 12.09 30.49 35.14
N LEU H 118 12.55 31.72 34.96
CA LEU H 118 12.49 32.69 36.05
C LEU H 118 11.64 33.86 35.61
N ILE H 119 10.43 33.90 36.15
CA ILE H 119 9.52 35.00 35.78
C ILE H 119 9.64 36.03 36.89
N VAL H 120 10.20 37.20 36.58
CA VAL H 120 10.19 38.25 37.64
C VAL H 120 9.35 39.42 37.13
N ASN H 121 8.23 39.68 37.80
CA ASN H 121 7.46 40.89 37.44
C ASN H 121 8.01 42.02 38.30
N ASN H 122 9.32 42.28 38.19
CA ASN H 122 9.89 43.42 38.95
C ASN H 122 9.19 44.67 38.42
N ALA H 123 8.70 45.54 39.30
CA ALA H 123 7.95 46.70 38.80
C ALA H 123 8.89 47.57 37.97
N THR H 124 8.39 48.14 36.88
CA THR H 124 7.12 47.70 36.25
C THR H 124 7.42 46.74 35.11
N ASN H 125 8.69 46.65 34.72
CA ASN H 125 9.00 45.81 33.53
C ASN H 125 9.29 44.38 33.99
N VAL H 126 8.30 43.50 33.79
CA VAL H 126 8.57 42.08 34.11
C VAL H 126 9.71 41.69 33.18
N VAL H 127 10.77 41.08 33.71
CA VAL H 127 11.84 40.59 32.80
C VAL H 127 11.79 39.07 32.79
N ILE H 128 10.90 38.49 31.98
CA ILE H 128 10.95 37.03 31.94
C ILE H 128 12.38 36.59 31.67
N LYS H 129 12.78 35.50 32.33
CA LYS H 129 14.11 34.96 32.17
C LYS H 129 14.04 33.45 32.02
N VAL H 130 14.64 32.95 30.94
CA VAL H 130 14.93 31.53 30.80
C VAL H 130 16.44 31.40 30.78
N CYS H 131 17.02 30.89 31.86
CA CYS H 131 18.46 30.92 32.06
C CYS H 131 18.87 29.68 32.83
N GLU H 132 20.12 29.65 33.29
CA GLU H 132 20.59 28.69 34.27
C GLU H 132 20.97 29.45 35.54
N PHE H 133 20.23 29.23 36.61
CA PHE H 133 20.47 29.92 37.87
C PHE H 133 20.91 28.92 38.94
N GLN H 134 21.24 29.46 40.11
CA GLN H 134 21.35 28.69 41.33
C GLN H 134 20.27 29.18 42.28
N PHE H 135 19.21 28.39 42.45
CA PHE H 135 18.15 28.79 43.35
C PHE H 135 18.43 28.30 44.76
N CYS H 136 18.25 29.21 45.72
CA CYS H 136 18.60 28.94 47.10
C CYS H 136 17.61 27.93 47.69
N ASN H 137 17.83 27.59 48.95
CA ASN H 137 16.92 26.69 49.65
C ASN H 137 15.58 27.35 49.99
N ASP H 138 15.56 28.66 50.21
CA ASP H 138 14.34 29.40 50.51
C ASP H 138 14.29 30.62 49.61
N PRO H 139 14.09 30.42 48.30
CA PRO H 139 14.15 31.56 47.37
C PRO H 139 12.91 32.43 47.44
N PHE H 140 13.12 33.74 47.26
CA PHE H 140 12.07 34.74 47.14
C PHE H 140 12.76 36.08 46.90
N LEU H 141 12.01 37.03 46.34
CA LEU H 141 12.56 38.34 46.01
C LEU H 141 12.56 39.21 47.26
N GLY H 142 13.74 39.69 47.64
CA GLY H 142 13.81 40.66 48.72
C GLY H 142 13.55 42.07 48.19
N VAL H 143 12.88 42.86 49.01
CA VAL H 143 12.61 44.27 48.72
C VAL H 143 13.12 45.09 49.89
N TYR H 144 13.77 46.19 49.59
CA TYR H 144 14.33 47.07 50.62
C TYR H 144 14.13 48.51 50.15
N TYR H 145 14.70 49.44 50.90
CA TYR H 145 14.58 50.86 50.63
C TYR H 145 15.95 51.45 50.32
N HIS H 146 16.10 52.04 49.14
CA HIS H 146 17.45 52.47 48.66
C HIS H 146 18.02 53.70 49.37
N LYS H 147 17.18 54.66 49.80
CA LYS H 147 17.64 55.89 50.54
C LYS H 147 18.23 56.84 49.50
N ASN H 148 18.54 56.32 48.31
CA ASN H 148 19.03 57.17 47.20
C ASN H 148 17.88 57.26 46.20
N ASN H 149 17.26 58.43 46.06
CA ASN H 149 16.06 58.62 45.17
C ASN H 149 14.82 58.12 45.91
N LYS H 150 14.96 57.71 47.18
CA LYS H 150 13.81 57.29 48.02
C LYS H 150 12.97 56.22 47.32
N SER H 151 13.61 55.18 46.75
CA SER H 151 12.86 54.16 45.97
C SER H 151 13.01 52.77 46.59
N TRP H 152 11.94 51.98 46.62
CA TRP H 152 12.03 50.61 47.11
C TRP H 152 12.58 49.73 46.00
N MET H 153 13.83 49.30 46.12
CA MET H 153 14.38 48.37 45.16
C MET H 153 13.94 46.96 45.48
N GLU H 154 14.34 46.04 44.61
CA GLU H 154 14.09 44.62 44.82
C GLU H 154 15.41 43.90 44.67
N SER H 155 15.89 43.30 45.75
CA SER H 155 17.07 42.46 45.69
C SER H 155 16.63 41.13 45.09
N GLU H 156 17.14 40.82 43.91
CA GLU H 156 16.70 39.64 43.18
C GLU H 156 17.55 38.42 43.48
N PHE H 157 18.68 38.60 44.17
CA PHE H 157 19.54 37.45 44.45
C PHE H 157 19.22 36.84 45.80
N ARG H 158 18.20 37.33 46.49
CA ARG H 158 17.66 36.58 47.62
C ARG H 158 16.91 35.36 47.12
N VAL H 159 16.52 35.38 45.85
CA VAL H 159 15.98 34.20 45.17
C VAL H 159 17.12 33.26 44.88
N TYR H 160 18.01 33.69 43.99
CA TYR H 160 19.03 32.85 43.39
C TYR H 160 20.40 33.51 43.52
N SER H 161 21.42 32.69 43.74
CA SER H 161 22.78 33.23 43.85
C SER H 161 23.33 33.56 42.47
N SER H 162 23.57 32.54 41.65
CA SER H 162 24.23 32.70 40.36
C SER H 162 23.21 32.98 39.27
N ALA H 163 23.61 33.85 38.34
CA ALA H 163 22.90 34.02 37.07
C ALA H 163 23.94 34.00 35.97
N ASN H 164 23.89 33.00 35.10
CA ASN H 164 24.89 32.81 34.06
C ASN H 164 24.34 31.85 33.01
N ASN H 165 25.11 31.66 31.94
CA ASN H 165 24.82 30.69 30.87
C ASN H 165 23.54 31.03 30.12
N CYS H 166 22.84 32.11 30.48
CA CYS H 166 21.43 32.27 30.19
C CYS H 166 21.09 32.03 28.72
N THR H 167 20.06 31.22 28.50
CA THR H 167 19.57 30.90 27.16
C THR H 167 18.63 31.95 26.59
N PHE H 168 17.70 32.47 27.38
CA PHE H 168 16.68 33.35 26.81
C PHE H 168 16.34 34.47 27.79
N GLU H 169 15.87 35.57 27.22
CA GLU H 169 15.47 36.76 27.97
C GLU H 169 14.34 37.44 27.22
N TYR H 170 13.42 38.04 27.97
CA TYR H 170 12.31 38.77 27.37
C TYR H 170 11.75 39.76 28.37
N VAL H 171 11.08 40.79 27.85
CA VAL H 171 10.43 41.82 28.65
C VAL H 171 9.08 42.13 28.03
N SER H 172 8.09 42.45 28.87
CA SER H 172 6.76 42.80 28.41
C SER H 172 6.09 43.72 29.42
N GLN H 173 4.87 44.15 29.11
CA GLN H 173 4.05 44.89 30.04
C GLN H 173 3.60 44.00 31.19
N PRO H 174 3.48 44.55 32.39
CA PRO H 174 3.33 43.70 33.58
C PRO H 174 2.05 42.86 33.52
N PHE H 175 2.23 41.56 33.72
CA PHE H 175 1.10 40.65 33.79
C PHE H 175 0.32 40.90 35.08
N LEU H 176 1.01 40.89 36.20
CA LEU H 176 0.47 41.34 37.47
C LEU H 176 0.19 42.83 37.35
N MET H 177 -1.03 43.23 37.70
CA MET H 177 -1.44 44.62 37.58
C MET H 177 -2.41 44.92 38.71
N ASP H 178 -2.32 46.12 39.27
CA ASP H 178 -3.28 46.51 40.28
C ASP H 178 -4.30 47.49 39.69
N LEU H 179 -5.32 47.78 40.47
CA LEU H 179 -6.28 48.84 40.21
C LEU H 179 -6.50 49.57 41.52
N GLU H 180 -7.03 48.82 42.50
CA GLU H 180 -7.25 49.21 43.88
C GLU H 180 -8.14 50.44 43.99
N GLY H 181 -7.92 51.27 45.01
CA GLY H 181 -8.89 52.28 45.39
C GLY H 181 -10.24 51.74 45.81
N LYS H 182 -10.43 50.41 45.81
CA LYS H 182 -11.73 49.77 45.91
C LYS H 182 -12.06 49.25 47.30
N GLN H 183 -11.17 49.43 48.27
CA GLN H 183 -11.35 48.93 49.64
C GLN H 183 -11.91 47.51 49.66
N GLY H 184 -11.42 46.68 48.75
CA GLY H 184 -11.94 45.35 48.55
C GLY H 184 -13.04 45.33 47.49
N ASN H 185 -13.93 44.35 47.64
CA ASN H 185 -15.08 44.14 46.77
C ASN H 185 -14.66 43.72 45.37
N PHE H 186 -13.38 43.86 45.06
CA PHE H 186 -12.75 43.23 43.90
C PHE H 186 -11.84 42.09 44.33
N LYS H 187 -10.84 42.39 45.16
CA LYS H 187 -9.77 41.48 45.55
C LYS H 187 -8.84 41.26 44.38
N ASN H 188 -9.25 41.74 43.19
CA ASN H 188 -8.49 41.60 41.96
C ASN H 188 -8.01 40.16 41.79
N LEU H 189 -8.97 39.26 41.63
CA LEU H 189 -8.62 37.86 41.48
C LEU H 189 -7.83 37.68 40.19
N ARG H 190 -6.65 37.07 40.29
CA ARG H 190 -5.72 36.99 39.19
C ARG H 190 -5.33 35.53 38.98
N GLU H 191 -5.46 35.07 37.74
CA GLU H 191 -5.22 33.68 37.38
C GLU H 191 -4.14 33.60 36.31
N PHE H 192 -3.32 32.57 36.40
CA PHE H 192 -2.28 32.36 35.41
C PHE H 192 -2.15 30.87 35.13
N VAL H 193 -2.25 30.51 33.85
CA VAL H 193 -2.14 29.12 33.43
C VAL H 193 -0.82 28.94 32.72
N PHE H 194 -0.17 27.82 33.00
CA PHE H 194 1.18 27.54 32.51
C PHE H 194 1.18 26.14 31.92
N LYS H 195 1.38 26.05 30.61
CA LYS H 195 1.35 24.78 29.90
C LYS H 195 2.59 24.66 29.03
N ASN H 196 3.33 23.58 29.20
CA ASN H 196 4.60 23.39 28.54
C ASN H 196 4.48 22.25 27.55
N ILE H 197 4.48 22.59 26.26
CA ILE H 197 4.33 21.62 25.18
C ILE H 197 5.18 22.09 24.00
N ASP H 198 5.55 21.13 23.15
CA ASP H 198 6.01 21.33 21.77
C ASP H 198 6.95 22.52 21.60
N GLY H 199 7.85 22.73 22.55
CA GLY H 199 8.76 23.85 22.47
C GLY H 199 8.14 25.19 22.78
N TYR H 200 6.81 25.26 22.94
CA TYR H 200 6.13 26.49 23.32
C TYR H 200 5.52 26.33 24.69
N PHE H 201 6.10 27.02 25.67
CA PHE H 201 5.49 27.20 26.98
C PHE H 201 4.72 28.52 26.92
N LYS H 202 3.40 28.43 26.98
CA LYS H 202 2.54 29.57 26.78
C LYS H 202 1.91 30.01 28.10
N ILE H 203 1.77 31.31 28.26
CA ILE H 203 1.26 31.90 29.50
C ILE H 203 -0.12 32.47 29.22
N TYR H 204 -1.02 32.31 30.19
CA TYR H 204 -2.37 32.80 30.10
C TYR H 204 -2.63 33.66 31.33
N SER H 205 -3.63 34.54 31.25
CA SER H 205 -3.88 35.47 32.34
C SER H 205 -5.35 35.85 32.34
N LYS H 206 -5.73 36.66 33.33
CA LYS H 206 -7.08 37.15 33.53
C LYS H 206 -7.05 38.04 34.77
N HIS H 207 -8.05 38.91 34.86
CA HIS H 207 -8.26 39.72 36.07
C HIS H 207 -9.75 39.81 36.33
N THR H 208 -10.16 39.48 37.54
CA THR H 208 -11.58 39.41 37.83
C THR H 208 -11.89 40.01 39.20
N PRO H 209 -12.99 40.74 39.32
CA PRO H 209 -13.48 41.12 40.64
C PRO H 209 -14.10 39.92 41.35
N ILE H 210 -13.88 39.82 42.66
CA ILE H 210 -14.56 38.83 43.48
C ILE H 210 -14.93 39.46 44.81
N ASN H 211 -16.20 39.35 45.19
CA ASN H 211 -16.68 39.85 46.47
C ASN H 211 -16.67 38.79 47.57
N LEU H 212 -16.44 37.52 47.23
CA LEU H 212 -16.48 36.47 48.23
C LEU H 212 -15.23 36.56 49.10
N VAL H 213 -15.34 35.98 50.31
CA VAL H 213 -14.27 36.11 51.29
C VAL H 213 -12.97 35.51 50.76
N ARG H 214 -13.02 34.27 50.28
CA ARG H 214 -11.82 33.64 49.75
C ARG H 214 -12.06 32.96 48.41
N ASP H 215 -12.81 31.86 48.43
CA ASP H 215 -12.81 30.89 47.34
C ASP H 215 -13.57 31.44 46.13
N LEU H 216 -13.63 30.64 45.07
CA LEU H 216 -13.93 31.07 43.72
C LEU H 216 -15.44 31.07 43.46
N PRO H 217 -15.90 31.93 42.54
CA PRO H 217 -17.33 31.94 42.18
C PRO H 217 -17.68 30.91 41.13
N GLN H 218 -18.92 30.99 40.62
CA GLN H 218 -19.42 30.08 39.60
C GLN H 218 -19.15 30.57 38.18
N GLY H 219 -18.57 31.76 38.01
CA GLY H 219 -18.40 32.34 36.71
C GLY H 219 -17.28 31.69 35.92
N PHE H 220 -17.34 31.90 34.59
CA PHE H 220 -16.33 31.40 33.68
C PHE H 220 -15.23 32.45 33.49
N SER H 221 -14.00 31.97 33.41
CA SER H 221 -12.84 32.83 33.22
C SER H 221 -12.11 32.42 31.96
N ALA H 222 -12.12 33.29 30.96
CA ALA H 222 -11.40 33.02 29.73
C ALA H 222 -10.02 33.66 29.77
N LEU H 223 -9.01 32.88 29.41
CA LEU H 223 -7.62 33.29 29.53
C LEU H 223 -6.99 33.34 28.14
N GLU H 224 -6.56 34.50 27.73
CA GLU H 224 -5.91 34.57 26.43
C GLU H 224 -4.45 34.18 26.58
N PRO H 225 -3.83 33.62 25.54
CA PRO H 225 -2.37 33.41 25.60
C PRO H 225 -1.65 34.75 25.58
N LEU H 226 -0.73 34.92 26.51
CA LEU H 226 0.05 36.15 26.54
C LEU H 226 1.15 36.10 25.50
N VAL H 227 2.14 35.24 25.71
CA VAL H 227 3.24 35.05 24.79
C VAL H 227 3.45 33.56 24.57
N ASP H 228 3.69 33.17 23.32
CA ASP H 228 4.03 31.80 23.00
C ASP H 228 5.54 31.71 22.80
N LEU H 229 6.26 31.20 23.80
CA LEU H 229 7.74 31.32 23.71
C LEU H 229 8.49 30.03 23.46
N PRO H 230 9.62 30.09 22.71
CA PRO H 230 10.47 28.92 22.51
C PRO H 230 11.13 28.64 23.87
N ILE H 231 10.74 27.54 24.50
CA ILE H 231 11.26 27.20 25.85
C ILE H 231 12.10 25.94 25.70
N GLY H 232 11.57 24.93 25.01
CA GLY H 232 12.30 23.71 24.74
C GLY H 232 12.78 22.92 25.95
N ILE H 233 12.44 23.32 27.18
CA ILE H 233 12.81 22.55 28.35
C ILE H 233 11.57 21.90 28.95
N ASN H 234 11.77 20.70 29.50
CA ASN H 234 10.77 20.07 30.35
C ASN H 234 10.89 20.64 31.76
N ILE H 235 9.76 21.07 32.32
CA ILE H 235 9.70 21.60 33.68
C ILE H 235 8.88 20.61 34.49
N THR H 236 9.53 19.88 35.41
CA THR H 236 8.81 18.94 36.26
C THR H 236 8.51 19.45 37.66
N ARG H 237 9.02 20.61 38.05
CA ARG H 237 8.83 21.06 39.43
C ARG H 237 9.06 22.57 39.50
N PHE H 238 8.52 23.18 40.54
CA PHE H 238 8.59 24.64 40.66
C PHE H 238 8.23 25.06 42.08
N GLN H 239 8.26 26.37 42.30
CA GLN H 239 7.77 27.05 43.49
C GLN H 239 7.50 28.50 43.08
N THR H 240 6.67 29.20 43.85
CA THR H 240 6.34 30.58 43.55
C THR H 240 7.43 31.50 44.08
N LEU H 241 7.24 32.80 43.88
CA LEU H 241 8.16 33.81 44.39
C LEU H 241 7.40 34.80 45.25
N LEU H 242 8.16 35.58 46.02
CA LEU H 242 7.59 36.41 47.05
C LEU H 242 8.27 37.78 47.05
N ALA H 243 7.60 38.75 47.64
CA ALA H 243 8.15 40.08 47.87
C ALA H 243 7.97 40.42 49.34
N LEU H 244 9.09 40.54 50.06
CA LEU H 244 9.09 40.85 51.47
C LEU H 244 9.99 42.06 51.68
N HIS H 245 10.08 42.56 52.90
CA HIS H 245 10.85 43.77 53.15
C HIS H 245 11.50 43.74 54.51
N ARG H 246 12.04 44.89 54.92
CA ARG H 246 12.69 45.01 56.21
C ARG H 246 11.94 45.99 57.10
N SER H 247 11.90 45.70 58.40
CA SER H 247 11.36 46.65 59.35
C SER H 247 12.46 47.08 60.33
N TYR H 248 12.12 48.00 61.23
CA TYR H 248 13.09 48.57 62.15
C TYR H 248 12.46 48.75 63.52
N LEU H 249 13.28 49.09 64.51
CA LEU H 249 13.11 48.52 65.84
C LEU H 249 11.69 48.68 66.35
N THR H 250 11.07 47.53 66.64
CA THR H 250 9.75 47.37 67.23
C THR H 250 9.80 46.10 68.06
N PRO H 251 8.97 45.98 69.10
CA PRO H 251 8.98 44.73 69.87
C PRO H 251 8.39 43.56 69.08
N SER H 256 14.71 40.66 61.97
CA SER H 256 14.24 41.88 61.26
C SER H 256 12.80 41.66 60.77
N GLY H 257 12.15 42.73 60.28
CA GLY H 257 10.78 42.62 59.75
C GLY H 257 10.74 41.75 58.51
N TRP H 258 9.66 40.97 58.32
CA TRP H 258 9.52 40.04 57.17
C TRP H 258 8.04 39.75 56.93
N THR H 259 7.71 38.96 55.90
CA THR H 259 6.31 38.51 55.67
C THR H 259 5.30 39.65 55.58
N ALA H 260 5.55 40.66 54.74
CA ALA H 260 4.59 41.77 54.52
C ALA H 260 3.17 41.22 54.27
N GLY H 261 2.17 41.73 54.99
CA GLY H 261 0.80 41.30 54.80
C GLY H 261 0.59 39.80 54.90
N ALA H 262 -0.48 39.35 54.27
CA ALA H 262 -0.81 37.94 54.20
C ALA H 262 -0.72 37.49 52.75
N ALA H 263 -0.48 36.20 52.54
CA ALA H 263 -0.34 35.64 51.21
C ALA H 263 -1.00 34.26 51.15
N ALA H 264 -1.85 34.08 50.14
CA ALA H 264 -2.44 32.78 49.84
C ALA H 264 -2.80 32.74 48.37
N TYR H 265 -2.77 31.53 47.81
CA TYR H 265 -3.08 31.37 46.39
C TYR H 265 -3.66 29.98 46.16
N TYR H 266 -4.02 29.74 44.90
CA TYR H 266 -4.68 28.52 44.46
C TYR H 266 -3.84 27.84 43.39
N VAL H 267 -3.75 26.52 43.48
CA VAL H 267 -3.02 25.72 42.51
C VAL H 267 -3.81 24.47 42.18
N GLY H 268 -3.82 24.10 40.92
CA GLY H 268 -4.40 22.86 40.46
C GLY H 268 -3.65 22.38 39.23
N TYR H 269 -3.71 21.08 38.96
CA TYR H 269 -2.94 20.51 37.87
C TYR H 269 -3.83 20.27 36.67
N LEU H 270 -3.25 20.44 35.48
CA LEU H 270 -3.99 20.26 34.25
C LEU H 270 -4.12 18.77 33.92
N GLN H 271 -4.76 18.49 32.79
CA GLN H 271 -5.16 17.14 32.43
C GLN H 271 -5.84 17.15 31.06
N PRO H 272 -5.57 16.17 30.20
CA PRO H 272 -6.27 16.14 28.90
C PRO H 272 -7.75 15.84 29.10
N ARG H 273 -8.59 16.69 28.51
CA ARG H 273 -10.04 16.54 28.55
C ARG H 273 -10.62 17.17 27.30
N THR H 274 -11.77 16.68 26.88
CA THR H 274 -12.47 17.22 25.72
C THR H 274 -13.52 18.21 26.20
N PHE H 275 -13.34 19.48 25.86
CA PHE H 275 -14.32 20.51 26.17
C PHE H 275 -15.08 20.91 24.92
N LEU H 276 -16.38 21.16 25.09
CA LEU H 276 -17.15 21.87 24.08
C LEU H 276 -17.12 23.34 24.44
N LEU H 277 -16.76 24.17 23.46
CA LEU H 277 -16.50 25.58 23.68
C LEU H 277 -17.58 26.39 22.99
N LYS H 278 -18.32 27.19 23.77
CA LYS H 278 -19.35 28.05 23.20
C LYS H 278 -18.81 29.47 23.13
N TYR H 279 -18.49 29.91 21.91
CA TYR H 279 -18.11 31.28 21.69
C TYR H 279 -19.35 32.17 21.72
N ASN H 280 -19.13 33.47 21.92
CA ASN H 280 -20.22 34.42 21.86
C ASN H 280 -20.21 35.13 20.50
N GLU H 281 -21.19 35.99 20.27
CA GLU H 281 -21.19 36.78 19.00
C GLU H 281 -19.86 37.52 18.87
N ASN H 282 -19.23 37.87 20.00
CA ASN H 282 -17.93 38.60 19.99
C ASN H 282 -16.77 37.63 20.23
N GLY H 283 -17.05 36.32 20.28
CA GLY H 283 -15.98 35.31 20.46
C GLY H 283 -15.60 35.11 21.91
N THR H 284 -16.33 35.72 22.84
CA THR H 284 -16.04 35.56 24.30
C THR H 284 -16.67 34.25 24.80
N ILE H 285 -15.85 33.23 25.06
CA ILE H 285 -16.37 31.95 25.50
C ILE H 285 -16.98 32.11 26.89
N THR H 286 -18.24 31.72 27.03
CA THR H 286 -18.84 31.60 28.35
C THR H 286 -18.92 30.13 28.77
N ASP H 287 -19.88 29.40 28.23
CA ASP H 287 -20.13 28.03 28.65
C ASP H 287 -19.11 27.08 28.02
N ALA H 288 -18.41 26.35 28.88
CA ALA H 288 -17.61 25.21 28.49
C ALA H 288 -18.10 24.01 29.27
N VAL H 289 -18.03 22.83 28.65
CA VAL H 289 -18.51 21.61 29.27
C VAL H 289 -17.47 20.52 29.03
N ASP H 290 -17.07 19.85 30.11
CA ASP H 290 -16.23 18.67 29.99
C ASP H 290 -17.08 17.47 29.58
N CYS H 291 -16.52 16.63 28.71
CA CYS H 291 -17.23 15.43 28.29
C CYS H 291 -17.16 14.29 29.29
N ALA H 292 -15.98 14.08 29.87
CA ALA H 292 -15.80 12.95 30.82
C ALA H 292 -16.27 13.28 32.23
N LEU H 293 -16.78 14.49 32.50
CA LEU H 293 -17.07 14.87 33.91
C LEU H 293 -18.03 13.87 34.57
N ASP H 294 -19.16 13.60 33.92
CA ASP H 294 -20.12 12.62 34.50
C ASP H 294 -20.79 11.91 33.32
N PRO H 295 -21.56 10.81 33.51
CA PRO H 295 -22.27 10.22 32.35
C PRO H 295 -23.27 11.18 31.73
N LEU H 296 -23.65 12.24 32.44
CA LEU H 296 -24.55 13.22 31.86
C LEU H 296 -23.78 14.19 30.96
N SER H 297 -22.57 14.56 31.35
CA SER H 297 -21.77 15.51 30.60
C SER H 297 -21.28 14.96 29.27
N GLU H 298 -21.17 13.64 29.14
CA GLU H 298 -20.61 13.05 27.93
C GLU H 298 -21.59 13.02 26.78
N THR H 299 -22.89 13.08 27.11
CA THR H 299 -23.96 13.09 26.09
C THR H 299 -24.07 14.49 25.48
N LYS H 300 -23.89 15.53 26.29
CA LYS H 300 -23.98 16.92 25.79
C LYS H 300 -22.86 17.14 24.78
N CYS H 301 -21.87 16.24 24.75
CA CYS H 301 -20.72 16.46 23.88
C CYS H 301 -21.12 15.74 22.62
N THR H 302 -22.06 14.80 22.74
CA THR H 302 -22.56 14.12 21.54
C THR H 302 -23.51 15.03 20.76
N LEU H 303 -24.40 15.73 21.45
CA LEU H 303 -25.30 16.68 20.74
C LEU H 303 -24.59 18.00 20.43
N LYS H 304 -23.41 18.27 20.98
CA LYS H 304 -22.69 19.53 20.77
C LYS H 304 -23.47 20.71 21.31
N SER H 305 -24.66 20.52 21.87
CA SER H 305 -25.50 21.61 22.33
C SER H 305 -25.49 21.73 23.84
N PHE H 306 -25.63 22.96 24.34
CA PHE H 306 -25.87 23.16 25.76
C PHE H 306 -27.32 22.95 26.13
N THR H 307 -28.22 22.98 25.17
CA THR H 307 -29.61 22.59 25.40
C THR H 307 -29.76 21.13 25.02
N VAL H 308 -30.33 20.35 25.93
CA VAL H 308 -30.53 18.92 25.72
C VAL H 308 -32.02 18.67 25.76
N GLU H 309 -32.57 18.29 24.62
CA GLU H 309 -34.00 18.12 24.50
C GLU H 309 -34.46 16.91 25.27
N LYS H 310 -35.69 16.98 25.77
CA LYS H 310 -36.27 15.87 26.51
C LYS H 310 -36.25 14.60 25.68
N GLY H 311 -35.65 13.55 26.23
CA GLY H 311 -35.56 12.29 25.54
C GLY H 311 -34.38 11.49 26.02
N ILE H 312 -34.14 10.38 25.33
CA ILE H 312 -33.05 9.46 25.64
C ILE H 312 -32.00 9.57 24.55
N TYR H 313 -30.75 9.65 24.97
CA TYR H 313 -29.62 9.80 24.07
C TYR H 313 -28.59 8.73 24.40
N GLN H 314 -27.88 8.27 23.39
CA GLN H 314 -26.95 7.17 23.60
C GLN H 314 -25.54 7.75 23.69
N THR H 315 -25.02 7.78 24.91
CA THR H 315 -23.65 8.12 25.25
C THR H 315 -22.74 6.94 24.93
N SER H 316 -21.43 7.23 24.90
CA SER H 316 -20.44 6.22 24.55
C SER H 316 -20.60 4.96 25.38
N ASN H 317 -20.27 3.84 24.76
CA ASN H 317 -20.46 2.53 25.35
C ASN H 317 -19.50 2.34 26.52
N PHE H 318 -19.82 1.38 27.38
CA PHE H 318 -18.92 0.99 28.44
C PHE H 318 -18.56 -0.48 28.28
N ARG H 319 -17.43 -0.86 28.85
CA ARG H 319 -16.97 -2.23 28.83
C ARG H 319 -16.57 -2.62 30.24
N VAL H 320 -16.70 -3.92 30.45
CA VAL H 320 -16.23 -4.45 31.74
C VAL H 320 -14.79 -4.75 31.42
N GLN H 321 -13.93 -4.61 32.39
CA GLN H 321 -12.51 -4.75 32.08
C GLN H 321 -11.96 -5.96 32.81
N PRO H 322 -10.83 -6.56 32.39
CA PRO H 322 -10.37 -7.82 32.98
C PRO H 322 -9.63 -7.61 34.28
N THR H 323 -9.87 -8.51 35.23
CA THR H 323 -9.18 -8.47 36.50
C THR H 323 -7.75 -8.95 36.39
N GLU H 324 -7.54 -10.07 35.70
CA GLU H 324 -6.25 -10.76 35.73
C GLU H 324 -6.09 -11.60 34.48
N SER H 325 -4.87 -12.06 34.26
CA SER H 325 -4.57 -13.01 33.21
C SER H 325 -4.51 -14.41 33.80
N ILE H 326 -4.98 -15.38 33.03
CA ILE H 326 -4.96 -16.78 33.45
C ILE H 326 -4.15 -17.55 32.43
N VAL H 327 -2.92 -17.95 32.78
CA VAL H 327 -2.18 -18.82 31.82
C VAL H 327 -2.45 -20.27 32.27
N ARG H 328 -2.84 -21.15 31.34
CA ARG H 328 -3.03 -22.57 31.73
C ARG H 328 -2.36 -23.52 30.73
N ASN H 334 6.26 -30.50 30.83
CA ASN H 334 7.18 -31.55 31.26
C ASN H 334 7.89 -31.15 32.54
N LEU H 335 9.08 -31.73 32.73
CA LEU H 335 10.04 -31.30 33.72
C LEU H 335 11.43 -31.60 33.17
N CYS H 336 12.38 -30.74 33.47
CA CYS H 336 13.73 -30.97 32.97
C CYS H 336 14.50 -31.85 33.94
N PRO H 337 15.28 -32.82 33.45
CA PRO H 337 15.87 -33.87 34.32
C PRO H 337 17.05 -33.41 35.16
N PHE H 338 16.82 -32.38 36.00
CA PHE H 338 17.88 -31.91 36.87
C PHE H 338 18.06 -32.83 38.07
N GLY H 339 17.04 -33.61 38.40
CA GLY H 339 17.21 -34.68 39.34
C GLY H 339 17.95 -35.86 38.74
N GLU H 340 18.00 -35.93 37.40
CA GLU H 340 18.73 -36.97 36.71
C GLU H 340 20.12 -36.53 36.27
N VAL H 341 20.38 -35.23 36.26
CA VAL H 341 21.70 -34.71 35.90
C VAL H 341 22.45 -34.39 37.18
N PHE H 342 21.80 -33.66 38.09
CA PHE H 342 22.52 -33.13 39.22
C PHE H 342 22.64 -34.16 40.34
N ASN H 343 21.68 -35.05 40.44
CA ASN H 343 21.80 -36.19 41.36
C ASN H 343 22.26 -37.45 40.64
N ALA H 344 22.94 -37.31 39.51
CA ALA H 344 23.39 -38.48 38.75
C ALA H 344 24.50 -39.21 39.48
N THR H 345 24.65 -40.50 39.16
CA THR H 345 25.49 -41.37 39.98
C THR H 345 26.90 -41.53 39.42
N ARG H 346 27.12 -41.15 38.17
CA ARG H 346 28.38 -41.50 37.51
C ARG H 346 28.69 -40.47 36.44
N PHE H 347 29.56 -39.52 36.78
CA PHE H 347 30.08 -38.57 35.80
C PHE H 347 31.36 -39.12 35.21
N ALA H 348 31.53 -38.95 33.92
CA ALA H 348 32.76 -39.35 33.27
C ALA H 348 33.85 -38.31 33.52
N SER H 349 35.04 -38.61 33.03
CA SER H 349 36.15 -37.68 33.16
C SER H 349 36.06 -36.60 32.10
N VAL H 350 37.14 -35.83 31.98
CA VAL H 350 37.11 -34.65 31.14
C VAL H 350 37.62 -34.98 29.73
N TYR H 351 38.25 -36.14 29.57
CA TYR H 351 38.70 -36.52 28.22
C TYR H 351 37.53 -37.02 27.39
N ALA H 352 36.49 -37.51 28.06
CA ALA H 352 35.27 -38.02 27.42
C ALA H 352 34.02 -37.52 28.11
N TRP H 353 33.90 -36.22 28.35
CA TRP H 353 32.82 -35.66 29.14
C TRP H 353 31.46 -35.85 28.51
N ASN H 354 30.48 -36.09 29.36
CA ASN H 354 29.12 -36.37 28.93
C ASN H 354 28.37 -35.08 28.65
N ARG H 355 27.60 -35.09 27.57
CA ARG H 355 26.86 -33.94 27.10
C ARG H 355 25.42 -34.35 26.86
N LYS H 356 24.48 -33.56 27.36
CA LYS H 356 23.07 -33.90 27.31
C LYS H 356 22.31 -32.68 26.79
N ARG H 357 21.87 -32.76 25.54
CA ARG H 357 21.03 -31.71 24.96
C ARG H 357 19.67 -31.75 25.62
N ILE H 358 19.27 -30.64 26.22
CA ILE H 358 18.01 -30.57 26.95
C ILE H 358 17.16 -29.45 26.38
N SER H 359 15.90 -29.76 26.12
CA SER H 359 14.88 -28.85 25.61
C SER H 359 13.52 -29.49 25.92
N ASN H 360 12.46 -28.72 25.65
CA ASN H 360 11.08 -29.17 25.69
C ASN H 360 10.67 -29.65 27.10
N CYS H 361 10.96 -28.82 28.09
CA CYS H 361 10.64 -29.10 29.48
C CYS H 361 10.65 -27.76 30.23
N VAL H 362 10.58 -27.81 31.56
CA VAL H 362 10.52 -26.59 32.36
C VAL H 362 11.61 -26.59 33.42
N ALA H 363 12.08 -25.39 33.73
CA ALA H 363 13.26 -25.21 34.56
C ALA H 363 12.87 -25.10 36.02
N ASP H 364 13.59 -25.80 36.88
CA ASP H 364 13.36 -25.81 38.31
C ASP H 364 14.39 -24.95 39.03
N TYR H 365 14.73 -23.79 38.48
CA TYR H 365 15.83 -22.92 38.89
C TYR H 365 15.83 -22.48 40.34
N SER H 366 14.72 -22.65 41.04
CA SER H 366 14.61 -22.32 42.46
C SER H 366 15.59 -23.11 43.33
N VAL H 367 15.50 -24.45 43.30
CA VAL H 367 16.27 -25.27 44.23
C VAL H 367 17.74 -25.33 43.86
N LEU H 368 18.09 -24.84 42.67
CA LEU H 368 19.49 -24.59 42.33
C LEU H 368 20.13 -23.65 43.33
N TYR H 369 19.43 -22.58 43.67
CA TYR H 369 19.95 -21.63 44.63
C TYR H 369 19.67 -22.11 46.05
N ASN H 370 18.59 -22.87 46.22
CA ASN H 370 18.23 -23.39 47.53
C ASN H 370 19.07 -24.62 47.89
N SER H 371 19.88 -25.13 46.96
CA SER H 371 20.76 -26.24 47.27
C SER H 371 21.80 -25.85 48.31
N ALA H 372 22.66 -24.87 47.96
CA ALA H 372 23.58 -24.19 48.89
C ALA H 372 24.60 -25.14 49.53
N SER H 373 24.82 -26.30 48.92
CA SER H 373 25.91 -27.19 49.28
C SER H 373 27.02 -27.16 48.24
N PHE H 374 27.03 -26.15 47.38
CA PHE H 374 27.87 -26.12 46.19
C PHE H 374 28.99 -25.12 46.40
N SER H 375 30.22 -25.56 46.17
CA SER H 375 31.40 -24.74 46.40
C SER H 375 31.47 -23.53 45.49
N THR H 376 31.61 -23.74 44.19
CA THR H 376 31.83 -22.64 43.26
C THR H 376 30.70 -22.62 42.25
N PHE H 377 29.84 -21.62 42.35
CA PHE H 377 28.60 -21.55 41.62
C PHE H 377 28.51 -20.17 40.99
N LYS H 378 28.88 -20.06 39.71
CA LYS H 378 28.86 -18.73 39.09
C LYS H 378 28.08 -18.77 37.79
N CYS H 379 27.71 -17.59 37.33
CA CYS H 379 26.86 -17.48 36.17
C CYS H 379 27.28 -16.28 35.34
N TYR H 380 26.66 -16.17 34.15
CA TYR H 380 26.99 -15.14 33.18
C TYR H 380 25.71 -14.79 32.43
N GLY H 381 25.87 -14.07 31.32
CA GLY H 381 24.77 -13.69 30.47
C GLY H 381 23.91 -12.57 31.02
N VAL H 382 23.13 -12.84 32.06
CA VAL H 382 22.51 -11.83 32.90
C VAL H 382 22.35 -12.52 34.25
N SER H 383 22.09 -11.76 35.31
CA SER H 383 22.17 -12.11 36.73
C SER H 383 21.52 -13.43 37.09
N PRO H 384 22.01 -14.15 38.12
CA PRO H 384 21.38 -15.44 38.47
C PRO H 384 19.99 -15.32 39.04
N THR H 385 19.67 -14.23 39.72
CA THR H 385 18.30 -14.03 40.17
C THR H 385 17.38 -13.74 38.99
N LYS H 386 17.93 -13.16 37.92
CA LYS H 386 17.12 -12.80 36.79
C LYS H 386 16.82 -14.01 35.90
N LEU H 387 17.60 -15.08 36.02
CA LEU H 387 17.48 -16.14 35.04
C LEU H 387 16.35 -17.11 35.34
N ASN H 388 15.59 -16.88 36.41
CA ASN H 388 14.49 -17.75 36.78
C ASN H 388 13.42 -17.80 35.69
N ASP H 389 13.15 -16.66 35.06
CA ASP H 389 12.12 -16.60 34.04
C ASP H 389 12.70 -16.40 32.65
N LEU H 390 13.83 -15.68 32.55
CA LEU H 390 14.44 -15.38 31.26
C LEU H 390 15.01 -16.66 30.66
N CYS H 391 14.32 -17.20 29.66
CA CYS H 391 14.44 -18.61 29.34
C CYS H 391 14.93 -18.83 27.91
N PHE H 392 15.07 -20.10 27.57
CA PHE H 392 16.09 -20.59 26.65
C PHE H 392 15.51 -21.43 25.54
N THR H 393 16.14 -21.36 24.36
CA THR H 393 15.70 -22.18 23.25
C THR H 393 16.15 -23.63 23.41
N ASN H 394 17.43 -23.83 23.70
CA ASN H 394 18.04 -25.15 23.69
C ASN H 394 19.30 -25.16 24.53
N VAL H 395 19.28 -25.92 25.62
CA VAL H 395 20.39 -25.84 26.54
C VAL H 395 21.26 -27.08 26.38
N TYR H 396 22.53 -26.92 26.70
CA TYR H 396 23.49 -28.02 26.66
C TYR H 396 24.00 -28.22 28.08
N ALA H 397 23.67 -29.35 28.67
CA ALA H 397 24.12 -29.68 30.00
C ALA H 397 25.24 -30.70 29.90
N ASP H 398 26.48 -30.26 30.11
CA ASP H 398 27.60 -31.19 30.01
C ASP H 398 28.40 -31.17 31.30
N SER H 399 28.76 -32.36 31.78
CA SER H 399 29.35 -32.47 33.11
C SER H 399 30.58 -33.36 33.06
N PHE H 400 31.44 -33.15 34.06
CA PHE H 400 32.68 -33.92 34.21
C PHE H 400 33.18 -33.72 35.63
N VAL H 401 34.32 -34.37 35.92
CA VAL H 401 34.93 -34.35 37.25
C VAL H 401 36.38 -33.91 37.12
N ILE H 402 36.75 -32.85 37.84
CA ILE H 402 38.11 -32.32 37.81
C ILE H 402 38.59 -32.12 39.24
N ARG H 403 39.80 -31.59 39.37
CA ARG H 403 40.43 -31.46 40.66
C ARG H 403 40.03 -30.17 41.35
N GLY H 404 40.23 -30.13 42.67
CA GLY H 404 39.82 -28.97 43.44
C GLY H 404 40.71 -27.76 43.25
N ASP H 405 41.88 -27.96 42.64
CA ASP H 405 42.77 -26.84 42.36
C ASP H 405 42.52 -26.27 40.97
N GLU H 406 42.24 -27.15 39.99
CA GLU H 406 42.20 -26.73 38.60
C GLU H 406 40.88 -26.09 38.21
N VAL H 407 39.92 -25.98 39.14
CA VAL H 407 38.57 -25.56 38.77
C VAL H 407 38.55 -24.07 38.43
N ARG H 408 39.54 -23.31 38.90
CA ARG H 408 39.64 -21.91 38.52
C ARG H 408 40.09 -21.78 37.07
N GLN H 409 40.71 -22.83 36.53
CA GLN H 409 40.92 -22.90 35.08
C GLN H 409 39.58 -22.89 34.35
N ILE H 410 38.58 -23.58 34.91
CA ILE H 410 37.25 -23.50 34.32
C ILE H 410 36.69 -22.12 34.59
N ALA H 411 36.70 -21.29 33.55
CA ALA H 411 36.21 -19.94 33.47
C ALA H 411 36.28 -19.61 31.99
N PRO H 412 35.28 -18.92 31.44
CA PRO H 412 35.28 -18.65 30.00
C PRO H 412 36.39 -17.69 29.59
N GLY H 413 37.39 -18.22 28.91
CA GLY H 413 38.53 -17.44 28.50
C GLY H 413 39.65 -17.41 29.51
N GLN H 414 40.13 -18.59 29.91
CA GLN H 414 41.34 -18.70 30.73
C GLN H 414 42.24 -19.78 30.14
N THR H 415 43.35 -20.03 30.81
CA THR H 415 44.31 -21.04 30.39
C THR H 415 44.48 -22.05 31.51
N GLY H 416 45.42 -22.95 31.32
CA GLY H 416 45.57 -24.09 32.19
C GLY H 416 44.95 -25.34 31.58
N LYS H 417 45.39 -26.50 32.09
CA LYS H 417 45.37 -27.76 31.36
C LYS H 417 43.96 -28.18 30.94
N ILE H 418 43.01 -28.05 31.86
CA ILE H 418 41.64 -28.46 31.60
C ILE H 418 41.02 -27.57 30.53
N ALA H 419 41.33 -26.28 30.56
CA ALA H 419 40.86 -25.42 29.49
C ALA H 419 41.82 -25.37 28.32
N ASP H 420 42.93 -26.09 28.39
CA ASP H 420 43.85 -26.01 27.26
C ASP H 420 43.68 -27.20 26.34
N TYR H 421 43.54 -28.39 26.89
CA TYR H 421 43.52 -29.59 26.08
C TYR H 421 42.34 -30.51 26.37
N ASN H 422 41.55 -30.20 27.39
CA ASN H 422 40.54 -31.13 27.90
C ASN H 422 39.13 -30.66 27.56
N TYR H 423 38.77 -29.45 27.94
CA TYR H 423 37.42 -28.95 27.77
C TYR H 423 37.46 -27.43 27.65
N LYS H 424 36.87 -26.88 26.60
CA LYS H 424 37.11 -25.49 26.29
C LYS H 424 35.81 -24.70 26.27
N LEU H 425 35.67 -23.80 27.25
CA LEU H 425 34.66 -22.78 27.20
C LEU H 425 34.95 -21.79 26.07
N PRO H 426 33.92 -21.25 25.42
CA PRO H 426 34.17 -20.42 24.24
C PRO H 426 34.66 -19.03 24.57
N ASP H 427 34.79 -18.19 23.55
CA ASP H 427 35.19 -16.80 23.79
C ASP H 427 34.02 -15.95 24.25
N ASP H 428 32.81 -16.27 23.81
CA ASP H 428 31.61 -15.58 24.24
C ASP H 428 30.64 -16.63 24.77
N PHE H 429 30.36 -16.57 26.06
CA PHE H 429 29.70 -17.66 26.77
C PHE H 429 28.53 -17.09 27.57
N THR H 430 27.52 -17.92 27.81
CA THR H 430 26.32 -17.47 28.50
C THR H 430 26.10 -18.20 29.82
N GLY H 431 26.41 -19.49 29.88
CA GLY H 431 25.89 -20.37 30.90
C GLY H 431 26.53 -20.21 32.27
N CYS H 432 26.14 -21.13 33.15
CA CYS H 432 26.60 -21.15 34.53
C CYS H 432 27.55 -22.32 34.74
N VAL H 433 28.55 -22.09 35.56
CA VAL H 433 29.46 -23.13 36.00
C VAL H 433 29.02 -23.52 37.40
N ILE H 434 28.62 -24.75 37.54
CA ILE H 434 28.21 -25.27 38.84
C ILE H 434 29.24 -26.28 39.30
N ALA H 435 29.75 -26.08 40.50
CA ALA H 435 30.89 -26.83 40.97
C ALA H 435 30.72 -27.16 42.44
N TRP H 436 30.90 -28.42 42.79
CA TRP H 436 30.92 -28.81 44.19
C TRP H 436 31.84 -29.99 44.36
N ASN H 437 32.09 -30.31 45.63
CA ASN H 437 32.91 -31.44 46.01
C ASN H 437 32.07 -32.70 46.13
N SER H 438 32.63 -33.79 45.66
CA SER H 438 32.08 -35.12 45.89
C SER H 438 33.12 -36.02 46.52
N ASN H 439 33.80 -35.56 47.56
CA ASN H 439 34.92 -36.30 48.15
C ASN H 439 34.46 -37.58 48.82
N ASN H 440 33.23 -37.60 49.35
CA ASN H 440 32.72 -38.78 50.02
C ASN H 440 32.32 -39.89 49.06
N LEU H 441 32.32 -39.64 47.76
CA LEU H 441 31.94 -40.65 46.78
C LEU H 441 33.12 -41.06 45.90
N ASP H 442 33.78 -40.10 45.27
CA ASP H 442 34.77 -40.35 44.24
C ASP H 442 36.06 -40.91 44.83
N SER H 443 36.67 -40.15 45.73
CA SER H 443 37.95 -40.55 46.30
C SER H 443 37.77 -41.70 47.26
N LYS H 444 38.40 -42.82 46.96
CA LYS H 444 38.21 -44.05 47.70
C LYS H 444 39.52 -44.50 48.32
N VAL H 445 39.43 -45.13 49.48
CA VAL H 445 40.60 -45.75 50.09
C VAL H 445 41.02 -46.96 49.25
N GLY H 446 42.33 -47.19 49.20
CA GLY H 446 42.88 -48.05 48.19
C GLY H 446 43.15 -47.37 46.88
N GLY H 447 42.73 -46.13 46.73
CA GLY H 447 43.05 -45.30 45.58
C GLY H 447 41.92 -45.26 44.56
N ASN H 448 41.58 -44.05 44.12
CA ASN H 448 40.70 -43.83 42.98
C ASN H 448 41.59 -43.48 41.81
N TYR H 449 41.53 -44.31 40.77
CA TYR H 449 42.20 -44.05 39.50
C TYR H 449 41.28 -44.34 38.33
N ASN H 450 39.98 -44.32 38.55
CA ASN H 450 39.02 -44.39 37.46
C ASN H 450 39.14 -43.16 36.57
N TYR H 451 39.34 -42.00 37.17
CA TYR H 451 39.27 -40.76 36.43
C TYR H 451 40.55 -40.50 35.64
N LEU H 452 40.39 -39.73 34.56
CA LEU H 452 41.47 -39.49 33.61
C LEU H 452 41.37 -38.05 33.13
N TYR H 453 42.31 -37.66 32.27
CA TYR H 453 42.33 -36.39 31.57
C TYR H 453 43.40 -36.48 30.50
N ARG H 454 43.36 -35.54 29.56
CA ARG H 454 44.39 -35.44 28.54
C ARG H 454 45.38 -34.37 28.96
N LEU H 455 46.67 -34.71 28.89
CA LEU H 455 47.71 -33.80 29.32
C LEU H 455 48.40 -33.11 28.16
N PHE H 456 48.31 -33.64 26.94
CA PHE H 456 49.00 -33.04 25.81
C PHE H 456 48.20 -33.24 24.53
N ARG H 457 48.42 -32.31 23.60
CA ARG H 457 47.83 -32.29 22.26
C ARG H 457 48.63 -31.25 21.48
N LYS H 458 48.69 -31.40 20.16
CA LYS H 458 49.52 -30.54 19.32
C LYS H 458 48.87 -29.20 19.00
N SER H 459 47.75 -28.86 19.64
CA SER H 459 47.17 -27.53 19.55
C SER H 459 46.27 -27.31 20.75
N ASN H 460 45.92 -26.05 20.99
CA ASN H 460 44.86 -25.75 21.94
C ASN H 460 43.53 -26.24 21.40
N LEU H 461 42.59 -26.43 22.31
CA LEU H 461 41.37 -27.15 21.99
C LEU H 461 40.27 -26.22 21.52
N LYS H 462 39.60 -26.62 20.45
CA LYS H 462 38.47 -25.88 19.93
C LYS H 462 37.32 -25.91 20.95
N PRO H 463 36.48 -24.87 21.00
CA PRO H 463 35.50 -24.76 22.09
C PRO H 463 34.40 -25.80 22.01
N PHE H 464 34.08 -26.39 23.17
CA PHE H 464 33.09 -27.44 23.40
C PHE H 464 33.35 -28.73 22.67
N GLU H 465 34.53 -28.98 22.13
CA GLU H 465 34.78 -30.21 21.41
C GLU H 465 35.66 -31.11 22.25
N ARG H 466 35.16 -32.31 22.57
CA ARG H 466 35.93 -33.28 23.34
C ARG H 466 37.04 -33.87 22.49
N ASP H 467 37.90 -34.64 23.14
CA ASP H 467 39.01 -35.29 22.47
C ASP H 467 39.15 -36.69 23.05
N ILE H 468 38.55 -37.67 22.37
CA ILE H 468 38.64 -39.05 22.80
C ILE H 468 39.76 -39.79 22.08
N SER H 469 40.40 -39.14 21.12
CA SER H 469 41.47 -39.75 20.34
C SER H 469 42.68 -39.98 21.22
N THR H 470 42.87 -41.22 21.65
CA THR H 470 43.93 -41.57 22.58
C THR H 470 45.21 -42.05 21.88
N GLU H 471 45.44 -41.61 20.65
CA GLU H 471 46.67 -41.97 19.94
C GLU H 471 47.86 -41.22 20.53
N ILE H 472 49.05 -41.65 20.19
CA ILE H 472 50.28 -41.09 20.72
C ILE H 472 50.60 -39.80 19.97
N TYR H 473 50.85 -38.73 20.71
CA TYR H 473 51.36 -37.50 20.13
C TYR H 473 52.88 -37.59 20.10
N GLN H 474 53.48 -37.02 19.06
CA GLN H 474 54.93 -37.08 18.86
C GLN H 474 55.48 -35.67 19.04
N ALA H 475 55.98 -35.39 20.25
CA ALA H 475 56.47 -34.05 20.57
C ALA H 475 57.74 -33.75 19.78
N GLY H 476 58.74 -34.60 19.92
CA GLY H 476 59.89 -34.52 19.04
C GLY H 476 59.58 -35.12 17.68
N SER H 477 60.55 -34.96 16.78
CA SER H 477 60.34 -35.34 15.39
C SER H 477 60.43 -36.84 15.14
N THR H 478 60.92 -37.62 16.09
CA THR H 478 61.12 -39.06 15.89
C THR H 478 59.78 -39.79 15.87
N PRO H 479 59.40 -40.43 14.75
CA PRO H 479 58.05 -40.99 14.66
C PRO H 479 57.90 -42.28 15.47
N CYS H 480 57.00 -42.24 16.44
CA CYS H 480 56.67 -43.41 17.23
C CYS H 480 55.59 -44.26 16.59
N ASN H 481 54.64 -43.62 15.90
CA ASN H 481 53.65 -44.25 15.02
C ASN H 481 52.78 -45.25 15.77
N GLY H 482 52.00 -44.73 16.72
CA GLY H 482 50.98 -45.49 17.40
C GLY H 482 51.45 -46.17 18.68
N VAL H 483 52.60 -46.81 18.65
CA VAL H 483 53.19 -47.37 19.85
C VAL H 483 53.95 -46.26 20.56
N GLU H 484 54.18 -46.42 21.85
CA GLU H 484 54.91 -45.43 22.63
C GLU H 484 56.39 -45.48 22.27
N GLY H 485 57.14 -44.51 22.76
CA GLY H 485 58.57 -44.52 22.53
C GLY H 485 59.30 -43.28 23.04
N PHE H 486 60.34 -42.86 22.33
CA PHE H 486 61.11 -41.69 22.71
C PHE H 486 60.68 -40.47 21.91
N ASN H 487 60.71 -39.32 22.59
CA ASN H 487 60.25 -37.98 22.22
C ASN H 487 58.73 -37.90 22.22
N CYS H 488 58.06 -39.02 22.43
CA CYS H 488 56.62 -39.11 22.41
C CYS H 488 56.15 -39.68 23.73
N TYR H 489 55.01 -39.18 24.20
CA TYR H 489 54.45 -39.67 25.45
C TYR H 489 53.07 -40.25 25.18
N PHE H 490 52.52 -40.88 26.20
CA PHE H 490 51.13 -41.28 26.16
C PHE H 490 50.26 -40.03 26.30
N PRO H 491 49.08 -39.99 25.66
CA PRO H 491 48.25 -38.78 25.78
C PRO H 491 47.62 -38.58 27.15
N LEU H 492 47.06 -39.63 27.75
CA LEU H 492 46.19 -39.46 28.90
C LEU H 492 46.95 -39.73 30.20
N GLN H 493 46.35 -39.28 31.29
CA GLN H 493 46.88 -39.55 32.62
C GLN H 493 45.70 -39.59 33.57
N SER H 494 45.85 -40.31 34.67
CA SER H 494 44.81 -40.31 35.68
C SER H 494 44.97 -39.11 36.61
N TYR H 495 44.03 -38.99 37.54
CA TYR H 495 44.18 -38.23 38.76
C TYR H 495 44.50 -39.21 39.88
N GLY H 496 45.04 -38.71 40.98
CA GLY H 496 45.17 -39.53 42.17
C GLY H 496 44.19 -39.06 43.24
N PHE H 497 43.11 -39.80 43.44
CA PHE H 497 42.14 -39.43 44.46
C PHE H 497 42.09 -40.47 45.57
N GLN H 498 42.25 -40.00 46.79
CA GLN H 498 41.98 -40.71 48.05
C GLN H 498 41.44 -39.65 49.00
N PRO H 499 40.72 -40.07 50.05
CA PRO H 499 40.37 -39.10 51.11
C PRO H 499 41.54 -38.66 51.97
N THR H 500 42.73 -39.22 51.74
CA THR H 500 43.96 -38.71 52.35
C THR H 500 44.44 -37.43 51.68
N ASN H 501 43.81 -37.01 50.59
CA ASN H 501 44.18 -35.75 49.94
C ASN H 501 43.76 -34.57 50.80
N GLY H 502 44.44 -33.46 50.61
CA GLY H 502 44.01 -32.22 51.22
C GLY H 502 42.78 -31.64 50.53
N VAL H 503 42.33 -30.49 51.04
CA VAL H 503 41.08 -29.90 50.57
C VAL H 503 41.27 -29.32 49.16
N GLY H 504 42.50 -28.98 48.80
CA GLY H 504 42.75 -28.46 47.47
C GLY H 504 42.78 -29.55 46.42
N TYR H 505 42.91 -30.81 46.84
CA TYR H 505 42.99 -31.93 45.91
C TYR H 505 41.72 -32.77 45.92
N GLN H 506 40.58 -32.18 46.24
CA GLN H 506 39.34 -32.93 46.34
C GLN H 506 38.60 -32.91 45.00
N PRO H 507 37.90 -33.98 44.64
CA PRO H 507 37.25 -34.02 43.33
C PRO H 507 35.99 -33.19 43.29
N TYR H 508 35.92 -32.34 42.27
CA TYR H 508 34.73 -31.56 41.99
C TYR H 508 33.97 -32.21 40.85
N ARG H 509 32.67 -32.31 41.01
CA ARG H 509 31.79 -32.77 39.95
C ARG H 509 31.23 -31.54 39.26
N VAL H 510 32.01 -30.94 38.37
CA VAL H 510 31.64 -29.72 37.70
C VAL H 510 30.64 -30.05 36.62
N VAL H 511 29.44 -29.51 36.75
CA VAL H 511 28.46 -29.54 35.67
C VAL H 511 28.36 -28.13 35.12
N VAL H 512 28.36 -28.03 33.80
CA VAL H 512 28.34 -26.75 33.11
C VAL H 512 27.04 -26.68 32.32
N LEU H 513 26.32 -25.59 32.50
CA LEU H 513 25.10 -25.36 31.74
C LEU H 513 25.35 -24.24 30.73
N SER H 514 25.00 -24.51 29.48
CA SER H 514 25.29 -23.54 28.44
C SER H 514 23.99 -23.27 27.67
N PHE H 515 23.82 -22.02 27.26
CA PHE H 515 22.51 -21.62 26.77
C PHE H 515 22.68 -20.92 25.43
N GLU H 516 21.57 -20.67 24.75
CA GLU H 516 21.59 -20.08 23.42
C GLU H 516 20.24 -19.44 23.13
N LEU H 517 20.10 -18.89 21.92
CA LEU H 517 18.88 -18.27 21.45
C LEU H 517 18.86 -18.30 19.92
N LEU H 518 17.72 -18.69 19.34
CA LEU H 518 17.65 -18.96 17.91
C LEU H 518 16.29 -18.55 17.37
N HIS H 519 16.11 -18.77 16.04
CA HIS H 519 14.81 -18.77 15.39
C HIS H 519 13.85 -19.79 16.00
N ALA H 520 14.38 -20.86 16.60
CA ALA H 520 13.64 -21.82 17.40
C ALA H 520 13.04 -21.11 18.62
N PRO H 521 11.89 -21.58 19.09
CA PRO H 521 11.27 -20.94 20.25
C PRO H 521 11.95 -21.37 21.54
N ALA H 522 11.55 -20.71 22.62
CA ALA H 522 12.05 -21.03 23.95
C ALA H 522 11.42 -22.34 24.40
N THR H 523 11.99 -23.45 23.94
CA THR H 523 11.40 -24.75 24.20
C THR H 523 11.56 -25.19 25.66
N VAL H 524 12.62 -24.78 26.32
CA VAL H 524 12.80 -25.01 27.75
C VAL H 524 12.59 -23.69 28.48
N CYS H 525 11.62 -23.65 29.39
CA CYS H 525 11.30 -22.37 29.97
C CYS H 525 10.70 -22.55 31.36
N GLY H 526 11.12 -21.67 32.27
CA GLY H 526 10.66 -21.71 33.63
C GLY H 526 9.23 -21.23 33.77
N PRO H 527 8.75 -21.16 35.03
CA PRO H 527 7.36 -20.77 35.31
C PRO H 527 7.08 -19.30 35.04
N THR H 531 -1.32 -20.41 35.77
CA THR H 531 -1.85 -19.44 36.77
C THR H 531 -3.24 -19.86 37.24
N ASN H 532 -3.54 -19.64 38.52
CA ASN H 532 -4.83 -20.13 39.08
C ASN H 532 -5.99 -19.65 38.23
N LEU H 533 -6.92 -20.54 37.94
CA LEU H 533 -8.08 -20.25 37.05
C LEU H 533 -9.06 -19.34 37.79
N VAL H 534 -9.75 -18.47 37.05
CA VAL H 534 -10.75 -17.52 37.64
C VAL H 534 -12.15 -17.95 37.19
N LYS H 535 -13.08 -18.08 38.15
CA LYS H 535 -14.47 -18.52 37.84
C LYS H 535 -15.46 -17.42 38.21
N ASN H 536 -16.41 -17.13 37.29
CA ASN H 536 -17.47 -16.11 37.49
C ASN H 536 -16.86 -14.73 37.74
N LYS H 537 -15.87 -14.34 36.92
CA LYS H 537 -15.24 -13.04 37.05
C LYS H 537 -14.50 -12.75 35.76
N CYS H 538 -14.68 -11.53 35.24
CA CYS H 538 -14.02 -11.16 33.98
C CYS H 538 -12.52 -11.33 34.12
N VAL H 539 -11.94 -12.10 33.21
CA VAL H 539 -10.51 -12.40 33.25
C VAL H 539 -9.97 -12.46 31.83
N ASN H 540 -8.82 -11.85 31.63
CA ASN H 540 -8.01 -12.24 30.48
C ASN H 540 -7.53 -13.66 30.71
N PHE H 541 -7.25 -14.38 29.62
CA PHE H 541 -6.89 -15.77 29.80
C PHE H 541 -6.02 -16.25 28.66
N ASN H 542 -5.32 -17.35 28.94
CA ASN H 542 -4.71 -18.19 27.93
C ASN H 542 -4.90 -19.63 28.34
N PHE H 543 -5.41 -20.45 27.43
CA PHE H 543 -5.47 -21.90 27.58
C PHE H 543 -4.71 -22.53 26.42
N ASN H 544 -3.62 -23.23 26.74
CA ASN H 544 -2.89 -23.99 25.74
C ASN H 544 -2.43 -23.13 24.57
N GLY H 545 -2.24 -21.84 24.83
CA GLY H 545 -1.94 -20.88 23.80
C GLY H 545 -3.16 -20.17 23.23
N LEU H 546 -4.33 -20.78 23.32
CA LEU H 546 -5.55 -20.08 22.95
C LEU H 546 -5.75 -18.90 23.89
N THR H 547 -5.95 -17.72 23.32
CA THR H 547 -6.10 -16.51 24.12
C THR H 547 -7.38 -15.79 23.78
N GLY H 548 -7.93 -15.13 24.80
CA GLY H 548 -9.10 -14.29 24.64
C GLY H 548 -9.44 -13.66 25.96
N THR H 549 -10.61 -13.06 26.04
CA THR H 549 -11.07 -12.48 27.30
C THR H 549 -12.54 -12.77 27.47
N GLY H 550 -12.90 -13.35 28.61
CA GLY H 550 -14.28 -13.73 28.81
C GLY H 550 -14.58 -13.98 30.27
N VAL H 551 -15.76 -14.54 30.50
CA VAL H 551 -16.21 -14.92 31.83
C VAL H 551 -16.30 -16.44 31.85
N LEU H 552 -15.38 -17.07 32.57
CA LEU H 552 -15.29 -18.52 32.59
C LEU H 552 -16.24 -19.09 33.62
N THR H 553 -17.04 -20.07 33.21
CA THR H 553 -18.04 -20.66 34.07
C THR H 553 -17.99 -22.18 33.94
N GLU H 554 -18.69 -22.86 34.85
CA GLU H 554 -18.94 -24.28 34.68
C GLU H 554 -20.02 -24.49 33.64
N SER H 555 -19.83 -25.48 32.78
CA SER H 555 -20.75 -25.73 31.68
C SER H 555 -20.90 -27.22 31.46
N ASN H 556 -22.11 -27.62 31.07
CA ASN H 556 -22.48 -29.02 30.95
C ASN H 556 -22.38 -29.57 29.55
N LYS H 557 -22.01 -28.76 28.56
CA LYS H 557 -21.78 -29.31 27.24
C LYS H 557 -20.64 -30.32 27.28
N LYS H 558 -20.77 -31.39 26.50
CA LYS H 558 -20.00 -32.61 26.71
C LYS H 558 -19.11 -32.88 25.52
N PHE H 559 -17.81 -32.76 25.70
CA PHE H 559 -16.86 -32.97 24.61
C PHE H 559 -16.67 -34.44 24.30
N LEU H 560 -16.12 -34.69 23.12
CA LEU H 560 -15.42 -35.93 22.86
C LEU H 560 -13.98 -35.81 23.35
N PRO H 561 -13.41 -36.89 23.86
CA PRO H 561 -12.15 -36.79 24.61
C PRO H 561 -11.01 -36.08 23.91
N PHE H 562 -10.73 -36.42 22.65
CA PHE H 562 -9.57 -35.84 21.97
C PHE H 562 -9.72 -34.36 21.75
N GLN H 563 -10.93 -33.83 21.85
CA GLN H 563 -11.23 -32.47 21.45
C GLN H 563 -10.55 -31.45 22.33
N GLN H 564 -10.47 -30.22 21.83
CA GLN H 564 -9.95 -29.12 22.61
C GLN H 564 -11.00 -28.03 22.79
N PHE H 565 -11.21 -27.25 21.75
CA PHE H 565 -12.16 -26.14 21.79
C PHE H 565 -13.58 -26.64 21.69
N GLY H 566 -14.51 -25.78 22.10
CA GLY H 566 -15.81 -25.71 21.49
C GLY H 566 -15.87 -24.46 20.61
N ARG H 567 -16.92 -24.39 19.78
CA ARG H 567 -17.16 -23.20 18.99
C ARG H 567 -18.64 -23.01 18.78
N ASP H 568 -18.99 -21.80 18.41
CA ASP H 568 -20.37 -21.39 18.17
C ASP H 568 -20.57 -21.23 16.66
N ILE H 569 -21.78 -20.82 16.28
CA ILE H 569 -22.12 -20.64 14.87
C ILE H 569 -21.19 -19.65 14.21
N ALA H 570 -20.71 -18.66 14.97
CA ALA H 570 -20.03 -17.50 14.41
C ALA H 570 -18.53 -17.67 14.30
N ASP H 571 -18.00 -18.87 14.56
CA ASP H 571 -16.56 -19.13 14.58
C ASP H 571 -15.86 -18.38 15.70
N THR H 572 -16.60 -17.95 16.71
CA THR H 572 -16.03 -17.51 17.97
C THR H 572 -15.55 -18.71 18.75
N THR H 573 -14.72 -18.47 19.77
CA THR H 573 -14.37 -19.55 20.69
C THR H 573 -15.35 -19.51 21.85
N ASP H 574 -16.32 -20.42 21.84
CA ASP H 574 -17.41 -20.39 22.81
C ASP H 574 -17.08 -21.09 24.12
N ALA H 575 -16.49 -22.27 24.05
CA ALA H 575 -16.30 -23.11 25.23
C ALA H 575 -14.97 -23.81 25.10
N VAL H 576 -14.23 -23.84 26.20
CA VAL H 576 -12.92 -24.47 26.21
C VAL H 576 -12.85 -25.42 27.39
N ARG H 577 -11.92 -26.36 27.31
CA ARG H 577 -11.72 -27.34 28.35
C ARG H 577 -10.44 -27.04 29.09
N ASP H 578 -10.52 -26.99 30.40
CA ASP H 578 -9.35 -26.69 31.21
C ASP H 578 -8.35 -27.83 31.00
N PRO H 579 -7.13 -27.60 30.46
CA PRO H 579 -6.15 -28.70 30.35
C PRO H 579 -5.82 -29.45 31.65
N GLN H 580 -5.42 -28.76 32.72
CA GLN H 580 -4.97 -29.46 33.95
C GLN H 580 -6.09 -30.30 34.59
N THR H 581 -7.27 -29.72 34.78
CA THR H 581 -8.42 -30.48 35.34
C THR H 581 -9.49 -30.48 34.26
N LEU H 582 -9.75 -31.62 33.62
CA LEU H 582 -10.66 -31.56 32.50
C LEU H 582 -12.02 -31.08 32.97
N GLU H 583 -12.45 -29.95 32.45
CA GLU H 583 -13.79 -29.46 32.74
C GLU H 583 -14.19 -28.55 31.59
N ILE H 584 -15.49 -28.46 31.37
CA ILE H 584 -16.02 -27.74 30.23
C ILE H 584 -16.32 -26.32 30.69
N LEU H 585 -15.54 -25.36 30.20
CA LEU H 585 -15.62 -23.99 30.65
C LEU H 585 -16.17 -23.14 29.53
N ASP H 586 -17.32 -22.52 29.76
CA ASP H 586 -17.81 -21.55 28.81
C ASP H 586 -16.89 -20.34 28.75
N ILE H 587 -16.99 -19.61 27.65
CA ILE H 587 -16.38 -18.31 27.52
C ILE H 587 -17.47 -17.35 27.09
N THR H 588 -17.85 -16.45 27.99
CA THR H 588 -18.72 -15.33 27.65
C THR H 588 -17.90 -14.07 27.88
N PRO H 589 -17.54 -13.33 26.83
CA PRO H 589 -16.80 -12.09 27.06
C PRO H 589 -17.60 -11.14 27.91
N CYS H 590 -16.89 -10.36 28.70
CA CYS H 590 -17.53 -9.53 29.70
C CYS H 590 -18.60 -8.66 29.07
N SER H 591 -19.70 -8.49 29.78
CA SER H 591 -20.84 -7.80 29.24
C SER H 591 -20.49 -6.36 28.89
N PHE H 592 -21.21 -5.81 27.93
CA PHE H 592 -21.06 -4.41 27.58
C PHE H 592 -22.35 -3.96 26.92
N GLY H 593 -22.56 -2.65 26.90
CA GLY H 593 -23.78 -2.12 26.34
C GLY H 593 -23.69 -0.63 26.22
N GLY H 594 -24.61 -0.08 25.43
CA GLY H 594 -24.67 1.36 25.27
C GLY H 594 -25.15 2.02 26.54
N VAL H 595 -24.40 3.01 27.01
CA VAL H 595 -24.94 3.91 28.01
C VAL H 595 -26.02 4.77 27.37
N SER H 596 -27.14 4.93 28.06
CA SER H 596 -28.19 5.81 27.58
C SER H 596 -28.50 6.79 28.68
N VAL H 597 -28.34 8.08 28.40
CA VAL H 597 -28.63 9.11 29.38
C VAL H 597 -30.08 9.52 29.19
N ILE H 598 -30.92 9.15 30.13
CA ILE H 598 -32.32 9.54 30.10
C ILE H 598 -32.45 10.85 30.84
N THR H 599 -32.96 11.87 30.16
CA THR H 599 -33.13 13.15 30.77
C THR H 599 -34.41 13.80 30.30
N PRO H 600 -35.09 14.54 31.17
CA PRO H 600 -36.03 15.53 30.68
C PRO H 600 -35.22 16.61 30.01
N GLY H 601 -35.85 17.62 29.42
CA GLY H 601 -35.08 18.70 28.84
C GLY H 601 -34.16 19.31 29.89
N THR H 602 -32.96 19.68 29.46
CA THR H 602 -32.10 20.43 30.36
C THR H 602 -32.79 21.69 30.84
N ASN H 603 -33.83 22.10 30.13
CA ASN H 603 -34.70 23.17 30.56
C ASN H 603 -35.26 22.92 31.94
N THR H 604 -35.91 21.77 32.13
CA THR H 604 -36.62 21.50 33.38
C THR H 604 -35.69 21.07 34.49
N SER H 605 -34.60 20.38 34.17
CA SER H 605 -33.73 19.89 35.23
C SER H 605 -32.34 19.61 34.71
N ASN H 606 -31.40 19.53 35.65
CA ASN H 606 -30.05 19.04 35.40
C ASN H 606 -29.90 17.58 35.78
N GLN H 607 -30.97 16.93 36.21
CA GLN H 607 -30.90 15.58 36.75
C GLN H 607 -31.06 14.57 35.63
N VAL H 608 -30.21 13.56 35.63
CA VAL H 608 -30.27 12.52 34.61
C VAL H 608 -30.41 11.17 35.30
N ALA H 609 -31.02 10.23 34.58
CA ALA H 609 -31.11 8.85 35.02
C ALA H 609 -30.46 7.99 33.95
N VAL H 610 -29.35 7.38 34.29
CA VAL H 610 -28.58 6.65 33.29
C VAL H 610 -29.13 5.24 33.18
N LEU H 611 -29.21 4.75 31.96
CA LEU H 611 -29.60 3.38 31.67
C LEU H 611 -28.40 2.67 31.06
N TYR H 612 -27.83 1.72 31.80
CA TYR H 612 -26.88 0.80 31.21
C TYR H 612 -27.67 -0.30 30.51
N GLN H 613 -27.49 -0.42 29.21
CA GLN H 613 -28.30 -1.37 28.46
C GLN H 613 -27.73 -2.76 28.54
N ASP H 614 -28.62 -3.72 28.81
CA ASP H 614 -28.32 -5.14 28.66
C ASP H 614 -27.13 -5.57 29.53
N VAL H 615 -27.19 -5.23 30.80
CA VAL H 615 -26.28 -5.79 31.79
C VAL H 615 -27.10 -6.12 33.02
N ASN H 616 -26.70 -7.17 33.72
CA ASN H 616 -27.23 -7.41 35.05
C ASN H 616 -26.65 -6.34 35.96
N CYS H 617 -27.36 -5.99 37.04
CA CYS H 617 -26.84 -4.87 37.81
C CYS H 617 -25.87 -5.43 38.84
N THR H 618 -24.60 -5.41 38.48
CA THR H 618 -23.46 -5.55 39.39
C THR H 618 -22.38 -4.59 38.90
N GLU H 619 -21.94 -4.80 37.66
CA GLU H 619 -20.74 -4.20 37.08
C GLU H 619 -20.71 -2.68 37.14
N VAL H 620 -21.83 -2.07 37.49
CA VAL H 620 -21.83 -0.66 37.85
C VAL H 620 -20.68 -0.30 38.77
N ASN H 641 -29.50 5.34 43.47
CA ASN H 641 -30.59 4.35 43.44
C ASN H 641 -30.50 3.48 42.20
N VAL H 642 -30.72 2.18 42.37
CA VAL H 642 -30.57 1.21 41.30
C VAL H 642 -31.86 0.46 41.12
N PHE H 643 -32.27 0.29 39.86
CA PHE H 643 -33.46 -0.47 39.50
C PHE H 643 -33.15 -1.35 38.31
N GLN H 644 -33.23 -2.66 38.50
CA GLN H 644 -33.05 -3.61 37.41
C GLN H 644 -34.29 -3.59 36.52
N THR H 645 -34.08 -3.80 35.23
CA THR H 645 -35.16 -3.72 34.25
C THR H 645 -35.12 -4.92 33.35
N ARG H 646 -36.04 -4.94 32.38
CA ARG H 646 -35.93 -5.86 31.27
C ARG H 646 -34.96 -5.36 30.22
N ALA H 647 -34.84 -4.05 30.07
CA ALA H 647 -33.97 -3.48 29.05
C ALA H 647 -32.52 -3.48 29.48
N GLY H 648 -32.26 -3.13 30.74
CA GLY H 648 -30.90 -3.04 31.22
C GLY H 648 -30.87 -2.56 32.64
N CYS H 649 -29.72 -2.08 33.07
CA CYS H 649 -29.53 -1.62 34.43
C CYS H 649 -29.77 -0.12 34.45
N LEU H 650 -30.84 0.31 35.11
CA LEU H 650 -31.28 1.70 35.11
C LEU H 650 -30.92 2.32 36.44
N ILE H 651 -30.06 3.33 36.41
CA ILE H 651 -29.56 3.99 37.61
C ILE H 651 -30.13 5.39 37.68
N GLY H 652 -30.66 5.74 38.85
CA GLY H 652 -31.00 7.12 39.11
C GLY H 652 -32.46 7.47 38.96
N ALA H 653 -33.33 6.50 38.78
CA ALA H 653 -34.76 6.77 38.72
C ALA H 653 -35.49 5.77 39.58
N GLU H 654 -36.19 6.26 40.58
CA GLU H 654 -36.96 5.37 41.45
C GLU H 654 -38.09 4.72 40.67
N HIS H 655 -38.28 3.43 40.91
CA HIS H 655 -39.35 2.69 40.26
C HIS H 655 -40.69 3.23 40.71
N VAL H 656 -41.69 3.12 39.85
CA VAL H 656 -43.07 3.50 40.18
C VAL H 656 -43.99 2.38 39.71
N ASN H 657 -44.96 2.02 40.56
CA ASN H 657 -45.97 1.06 40.12
C ASN H 657 -46.99 1.68 39.19
N ASN H 658 -47.79 2.61 39.68
CA ASN H 658 -48.95 3.11 38.93
C ASN H 658 -48.49 3.66 37.59
N SER H 659 -49.03 3.09 36.52
CA SER H 659 -48.50 3.28 35.19
C SER H 659 -49.25 4.38 34.46
N TYR H 660 -48.52 5.20 33.73
CA TYR H 660 -49.08 6.36 33.07
C TYR H 660 -48.80 6.23 31.58
N GLU H 661 -49.31 7.18 30.80
CA GLU H 661 -49.02 7.11 29.38
C GLU H 661 -47.54 7.35 29.14
N CYS H 662 -47.04 6.80 28.04
CA CYS H 662 -45.61 6.83 27.82
C CYS H 662 -45.15 8.26 27.61
N ASP H 663 -43.89 8.50 27.99
CA ASP H 663 -43.34 9.84 27.96
C ASP H 663 -42.01 9.84 27.23
N ILE H 664 -41.01 9.22 27.84
CA ILE H 664 -39.72 8.98 27.20
C ILE H 664 -39.58 7.47 27.05
N PRO H 665 -39.71 6.91 25.86
CA PRO H 665 -39.56 5.47 25.69
C PRO H 665 -38.15 5.04 26.06
N ILE H 666 -38.03 3.82 26.55
CA ILE H 666 -36.74 3.27 26.94
C ILE H 666 -36.57 1.91 26.28
N GLY H 667 -37.39 0.95 26.69
CA GLY H 667 -37.41 -0.34 26.06
C GLY H 667 -38.31 -1.27 26.84
N ALA H 668 -38.77 -2.35 26.21
CA ALA H 668 -39.62 -3.35 26.86
C ALA H 668 -40.78 -2.70 27.58
N GLY H 669 -41.30 -1.61 27.02
CA GLY H 669 -42.42 -0.93 27.64
C GLY H 669 -42.12 -0.31 28.98
N ILE H 670 -40.98 0.36 29.10
CA ILE H 670 -40.61 1.11 30.29
C ILE H 670 -40.45 2.56 29.85
N CYS H 671 -41.31 3.43 30.34
CA CYS H 671 -41.29 4.83 29.93
C CYS H 671 -41.05 5.71 31.15
N ALA H 672 -40.07 6.60 31.04
CA ALA H 672 -39.65 7.46 32.13
C ALA H 672 -40.18 8.86 31.92
N SER H 673 -40.67 9.48 32.99
CA SER H 673 -41.10 10.86 32.97
C SER H 673 -40.55 11.55 34.21
N TYR H 674 -40.59 12.88 34.18
CA TYR H 674 -39.81 13.64 35.16
C TYR H 674 -40.50 13.78 36.51
N GLN H 675 -41.81 13.99 36.52
CA GLN H 675 -42.48 14.49 37.71
C GLN H 675 -42.40 13.49 38.86
N THR H 676 -42.63 14.00 40.07
CA THR H 676 -42.82 13.15 41.26
C THR H 676 -43.66 11.91 40.95
N SER H 689 -38.19 18.03 45.49
CA SER H 689 -39.48 17.39 45.22
C SER H 689 -39.34 16.36 44.13
N GLN H 690 -39.47 16.80 42.88
CA GLN H 690 -39.54 15.88 41.76
C GLN H 690 -38.25 15.12 41.53
N SER H 691 -38.38 13.94 40.96
CA SER H 691 -37.26 13.10 40.59
C SER H 691 -37.67 12.25 39.40
N ILE H 692 -36.69 11.95 38.53
CA ILE H 692 -36.96 11.10 37.38
C ILE H 692 -37.48 9.76 37.86
N ILE H 693 -38.60 9.32 37.29
CA ILE H 693 -39.12 8.01 37.64
C ILE H 693 -39.06 7.10 36.43
N ALA H 694 -39.42 5.85 36.61
CA ALA H 694 -39.52 4.90 35.51
C ALA H 694 -40.61 3.90 35.87
N TYR H 695 -41.38 3.49 34.87
CA TYR H 695 -42.54 2.66 35.15
C TYR H 695 -42.89 1.88 33.90
N THR H 696 -43.64 0.80 34.11
CA THR H 696 -44.13 0.04 32.97
C THR H 696 -45.06 0.90 32.15
N MET H 697 -44.79 1.00 30.86
CA MET H 697 -45.59 1.84 29.99
C MET H 697 -47.03 1.39 30.02
N SER H 698 -47.94 2.30 30.34
CA SER H 698 -49.35 2.02 30.24
C SER H 698 -49.81 2.33 28.83
N LEU H 699 -50.69 1.49 28.31
CA LEU H 699 -51.17 1.63 26.94
C LEU H 699 -52.52 2.31 27.01
N GLY H 700 -52.57 3.56 26.56
CA GLY H 700 -53.83 4.26 26.54
C GLY H 700 -54.49 4.31 27.91
N ALA H 701 -55.79 4.57 27.88
CA ALA H 701 -56.62 4.54 29.07
C ALA H 701 -57.69 3.47 28.86
N GLU H 702 -57.83 2.59 29.84
CA GLU H 702 -58.74 1.46 29.68
C GLU H 702 -60.18 1.93 29.50
N ASN H 703 -60.91 1.23 28.65
CA ASN H 703 -62.35 1.36 28.53
C ASN H 703 -62.95 -0.01 28.28
N SER H 704 -64.15 -0.23 28.78
CA SER H 704 -64.91 -1.43 28.47
C SER H 704 -66.26 -0.96 27.97
N VAL H 705 -66.53 -1.18 26.69
CA VAL H 705 -67.75 -0.65 26.10
C VAL H 705 -68.92 -1.45 26.63
N ALA H 706 -69.88 -0.75 27.21
CA ALA H 706 -71.08 -1.45 27.67
C ALA H 706 -71.83 -1.92 26.44
N TYR H 707 -72.02 -3.23 26.35
CA TYR H 707 -72.45 -3.84 25.11
C TYR H 707 -73.56 -4.83 25.38
N SER H 708 -74.59 -4.78 24.55
CA SER H 708 -75.57 -5.84 24.58
C SER H 708 -76.26 -5.86 23.24
N ASN H 709 -76.86 -7.01 22.93
CA ASN H 709 -77.37 -7.29 21.60
C ASN H 709 -78.49 -6.34 21.17
N ASN H 710 -79.15 -5.68 22.12
CA ASN H 710 -80.12 -4.64 21.76
C ASN H 710 -79.60 -3.23 21.94
N SER H 711 -78.35 -3.05 22.32
CA SER H 711 -77.86 -1.74 22.74
C SER H 711 -77.16 -1.02 21.61
N ILE H 712 -77.67 0.15 21.22
CA ILE H 712 -77.02 0.98 20.22
C ILE H 712 -76.80 2.37 20.80
N ALA H 713 -75.73 3.03 20.37
CA ALA H 713 -75.39 4.37 20.83
C ALA H 713 -75.21 5.27 19.62
N ILE H 714 -76.11 6.22 19.46
CA ILE H 714 -76.12 7.15 18.33
C ILE H 714 -75.66 8.51 18.83
N PRO H 715 -74.67 9.12 18.20
CA PRO H 715 -74.29 10.48 18.59
C PRO H 715 -75.36 11.46 18.21
N THR H 716 -75.68 12.35 19.15
CA THR H 716 -76.66 13.40 18.89
C THR H 716 -76.04 14.68 18.40
N ASN H 717 -74.72 14.79 18.42
CA ASN H 717 -74.10 16.07 18.18
C ASN H 717 -72.65 15.82 17.78
N PHE H 718 -72.05 16.81 17.16
CA PHE H 718 -70.76 16.62 16.51
C PHE H 718 -69.84 17.78 16.82
N THR H 719 -68.58 17.59 16.48
CA THR H 719 -67.62 18.67 16.45
C THR H 719 -66.88 18.63 15.13
N ILE H 720 -66.37 19.78 14.74
CA ILE H 720 -65.60 19.93 13.51
C ILE H 720 -64.19 20.28 13.90
N SER H 721 -63.27 19.34 13.73
CA SER H 721 -61.88 19.55 14.12
C SER H 721 -61.05 19.80 12.87
N VAL H 722 -60.05 20.67 13.01
CA VAL H 722 -59.09 20.93 11.95
C VAL H 722 -57.75 20.42 12.44
N THR H 723 -57.20 19.43 11.74
CA THR H 723 -55.99 18.76 12.17
C THR H 723 -54.89 18.98 11.15
N THR H 724 -53.86 19.71 11.54
CA THR H 724 -52.69 19.88 10.70
C THR H 724 -52.04 18.54 10.42
N GLU H 725 -51.65 18.33 9.16
CA GLU H 725 -50.89 17.17 8.76
C GLU H 725 -49.72 17.64 7.91
N ILE H 726 -48.52 17.20 8.26
CA ILE H 726 -47.30 17.79 7.74
C ILE H 726 -46.53 16.72 7.01
N LEU H 727 -46.06 17.05 5.80
CA LEU H 727 -45.36 16.10 4.97
C LEU H 727 -44.17 16.76 4.32
N PRO H 728 -43.05 16.06 4.20
CA PRO H 728 -41.99 16.53 3.31
C PRO H 728 -42.42 16.31 1.88
N VAL H 729 -41.89 17.14 0.99
CA VAL H 729 -42.21 17.02 -0.43
C VAL H 729 -40.92 16.95 -1.21
N SER H 730 -40.11 17.97 -1.12
CA SER H 730 -38.82 17.98 -1.76
C SER H 730 -37.73 18.14 -0.70
N MET H 731 -36.52 17.79 -1.07
CA MET H 731 -35.35 18.00 -0.25
C MET H 731 -34.40 18.92 -1.00
N THR H 732 -33.51 19.54 -0.25
CA THR H 732 -32.61 20.53 -0.84
C THR H 732 -31.82 19.90 -1.99
N LYS H 733 -31.90 20.52 -3.16
CA LYS H 733 -31.21 20.01 -4.33
C LYS H 733 -29.74 20.37 -4.24
N THR H 734 -28.88 19.38 -4.19
CA THR H 734 -27.46 19.61 -4.13
C THR H 734 -26.77 18.90 -5.29
N SER H 735 -25.68 19.50 -5.75
CA SER H 735 -24.86 18.91 -6.79
C SER H 735 -23.41 19.14 -6.40
N VAL H 736 -22.63 18.08 -6.39
CA VAL H 736 -21.27 18.12 -5.90
C VAL H 736 -20.33 17.98 -7.09
N ASP H 737 -19.23 18.73 -7.06
CA ASP H 737 -18.21 18.65 -8.08
C ASP H 737 -17.20 17.60 -7.64
N CYS H 738 -17.20 16.46 -8.33
CA CYS H 738 -16.41 15.34 -7.86
C CYS H 738 -14.92 15.60 -8.00
N THR H 739 -14.49 16.10 -9.15
CA THR H 739 -13.07 16.33 -9.36
C THR H 739 -12.53 17.36 -8.38
N MET H 740 -13.29 18.43 -8.15
CA MET H 740 -12.80 19.44 -7.22
C MET H 740 -12.86 18.95 -5.78
N TYR H 741 -14.03 18.44 -5.36
CA TYR H 741 -14.16 18.01 -3.97
C TYR H 741 -13.06 17.04 -3.59
N ILE H 742 -12.74 16.11 -4.49
CA ILE H 742 -11.67 15.18 -4.20
C ILE H 742 -10.32 15.88 -4.30
N CYS H 743 -9.99 16.37 -5.48
CA CYS H 743 -8.71 17.03 -5.71
C CYS H 743 -8.95 18.53 -5.78
N GLY H 744 -8.59 19.24 -4.71
CA GLY H 744 -8.61 20.68 -4.76
C GLY H 744 -7.43 21.20 -5.55
N ASP H 745 -7.69 22.01 -6.59
CA ASP H 745 -6.67 22.84 -7.23
C ASP H 745 -5.34 22.14 -7.48
N SER H 746 -5.38 20.85 -7.78
CA SER H 746 -4.16 20.09 -8.03
C SER H 746 -4.37 19.21 -9.24
N THR H 747 -3.60 19.45 -10.29
CA THR H 747 -3.61 18.53 -11.40
C THR H 747 -3.00 17.20 -11.00
N GLU H 748 -2.00 17.25 -10.11
CA GLU H 748 -1.37 16.03 -9.62
C GLU H 748 -2.39 15.04 -9.13
N CYS H 749 -3.24 15.48 -8.20
CA CYS H 749 -4.34 14.65 -7.75
C CYS H 749 -5.35 14.43 -8.87
N SER H 750 -5.61 15.47 -9.66
CA SER H 750 -6.64 15.37 -10.69
C SER H 750 -6.31 14.28 -11.70
N ASN H 751 -5.03 14.13 -12.05
CA ASN H 751 -4.66 13.07 -12.98
C ASN H 751 -4.90 11.70 -12.37
N LEU H 752 -4.53 11.51 -11.10
CA LEU H 752 -4.77 10.23 -10.46
C LEU H 752 -6.23 9.84 -10.49
N LEU H 753 -7.13 10.82 -10.32
CA LEU H 753 -8.54 10.52 -10.30
C LEU H 753 -8.99 9.85 -11.59
N LEU H 754 -8.35 10.20 -12.70
CA LEU H 754 -8.69 9.58 -13.98
C LEU H 754 -8.48 8.08 -13.96
N GLN H 755 -7.65 7.58 -13.07
CA GLN H 755 -7.37 6.16 -13.02
C GLN H 755 -8.45 5.39 -12.29
N TYR H 756 -9.40 6.07 -11.65
CA TYR H 756 -10.60 5.42 -11.14
C TYR H 756 -11.76 5.52 -12.12
N GLY H 757 -11.52 6.09 -13.29
CA GLY H 757 -12.52 6.03 -14.34
C GLY H 757 -13.75 6.86 -14.06
N SER H 758 -14.90 6.22 -14.15
CA SER H 758 -16.18 6.90 -14.24
C SER H 758 -16.81 7.19 -12.90
N PHE H 759 -16.13 6.89 -11.78
CA PHE H 759 -16.65 7.27 -10.48
C PHE H 759 -17.06 8.73 -10.45
N CYS H 760 -16.13 9.61 -10.84
CA CYS H 760 -16.41 11.04 -10.79
C CYS H 760 -17.66 11.37 -11.57
N THR H 761 -17.80 10.84 -12.79
CA THR H 761 -18.95 11.18 -13.60
C THR H 761 -20.22 10.52 -13.08
N GLN H 762 -20.16 9.24 -12.73
CA GLN H 762 -21.38 8.56 -12.32
C GLN H 762 -21.95 9.13 -11.02
N LEU H 763 -21.14 9.83 -10.23
CA LEU H 763 -21.70 10.50 -9.07
C LEU H 763 -22.59 11.66 -9.50
N ASN H 764 -22.12 12.50 -10.42
CA ASN H 764 -22.97 13.54 -10.96
C ASN H 764 -24.22 12.96 -11.59
N ARG H 765 -24.06 11.88 -12.36
CA ARG H 765 -25.23 11.21 -12.92
C ARG H 765 -26.17 10.75 -11.81
N ALA H 766 -25.62 10.33 -10.67
CA ALA H 766 -26.46 9.93 -9.56
C ALA H 766 -27.18 11.12 -8.96
N LEU H 767 -26.44 12.14 -8.55
CA LEU H 767 -27.05 13.26 -7.84
C LEU H 767 -28.01 14.01 -8.73
N THR H 768 -27.72 14.10 -10.03
CA THR H 768 -28.65 14.77 -10.92
C THR H 768 -29.97 14.03 -10.95
N GLY H 769 -29.95 12.71 -10.96
CA GLY H 769 -31.18 11.95 -10.88
C GLY H 769 -32.03 12.36 -9.70
N ILE H 770 -31.40 12.48 -8.53
CA ILE H 770 -32.08 13.08 -7.39
C ILE H 770 -32.56 14.48 -7.72
N ALA H 771 -31.61 15.38 -8.02
CA ALA H 771 -31.92 16.78 -8.18
C ALA H 771 -33.03 17.00 -9.20
N VAL H 772 -33.08 16.19 -10.25
CA VAL H 772 -34.15 16.32 -11.23
C VAL H 772 -35.50 16.03 -10.60
N GLU H 773 -35.64 14.84 -10.01
CA GLU H 773 -36.95 14.42 -9.56
C GLU H 773 -37.44 15.23 -8.37
N GLN H 774 -36.56 15.93 -7.67
CA GLN H 774 -37.02 16.83 -6.62
C GLN H 774 -37.98 17.85 -7.19
N ASP H 775 -37.62 18.47 -8.30
CA ASP H 775 -38.54 19.37 -8.96
C ASP H 775 -39.64 18.64 -9.69
N LYS H 776 -39.54 17.32 -9.82
CA LYS H 776 -40.69 16.53 -10.25
C LYS H 776 -41.65 16.28 -9.11
N ASN H 777 -41.12 15.99 -7.93
CA ASN H 777 -41.96 15.85 -6.75
C ASN H 777 -42.80 17.10 -6.54
N THR H 778 -42.13 18.22 -6.30
CA THR H 778 -42.82 19.50 -6.15
C THR H 778 -43.77 19.76 -7.30
N GLN H 779 -43.45 19.23 -8.48
CA GLN H 779 -44.34 19.40 -9.62
C GLN H 779 -45.59 18.55 -9.46
N GLU H 780 -45.42 17.28 -9.09
CA GLU H 780 -46.58 16.40 -8.97
C GLU H 780 -47.51 16.87 -7.88
N VAL H 781 -46.96 17.17 -6.71
CA VAL H 781 -47.76 17.57 -5.56
C VAL H 781 -48.56 18.82 -5.88
N PHE H 782 -47.86 19.95 -6.07
CA PHE H 782 -48.53 21.23 -6.00
C PHE H 782 -49.35 21.53 -7.24
N ALA H 783 -48.78 21.30 -8.43
CA ALA H 783 -49.52 21.67 -9.63
C ALA H 783 -50.15 20.40 -10.17
N GLN H 784 -51.38 20.17 -9.75
CA GLN H 784 -52.30 19.26 -10.39
C GLN H 784 -53.40 19.98 -11.12
N VAL H 785 -53.43 21.30 -11.03
CA VAL H 785 -54.53 22.11 -11.49
C VAL H 785 -54.12 22.80 -12.78
N LYS H 786 -55.03 22.81 -13.76
CA LYS H 786 -54.69 23.34 -15.06
C LYS H 786 -54.51 24.84 -15.03
N GLN H 787 -55.37 25.55 -14.31
CA GLN H 787 -55.40 27.00 -14.31
C GLN H 787 -55.11 27.51 -12.91
N ILE H 788 -54.72 28.77 -12.82
CA ILE H 788 -54.59 29.44 -11.53
C ILE H 788 -55.90 30.16 -11.26
N TYR H 789 -56.68 29.64 -10.33
CA TYR H 789 -57.86 30.31 -9.84
C TYR H 789 -57.46 31.32 -8.78
N LYS H 790 -58.28 32.34 -8.62
CA LYS H 790 -58.09 33.25 -7.51
C LYS H 790 -59.42 33.54 -6.86
N THR H 791 -59.39 33.70 -5.54
CA THR H 791 -60.60 33.94 -4.78
C THR H 791 -61.33 35.17 -5.32
N PRO H 792 -62.64 35.21 -5.20
CA PRO H 792 -63.37 36.39 -5.60
C PRO H 792 -62.98 37.58 -4.75
N PRO H 793 -63.30 38.80 -5.20
CA PRO H 793 -62.90 39.97 -4.40
C PRO H 793 -63.52 40.00 -3.02
N ILE H 794 -64.79 39.61 -2.89
CA ILE H 794 -65.52 39.72 -1.63
C ILE H 794 -65.76 38.33 -1.07
N LYS H 795 -65.56 38.19 0.23
CA LYS H 795 -65.66 36.90 0.91
C LYS H 795 -66.99 36.84 1.64
N ASP H 796 -67.94 36.06 1.09
CA ASP H 796 -69.09 35.60 1.87
C ASP H 796 -69.18 34.10 1.66
N PHE H 797 -68.76 33.34 2.66
CA PHE H 797 -68.82 31.90 2.62
C PHE H 797 -69.93 31.30 3.47
N GLY H 798 -70.76 32.14 4.09
CA GLY H 798 -71.74 31.65 5.01
C GLY H 798 -71.30 31.68 6.45
N GLY H 799 -70.28 32.46 6.77
CA GLY H 799 -69.74 32.52 8.10
C GLY H 799 -68.39 31.88 8.29
N PHE H 800 -67.88 31.14 7.31
CA PHE H 800 -66.58 30.52 7.45
C PHE H 800 -65.54 31.57 7.10
N ASN H 801 -64.54 31.74 7.95
CA ASN H 801 -63.58 32.82 7.79
C ASN H 801 -62.26 32.24 7.28
N PHE H 802 -61.97 32.48 6.01
CA PHE H 802 -60.76 31.96 5.40
C PHE H 802 -59.63 32.96 5.35
N SER H 803 -59.82 34.17 5.88
CA SER H 803 -58.73 35.14 5.87
C SER H 803 -57.49 34.58 6.51
N GLN H 804 -57.65 33.64 7.43
CA GLN H 804 -56.51 32.90 7.96
C GLN H 804 -55.73 32.22 6.85
N ILE H 805 -56.42 31.37 6.08
CA ILE H 805 -55.75 30.49 5.12
C ILE H 805 -55.63 31.07 3.73
N LEU H 806 -56.29 32.15 3.42
CA LEU H 806 -56.17 32.63 2.06
C LEU H 806 -54.97 33.56 1.92
N PRO H 807 -54.45 33.70 0.71
CA PRO H 807 -53.28 34.56 0.50
C PRO H 807 -53.50 35.94 1.10
N ASP H 808 -52.45 36.47 1.69
CA ASP H 808 -52.52 37.76 2.36
C ASP H 808 -52.26 38.84 1.32
N PRO H 809 -53.26 39.65 0.96
CA PRO H 809 -53.04 40.64 -0.10
C PRO H 809 -52.01 41.68 0.25
N SER H 810 -51.70 41.87 1.53
CA SER H 810 -50.80 42.92 1.97
C SER H 810 -49.37 42.44 2.18
N LYS H 811 -49.11 41.19 1.96
CA LYS H 811 -47.69 40.86 2.03
C LYS H 811 -47.04 41.02 0.67
N PRO H 812 -45.76 41.41 0.62
CA PRO H 812 -45.10 41.52 -0.69
C PRO H 812 -45.03 40.19 -1.42
N SER H 813 -44.62 39.13 -0.73
CA SER H 813 -44.82 37.77 -1.22
C SER H 813 -46.13 37.30 -0.62
N LYS H 814 -47.13 37.09 -1.47
CA LYS H 814 -48.45 36.82 -0.94
C LYS H 814 -48.47 35.39 -0.45
N ARG H 815 -48.63 35.23 0.86
CA ARG H 815 -48.69 33.94 1.51
C ARG H 815 -49.65 34.07 2.67
N SER H 816 -50.52 33.08 2.82
CA SER H 816 -51.56 33.14 3.84
C SER H 816 -50.95 33.34 5.22
N PHE H 817 -51.72 33.99 6.08
CA PHE H 817 -51.23 34.32 7.42
C PHE H 817 -50.57 33.13 8.09
N ILE H 818 -51.16 31.95 7.90
CA ILE H 818 -50.60 30.75 8.54
C ILE H 818 -49.21 30.45 8.00
N GLU H 819 -49.06 30.46 6.68
CA GLU H 819 -47.80 30.02 6.09
C GLU H 819 -46.61 30.79 6.64
N ASP H 820 -46.81 32.05 7.06
CA ASP H 820 -45.72 32.79 7.66
C ASP H 820 -45.30 32.17 8.98
N LEU H 821 -46.27 31.69 9.77
CA LEU H 821 -45.92 30.98 10.99
C LEU H 821 -44.99 29.81 10.68
N LEU H 822 -45.20 29.16 9.54
CA LEU H 822 -44.39 28.00 9.19
C LEU H 822 -42.99 28.41 8.77
N PHE H 823 -42.88 29.39 7.87
CA PHE H 823 -41.57 29.78 7.36
C PHE H 823 -40.69 30.36 8.45
N ASN H 824 -41.26 30.78 9.57
CA ASN H 824 -40.42 31.25 10.67
C ASN H 824 -39.87 30.06 11.47
N LYS H 825 -40.70 29.05 11.71
CA LYS H 825 -40.26 27.91 12.48
C LYS H 825 -39.11 27.20 11.79
N VAL H 826 -39.32 26.77 10.54
CA VAL H 826 -38.27 26.11 9.79
C VAL H 826 -37.16 27.12 9.47
N THR H 827 -35.95 26.60 9.33
CA THR H 827 -34.82 27.44 8.96
C THR H 827 -34.10 26.89 7.73
N ASP H 848 -21.16 30.20 7.63
CA ASP H 848 -22.39 29.44 7.78
C ASP H 848 -22.41 28.25 6.84
N LEU H 849 -23.58 27.65 6.63
CA LEU H 849 -23.68 26.58 5.60
C LEU H 849 -23.92 27.28 4.26
N ILE H 850 -24.04 28.61 4.28
CA ILE H 850 -24.36 29.39 3.05
C ILE H 850 -23.25 29.29 2.00
N CYS H 851 -21.97 29.37 2.38
CA CYS H 851 -20.89 29.40 1.35
C CYS H 851 -19.81 28.35 1.68
N ALA H 852 -19.68 27.96 2.95
CA ALA H 852 -18.71 26.97 3.39
C ALA H 852 -18.77 25.71 2.52
N GLN H 853 -19.92 25.04 2.51
CA GLN H 853 -20.13 23.96 1.56
C GLN H 853 -19.72 24.40 0.16
N LYS H 854 -20.19 25.58 -0.24
CA LYS H 854 -19.95 26.10 -1.58
C LYS H 854 -18.47 26.40 -1.82
N PHE H 855 -17.64 26.30 -0.79
CA PHE H 855 -16.19 26.37 -1.03
C PHE H 855 -15.74 25.20 -1.91
N ASN H 856 -16.01 23.99 -1.46
CA ASN H 856 -15.32 22.80 -1.96
C ASN H 856 -16.02 22.16 -3.15
N GLY H 857 -17.06 22.79 -3.68
CA GLY H 857 -17.82 22.18 -4.74
C GLY H 857 -19.12 21.57 -4.30
N LEU H 858 -19.55 21.83 -3.08
CA LEU H 858 -20.86 21.42 -2.62
C LEU H 858 -21.79 22.58 -2.91
N THR H 859 -22.67 22.40 -3.88
CA THR H 859 -23.52 23.47 -4.36
C THR H 859 -24.96 23.17 -4.00
N VAL H 860 -25.72 24.22 -3.73
CA VAL H 860 -27.14 24.11 -3.48
C VAL H 860 -27.84 24.77 -4.66
N LEU H 861 -28.45 23.97 -5.49
CA LEU H 861 -29.11 24.54 -6.64
C LEU H 861 -30.47 25.08 -6.24
N PRO H 862 -30.93 26.15 -6.88
CA PRO H 862 -32.22 26.71 -6.52
C PRO H 862 -33.33 25.77 -6.95
N PRO H 863 -34.33 25.55 -6.10
CA PRO H 863 -35.49 24.76 -6.52
C PRO H 863 -36.19 25.47 -7.67
N LEU H 864 -36.55 24.69 -8.69
CA LEU H 864 -37.14 25.26 -9.89
C LEU H 864 -38.26 26.23 -9.56
N LEU H 865 -39.10 25.90 -8.60
CA LEU H 865 -40.26 26.72 -8.25
C LEU H 865 -39.92 27.57 -7.05
N THR H 866 -39.97 28.88 -7.23
CA THR H 866 -39.79 29.77 -6.10
C THR H 866 -40.95 29.62 -5.11
N ASP H 867 -40.67 29.94 -3.86
CA ASP H 867 -41.70 29.84 -2.83
C ASP H 867 -42.92 30.66 -3.18
N GLU H 868 -42.72 31.82 -3.81
CA GLU H 868 -43.86 32.63 -4.20
C GLU H 868 -44.74 31.90 -5.20
N MET H 869 -44.14 31.07 -6.04
CA MET H 869 -44.94 30.28 -6.96
C MET H 869 -45.69 29.19 -6.23
N ILE H 870 -45.01 28.50 -5.33
CA ILE H 870 -45.66 27.46 -4.52
C ILE H 870 -46.89 28.04 -3.85
N ALA H 871 -46.80 29.28 -3.38
CA ALA H 871 -47.92 29.94 -2.76
C ALA H 871 -48.99 30.35 -3.76
N GLN H 872 -48.70 30.38 -5.05
CA GLN H 872 -49.78 30.60 -6.01
C GLN H 872 -50.54 29.33 -6.30
N TYR H 873 -49.85 28.21 -6.47
CA TYR H 873 -50.54 26.93 -6.54
C TYR H 873 -51.45 26.74 -5.34
N THR H 874 -50.86 26.66 -4.15
CA THR H 874 -51.66 26.47 -2.96
C THR H 874 -52.68 27.57 -2.75
N SER H 875 -52.59 28.68 -3.49
CA SER H 875 -53.72 29.58 -3.58
C SER H 875 -54.77 29.05 -4.55
N ALA H 876 -54.33 28.63 -5.73
CA ALA H 876 -55.26 28.08 -6.72
C ALA H 876 -56.02 26.91 -6.14
N LEU H 877 -55.31 25.85 -5.77
CA LEU H 877 -55.93 24.68 -5.17
C LEU H 877 -56.89 25.08 -4.07
N LEU H 878 -56.50 26.06 -3.27
CA LEU H 878 -57.37 26.54 -2.22
C LEU H 878 -58.43 27.49 -2.75
N ALA H 879 -58.18 28.17 -3.86
CA ALA H 879 -59.24 29.02 -4.40
C ALA H 879 -60.32 28.19 -5.07
N GLY H 880 -59.94 27.13 -5.78
CA GLY H 880 -60.93 26.30 -6.42
C GLY H 880 -61.69 25.43 -5.43
N THR H 881 -60.98 24.94 -4.40
CA THR H 881 -61.64 24.14 -3.39
C THR H 881 -62.78 24.90 -2.76
N ILE H 882 -62.58 26.17 -2.48
CA ILE H 882 -63.58 26.97 -1.79
C ILE H 882 -64.75 27.27 -2.72
N THR H 883 -64.46 27.84 -3.87
CA THR H 883 -65.54 28.28 -4.76
C THR H 883 -66.15 27.11 -5.52
N SER H 884 -65.32 26.30 -6.15
CA SER H 884 -65.75 25.35 -7.16
C SER H 884 -66.02 23.96 -6.64
N GLY H 885 -65.92 23.75 -5.34
CA GLY H 885 -66.12 22.41 -4.82
C GLY H 885 -64.97 21.50 -5.21
N TRP H 886 -65.30 20.25 -5.52
CA TRP H 886 -64.28 19.31 -5.97
C TRP H 886 -64.21 19.18 -7.47
N THR H 887 -65.07 19.86 -8.21
CA THR H 887 -65.16 19.61 -9.65
C THR H 887 -63.96 20.14 -10.41
N PHE H 888 -63.17 21.05 -9.83
CA PHE H 888 -62.08 21.62 -10.61
C PHE H 888 -60.99 20.60 -10.87
N GLY H 889 -60.92 19.55 -10.06
CA GLY H 889 -59.98 18.48 -10.35
C GLY H 889 -60.40 17.58 -11.48
N ALA H 890 -61.70 17.53 -11.77
CA ALA H 890 -62.23 16.69 -12.83
C ALA H 890 -62.45 17.44 -14.14
N GLY H 891 -62.09 18.70 -14.22
CA GLY H 891 -62.36 19.45 -15.42
C GLY H 891 -62.45 20.94 -15.10
N ALA H 892 -63.21 21.63 -15.93
CA ALA H 892 -63.45 23.05 -15.69
C ALA H 892 -64.12 23.25 -14.34
N ALA H 893 -63.60 24.19 -13.56
CA ALA H 893 -64.17 24.47 -12.25
C ALA H 893 -65.60 24.95 -12.39
N LEU H 894 -66.44 24.56 -11.42
CA LEU H 894 -67.85 24.90 -11.45
C LEU H 894 -68.18 25.69 -10.19
N GLN H 895 -68.48 26.97 -10.33
CA GLN H 895 -68.83 27.75 -9.15
C GLN H 895 -70.05 27.15 -8.50
N ILE H 896 -69.98 26.96 -7.19
CA ILE H 896 -71.10 26.43 -6.43
C ILE H 896 -71.11 27.13 -5.08
N PRO H 897 -72.28 27.45 -4.53
CA PRO H 897 -72.30 28.13 -3.24
C PRO H 897 -71.62 27.28 -2.18
N PHE H 898 -70.71 27.89 -1.46
CA PHE H 898 -69.90 27.11 -0.53
C PHE H 898 -70.77 26.37 0.47
N ALA H 899 -71.80 27.03 0.99
CA ALA H 899 -72.71 26.37 1.89
C ALA H 899 -73.43 25.22 1.22
N MET H 900 -73.61 25.28 -0.10
CA MET H 900 -74.15 24.14 -0.82
C MET H 900 -73.08 23.15 -1.22
N GLN H 901 -71.81 23.52 -1.08
CA GLN H 901 -70.77 22.51 -1.16
C GLN H 901 -70.82 21.61 0.06
N MET H 902 -70.80 22.20 1.25
CA MET H 902 -70.77 21.43 2.47
C MET H 902 -72.00 20.55 2.66
N ALA H 903 -73.08 20.80 1.93
CA ALA H 903 -74.18 19.86 1.98
C ALA H 903 -73.78 18.54 1.33
N TYR H 904 -72.97 18.61 0.28
CA TYR H 904 -72.51 17.38 -0.33
C TYR H 904 -71.54 16.66 0.58
N ARG H 905 -70.52 17.37 1.04
CA ARG H 905 -69.48 16.74 1.84
C ARG H 905 -70.03 16.11 3.11
N PHE H 906 -71.24 16.48 3.53
CA PHE H 906 -71.91 15.68 4.55
C PHE H 906 -72.53 14.42 3.96
N ASN H 907 -73.20 14.54 2.82
CA ASN H 907 -73.68 13.32 2.16
C ASN H 907 -72.56 12.34 1.91
N GLY H 908 -71.34 12.86 1.68
CA GLY H 908 -70.22 11.96 1.52
C GLY H 908 -69.97 11.10 2.74
N ILE H 909 -70.10 11.69 3.93
CA ILE H 909 -69.84 10.97 5.17
C ILE H 909 -71.11 10.39 5.77
N GLY H 910 -72.23 10.49 5.07
CA GLY H 910 -73.44 9.85 5.52
C GLY H 910 -74.35 10.69 6.39
N VAL H 911 -73.94 11.91 6.72
CA VAL H 911 -74.80 12.84 7.45
C VAL H 911 -75.68 13.56 6.43
N THR H 912 -76.99 13.40 6.57
CA THR H 912 -77.89 14.04 5.63
C THR H 912 -77.74 15.55 5.68
N GLN H 913 -77.81 16.18 4.51
CA GLN H 913 -77.54 17.59 4.37
C GLN H 913 -78.45 18.46 5.22
N ASN H 914 -79.63 17.97 5.61
CA ASN H 914 -80.48 18.80 6.46
C ASN H 914 -79.83 19.15 7.77
N VAL H 915 -78.75 18.44 8.13
CA VAL H 915 -78.02 18.83 9.37
C VAL H 915 -77.36 20.19 9.14
N LEU H 916 -76.59 20.34 8.06
CA LEU H 916 -75.84 21.61 7.83
C LEU H 916 -76.79 22.80 7.62
N TYR H 917 -77.85 22.64 6.83
CA TYR H 917 -78.73 23.79 6.51
C TYR H 917 -79.36 24.31 7.80
N GLU H 918 -79.40 23.48 8.84
CA GLU H 918 -79.97 23.85 10.12
C GLU H 918 -78.90 24.27 11.11
N ASN H 919 -77.74 23.64 11.07
CA ASN H 919 -76.67 23.93 12.00
C ASN H 919 -75.62 24.89 11.46
N GLN H 920 -75.87 25.49 10.29
CA GLN H 920 -74.84 26.24 9.59
C GLN H 920 -74.13 27.23 10.51
N LYS H 921 -74.89 28.08 11.19
CA LYS H 921 -74.27 29.09 12.06
C LYS H 921 -73.36 28.45 13.07
N LEU H 922 -73.83 27.41 13.74
CA LEU H 922 -73.00 26.69 14.70
C LEU H 922 -71.75 26.16 14.01
N ILE H 923 -71.92 25.45 12.90
CA ILE H 923 -70.77 24.86 12.22
C ILE H 923 -69.79 25.95 11.80
N ALA H 924 -70.30 27.13 11.49
CA ALA H 924 -69.42 28.25 11.17
C ALA H 924 -68.46 28.51 12.32
N ASN H 925 -69.00 28.72 13.52
CA ASN H 925 -68.15 29.07 14.66
C ASN H 925 -67.16 27.95 14.96
N GLN H 926 -67.64 26.71 15.01
CA GLN H 926 -66.75 25.59 15.27
C GLN H 926 -65.62 25.57 14.27
N PHE H 927 -65.91 25.86 13.01
CA PHE H 927 -64.85 25.92 12.02
C PHE H 927 -63.86 27.03 12.38
N ASN H 928 -64.36 28.26 12.48
CA ASN H 928 -63.49 29.40 12.70
C ASN H 928 -62.65 29.22 13.96
N SER H 929 -63.32 28.90 15.07
CA SER H 929 -62.60 28.70 16.32
C SER H 929 -61.61 27.55 16.21
N ALA H 930 -61.88 26.61 15.31
CA ALA H 930 -60.89 25.56 15.07
C ALA H 930 -59.69 26.11 14.32
N ILE H 931 -59.92 26.97 13.33
CA ILE H 931 -58.81 27.54 12.58
C ILE H 931 -57.91 28.34 13.51
N GLY H 932 -58.51 29.11 14.42
CA GLY H 932 -57.71 29.93 15.31
C GLY H 932 -56.67 29.12 16.05
N LYS H 933 -57.09 28.03 16.69
CA LYS H 933 -56.17 27.21 17.45
C LYS H 933 -55.06 26.61 16.61
N ILE H 934 -55.26 26.53 15.29
CA ILE H 934 -54.19 26.04 14.43
C ILE H 934 -53.02 26.98 14.47
N GLN H 935 -53.29 28.28 14.59
CA GLN H 935 -52.23 29.26 14.74
C GLN H 935 -51.36 28.93 15.95
N ASP H 936 -51.98 28.85 17.12
CA ASP H 936 -51.23 28.65 18.35
C ASP H 936 -50.61 27.26 18.40
N SER H 937 -51.32 26.26 17.85
CA SER H 937 -50.73 24.93 17.72
C SER H 937 -49.38 25.01 17.03
N LEU H 938 -49.30 25.83 15.99
CA LEU H 938 -48.01 26.10 15.35
C LEU H 938 -47.25 27.16 16.12
N SER H 939 -47.93 28.21 16.57
CA SER H 939 -47.24 29.37 17.12
C SER H 939 -46.51 29.04 18.41
N SER H 940 -47.13 28.25 19.27
CA SER H 940 -46.63 28.03 20.63
C SER H 940 -45.77 26.79 20.77
N THR H 941 -45.62 25.98 19.73
CA THR H 941 -44.80 24.78 19.80
C THR H 941 -44.02 24.63 18.51
N ALA H 942 -42.70 24.42 18.64
CA ALA H 942 -41.82 24.29 17.49
C ALA H 942 -41.57 22.85 17.06
N SER H 943 -42.16 21.88 17.75
CA SER H 943 -41.93 20.48 17.42
C SER H 943 -42.93 19.92 16.42
N ALA H 944 -43.99 20.66 16.09
CA ALA H 944 -44.97 20.15 15.13
C ALA H 944 -44.34 19.95 13.76
N LEU H 945 -43.39 20.81 13.40
CA LEU H 945 -42.76 20.78 12.09
C LEU H 945 -41.54 19.88 12.06
N GLY H 946 -41.31 19.10 13.11
CA GLY H 946 -40.13 18.26 13.17
C GLY H 946 -39.90 17.47 11.90
N LYS H 947 -40.96 16.94 11.30
CA LYS H 947 -40.82 16.18 10.07
C LYS H 947 -40.04 16.95 9.02
N LEU H 948 -40.50 18.17 8.72
CA LEU H 948 -39.73 19.06 7.87
C LEU H 948 -38.37 19.34 8.48
N GLN H 949 -38.36 19.74 9.74
CA GLN H 949 -37.12 20.14 10.39
C GLN H 949 -36.10 19.02 10.36
N ASP H 950 -36.56 17.77 10.46
CA ASP H 950 -35.64 16.65 10.40
C ASP H 950 -35.03 16.50 9.02
N VAL H 951 -35.85 16.66 7.97
CA VAL H 951 -35.34 16.58 6.62
C VAL H 951 -34.25 17.60 6.39
N VAL H 952 -34.52 18.86 6.73
CA VAL H 952 -33.56 19.92 6.49
C VAL H 952 -32.27 19.67 7.26
N ASN H 953 -32.41 19.23 8.51
CA ASN H 953 -31.22 18.95 9.32
C ASN H 953 -30.38 17.85 8.71
N GLN H 954 -31.00 16.70 8.42
CA GLN H 954 -30.25 15.57 7.92
C GLN H 954 -29.48 15.92 6.65
N ASN H 955 -30.08 16.75 5.79
CA ASN H 955 -29.36 17.22 4.62
C ASN H 955 -28.16 18.05 5.03
N ALA H 956 -28.38 19.10 5.80
CA ALA H 956 -27.27 19.90 6.30
C ALA H 956 -26.35 19.07 7.18
N GLN H 957 -26.88 18.04 7.83
CA GLN H 957 -26.04 17.14 8.60
C GLN H 957 -24.96 16.51 7.73
N ALA H 958 -25.38 15.68 6.77
CA ALA H 958 -24.41 14.92 5.99
C ALA H 958 -23.44 15.85 5.27
N LEU H 959 -23.90 17.02 4.85
CA LEU H 959 -22.99 17.98 4.23
C LEU H 959 -21.87 18.34 5.18
N ASN H 960 -22.20 18.69 6.42
CA ASN H 960 -21.16 18.92 7.42
C ASN H 960 -20.22 17.72 7.50
N THR H 961 -20.79 16.54 7.71
CA THR H 961 -19.98 15.34 7.74
C THR H 961 -19.15 15.20 6.48
N LEU H 962 -19.77 15.40 5.32
CA LEU H 962 -19.04 15.29 4.06
C LEU H 962 -17.90 16.28 4.01
N VAL H 963 -18.11 17.49 4.52
CA VAL H 963 -17.04 18.47 4.56
C VAL H 963 -15.95 18.04 5.52
N LYS H 964 -16.32 17.70 6.75
CA LYS H 964 -15.34 17.32 7.74
C LYS H 964 -14.48 16.16 7.27
N GLN H 965 -14.97 15.34 6.36
CA GLN H 965 -14.14 14.28 5.81
C GLN H 965 -12.96 14.82 5.05
N LEU H 966 -13.00 16.08 4.60
CA LEU H 966 -11.85 16.65 3.93
C LEU H 966 -10.66 16.78 4.87
N SER H 967 -10.91 16.97 6.16
CA SER H 967 -9.86 17.22 7.11
C SER H 967 -9.30 15.95 7.74
N SER H 968 -9.73 14.78 7.29
CA SER H 968 -9.26 13.54 7.88
C SER H 968 -8.07 13.00 7.11
N ASN H 969 -7.13 12.39 7.84
CA ASN H 969 -5.90 11.93 7.23
C ASN H 969 -6.14 10.74 6.31
N PHE H 970 -7.06 9.85 6.69
CA PHE H 970 -7.31 8.63 5.94
C PHE H 970 -6.04 7.81 5.77
N GLY H 971 -5.14 7.90 6.73
CA GLY H 971 -3.86 7.24 6.65
C GLY H 971 -2.78 8.03 5.94
N ALA H 972 -3.14 9.04 5.16
CA ALA H 972 -2.15 9.88 4.52
C ALA H 972 -1.50 10.79 5.56
N ILE H 973 -0.35 11.34 5.20
CA ILE H 973 0.44 12.13 6.12
C ILE H 973 -0.25 13.42 6.53
N SER H 974 -1.12 13.96 5.69
CA SER H 974 -1.87 15.16 6.07
C SER H 974 -3.12 15.26 5.23
N SER H 975 -4.06 16.07 5.69
CA SER H 975 -5.33 16.26 5.00
C SER H 975 -5.31 17.41 4.02
N VAL H 976 -4.23 18.18 3.97
CA VAL H 976 -4.09 19.23 2.97
C VAL H 976 -3.43 18.63 1.74
N LEU H 977 -4.15 18.65 0.62
CA LEU H 977 -3.68 17.96 -0.57
C LEU H 977 -2.35 18.52 -1.06
N ASN H 978 -2.08 19.78 -0.77
CA ASN H 978 -0.84 20.38 -1.25
C ASN H 978 0.35 20.02 -0.36
N ASP H 979 0.13 19.86 0.94
CA ASP H 979 1.23 19.53 1.83
C ASP H 979 1.91 18.23 1.44
N ILE H 980 1.12 17.21 1.11
CA ILE H 980 1.70 15.97 0.60
C ILE H 980 2.52 16.26 -0.64
N LEU H 981 2.06 17.19 -1.48
CA LEU H 981 2.86 17.55 -2.64
C LEU H 981 4.03 18.42 -2.26
N SER H 982 3.88 19.25 -1.23
CA SER H 982 4.97 20.15 -0.86
C SER H 982 6.11 19.39 -0.19
N ARG H 983 5.79 18.58 0.81
CA ARG H 983 6.85 17.93 1.58
C ARG H 983 7.56 16.87 0.75
N LEU H 984 6.80 15.99 0.13
CA LEU H 984 7.34 14.78 -0.45
C LEU H 984 7.56 14.91 -1.94
N ASP H 985 8.61 14.26 -2.43
CA ASP H 985 8.75 14.07 -3.86
C ASP H 985 7.57 13.26 -4.38
N LYS H 986 7.07 13.60 -5.57
CA LYS H 986 5.84 12.99 -6.08
C LYS H 986 5.86 11.47 -6.04
N VAL H 987 6.94 10.81 -6.50
CA VAL H 987 6.85 9.34 -6.66
C VAL H 987 6.32 8.62 -5.44
N GLU H 988 6.69 9.07 -4.24
CA GLU H 988 6.06 8.52 -3.05
C GLU H 988 4.72 9.19 -2.79
N ALA H 989 4.64 10.51 -2.98
CA ALA H 989 3.41 11.22 -2.72
C ALA H 989 2.23 10.66 -3.50
N GLU H 990 2.50 9.98 -4.61
CA GLU H 990 1.44 9.30 -5.34
C GLU H 990 0.68 8.35 -4.41
N VAL H 991 1.42 7.48 -3.72
CA VAL H 991 0.78 6.50 -2.85
C VAL H 991 0.02 7.19 -1.74
N GLN H 992 0.57 8.29 -1.21
CA GLN H 992 -0.14 9.03 -0.18
C GLN H 992 -1.48 9.54 -0.68
N ILE H 993 -1.47 10.25 -1.80
CA ILE H 993 -2.69 10.87 -2.30
C ILE H 993 -3.76 9.83 -2.57
N ASP H 994 -3.35 8.60 -2.90
CA ASP H 994 -4.32 7.52 -3.00
C ASP H 994 -5.15 7.42 -1.73
N ARG H 995 -4.49 7.31 -0.58
CA ARG H 995 -5.21 7.18 0.67
C ARG H 995 -6.13 8.36 0.88
N LEU H 996 -5.76 9.56 0.43
CA LEU H 996 -6.73 10.65 0.43
C LEU H 996 -7.84 10.38 -0.56
N ILE H 997 -7.49 10.13 -1.81
CA ILE H 997 -8.51 9.93 -2.83
C ILE H 997 -9.39 8.75 -2.46
N THR H 998 -8.79 7.58 -2.27
CA THR H 998 -9.56 6.41 -1.89
C THR H 998 -10.45 6.71 -0.70
N GLY H 999 -9.93 7.43 0.28
CA GLY H 999 -10.74 7.82 1.39
C GLY H 999 -11.84 8.77 0.98
N ARG H 1000 -11.48 9.88 0.34
CA ARG H 1000 -12.48 10.87 -0.03
C ARG H 1000 -13.45 10.30 -1.06
N LEU H 1001 -12.91 9.72 -2.13
CA LEU H 1001 -13.77 9.18 -3.17
C LEU H 1001 -14.77 8.19 -2.61
N GLN H 1002 -14.32 7.33 -1.70
CA GLN H 1002 -15.28 6.52 -0.95
C GLN H 1002 -16.26 7.40 -0.20
N SER H 1003 -15.75 8.41 0.49
CA SER H 1003 -16.60 9.22 1.35
C SER H 1003 -17.69 9.92 0.57
N LEU H 1004 -17.49 10.14 -0.72
CA LEU H 1004 -18.60 10.62 -1.54
C LEU H 1004 -19.65 9.55 -1.72
N GLN H 1005 -19.23 8.35 -2.14
CA GLN H 1005 -20.20 7.29 -2.38
C GLN H 1005 -21.03 7.02 -1.15
N THR H 1006 -20.42 7.14 0.03
CA THR H 1006 -21.22 7.11 1.25
C THR H 1006 -22.28 8.20 1.22
N TYR H 1007 -21.85 9.44 1.00
CA TYR H 1007 -22.81 10.54 0.98
C TYR H 1007 -23.82 10.37 -0.12
N VAL H 1008 -23.38 10.01 -1.32
CA VAL H 1008 -24.30 9.85 -2.43
C VAL H 1008 -25.31 8.78 -2.12
N THR H 1009 -24.85 7.62 -1.66
CA THR H 1009 -25.77 6.54 -1.36
C THR H 1009 -26.79 6.96 -0.33
N GLN H 1010 -26.36 7.71 0.68
CA GLN H 1010 -27.31 8.21 1.66
C GLN H 1010 -28.39 9.05 0.99
N GLN H 1011 -27.98 9.97 0.14
CA GLN H 1011 -28.95 10.84 -0.52
C GLN H 1011 -29.92 10.02 -1.35
N LEU H 1012 -29.42 9.08 -2.13
CA LEU H 1012 -30.28 8.20 -2.91
C LEU H 1012 -31.31 7.52 -2.02
N ILE H 1013 -30.85 6.90 -0.95
CA ILE H 1013 -31.76 6.24 -0.03
C ILE H 1013 -32.72 7.25 0.58
N ARG H 1014 -32.18 8.37 1.05
CA ARG H 1014 -33.03 9.36 1.70
C ARG H 1014 -34.02 9.96 0.72
N ALA H 1015 -33.57 10.23 -0.50
CA ALA H 1015 -34.50 10.74 -1.51
C ALA H 1015 -35.60 9.74 -1.80
N ALA H 1016 -35.26 8.45 -1.82
CA ALA H 1016 -36.27 7.44 -2.07
C ALA H 1016 -37.34 7.45 -0.99
N GLU H 1017 -36.98 7.86 0.22
CA GLU H 1017 -37.99 8.07 1.24
C GLU H 1017 -38.87 9.25 0.90
N ILE H 1018 -38.25 10.40 0.62
CA ILE H 1018 -38.99 11.57 0.23
C ILE H 1018 -39.85 11.27 -0.98
N ARG H 1019 -39.27 10.59 -1.97
CA ARG H 1019 -40.04 10.17 -3.13
C ARG H 1019 -41.29 9.41 -2.73
N ALA H 1020 -41.19 8.60 -1.67
CA ALA H 1020 -42.37 7.91 -1.17
C ALA H 1020 -43.29 8.89 -0.46
N SER H 1021 -42.73 9.79 0.34
CA SER H 1021 -43.56 10.77 1.03
C SER H 1021 -44.21 11.72 0.04
N ALA H 1022 -43.51 12.06 -1.05
CA ALA H 1022 -44.09 12.96 -2.03
C ALA H 1022 -45.36 12.36 -2.63
N ASN H 1023 -45.33 11.08 -2.98
CA ASN H 1023 -46.51 10.44 -3.52
C ASN H 1023 -47.64 10.45 -2.50
N LEU H 1024 -47.31 10.25 -1.24
CA LEU H 1024 -48.34 10.33 -0.20
C LEU H 1024 -49.01 11.69 -0.22
N ALA H 1025 -48.23 12.75 -0.37
CA ALA H 1025 -48.82 14.07 -0.53
C ALA H 1025 -49.65 14.14 -1.79
N ALA H 1026 -49.02 13.86 -2.93
CA ALA H 1026 -49.73 13.91 -4.21
C ALA H 1026 -50.98 13.04 -4.18
N THR H 1027 -50.97 11.98 -3.39
CA THR H 1027 -52.17 11.19 -3.22
C THR H 1027 -53.20 11.98 -2.41
N LYS H 1028 -52.78 12.51 -1.26
CA LYS H 1028 -53.70 13.32 -0.46
C LYS H 1028 -54.17 14.52 -1.25
N MET H 1029 -53.23 15.27 -1.83
CA MET H 1029 -53.59 16.45 -2.59
C MET H 1029 -54.65 16.14 -3.62
N SER H 1030 -54.51 15.02 -4.31
CA SER H 1030 -55.50 14.64 -5.30
C SER H 1030 -56.78 14.17 -4.63
N GLU H 1031 -56.68 13.20 -3.74
CA GLU H 1031 -57.88 12.60 -3.18
C GLU H 1031 -58.50 13.49 -2.11
N CYS H 1032 -57.67 13.97 -1.18
CA CYS H 1032 -58.21 14.64 0.00
C CYS H 1032 -58.62 16.07 -0.35
N VAL H 1033 -57.67 16.88 -0.80
CA VAL H 1033 -57.98 18.26 -1.19
C VAL H 1033 -58.95 18.30 -2.37
N LEU H 1034 -58.54 17.74 -3.51
CA LEU H 1034 -59.32 17.92 -4.71
C LEU H 1034 -60.63 17.17 -4.65
N GLY H 1035 -60.67 16.00 -4.03
CA GLY H 1035 -61.92 15.29 -3.88
C GLY H 1035 -62.37 15.27 -2.44
N GLN H 1036 -63.16 14.27 -2.09
CA GLN H 1036 -63.45 13.97 -0.69
C GLN H 1036 -63.12 12.51 -0.46
N SER H 1037 -62.35 12.23 0.58
CA SER H 1037 -61.81 10.89 0.78
C SER H 1037 -62.78 10.03 1.58
N LYS H 1038 -63.00 8.82 1.08
CA LYS H 1038 -63.74 7.81 1.81
C LYS H 1038 -62.83 6.87 2.58
N ARG H 1039 -61.52 7.08 2.51
CA ARG H 1039 -60.56 6.19 3.16
C ARG H 1039 -60.43 6.60 4.61
N VAL H 1040 -60.79 5.69 5.51
CA VAL H 1040 -60.85 6.04 6.92
C VAL H 1040 -59.46 6.37 7.42
N ASP H 1041 -59.32 7.54 8.04
CA ASP H 1041 -58.09 7.99 8.68
C ASP H 1041 -56.93 8.06 7.71
N PHE H 1042 -57.22 8.20 6.43
CA PHE H 1042 -56.18 8.59 5.48
C PHE H 1042 -55.96 10.09 5.54
N CYS H 1043 -57.03 10.85 5.64
CA CYS H 1043 -56.96 12.30 5.78
C CYS H 1043 -56.86 12.74 7.22
N GLY H 1044 -56.70 11.83 8.16
CA GLY H 1044 -56.67 12.22 9.55
C GLY H 1044 -57.95 11.86 10.27
N LYS H 1045 -57.83 11.69 11.58
CA LYS H 1045 -58.87 11.06 12.37
C LYS H 1045 -60.22 11.74 12.19
N GLY H 1046 -61.24 10.94 12.00
CA GLY H 1046 -62.60 11.41 11.83
C GLY H 1046 -63.07 11.27 10.40
N TYR H 1047 -64.38 11.44 10.24
CA TYR H 1047 -64.94 11.55 8.90
C TYR H 1047 -64.45 12.82 8.25
N HIS H 1048 -63.99 12.73 7.02
CA HIS H 1048 -63.32 13.83 6.37
C HIS H 1048 -64.29 14.69 5.55
N LEU H 1049 -64.18 16.00 5.71
CA LEU H 1049 -64.98 16.91 4.92
C LEU H 1049 -64.16 17.51 3.78
N MET H 1050 -63.14 18.30 4.12
CA MET H 1050 -62.33 18.92 3.08
C MET H 1050 -60.95 19.16 3.64
N SER H 1051 -59.99 19.41 2.75
CA SER H 1051 -58.63 19.69 3.18
C SER H 1051 -58.13 20.94 2.50
N PHE H 1052 -57.29 21.66 3.23
CA PHE H 1052 -56.72 22.92 2.77
C PHE H 1052 -55.22 22.78 2.69
N PRO H 1053 -54.63 22.75 1.51
CA PRO H 1053 -53.17 22.66 1.44
C PRO H 1053 -52.54 23.96 1.87
N GLN H 1054 -51.37 23.86 2.49
CA GLN H 1054 -50.57 25.02 2.84
C GLN H 1054 -49.12 24.67 2.62
N SER H 1055 -48.38 25.57 1.99
CA SER H 1055 -46.99 25.28 1.69
C SER H 1055 -46.15 25.49 2.95
N ALA H 1056 -45.05 24.74 3.01
CA ALA H 1056 -44.06 24.89 4.05
C ALA H 1056 -42.71 24.55 3.43
N PRO H 1057 -41.61 25.05 3.98
CA PRO H 1057 -40.34 24.96 3.25
C PRO H 1057 -40.00 23.50 2.95
N HIS H 1058 -39.77 23.21 1.68
CA HIS H 1058 -39.48 21.87 1.23
C HIS H 1058 -40.49 20.87 1.79
N GLY H 1059 -41.75 21.27 1.81
CA GLY H 1059 -42.77 20.41 2.36
C GLY H 1059 -44.14 20.95 2.05
N VAL H 1060 -45.16 20.32 2.62
CA VAL H 1060 -46.53 20.79 2.47
C VAL H 1060 -47.28 20.45 3.74
N VAL H 1061 -48.29 21.26 4.05
CA VAL H 1061 -49.07 21.10 5.26
C VAL H 1061 -50.54 21.17 4.89
N PHE H 1062 -51.29 20.16 5.31
CA PHE H 1062 -52.71 20.07 5.03
C PHE H 1062 -53.49 20.41 6.28
N LEU H 1063 -54.56 21.15 6.12
CA LEU H 1063 -55.51 21.39 7.20
C LEU H 1063 -56.74 20.57 6.88
N HIS H 1064 -56.93 19.48 7.61
CA HIS H 1064 -58.03 18.57 7.34
C HIS H 1064 -59.21 18.98 8.19
N VAL H 1065 -60.31 19.36 7.53
CA VAL H 1065 -61.53 19.71 8.25
C VAL H 1065 -62.36 18.44 8.34
N THR H 1066 -62.48 17.91 9.55
CA THR H 1066 -63.07 16.59 9.74
C THR H 1066 -64.26 16.69 10.67
N TYR H 1067 -65.11 15.67 10.60
CA TYR H 1067 -66.39 15.63 11.29
C TYR H 1067 -66.31 14.56 12.37
N VAL H 1068 -66.29 14.97 13.62
CA VAL H 1068 -66.17 14.05 14.74
C VAL H 1068 -67.44 14.12 15.57
N PRO H 1069 -68.19 13.02 15.71
CA PRO H 1069 -69.38 13.05 16.54
C PRO H 1069 -69.04 13.20 18.01
N ALA H 1070 -70.03 13.64 18.79
CA ALA H 1070 -69.77 13.97 20.18
C ALA H 1070 -70.61 13.21 21.19
N GLN H 1071 -71.87 13.61 21.34
CA GLN H 1071 -72.67 13.25 22.50
C GLN H 1071 -73.55 12.04 22.18
N GLU H 1072 -73.51 11.03 23.03
CA GLU H 1072 -74.18 9.77 22.80
C GLU H 1072 -75.42 9.64 23.67
N LYS H 1073 -76.40 8.91 23.18
CA LYS H 1073 -77.54 8.52 23.99
C LYS H 1073 -77.85 7.05 23.78
N ASN H 1074 -77.71 6.26 24.84
CA ASN H 1074 -78.05 4.85 24.77
C ASN H 1074 -79.46 4.66 24.27
N PHE H 1075 -79.64 3.82 23.26
CA PHE H 1075 -80.94 3.52 22.70
C PHE H 1075 -81.11 2.02 22.57
N THR H 1076 -82.26 1.53 23.01
CA THR H 1076 -82.65 0.19 22.65
C THR H 1076 -82.96 0.16 21.16
N THR H 1077 -82.41 -0.82 20.47
CA THR H 1077 -82.54 -0.91 19.03
C THR H 1077 -83.15 -2.25 18.65
N ALA H 1078 -83.65 -2.31 17.41
CA ALA H 1078 -84.09 -3.56 16.84
C ALA H 1078 -83.71 -3.57 15.37
N PRO H 1079 -83.28 -4.71 14.84
CA PRO H 1079 -82.90 -4.76 13.43
C PRO H 1079 -84.07 -4.66 12.49
N ALA H 1080 -85.29 -4.92 12.94
CA ALA H 1080 -86.43 -4.97 12.05
C ALA H 1080 -87.69 -4.76 12.88
N ILE H 1081 -88.80 -4.50 12.20
CA ILE H 1081 -90.07 -4.31 12.87
C ILE H 1081 -91.15 -5.09 12.14
N CYS H 1082 -91.78 -6.04 12.84
CA CYS H 1082 -92.97 -6.67 12.31
C CYS H 1082 -94.09 -5.66 12.25
N HIS H 1083 -94.80 -5.59 11.13
CA HIS H 1083 -96.02 -4.82 11.18
C HIS H 1083 -97.21 -5.75 11.10
N ASP H 1084 -97.50 -6.24 9.91
CA ASP H 1084 -98.59 -7.17 9.72
C ASP H 1084 -98.14 -8.62 9.75
N GLY H 1085 -96.89 -8.85 10.09
CA GLY H 1085 -96.23 -10.10 9.83
C GLY H 1085 -95.20 -10.00 8.74
N LYS H 1086 -95.31 -8.98 7.89
CA LYS H 1086 -94.18 -8.59 7.08
C LYS H 1086 -93.12 -7.99 7.98
N ALA H 1087 -91.90 -7.95 7.47
CA ALA H 1087 -90.81 -7.29 8.17
C ALA H 1087 -90.50 -5.99 7.47
N HIS H 1088 -90.13 -4.97 8.24
CA HIS H 1088 -89.75 -3.68 7.69
C HIS H 1088 -88.33 -3.37 8.08
N PHE H 1089 -87.49 -3.12 7.10
CA PHE H 1089 -86.14 -2.80 7.53
C PHE H 1089 -85.84 -1.35 7.16
N PRO H 1090 -84.99 -0.67 7.92
CA PRO H 1090 -84.70 0.73 7.62
C PRO H 1090 -84.06 0.86 6.25
N ARG H 1091 -84.61 1.76 5.42
CA ARG H 1091 -84.00 1.95 4.11
C ARG H 1091 -82.58 2.47 4.25
N GLU H 1092 -82.38 3.48 5.08
CA GLU H 1092 -81.07 4.01 5.39
C GLU H 1092 -81.02 4.37 6.85
N GLY H 1093 -79.92 4.04 7.51
CA GLY H 1093 -79.87 4.19 8.94
C GLY H 1093 -80.48 2.98 9.63
N VAL H 1094 -80.96 3.19 10.85
CA VAL H 1094 -81.48 2.10 11.67
C VAL H 1094 -82.65 2.53 12.54
N PHE H 1095 -83.37 1.53 13.02
CA PHE H 1095 -84.42 1.73 14.01
C PHE H 1095 -83.81 1.92 15.38
N VAL H 1096 -84.40 2.82 16.16
CA VAL H 1096 -84.09 2.95 17.57
C VAL H 1096 -85.37 3.29 18.30
N SER H 1097 -85.33 3.12 19.61
CA SER H 1097 -86.30 3.76 20.46
C SER H 1097 -85.61 4.22 21.73
N ASN H 1098 -86.15 5.27 22.32
CA ASN H 1098 -85.76 5.72 23.63
C ASN H 1098 -86.46 4.93 24.72
N GLY H 1099 -87.17 3.88 24.33
CA GLY H 1099 -87.91 3.03 25.25
C GLY H 1099 -89.40 3.06 25.10
N THR H 1100 -89.96 3.94 24.28
CA THR H 1100 -91.39 3.94 24.03
C THR H 1100 -91.71 3.86 22.55
N HIS H 1101 -91.32 4.86 21.78
CA HIS H 1101 -91.70 4.98 20.38
C HIS H 1101 -90.51 4.62 19.51
N TRP H 1102 -90.74 3.77 18.53
CA TRP H 1102 -89.66 3.34 17.68
C TRP H 1102 -89.38 4.38 16.62
N PHE H 1103 -88.10 4.71 16.47
CA PHE H 1103 -87.66 5.76 15.58
C PHE H 1103 -86.63 5.21 14.63
N VAL H 1104 -86.85 5.40 13.35
CA VAL H 1104 -85.82 5.22 12.35
C VAL H 1104 -85.00 6.50 12.30
N THR H 1105 -83.70 6.37 12.11
CA THR H 1105 -82.87 7.56 12.03
C THR H 1105 -81.61 7.22 11.27
N GLN H 1106 -80.94 8.28 10.81
CA GLN H 1106 -79.65 8.12 10.17
C GLN H 1106 -78.60 7.73 11.19
N ARG H 1107 -77.53 7.11 10.71
CA ARG H 1107 -76.59 6.46 11.60
C ARG H 1107 -75.77 7.45 12.41
N ASN H 1108 -75.09 8.38 11.73
CA ASN H 1108 -74.02 9.17 12.35
C ASN H 1108 -74.51 10.45 13.00
N PHE H 1109 -75.81 10.69 13.03
CA PHE H 1109 -76.34 11.84 13.75
C PHE H 1109 -77.75 11.48 14.17
N TYR H 1110 -78.18 12.01 15.30
CA TYR H 1110 -79.46 11.62 15.85
C TYR H 1110 -80.53 12.59 15.36
N GLU H 1111 -81.41 12.10 14.51
CA GLU H 1111 -82.56 12.87 14.05
C GLU H 1111 -83.74 11.92 13.99
N PRO H 1112 -84.41 11.71 15.11
CA PRO H 1112 -85.48 10.72 15.14
C PRO H 1112 -86.61 11.10 14.20
N GLN H 1113 -87.20 10.09 13.57
CA GLN H 1113 -88.25 10.31 12.61
C GLN H 1113 -89.31 9.23 12.77
N ILE H 1114 -90.58 9.64 12.71
CA ILE H 1114 -91.65 8.66 12.77
C ILE H 1114 -91.48 7.66 11.65
N ILE H 1115 -91.78 6.41 11.93
CA ILE H 1115 -91.54 5.33 10.98
C ILE H 1115 -92.70 5.25 10.01
N THR H 1116 -92.42 5.43 8.73
CA THR H 1116 -93.42 5.26 7.69
C THR H 1116 -92.82 4.41 6.59
N THR H 1117 -93.69 3.85 5.75
CA THR H 1117 -93.24 2.94 4.71
C THR H 1117 -92.22 3.59 3.79
N ASP H 1118 -92.19 4.92 3.70
CA ASP H 1118 -91.16 5.56 2.90
C ASP H 1118 -89.82 5.52 3.59
N ASN H 1119 -89.76 5.14 4.86
CA ASN H 1119 -88.49 4.93 5.52
C ASN H 1119 -88.02 3.49 5.48
N THR H 1120 -88.88 2.56 5.07
CA THR H 1120 -88.60 1.14 5.25
C THR H 1120 -89.07 0.35 4.05
N PHE H 1121 -88.25 -0.62 3.64
CA PHE H 1121 -88.63 -1.56 2.60
C PHE H 1121 -88.97 -2.89 3.24
N VAL H 1122 -89.98 -3.55 2.69
CA VAL H 1122 -90.44 -4.82 3.24
C VAL H 1122 -89.58 -5.95 2.70
N SER H 1123 -89.34 -6.97 3.52
CA SER H 1123 -88.67 -8.16 3.03
C SER H 1123 -89.09 -9.36 3.87
N GLY H 1124 -89.21 -10.51 3.21
CA GLY H 1124 -89.52 -11.75 3.89
C GLY H 1124 -90.74 -11.63 4.76
N ASN H 1125 -90.66 -12.24 5.94
CA ASN H 1125 -91.67 -12.08 6.98
C ASN H 1125 -91.00 -12.35 8.33
N CYS H 1126 -91.81 -12.43 9.38
CA CYS H 1126 -91.29 -12.25 10.73
C CYS H 1126 -90.47 -13.41 11.26
N ASP H 1127 -90.90 -14.64 11.06
CA ASP H 1127 -90.38 -15.75 11.85
C ASP H 1127 -88.87 -15.93 11.74
N VAL H 1128 -88.21 -15.30 10.79
CA VAL H 1128 -86.79 -15.50 10.55
C VAL H 1128 -85.95 -14.50 11.32
N VAL H 1129 -86.12 -13.21 11.03
CA VAL H 1129 -85.20 -12.19 11.53
C VAL H 1129 -85.09 -12.27 13.04
N ILE H 1130 -83.86 -12.39 13.53
CA ILE H 1130 -83.63 -12.47 14.97
C ILE H 1130 -83.87 -11.10 15.59
N GLY H 1131 -84.59 -11.08 16.71
CA GLY H 1131 -84.72 -9.85 17.44
C GLY H 1131 -85.66 -8.83 16.84
N ILE H 1132 -86.47 -9.22 15.87
CA ILE H 1132 -87.46 -8.29 15.34
C ILE H 1132 -88.49 -8.00 16.43
N VAL H 1133 -89.04 -6.80 16.40
CA VAL H 1133 -89.93 -6.34 17.47
C VAL H 1133 -91.26 -5.88 16.88
N ASN H 1134 -92.28 -5.84 17.71
CA ASN H 1134 -93.58 -5.35 17.28
C ASN H 1134 -93.59 -3.83 17.23
N ASN H 1135 -94.35 -3.30 16.28
CA ASN H 1135 -94.71 -1.89 16.23
C ASN H 1135 -95.74 -1.74 15.12
N THR H 1136 -96.19 -0.51 14.91
CA THR H 1136 -97.07 -0.17 13.80
C THR H 1136 -96.35 0.85 12.95
N VAL H 1137 -96.10 0.51 11.69
CA VAL H 1137 -95.41 1.43 10.79
C VAL H 1137 -96.47 2.29 10.13
N TYR H 1138 -96.43 3.58 10.45
CA TYR H 1138 -97.44 4.51 9.99
C TYR H 1138 -97.43 4.59 8.47
N ASP H 1139 -98.61 4.78 7.90
CA ASP H 1139 -98.73 4.93 6.46
C ASP H 1139 -98.85 6.40 6.10
N PRO H 1140 -98.02 6.90 5.18
CA PRO H 1140 -98.30 8.23 4.62
C PRO H 1140 -99.64 8.28 3.92
N LEU H 1141 -99.96 7.24 3.16
CA LEU H 1141 -101.10 7.30 2.27
C LEU H 1141 -102.43 7.18 3.01
N GLN H 1142 -102.55 6.20 3.89
CA GLN H 1142 -103.81 5.92 4.59
C GLN H 1142 -104.53 7.15 5.12
N PRO H 1143 -103.89 8.08 5.82
CA PRO H 1143 -104.64 9.27 6.26
C PRO H 1143 -105.13 10.11 5.10
N GLU H 1144 -104.31 10.25 4.06
CA GLU H 1144 -104.70 11.03 2.90
C GLU H 1144 -106.03 10.56 2.35
N LEU H 1145 -106.32 9.28 2.51
CA LEU H 1145 -107.54 8.72 1.94
C LEU H 1145 -108.79 9.42 2.45
N ASP H 1146 -109.05 9.31 3.76
CA ASP H 1146 -110.43 9.12 4.21
C ASP H 1146 -111.41 10.12 3.60
N SER H 1147 -110.94 11.30 3.27
CA SER H 1147 -111.80 12.20 2.54
C SER H 1147 -111.91 11.73 1.10
N GLN I 14 25.69 21.38 -56.18
CA GLN I 14 24.55 22.15 -56.69
C GLN I 14 24.24 23.33 -55.77
N CYS I 15 23.17 23.19 -54.99
CA CYS I 15 22.71 24.25 -54.09
C CYS I 15 22.48 25.57 -54.83
N VAL I 16 22.01 25.47 -56.08
CA VAL I 16 21.60 26.67 -56.79
C VAL I 16 20.43 27.30 -56.04
N ASN I 17 20.52 28.60 -55.80
CA ASN I 17 19.61 29.29 -54.88
C ASN I 17 18.92 30.43 -55.60
N LEU I 18 17.61 30.55 -55.40
CA LEU I 18 16.87 31.75 -55.74
C LEU I 18 15.95 32.05 -54.56
N THR I 19 16.08 33.24 -53.96
CA THR I 19 15.32 33.53 -52.71
C THR I 19 14.31 34.68 -52.88
N THR I 20 14.48 35.52 -53.91
CA THR I 20 13.58 36.68 -54.16
C THR I 20 13.54 37.62 -52.94
N ARG I 21 12.35 38.06 -52.53
CA ARG I 21 12.21 39.02 -51.44
C ARG I 21 11.03 38.76 -50.51
N THR I 22 9.82 38.85 -51.05
CA THR I 22 8.66 39.22 -50.24
C THR I 22 8.12 38.04 -49.44
N GLN I 23 7.42 38.37 -48.36
CA GLN I 23 6.60 37.44 -47.61
C GLN I 23 5.12 37.67 -47.92
N LEU I 24 4.64 38.91 -47.70
CA LEU I 24 3.24 39.33 -47.68
C LEU I 24 2.62 38.84 -46.37
N PRO I 25 1.56 39.47 -45.89
CA PRO I 25 0.81 38.88 -44.80
C PRO I 25 0.29 37.52 -45.23
N PRO I 26 0.54 36.48 -44.45
CA PRO I 26 0.08 35.14 -44.87
C PRO I 26 -1.43 35.12 -44.99
N ALA I 27 -1.91 34.69 -46.15
CA ALA I 27 -3.34 34.67 -46.40
C ALA I 27 -3.91 33.50 -45.61
N TYR I 28 -4.83 33.81 -44.70
CA TYR I 28 -5.35 32.77 -43.82
C TYR I 28 -6.65 32.22 -44.37
N THR I 29 -7.17 31.22 -43.68
CA THR I 29 -8.42 30.59 -44.06
C THR I 29 -8.97 29.88 -42.83
N ASN I 30 -10.11 29.22 -43.01
CA ASN I 30 -10.83 28.60 -41.92
C ASN I 30 -11.11 27.16 -42.31
N SER I 31 -10.50 26.22 -41.62
CA SER I 31 -10.81 24.82 -41.85
C SER I 31 -12.11 24.50 -41.13
N PHE I 32 -13.13 24.13 -41.89
CA PHE I 32 -14.47 24.05 -41.33
C PHE I 32 -14.61 22.72 -40.60
N THR I 33 -14.70 21.64 -41.37
CA THR I 33 -14.56 20.29 -40.85
C THR I 33 -13.41 19.67 -41.62
N ARG I 34 -12.29 19.44 -40.94
CA ARG I 34 -11.09 19.05 -41.68
C ARG I 34 -10.13 18.34 -40.74
N GLY I 35 -9.23 17.56 -41.35
CA GLY I 35 -8.16 16.93 -40.61
C GLY I 35 -8.59 15.89 -39.61
N VAL I 36 -9.61 15.09 -39.93
CA VAL I 36 -10.04 14.00 -39.07
C VAL I 36 -9.60 12.69 -39.70
N TYR I 37 -8.60 12.07 -39.08
CA TYR I 37 -8.06 10.80 -39.54
C TYR I 37 -8.60 9.69 -38.65
N TYR I 38 -8.18 8.46 -38.93
CA TYR I 38 -8.56 7.33 -38.11
C TYR I 38 -7.45 7.03 -37.13
N PRO I 39 -7.61 7.35 -35.84
CA PRO I 39 -6.52 7.11 -34.89
C PRO I 39 -6.55 5.72 -34.29
N ASP I 40 -6.69 4.68 -35.12
CA ASP I 40 -6.64 3.26 -34.77
C ASP I 40 -6.89 2.45 -36.04
N LYS I 41 -6.51 1.18 -35.98
CA LYS I 41 -6.85 0.21 -37.01
C LYS I 41 -8.18 -0.47 -36.73
N VAL I 42 -8.71 -0.32 -35.53
CA VAL I 42 -9.87 -1.09 -35.09
C VAL I 42 -11.08 -0.68 -35.89
N PHE I 43 -11.76 -1.66 -36.46
CA PHE I 43 -12.96 -1.41 -37.24
C PHE I 43 -14.16 -1.23 -36.33
N ARG I 44 -14.82 -0.09 -36.44
CA ARG I 44 -16.03 0.18 -35.67
C ARG I 44 -17.14 0.60 -36.62
N SER I 45 -18.38 0.32 -36.23
CA SER I 45 -19.54 0.51 -37.10
C SER I 45 -20.60 1.31 -36.35
N SER I 46 -20.90 2.51 -36.86
CA SER I 46 -22.03 3.32 -36.38
C SER I 46 -22.02 3.46 -34.85
N VAL I 47 -20.89 3.87 -34.29
CA VAL I 47 -20.77 4.11 -32.86
C VAL I 47 -20.15 5.49 -32.68
N LEU I 48 -20.33 6.07 -31.50
CA LEU I 48 -19.68 7.33 -31.18
C LEU I 48 -18.49 7.09 -30.28
N HIS I 49 -17.29 7.22 -30.83
CA HIS I 49 -16.06 6.96 -30.11
C HIS I 49 -15.39 8.29 -29.80
N SER I 50 -14.77 8.38 -28.63
CA SER I 50 -14.20 9.63 -28.14
C SER I 50 -12.79 9.39 -27.66
N THR I 51 -11.83 10.07 -28.26
CA THR I 51 -10.44 10.10 -27.80
C THR I 51 -9.93 11.52 -27.78
N GLN I 52 -8.93 11.76 -26.93
CA GLN I 52 -8.23 13.02 -26.88
C GLN I 52 -6.85 12.80 -27.49
N ASP I 53 -6.65 13.36 -28.68
CA ASP I 53 -5.44 13.15 -29.45
C ASP I 53 -5.09 14.43 -30.21
N LEU I 54 -3.89 14.46 -30.75
CA LEU I 54 -3.48 15.58 -31.60
C LEU I 54 -4.35 15.63 -32.84
N PHE I 55 -4.97 16.78 -33.09
CA PHE I 55 -5.72 17.02 -34.31
C PHE I 55 -5.57 18.47 -34.71
N LEU I 56 -6.14 18.82 -35.86
CA LEU I 56 -6.30 20.21 -36.23
C LEU I 56 -7.71 20.63 -35.82
N PRO I 57 -7.88 21.42 -34.78
CA PRO I 57 -9.24 21.72 -34.30
C PRO I 57 -10.04 22.49 -35.32
N PHE I 58 -11.36 22.20 -35.36
CA PHE I 58 -12.25 22.80 -36.40
C PHE I 58 -12.36 24.32 -36.26
N PHE I 59 -12.81 24.98 -37.32
CA PHE I 59 -12.99 26.46 -37.29
C PHE I 59 -11.66 27.08 -36.87
N SER I 60 -10.56 26.58 -37.42
CA SER I 60 -9.22 27.08 -37.01
C SER I 60 -8.57 27.93 -38.11
N ASN I 61 -7.43 28.54 -37.80
CA ASN I 61 -6.71 29.41 -38.74
C ASN I 61 -5.71 28.57 -39.50
N VAL I 62 -5.87 28.51 -40.81
CA VAL I 62 -4.94 27.73 -41.65
C VAL I 62 -4.29 28.69 -42.62
N THR I 63 -2.96 28.67 -42.72
CA THR I 63 -2.29 29.64 -43.61
C THR I 63 -2.29 29.12 -45.04
N TRP I 64 -3.03 29.77 -45.95
CA TRP I 64 -2.99 29.39 -47.38
C TRP I 64 -1.71 29.99 -47.95
N PHE I 65 -0.65 29.18 -48.10
CA PHE I 65 0.69 29.71 -48.52
C PHE I 65 0.82 29.95 -50.03
N HIS I 66 1.93 30.54 -50.46
CA HIS I 66 2.19 30.81 -51.90
C HIS I 66 3.61 30.40 -52.29
N ALA I 67 3.79 29.81 -53.48
CA ALA I 67 5.15 29.48 -54.00
C ALA I 67 5.09 29.57 -55.53
N ILE I 68 6.19 29.89 -56.22
CA ILE I 68 6.09 30.07 -57.70
C ILE I 68 4.76 30.77 -57.96
N HIS I 69 4.54 31.90 -57.27
CA HIS I 69 3.27 32.62 -57.33
C HIS I 69 3.35 33.72 -58.38
N VAL I 70 2.31 33.84 -59.19
CA VAL I 70 2.24 34.89 -60.18
C VAL I 70 1.18 35.91 -59.78
N SER I 71 1.61 37.15 -59.58
CA SER I 71 0.72 38.31 -59.47
C SER I 71 0.95 39.13 -60.72
N GLY I 72 -0.05 39.14 -61.61
CA GLY I 72 0.19 39.52 -62.99
C GLY I 72 0.57 40.94 -63.30
N THR I 73 1.73 41.09 -63.92
CA THR I 73 2.03 42.22 -64.80
C THR I 73 2.61 41.62 -66.08
N ASN I 74 3.80 41.03 -66.00
CA ASN I 74 4.20 39.92 -66.85
C ASN I 74 5.08 39.01 -66.02
N GLY I 75 4.76 37.72 -66.01
CA GLY I 75 5.57 36.81 -65.21
C GLY I 75 5.43 37.12 -63.74
N THR I 76 6.56 37.42 -63.09
CA THR I 76 6.66 37.70 -61.66
C THR I 76 6.20 36.50 -60.83
N LYS I 77 7.04 35.47 -60.88
CA LYS I 77 6.85 34.27 -60.08
C LYS I 77 7.55 34.46 -58.72
N ARG I 78 6.78 34.31 -57.65
CA ARG I 78 7.24 34.62 -56.30
C ARG I 78 7.49 33.33 -55.53
N PHE I 79 8.76 33.03 -55.27
CA PHE I 79 9.18 31.85 -54.53
C PHE I 79 9.29 32.25 -53.06
N ASP I 80 8.26 31.92 -52.27
CA ASP I 80 8.20 32.32 -50.88
C ASP I 80 8.39 31.20 -49.85
N ASN I 81 8.43 29.94 -50.26
CA ASN I 81 8.12 28.89 -49.28
C ASN I 81 9.15 28.86 -48.15
N PRO I 82 8.77 29.21 -46.94
CA PRO I 82 9.73 29.29 -45.83
C PRO I 82 10.00 27.93 -45.21
N VAL I 83 11.15 27.85 -44.54
CA VAL I 83 11.33 26.81 -43.54
C VAL I 83 10.33 27.04 -42.42
N LEU I 84 9.57 25.99 -42.08
CA LEU I 84 8.51 26.20 -41.13
C LEU I 84 8.68 25.28 -39.93
N PRO I 85 8.43 25.78 -38.72
CA PRO I 85 8.53 24.91 -37.54
C PRO I 85 7.48 23.81 -37.59
N PHE I 86 7.81 22.67 -36.98
CA PHE I 86 6.86 21.58 -36.90
C PHE I 86 5.86 21.79 -35.76
N ASN I 87 6.30 22.40 -34.65
CA ASN I 87 5.49 22.66 -33.46
C ASN I 87 4.94 21.31 -32.96
N ASP I 88 3.67 21.22 -32.58
CA ASP I 88 3.09 19.99 -32.08
C ASP I 88 2.88 18.96 -33.18
N GLY I 89 2.02 19.25 -34.15
CA GLY I 89 1.86 18.41 -35.32
C GLY I 89 1.55 19.27 -36.51
N VAL I 90 1.55 18.64 -37.68
CA VAL I 90 1.43 19.37 -38.94
C VAL I 90 0.34 18.76 -39.80
N TYR I 91 -0.45 19.63 -40.42
CA TYR I 91 -1.45 19.27 -41.41
C TYR I 91 -1.03 19.87 -42.73
N PHE I 92 -1.48 19.29 -43.83
CA PHE I 92 -1.12 19.77 -45.15
C PHE I 92 -2.24 19.50 -46.15
N ALA I 93 -2.42 20.43 -47.09
CA ALA I 93 -3.45 20.29 -48.11
C ALA I 93 -3.01 21.02 -49.37
N SER I 94 -3.39 20.47 -50.52
CA SER I 94 -3.04 21.09 -51.80
C SER I 94 -4.00 20.59 -52.87
N THR I 95 -4.04 21.34 -53.97
CA THR I 95 -4.83 20.94 -55.14
C THR I 95 -3.90 20.47 -56.25
N GLU I 96 -3.23 21.42 -56.90
CA GLU I 96 -2.11 21.15 -57.80
C GLU I 96 -2.49 20.15 -58.89
N LYS I 97 -3.44 20.56 -59.74
CA LYS I 97 -3.79 19.69 -60.90
C LYS I 97 -2.47 19.31 -61.58
N SER I 98 -1.61 20.29 -61.83
CA SER I 98 -0.26 19.98 -62.35
C SER I 98 0.66 19.90 -61.14
N ASN I 99 1.13 18.70 -60.79
CA ASN I 99 1.91 18.59 -59.53
C ASN I 99 3.20 19.40 -59.63
N ILE I 100 3.50 20.15 -58.58
CA ILE I 100 4.80 20.88 -58.54
C ILE I 100 5.36 20.50 -57.18
N ILE I 101 4.57 19.75 -56.42
CA ILE I 101 4.93 19.41 -55.05
C ILE I 101 5.24 17.92 -54.98
N ARG I 102 6.27 17.56 -54.21
CA ARG I 102 6.71 16.18 -54.17
C ARG I 102 6.77 15.68 -52.72
N GLY I 103 7.58 16.33 -51.89
CA GLY I 103 7.80 15.85 -50.54
C GLY I 103 8.21 17.00 -49.64
N TRP I 104 8.66 16.65 -48.44
CA TRP I 104 9.01 17.64 -47.43
C TRP I 104 10.35 17.26 -46.81
N ILE I 105 11.00 18.24 -46.20
CA ILE I 105 12.39 18.12 -45.77
C ILE I 105 12.52 17.73 -44.29
N PHE I 106 11.41 17.29 -43.67
CA PHE I 106 11.25 17.37 -42.21
C PHE I 106 12.51 17.01 -41.46
N GLY I 107 12.84 17.82 -40.45
CA GLY I 107 14.06 17.64 -39.69
C GLY I 107 14.10 18.59 -38.52
N THR I 108 15.31 18.80 -38.01
CA THR I 108 15.50 19.75 -36.91
C THR I 108 16.50 20.82 -37.30
N THR I 109 17.76 20.43 -37.49
CA THR I 109 18.79 21.38 -37.91
C THR I 109 18.65 21.73 -39.39
N LEU I 110 17.92 20.91 -40.16
CA LEU I 110 17.79 21.06 -41.61
C LEU I 110 19.18 20.98 -42.26
N ASP I 111 20.00 20.12 -41.68
CA ASP I 111 21.44 20.07 -41.93
C ASP I 111 21.90 18.70 -41.45
N SER I 112 23.21 18.50 -41.37
CA SER I 112 23.74 17.37 -40.64
C SER I 112 23.60 17.62 -39.14
N LYS I 113 24.17 16.73 -38.34
CA LYS I 113 24.14 16.68 -36.89
C LYS I 113 22.82 16.10 -36.37
N THR I 114 21.78 16.03 -37.20
CA THR I 114 20.55 15.33 -36.86
C THR I 114 20.19 14.45 -38.04
N GLN I 115 19.21 13.56 -37.83
CA GLN I 115 18.70 12.83 -38.97
C GLN I 115 17.91 13.77 -39.86
N SER I 116 17.41 13.23 -40.97
CA SER I 116 16.61 14.03 -41.88
C SER I 116 15.49 13.17 -42.44
N LEU I 117 14.27 13.70 -42.39
CA LEU I 117 13.18 13.03 -43.07
C LEU I 117 13.01 13.60 -44.47
N LEU I 118 13.63 12.90 -45.41
CA LEU I 118 13.56 13.37 -46.80
C LEU I 118 12.54 12.49 -47.51
N ILE I 119 11.26 12.78 -47.29
CA ILE I 119 10.28 12.00 -48.07
C ILE I 119 10.31 12.58 -49.48
N VAL I 120 10.64 11.76 -50.48
CA VAL I 120 10.59 12.23 -51.88
C VAL I 120 9.75 11.23 -52.68
N ASN I 121 8.76 11.73 -53.41
CA ASN I 121 8.03 10.83 -54.34
C ASN I 121 9.01 10.39 -55.43
N ASN I 122 9.87 11.26 -55.94
CA ASN I 122 10.73 10.90 -57.10
C ASN I 122 9.80 10.58 -58.28
N ALA I 123 8.49 10.83 -58.13
CA ALA I 123 7.49 10.64 -59.22
C ALA I 123 7.23 9.17 -59.57
N THR I 124 8.25 8.42 -60.00
CA THR I 124 8.01 7.02 -60.45
C THR I 124 7.40 6.19 -59.31
N ASN I 125 7.91 6.35 -58.08
CA ASN I 125 7.42 5.59 -56.91
C ASN I 125 7.93 6.31 -55.68
N VAL I 126 7.07 6.57 -54.69
CA VAL I 126 7.57 7.39 -53.56
C VAL I 126 8.77 6.68 -52.93
N VAL I 127 9.90 7.40 -52.76
CA VAL I 127 11.04 6.79 -52.04
C VAL I 127 11.20 7.53 -50.71
N ILE I 128 10.91 6.87 -49.60
CA ILE I 128 10.97 7.55 -48.29
C ILE I 128 12.41 7.48 -47.82
N LYS I 129 12.97 8.62 -47.41
CA LYS I 129 14.32 8.57 -46.90
C LYS I 129 14.36 9.20 -45.51
N VAL I 130 14.88 8.44 -44.55
CA VAL I 130 15.28 8.98 -43.26
C VAL I 130 16.79 8.82 -43.18
N CYS I 131 17.52 9.92 -43.30
CA CYS I 131 18.97 9.89 -43.44
C CYS I 131 19.56 11.12 -42.77
N GLU I 132 20.85 11.34 -43.01
CA GLU I 132 21.50 12.60 -42.68
C GLU I 132 21.95 13.27 -43.98
N PHE I 133 21.34 14.39 -44.30
CA PHE I 133 21.65 15.10 -45.53
C PHE I 133 22.29 16.45 -45.21
N GLN I 134 22.68 17.15 -46.28
CA GLN I 134 22.98 18.58 -46.22
C GLN I 134 21.98 19.29 -47.10
N PHE I 135 21.02 19.96 -46.48
CA PHE I 135 20.02 20.69 -47.24
C PHE I 135 20.49 22.10 -47.54
N CYS I 136 20.34 22.50 -48.81
CA CYS I 136 20.84 23.77 -49.26
C CYS I 136 20.02 24.91 -48.67
N ASN I 137 20.39 26.15 -49.01
CA ASN I 137 19.64 27.30 -48.56
C ASN I 137 18.30 27.45 -49.26
N ASP I 138 18.19 27.00 -50.51
CA ASP I 138 16.94 27.04 -51.28
C ASP I 138 16.68 25.67 -51.88
N PRO I 139 16.37 24.68 -51.05
CA PRO I 139 16.24 23.31 -51.57
C PRO I 139 14.94 23.11 -52.33
N PHE I 140 15.02 22.28 -53.37
CA PHE I 140 13.87 21.82 -54.15
C PHE I 140 14.42 20.86 -55.21
N LEU I 141 13.54 20.02 -55.73
CA LEU I 141 13.92 19.02 -56.72
C LEU I 141 13.98 19.65 -58.09
N GLY I 142 15.14 19.59 -58.73
CA GLY I 142 15.24 20.01 -60.11
C GLY I 142 14.82 18.91 -61.05
N VAL I 143 14.15 19.31 -62.14
CA VAL I 143 13.75 18.40 -63.20
C VAL I 143 14.29 18.94 -64.51
N TYR I 144 14.82 18.05 -65.33
CA TYR I 144 15.40 18.42 -66.62
C TYR I 144 15.03 17.33 -67.62
N TYR I 145 15.57 17.49 -68.83
CA TYR I 145 15.30 16.50 -69.92
C TYR I 145 16.56 15.64 -70.08
N HIS I 146 16.45 14.32 -69.90
CA HIS I 146 17.64 13.42 -69.94
C HIS I 146 18.29 13.44 -71.33
N LYS I 147 17.51 13.45 -72.41
CA LYS I 147 18.03 13.43 -73.81
C LYS I 147 18.47 12.00 -74.10
N ASN I 148 18.39 11.13 -73.10
CA ASN I 148 18.70 9.69 -73.28
C ASN I 148 17.38 9.04 -72.89
N ASN I 149 16.83 8.15 -73.72
CA ASN I 149 15.46 7.63 -73.45
C ASN I 149 14.53 8.84 -73.62
N LYS I 150 15.10 10.05 -73.77
CA LYS I 150 14.29 11.22 -74.06
C LYS I 150 13.23 11.46 -73.01
N SER I 151 13.59 11.28 -71.74
CA SER I 151 12.63 11.43 -70.66
C SER I 151 13.00 12.64 -69.82
N TRP I 152 12.19 12.88 -68.80
CA TRP I 152 12.44 13.97 -67.86
C TRP I 152 12.96 13.37 -66.56
N MET I 153 14.25 13.53 -66.29
CA MET I 153 14.78 13.07 -65.01
C MET I 153 14.49 14.11 -63.94
N GLU I 154 14.86 13.76 -62.71
CA GLU I 154 14.77 14.68 -61.58
C GLU I 154 16.13 14.73 -60.93
N SER I 155 16.77 15.89 -60.96
CA SER I 155 18.01 16.09 -60.22
C SER I 155 17.62 16.30 -58.77
N GLU I 156 18.03 15.37 -57.91
CA GLU I 156 17.62 15.39 -56.52
C GLU I 156 18.60 16.12 -55.63
N PHE I 157 19.77 16.49 -56.15
CA PHE I 157 20.76 17.17 -55.34
C PHE I 157 20.64 18.68 -55.46
N ARG I 158 19.66 19.17 -56.22
CA ARG I 158 19.30 20.58 -56.12
C ARG I 158 18.62 20.84 -54.78
N VAL I 159 18.09 19.79 -54.16
CA VAL I 159 17.59 19.87 -52.80
C VAL I 159 18.78 19.93 -51.86
N TYR I 160 19.53 18.83 -51.81
CA TYR I 160 20.55 18.60 -50.81
C TYR I 160 21.86 18.20 -51.47
N SER I 161 22.96 18.66 -50.90
CA SER I 161 24.26 18.30 -51.45
C SER I 161 24.65 16.88 -51.05
N SER I 162 24.89 16.66 -49.76
CA SER I 162 25.39 15.37 -49.29
C SER I 162 24.24 14.44 -48.96
N ALA I 163 24.46 13.16 -49.25
CA ALA I 163 23.62 12.08 -48.74
C ALA I 163 24.54 10.99 -48.20
N ASN I 164 24.48 10.75 -46.90
CA ASN I 164 25.38 9.81 -46.25
C ASN I 164 24.81 9.46 -44.87
N ASN I 165 25.48 8.53 -44.19
CA ASN I 165 25.16 8.13 -42.82
C ASN I 165 23.79 7.49 -42.69
N CYS I 166 23.04 7.36 -43.79
CA CYS I 166 21.59 7.21 -43.76
C CYS I 166 21.13 6.12 -42.81
N THR I 167 20.16 6.46 -41.97
CA THR I 167 19.56 5.54 -41.00
C THR I 167 18.47 4.65 -41.60
N PHE I 168 17.59 5.20 -42.44
CA PHE I 168 16.43 4.42 -42.88
C PHE I 168 16.11 4.75 -44.34
N GLU I 169 15.49 3.77 -44.99
CA GLU I 169 15.08 3.90 -46.39
C GLU I 169 13.81 3.06 -46.57
N TYR I 170 12.92 3.54 -47.45
CA TYR I 170 11.71 2.81 -47.75
C TYR I 170 11.16 3.26 -49.10
N VAL I 171 10.35 2.38 -49.70
CA VAL I 171 9.71 2.66 -50.99
C VAL I 171 8.26 2.15 -50.91
N SER I 172 7.36 2.86 -51.59
CA SER I 172 5.96 2.45 -51.63
C SER I 172 5.33 2.96 -52.92
N GLN I 173 4.05 2.64 -53.11
CA GLN I 173 3.26 3.19 -54.20
C GLN I 173 3.02 4.68 -53.98
N PRO I 174 2.99 5.46 -55.06
CA PRO I 174 3.02 6.92 -54.92
C PRO I 174 1.83 7.45 -54.13
N PHE I 175 2.14 8.24 -53.10
CA PHE I 175 1.11 8.90 -52.32
C PHE I 175 0.44 9.98 -53.17
N LEU I 176 1.25 10.86 -53.74
CA LEU I 176 0.80 11.81 -54.75
C LEU I 176 0.37 11.01 -55.98
N MET I 177 -0.83 11.27 -56.47
CA MET I 177 -1.36 10.54 -57.60
C MET I 177 -2.24 11.49 -58.39
N ASP I 178 -2.20 11.37 -59.72
CA ASP I 178 -3.08 12.16 -60.55
C ASP I 178 -4.23 11.31 -61.07
N LEU I 179 -5.19 11.98 -61.69
CA LEU I 179 -6.26 11.36 -62.45
C LEU I 179 -6.40 12.16 -63.74
N GLU I 180 -6.75 13.43 -63.57
CA GLU I 180 -6.86 14.47 -64.58
C GLU I 180 -7.84 14.07 -65.69
N GLY I 181 -7.59 14.51 -66.93
CA GLY I 181 -8.60 14.47 -67.96
C GLY I 181 -9.85 15.27 -67.67
N LYS I 182 -9.92 15.95 -66.51
CA LYS I 182 -11.15 16.53 -65.99
C LYS I 182 -11.29 18.02 -66.23
N GLN I 183 -10.32 18.66 -66.88
CA GLN I 183 -10.31 20.10 -67.14
C GLN I 183 -10.73 20.90 -65.90
N GLY I 184 -10.28 20.45 -64.74
CA GLY I 184 -10.69 21.00 -63.48
C GLY I 184 -11.89 20.26 -62.90
N ASN I 185 -12.67 21.00 -62.10
CA ASN I 185 -13.88 20.50 -61.47
C ASN I 185 -13.58 19.45 -60.41
N PHE I 186 -12.35 18.93 -60.41
CA PHE I 186 -11.80 18.16 -59.30
C PHE I 186 -10.76 18.98 -58.55
N LYS I 187 -9.70 19.41 -59.24
CA LYS I 187 -8.52 20.05 -58.68
C LYS I 187 -7.69 19.02 -57.92
N ASN I 188 -8.27 17.83 -57.73
CA ASN I 188 -7.64 16.73 -57.01
C ASN I 188 -7.05 17.23 -55.70
N LEU I 189 -7.94 17.68 -54.81
CA LEU I 189 -7.47 18.19 -53.53
C LEU I 189 -6.83 17.06 -52.75
N ARG I 190 -5.60 17.28 -52.31
CA ARG I 190 -4.77 16.25 -51.70
C ARG I 190 -4.28 16.73 -50.35
N GLU I 191 -4.50 15.92 -49.32
CA GLU I 191 -4.18 16.26 -47.94
C GLU I 191 -3.22 15.24 -47.37
N PHE I 192 -2.29 15.72 -46.53
CA PHE I 192 -1.36 14.83 -45.88
C PHE I 192 -1.13 15.30 -44.46
N VAL I 193 -1.33 14.41 -43.51
CA VAL I 193 -1.15 14.71 -42.10
C VAL I 193 0.11 14.01 -41.60
N PHE I 194 0.88 14.72 -40.79
CA PHE I 194 2.18 14.26 -40.34
C PHE I 194 2.24 14.44 -38.84
N LYS I 195 2.32 13.33 -38.11
CA LYS I 195 2.32 13.36 -36.66
C LYS I 195 3.47 12.49 -36.15
N ASN I 196 4.32 13.08 -35.31
CA ASN I 196 5.53 12.43 -34.84
C ASN I 196 5.40 12.16 -33.35
N ILE I 197 5.24 10.88 -33.00
CA ILE I 197 5.06 10.45 -31.63
C ILE I 197 5.73 9.09 -31.46
N ASP I 198 6.10 8.78 -30.21
CA ASP I 198 6.40 7.45 -29.70
C ASP I 198 7.20 6.59 -30.67
N GLY I 199 8.18 7.19 -31.35
CA GLY I 199 8.96 6.44 -32.30
C GLY I 199 8.27 6.12 -33.61
N TYR I 200 6.97 6.40 -33.71
CA TYR I 200 6.22 6.21 -34.95
C TYR I 200 5.77 7.56 -35.49
N PHE I 201 6.40 7.98 -36.58
CA PHE I 201 5.91 9.09 -37.39
C PHE I 201 5.03 8.51 -38.47
N LYS I 202 3.74 8.78 -38.40
CA LYS I 202 2.75 8.15 -39.27
C LYS I 202 2.24 9.15 -40.28
N ILE I 203 2.00 8.67 -41.50
CA ILE I 203 1.57 9.50 -42.61
C ILE I 203 0.12 9.17 -42.93
N TYR I 204 -0.63 10.21 -43.26
CA TYR I 204 -2.04 10.06 -43.61
C TYR I 204 -2.25 10.73 -44.97
N SER I 205 -3.32 10.36 -45.66
CA SER I 205 -3.53 10.87 -47.01
C SER I 205 -5.03 10.88 -47.29
N LYS I 206 -5.37 11.38 -48.48
CA LYS I 206 -6.73 11.49 -48.97
C LYS I 206 -6.65 12.11 -50.36
N HIS I 207 -7.70 11.91 -51.14
CA HIS I 207 -7.85 12.56 -52.43
C HIS I 207 -9.31 12.93 -52.61
N THR I 208 -9.57 14.20 -52.93
CA THR I 208 -10.93 14.68 -52.97
C THR I 208 -11.14 15.60 -54.16
N PRO I 209 -12.29 15.49 -54.83
CA PRO I 209 -12.67 16.52 -55.82
C PRO I 209 -13.11 17.79 -55.12
N ILE I 210 -12.76 18.94 -55.70
CA ILE I 210 -13.25 20.23 -55.23
C ILE I 210 -13.53 21.11 -56.43
N ASN I 211 -14.74 21.65 -56.50
CA ASN I 211 -15.13 22.57 -57.57
C ASN I 211 -14.91 24.03 -57.20
N LEU I 212 -14.61 24.33 -55.94
CA LEU I 212 -14.45 25.72 -55.53
C LEU I 212 -13.13 26.26 -56.07
N VAL I 213 -13.06 27.59 -56.17
CA VAL I 213 -11.91 28.23 -56.80
C VAL I 213 -10.62 27.90 -56.04
N ARG I 214 -10.61 28.11 -54.73
CA ARG I 214 -9.42 27.80 -53.94
C ARG I 214 -9.74 27.02 -52.68
N ASP I 215 -10.39 27.68 -51.72
CA ASP I 215 -10.42 27.22 -50.34
C ASP I 215 -11.35 26.01 -50.19
N LEU I 216 -11.45 25.51 -48.97
CA LEU I 216 -11.93 24.17 -48.65
C LEU I 216 -13.45 24.14 -48.49
N PRO I 217 -14.08 22.99 -48.76
CA PRO I 217 -15.52 22.87 -48.56
C PRO I 217 -15.90 22.52 -47.13
N GLN I 218 -17.18 22.22 -46.92
CA GLN I 218 -17.70 21.86 -45.60
C GLN I 218 -17.63 20.36 -45.33
N GLY I 219 -17.18 19.55 -46.28
CA GLY I 219 -17.19 18.11 -46.14
C GLY I 219 -16.11 17.60 -45.21
N PHE I 220 -16.32 16.38 -44.72
CA PHE I 220 -15.37 15.69 -43.85
C PHE I 220 -14.41 14.87 -44.69
N SER I 221 -13.14 14.88 -44.26
CA SER I 221 -12.08 14.14 -44.95
C SER I 221 -11.46 13.15 -43.99
N ALA I 222 -11.65 11.87 -44.24
CA ALA I 222 -11.05 10.84 -43.40
C ALA I 222 -9.73 10.39 -44.01
N LEU I 223 -8.69 10.32 -43.17
CA LEU I 223 -7.34 10.03 -43.62
C LEU I 223 -6.87 8.74 -42.98
N GLU I 224 -6.59 7.75 -43.79
CA GLU I 224 -6.08 6.51 -43.22
C GLU I 224 -4.59 6.64 -42.99
N PRO I 225 -4.02 5.95 -42.00
CA PRO I 225 -2.57 5.89 -41.87
C PRO I 225 -1.97 5.12 -43.05
N LEU I 226 -0.97 5.72 -43.69
CA LEU I 226 -0.30 5.03 -44.78
C LEU I 226 0.68 4.01 -44.25
N VAL I 227 1.76 4.48 -43.63
CA VAL I 227 2.77 3.63 -43.03
C VAL I 227 3.09 4.17 -41.64
N ASP I 228 3.23 3.25 -40.69
CA ASP I 228 3.64 3.60 -39.34
C ASP I 228 5.12 3.27 -39.20
N LEU I 229 5.99 4.30 -39.27
CA LEU I 229 7.43 3.97 -39.36
C LEU I 229 8.25 4.25 -38.10
N PRO I 230 9.29 3.43 -37.81
CA PRO I 230 10.19 3.71 -36.70
C PRO I 230 11.04 4.89 -37.13
N ILE I 231 10.80 6.06 -36.53
CA ILE I 231 11.53 7.28 -36.94
C ILE I 231 12.46 7.66 -35.79
N GLY I 232 11.93 7.71 -34.57
CA GLY I 232 12.73 7.99 -33.40
C GLY I 232 13.39 9.35 -33.33
N ILE I 233 13.15 10.24 -34.29
CA ILE I 233 13.71 11.58 -34.22
C ILE I 233 12.61 12.59 -33.92
N ASN I 234 12.96 13.63 -33.17
CA ASN I 234 12.12 14.80 -33.02
C ASN I 234 12.33 15.72 -34.22
N ILE I 235 11.24 16.14 -34.85
CA ILE I 235 11.27 17.05 -35.98
C ILE I 235 10.62 18.35 -35.52
N THR I 236 11.43 19.41 -35.37
CA THR I 236 10.90 20.70 -34.96
C THR I 236 10.70 21.69 -36.09
N ARG I 237 11.14 21.38 -37.31
CA ARG I 237 11.06 22.37 -38.38
C ARG I 237 11.16 21.67 -39.73
N PHE I 238 10.67 22.33 -40.77
CA PHE I 238 10.63 21.70 -42.08
C PHE I 238 10.39 22.76 -43.16
N GLN I 239 10.32 22.30 -44.40
CA GLN I 239 9.90 23.06 -45.56
C GLN I 239 9.47 22.02 -46.61
N THR I 240 8.66 22.45 -47.58
CA THR I 240 8.17 21.56 -48.62
C THR I 240 9.24 21.42 -49.71
N LEU I 241 8.92 20.63 -50.73
CA LEU I 241 9.80 20.44 -51.88
C LEU I 241 9.05 20.79 -53.16
N LEU I 242 9.81 20.96 -54.23
CA LEU I 242 9.27 21.51 -55.46
C LEU I 242 9.83 20.75 -56.64
N ALA I 243 9.14 20.88 -57.77
CA ALA I 243 9.60 20.34 -59.04
C ALA I 243 9.55 21.46 -60.07
N LEU I 244 10.72 21.86 -60.56
CA LEU I 244 10.84 22.93 -61.54
C LEU I 244 11.64 22.39 -62.71
N HIS I 245 11.82 23.18 -63.75
CA HIS I 245 12.50 22.69 -64.94
C HIS I 245 13.30 23.80 -65.63
N ARG I 246 13.77 23.50 -66.82
CA ARG I 246 14.54 24.47 -67.60
C ARG I 246 13.80 24.84 -68.87
N SER I 247 13.92 26.11 -69.26
CA SER I 247 13.42 26.54 -70.57
C SER I 247 14.57 27.02 -71.44
N TYR I 248 14.24 27.38 -72.67
CA TYR I 248 15.25 27.75 -73.66
C TYR I 248 14.74 28.93 -74.47
N LEU I 249 15.63 29.51 -75.28
CA LEU I 249 15.65 30.96 -75.47
C LEU I 249 14.28 31.51 -75.82
N THR I 250 13.80 32.40 -74.96
CA THR I 250 12.58 33.17 -75.09
C THR I 250 12.81 34.50 -74.40
N PRO I 251 12.10 35.57 -74.80
CA PRO I 251 12.31 36.83 -74.10
C PRO I 251 11.74 36.82 -72.68
N SER I 256 18.26 31.61 -66.43
CA SER I 256 17.86 30.30 -66.97
C SER I 256 16.34 30.13 -66.82
N GLY I 257 15.72 29.24 -67.61
CA GLY I 257 14.27 28.97 -67.46
C GLY I 257 13.93 28.30 -66.13
N TRP I 258 12.83 28.70 -65.49
CA TRP I 258 12.47 28.17 -64.13
C TRP I 258 10.99 28.39 -63.84
N THR I 259 10.52 28.03 -62.63
CA THR I 259 9.13 28.35 -62.17
C THR I 259 7.99 27.78 -63.04
N ALA I 260 7.79 26.46 -63.04
CA ALA I 260 6.67 25.83 -63.78
C ALA I 260 5.31 26.09 -63.13
N GLY I 261 4.27 26.44 -63.90
CA GLY I 261 2.92 26.68 -63.40
C GLY I 261 2.87 27.54 -62.15
N ALA I 262 1.77 27.35 -61.42
CA ALA I 262 1.57 28.03 -60.15
C ALA I 262 1.55 26.99 -59.04
N ALA I 263 1.88 27.42 -57.82
CA ALA I 263 1.91 26.54 -56.67
C ALA I 263 1.39 27.24 -55.43
N ALA I 264 0.45 26.59 -54.76
CA ALA I 264 -0.05 27.05 -53.47
C ALA I 264 -0.55 25.86 -52.68
N TYR I 265 -0.48 25.96 -51.36
CA TYR I 265 -0.92 24.87 -50.50
C TYR I 265 -1.40 25.43 -49.17
N TYR I 266 -1.87 24.52 -48.33
CA TYR I 266 -2.46 24.82 -47.04
C TYR I 266 -1.68 24.13 -45.94
N VAL I 267 -1.47 24.85 -44.83
CA VAL I 267 -0.77 24.30 -43.68
C VAL I 267 -1.48 24.76 -42.41
N GLY I 268 -1.59 23.84 -41.46
CA GLY I 268 -2.09 24.14 -40.14
C GLY I 268 -1.45 23.23 -39.12
N TYR I 269 -1.42 23.65 -37.87
CA TYR I 269 -0.72 22.88 -36.84
C TYR I 269 -1.71 22.09 -36.02
N LEU I 270 -1.28 20.91 -35.59
CA LEU I 270 -2.12 20.03 -34.79
C LEU I 270 -2.15 20.50 -33.34
N GLN I 271 -2.89 19.76 -32.51
CA GLN I 271 -3.20 20.17 -31.15
C GLN I 271 -4.01 19.08 -30.47
N PRO I 272 -3.76 18.78 -29.19
CA PRO I 272 -4.58 17.78 -28.51
C PRO I 272 -5.99 18.29 -28.30
N ARG I 273 -6.96 17.48 -28.73
CA ARG I 273 -8.38 17.78 -28.58
C ARG I 273 -9.14 16.48 -28.48
N THR I 274 -10.29 16.51 -27.82
CA THR I 274 -11.14 15.34 -27.69
C THR I 274 -12.22 15.40 -28.76
N PHE I 275 -12.18 14.47 -29.70
CA PHE I 275 -13.22 14.35 -30.72
C PHE I 275 -14.14 13.18 -30.43
N LEU I 276 -15.43 13.37 -30.69
CA LEU I 276 -16.36 12.27 -30.79
C LEU I 276 -16.42 11.84 -32.25
N LEU I 277 -16.24 10.54 -32.48
CA LEU I 277 -16.07 9.99 -33.81
C LEU I 277 -17.29 9.15 -34.15
N LYS I 278 -17.99 9.50 -35.23
CA LYS I 278 -19.18 8.69 -35.66
C LYS I 278 -18.85 7.86 -36.88
N TYR I 279 -18.25 6.71 -36.57
CA TYR I 279 -17.81 5.83 -37.66
C TYR I 279 -19.09 5.41 -38.37
N ASN I 280 -19.15 5.47 -39.70
CA ASN I 280 -20.45 5.17 -40.38
C ASN I 280 -20.91 3.73 -40.15
N GLU I 281 -22.11 3.37 -40.64
CA GLU I 281 -22.68 2.02 -40.40
C GLU I 281 -21.77 0.95 -41.01
N ASN I 282 -21.19 1.22 -42.17
CA ASN I 282 -20.27 0.25 -42.83
C ASN I 282 -18.83 0.59 -42.43
N GLY I 283 -18.66 1.45 -41.41
CA GLY I 283 -17.33 1.90 -41.01
C GLY I 283 -17.05 3.25 -41.65
N THR I 284 -15.88 3.85 -41.40
CA THR I 284 -15.50 5.17 -41.99
C THR I 284 -16.05 6.32 -41.13
N ILE I 285 -15.21 7.16 -40.51
CA ILE I 285 -15.75 8.35 -39.78
C ILE I 285 -16.54 9.21 -40.78
N THR I 286 -17.83 9.43 -40.52
CA THR I 286 -18.64 10.32 -41.41
C THR I 286 -18.81 11.70 -40.75
N ASP I 287 -18.57 11.82 -39.44
CA ASP I 287 -18.79 13.11 -38.73
C ASP I 287 -17.94 13.15 -37.45
N ALA I 288 -17.50 14.34 -37.05
CA ALA I 288 -16.64 14.46 -35.87
C ALA I 288 -16.94 15.79 -35.21
N VAL I 289 -16.83 15.83 -33.89
CA VAL I 289 -17.14 17.04 -33.12
C VAL I 289 -16.04 17.23 -32.08
N ASP I 290 -15.47 18.43 -32.06
CA ASP I 290 -14.55 18.80 -30.99
C ASP I 290 -15.33 19.15 -29.73
N CYS I 291 -14.79 18.74 -28.59
CA CYS I 291 -15.43 19.07 -27.32
C CYS I 291 -15.19 20.52 -26.94
N ALA I 292 -13.90 20.91 -26.92
CA ALA I 292 -13.52 22.29 -26.51
C ALA I 292 -13.61 23.24 -27.70
N LEU I 293 -14.56 23.00 -28.61
CA LEU I 293 -14.75 23.95 -29.73
C LEU I 293 -15.46 25.19 -29.19
N ASP I 294 -16.60 24.97 -28.53
CA ASP I 294 -17.38 26.07 -27.88
C ASP I 294 -18.24 25.40 -26.81
N PRO I 295 -18.71 26.09 -25.75
CA PRO I 295 -19.61 25.46 -24.77
C PRO I 295 -20.75 24.75 -25.52
N LEU I 296 -21.04 25.20 -26.74
CA LEU I 296 -22.13 24.60 -27.56
C LEU I 296 -21.84 23.13 -27.89
N SER I 297 -20.61 22.81 -28.30
CA SER I 297 -20.28 21.42 -28.72
C SER I 297 -20.07 20.55 -27.48
N GLU I 298 -19.57 21.14 -26.40
CA GLU I 298 -19.41 20.40 -25.12
C GLU I 298 -20.71 19.67 -24.75
N THR I 299 -21.90 20.12 -25.18
CA THR I 299 -23.08 19.36 -24.74
C THR I 299 -23.20 18.08 -25.54
N LYS I 300 -22.93 18.12 -26.85
CA LYS I 300 -22.97 16.88 -27.67
C LYS I 300 -21.89 15.97 -27.13
N CYS I 301 -20.69 16.50 -26.84
CA CYS I 301 -19.57 15.69 -26.27
C CYS I 301 -19.96 15.10 -24.92
N THR I 302 -20.43 15.93 -23.97
CA THR I 302 -20.76 15.44 -22.60
C THR I 302 -21.88 14.40 -22.67
N LEU I 303 -22.90 14.63 -23.50
CA LEU I 303 -24.00 13.65 -23.67
C LEU I 303 -23.42 12.37 -24.26
N LYS I 304 -22.42 12.48 -25.15
CA LYS I 304 -21.84 11.30 -25.87
C LYS I 304 -22.84 10.93 -26.96
N SER I 305 -23.79 11.83 -27.27
CA SER I 305 -24.86 11.54 -28.27
C SER I 305 -25.01 12.71 -29.25
N PHE I 306 -25.06 12.42 -30.56
CA PHE I 306 -25.15 13.49 -31.59
C PHE I 306 -26.46 14.29 -31.51
N THR I 307 -27.60 13.60 -31.35
CA THR I 307 -28.90 14.32 -31.35
C THR I 307 -29.08 14.97 -29.97
N VAL I 308 -29.06 16.30 -29.88
CA VAL I 308 -29.15 16.86 -28.54
C VAL I 308 -30.62 17.21 -28.31
N GLU I 309 -31.25 16.49 -27.40
CA GLU I 309 -32.67 16.66 -27.17
C GLU I 309 -32.94 18.00 -26.49
N LYS I 310 -34.10 18.55 -26.78
CA LYS I 310 -34.51 19.81 -26.18
C LYS I 310 -34.46 19.73 -24.66
N GLY I 311 -33.73 20.64 -24.05
CA GLY I 311 -33.61 20.65 -22.61
C GLY I 311 -32.31 21.31 -22.18
N ILE I 312 -32.06 21.21 -20.88
CA ILE I 312 -30.88 21.79 -20.26
C ILE I 312 -29.95 20.66 -19.83
N TYR I 313 -28.68 20.81 -20.14
CA TYR I 313 -27.66 19.81 -19.84
C TYR I 313 -26.53 20.48 -19.10
N GLN I 314 -25.89 19.75 -18.20
CA GLN I 314 -24.85 20.32 -17.38
C GLN I 314 -23.49 19.94 -17.95
N THR I 315 -22.85 20.91 -18.60
CA THR I 315 -21.49 20.85 -19.09
C THR I 315 -20.52 21.02 -17.93
N SER I 316 -19.25 20.69 -18.18
CA SER I 316 -18.22 20.73 -17.16
C SER I 316 -18.18 22.09 -16.48
N ASN I 317 -17.84 22.07 -15.20
CA ASN I 317 -17.83 23.25 -14.36
C ASN I 317 -16.75 24.21 -14.79
N PHE I 318 -16.89 25.46 -14.39
CA PHE I 318 -15.85 26.45 -14.60
C PHE I 318 -15.38 26.98 -13.26
N ARG I 319 -14.17 27.51 -13.24
CA ARG I 319 -13.61 28.11 -12.05
C ARG I 319 -13.02 29.46 -12.41
N VAL I 320 -12.97 30.32 -11.41
CA VAL I 320 -12.31 31.60 -11.68
C VAL I 320 -10.87 31.29 -11.31
N GLN I 321 -9.94 31.95 -11.95
CA GLN I 321 -8.54 31.56 -11.71
C GLN I 321 -7.82 32.71 -11.00
N PRO I 322 -6.76 32.47 -10.19
CA PRO I 322 -6.14 33.53 -9.40
C PRO I 322 -5.29 34.45 -10.25
N THR I 323 -5.35 35.73 -9.94
CA THR I 323 -4.54 36.72 -10.63
C THR I 323 -3.08 36.66 -10.18
N GLU I 324 -2.85 36.59 -8.87
CA GLU I 324 -1.52 36.79 -8.32
C GLU I 324 -1.43 36.10 -6.96
N SER I 325 -0.20 35.97 -6.49
CA SER I 325 0.07 35.49 -5.14
C SER I 325 0.30 36.68 -4.22
N ILE I 326 -0.22 36.59 -2.99
CA ILE I 326 -0.07 37.71 -2.00
C ILE I 326 0.30 37.12 -0.64
N VAL I 327 1.52 36.59 -0.51
CA VAL I 327 1.96 36.04 0.80
C VAL I 327 2.05 37.21 1.79
N ARG I 328 1.57 37.03 3.02
CA ARG I 328 1.61 38.13 4.02
C ARG I 328 2.41 37.70 5.25
N PHE I 329 3.47 38.45 5.55
CA PHE I 329 4.32 38.17 6.73
C PHE I 329 4.26 39.40 7.62
N PRO I 330 4.51 39.31 8.94
CA PRO I 330 4.31 40.46 9.84
C PRO I 330 5.18 41.72 9.60
N ASN I 331 4.63 42.89 9.94
CA ASN I 331 5.35 44.18 9.75
C ASN I 331 6.61 44.24 10.64
N ASN I 334 11.04 38.13 11.70
CA ASN I 334 12.02 38.92 12.42
C ASN I 334 12.74 39.88 11.50
N LEU I 335 13.96 40.24 11.88
CA LEU I 335 14.94 40.91 11.04
C LEU I 335 16.32 40.49 11.50
N CYS I 336 17.23 40.35 10.56
CA CYS I 336 18.58 39.94 10.94
C CYS I 336 19.41 41.16 11.30
N PRO I 337 20.23 41.10 12.35
CA PRO I 337 20.89 42.30 12.90
C PRO I 337 22.07 42.81 12.08
N PHE I 338 21.82 43.13 10.81
CA PHE I 338 22.87 43.67 9.96
C PHE I 338 23.12 45.14 10.28
N GLY I 339 22.14 45.81 10.88
CA GLY I 339 22.39 47.12 11.44
C GLY I 339 23.18 47.04 12.73
N GLU I 340 23.19 45.87 13.36
CA GLU I 340 23.96 45.66 14.58
C GLU I 340 25.32 45.02 14.32
N VAL I 341 25.51 44.43 13.14
CA VAL I 341 26.79 43.83 12.79
C VAL I 341 27.57 44.80 11.92
N PHE I 342 26.90 45.34 10.90
CA PHE I 342 27.63 46.11 9.90
C PHE I 342 27.82 47.55 10.34
N ASN I 343 26.91 48.08 11.15
CA ASN I 343 27.11 49.38 11.77
C ASN I 343 27.61 49.26 13.20
N ALA I 344 28.26 48.14 13.54
CA ALA I 344 28.74 47.94 14.90
C ALA I 344 29.91 48.87 15.21
N THR I 345 30.10 49.12 16.50
CA THR I 345 31.01 50.19 16.91
C THR I 345 32.40 49.70 17.24
N ARG I 346 32.59 48.40 17.44
CA ARG I 346 33.84 47.89 17.98
C ARG I 346 34.07 46.47 17.50
N PHE I 347 34.90 46.32 16.48
CA PHE I 347 35.35 45.02 16.02
C PHE I 347 36.65 44.67 16.73
N ALA I 348 36.77 43.42 17.13
CA ALA I 348 38.01 42.96 17.72
C ALA I 348 39.04 42.67 16.64
N SER I 349 40.24 42.31 17.09
CA SER I 349 41.30 41.98 16.15
C SER I 349 41.13 40.56 15.63
N VAL I 350 42.17 40.08 14.96
CA VAL I 350 42.06 38.82 14.25
C VAL I 350 42.55 37.67 15.13
N TYR I 351 43.23 37.99 16.24
CA TYR I 351 43.66 36.92 17.13
C TYR I 351 42.50 36.44 17.99
N ALA I 352 41.49 37.29 18.18
CA ALA I 352 40.30 36.98 18.95
C ALA I 352 39.04 37.45 18.26
N TRP I 353 38.87 37.12 16.98
CA TRP I 353 37.77 37.64 16.16
C TRP I 353 36.41 37.21 16.65
N ASN I 354 35.45 38.13 16.54
CA ASN I 354 34.11 37.92 17.03
C ASN I 354 33.29 37.15 16.01
N ARG I 355 32.49 36.20 16.51
CA ARG I 355 31.68 35.33 15.69
C ARG I 355 30.26 35.34 16.22
N LYS I 356 29.29 35.50 15.32
CA LYS I 356 27.90 35.67 15.69
C LYS I 356 27.07 34.71 14.85
N ARG I 357 26.61 33.64 15.46
CA ARG I 357 25.70 32.70 14.80
C ARG I 357 24.35 33.36 14.61
N ILE I 358 23.91 33.45 13.36
CA ILE I 358 22.68 34.14 13.03
C ILE I 358 21.77 33.18 12.29
N SER I 359 20.51 33.14 12.72
CA SER I 359 19.43 32.33 12.16
C SER I 359 18.13 32.94 12.64
N ASN I 360 17.02 32.42 12.10
CA ASN I 360 15.65 32.71 12.54
C ASN I 360 15.31 34.20 12.38
N CYS I 361 15.58 34.73 11.20
CA CYS I 361 15.31 36.12 10.85
C CYS I 361 15.27 36.22 9.33
N VAL I 362 15.25 37.45 8.81
CA VAL I 362 15.13 37.65 7.37
C VAL I 362 16.25 38.55 6.87
N ALA I 363 16.67 38.30 5.64
CA ALA I 363 17.86 38.92 5.08
C ALA I 363 17.50 40.21 4.36
N ASP I 364 18.28 41.25 4.61
CA ASP I 364 18.08 42.56 4.00
C ASP I 364 19.09 42.80 2.88
N TYR I 365 19.35 41.78 2.06
CA TYR I 365 20.42 41.73 1.06
C TYR I 365 20.44 42.86 0.04
N SER I 366 19.36 43.61 -0.07
CA SER I 366 19.27 44.76 -0.97
C SER I 366 20.31 45.82 -0.66
N VAL I 367 20.28 46.39 0.55
CA VAL I 367 21.11 47.54 0.87
C VAL I 367 22.58 47.17 1.03
N LEU I 368 22.87 45.88 1.09
CA LEU I 368 24.24 45.39 0.96
C LEU I 368 24.87 45.87 -0.33
N TYR I 369 24.12 45.74 -1.43
CA TYR I 369 24.62 46.18 -2.72
C TYR I 369 24.40 47.68 -2.88
N ASN I 370 23.36 48.20 -2.22
CA ASN I 370 23.07 49.63 -2.31
C ASN I 370 23.97 50.45 -1.39
N SER I 371 24.78 49.79 -0.55
CA SER I 371 25.73 50.51 0.29
C SER I 371 26.77 51.23 -0.56
N ALA I 372 27.57 50.46 -1.31
CA ALA I 372 28.49 50.95 -2.35
C ALA I 372 29.56 51.91 -1.81
N SER I 373 29.83 51.84 -0.51
CA SER I 373 30.97 52.50 0.11
C SER I 373 32.04 51.50 0.49
N PHE I 374 31.99 50.29 -0.06
CA PHE I 374 32.78 49.16 0.40
C PHE I 374 33.86 48.87 -0.63
N SER I 375 35.11 48.80 -0.18
CA SER I 375 36.25 48.60 -1.06
C SER I 375 36.23 47.26 -1.76
N THR I 376 36.35 46.17 -1.02
CA THR I 376 36.49 44.86 -1.61
C THR I 376 35.33 43.98 -1.16
N PHE I 377 34.45 43.69 -2.09
CA PHE I 377 33.17 43.05 -1.79
C PHE I 377 33.01 41.89 -2.76
N LYS I 378 33.33 40.68 -2.32
CA LYS I 378 33.24 39.55 -3.25
C LYS I 378 32.43 38.42 -2.63
N CYS I 379 31.97 37.52 -3.48
CA CYS I 379 31.09 36.46 -3.05
C CYS I 379 31.44 35.17 -3.79
N TYR I 380 30.79 34.09 -3.36
CA TYR I 380 31.02 32.76 -3.88
C TYR I 380 29.72 31.98 -3.83
N GLY I 381 29.82 30.67 -4.01
CA GLY I 381 28.68 29.79 -3.95
C GLY I 381 27.78 29.85 -5.17
N VAL I 382 27.05 30.94 -5.35
CA VAL I 382 26.40 31.29 -6.60
C VAL I 382 26.31 32.81 -6.55
N SER I 383 26.03 33.45 -7.69
CA SER I 383 26.17 34.87 -7.98
C SER I 383 25.57 35.80 -6.92
N PRO I 384 26.14 37.01 -6.73
CA PRO I 384 25.58 37.90 -5.69
C PRO I 384 24.20 38.43 -6.00
N THR I 385 23.84 38.60 -7.27
CA THR I 385 22.48 38.98 -7.60
C THR I 385 21.51 37.82 -7.32
N LYS I 386 22.01 36.60 -7.40
CA LYS I 386 21.14 35.45 -7.20
C LYS I 386 20.90 35.18 -5.73
N LEU I 387 21.74 35.70 -4.84
CA LEU I 387 21.63 35.28 -3.45
C LEU I 387 20.56 36.02 -2.67
N ASN I 388 19.82 36.92 -3.31
CA ASN I 388 18.76 37.68 -2.65
C ASN I 388 17.68 36.76 -2.10
N ASP I 389 17.34 35.72 -2.85
CA ASP I 389 16.29 34.81 -2.44
C ASP I 389 16.83 33.44 -2.03
N LEU I 390 17.91 33.00 -2.68
CA LEU I 390 18.47 31.69 -2.42
C LEU I 390 19.09 31.66 -1.02
N CYS I 391 18.39 31.02 -0.08
CA CYS I 391 18.58 31.33 1.32
C CYS I 391 19.05 30.12 2.12
N PHE I 392 19.24 30.34 3.42
CA PHE I 392 20.26 29.69 4.21
C PHE I 392 19.70 29.06 5.47
N THR I 393 20.29 27.95 5.89
CA THR I 393 19.86 27.31 7.12
C THR I 393 20.38 28.05 8.34
N ASN I 394 21.68 28.35 8.35
CA ASN I 394 22.35 28.88 9.53
C ASN I 394 23.64 29.59 9.13
N VAL I 395 23.69 30.89 9.35
CA VAL I 395 24.82 31.65 8.84
C VAL I 395 25.73 31.99 10.00
N TYR I 396 27.00 32.15 9.68
CA TYR I 396 28.01 32.54 10.65
C TYR I 396 28.57 33.89 10.20
N ALA I 397 28.31 34.91 10.99
CA ALA I 397 28.81 36.24 10.70
C ALA I 397 29.98 36.54 11.62
N ASP I 398 31.20 36.48 11.10
CA ASP I 398 32.36 36.75 11.94
C ASP I 398 33.19 37.87 11.34
N SER I 399 33.62 38.79 12.19
CA SER I 399 34.25 40.01 11.70
C SER I 399 35.52 40.30 12.48
N PHE I 400 36.40 41.06 11.84
CA PHE I 400 37.67 41.48 12.43
C PHE I 400 38.21 42.65 11.62
N VAL I 401 39.38 43.14 12.03
CA VAL I 401 40.02 44.30 11.42
C VAL I 401 41.44 43.94 11.03
N ILE I 402 41.78 44.11 9.76
CA ILE I 402 43.11 43.80 9.26
C ILE I 402 43.61 44.99 8.44
N ARG I 403 44.79 44.83 7.86
CA ARG I 403 45.47 45.91 7.16
C ARG I 403 45.00 45.99 5.72
N GLY I 404 45.23 47.15 5.10
CA GLY I 404 44.80 47.37 3.74
C GLY I 404 45.62 46.64 2.71
N ASP I 405 46.78 46.12 3.11
CA ASP I 405 47.60 45.36 2.18
C ASP I 405 47.30 43.86 2.29
N GLU I 406 47.04 43.38 3.51
CA GLU I 406 46.93 41.94 3.72
C GLU I 406 45.57 41.37 3.36
N VAL I 407 44.64 42.20 2.90
CA VAL I 407 43.26 41.76 2.71
C VAL I 407 43.15 40.80 1.53
N ARG I 408 44.11 40.87 0.60
CA ARG I 408 44.13 39.92 -0.50
C ARG I 408 44.54 38.53 -0.01
N GLN I 409 45.20 38.46 1.15
CA GLN I 409 45.37 37.18 1.83
C GLN I 409 44.02 36.57 2.18
N ILE I 410 43.07 37.41 2.59
CA ILE I 410 41.72 36.91 2.82
C ILE I 410 41.11 36.58 1.48
N ALA I 411 41.05 35.30 1.18
CA ALA I 411 40.49 34.66 0.01
C ALA I 411 40.50 33.19 0.34
N PRO I 412 39.46 32.44 -0.02
CA PRO I 412 39.40 31.02 0.36
C PRO I 412 40.45 30.19 -0.37
N GLY I 413 41.46 29.76 0.38
CA GLY I 413 42.55 29.01 -0.20
C GLY I 413 43.70 29.86 -0.69
N GLN I 414 44.25 30.70 0.18
CA GLN I 414 45.48 31.44 -0.11
C GLN I 414 46.41 31.33 1.08
N THR I 415 47.56 31.98 0.98
CA THR I 415 48.55 31.99 2.05
C THR I 415 48.79 33.43 2.47
N GLY I 416 49.78 33.61 3.33
CA GLY I 416 50.02 34.87 3.98
C GLY I 416 49.43 34.88 5.39
N LYS I 417 49.94 35.83 6.19
CA LYS I 417 49.97 35.70 7.66
C LYS I 417 48.58 35.57 8.26
N ILE I 418 47.64 36.39 7.78
CA ILE I 418 46.28 36.38 8.31
C ILE I 418 45.60 35.07 7.99
N ALA I 419 45.83 34.54 6.81
CA ALA I 419 45.29 33.22 6.51
C ALA I 419 46.22 32.10 6.93
N ASP I 420 47.38 32.41 7.51
CA ASP I 420 48.26 31.32 7.90
C ASP I 420 48.13 31.00 9.37
N TYR I 421 48.05 32.03 10.20
CA TYR I 421 48.07 31.81 11.64
C TYR I 421 46.95 32.51 12.38
N ASN I 422 46.17 33.34 11.69
CA ASN I 422 45.23 34.24 12.35
C ASN I 422 43.78 33.80 12.11
N TYR I 423 43.37 33.63 10.88
CA TYR I 423 41.99 33.32 10.55
C TYR I 423 41.97 32.57 9.23
N LYS I 424 41.32 31.41 9.20
CA LYS I 424 41.48 30.52 8.06
C LYS I 424 40.14 30.23 7.40
N LEU I 425 39.98 30.73 6.17
CA LEU I 425 38.91 30.30 5.31
C LEU I 425 39.14 28.84 4.90
N PRO I 426 38.06 28.07 4.73
CA PRO I 426 38.23 26.63 4.48
C PRO I 426 38.67 26.31 3.07
N ASP I 427 38.74 25.03 2.73
CA ASP I 427 39.07 24.63 1.38
C ASP I 427 37.87 24.74 0.44
N ASP I 428 36.66 24.53 0.97
CA ASP I 428 35.43 24.67 0.20
C ASP I 428 34.54 25.64 0.95
N PHE I 429 34.29 26.80 0.36
CA PHE I 429 33.69 27.93 1.05
C PHE I 429 32.53 28.46 0.24
N THR I 430 31.56 29.08 0.91
CA THR I 430 30.36 29.56 0.26
C THR I 430 30.21 31.08 0.35
N GLY I 431 30.59 31.66 1.48
CA GLY I 431 30.14 32.99 1.85
C GLY I 431 30.79 34.12 1.11
N CYS I 432 30.48 35.33 1.56
CA CYS I 432 30.98 36.56 0.98
C CYS I 432 31.99 37.21 1.91
N VAL I 433 33.01 37.81 1.30
CA VAL I 433 33.97 38.62 2.03
C VAL I 433 33.59 40.07 1.80
N ILE I 434 33.26 40.75 2.86
CA ILE I 434 32.89 42.14 2.79
C ILE I 434 33.99 42.94 3.46
N ALA I 435 34.52 43.92 2.74
CA ALA I 435 35.71 44.62 3.18
C ALA I 435 35.59 46.10 2.85
N TRP I 436 35.84 46.95 3.84
CA TRP I 436 35.91 48.38 3.59
C TRP I 436 36.90 49.00 4.55
N ASN I 437 37.20 50.26 4.28
CA ASN I 437 38.09 51.05 5.11
C ASN I 437 37.30 51.73 6.21
N SER I 438 37.91 51.75 7.40
CA SER I 438 37.44 52.56 8.50
C SER I 438 38.53 53.47 9.02
N ASN I 439 39.22 54.18 8.13
CA ASN I 439 40.38 54.98 8.50
C ASN I 439 40.00 56.16 9.39
N ASN I 440 38.79 56.69 9.22
CA ASN I 440 38.36 57.83 10.01
C ASN I 440 37.99 57.45 11.44
N LEU I 441 37.94 56.18 11.77
CA LEU I 441 37.60 55.73 13.12
C LEU I 441 38.76 55.07 13.82
N ASP I 442 39.36 54.06 13.20
CA ASP I 442 40.34 53.19 13.84
C ASP I 442 41.66 53.90 14.06
N SER I 443 42.26 54.37 12.96
CA SER I 443 43.57 54.99 13.03
C SER I 443 43.48 56.37 13.65
N LYS I 444 44.15 56.54 14.79
CA LYS I 444 44.04 57.74 15.57
C LYS I 444 45.39 58.44 15.67
N VAL I 445 45.35 59.77 15.75
CA VAL I 445 46.57 60.52 16.01
C VAL I 445 47.03 60.26 17.43
N GLY I 446 48.35 60.26 17.62
CA GLY I 446 48.92 59.70 18.82
C GLY I 446 49.12 58.21 18.76
N GLY I 447 48.65 57.55 17.72
CA GLY I 447 48.88 56.14 17.45
C GLY I 447 47.73 55.26 17.89
N ASN I 448 47.32 54.37 16.99
CA ASN I 448 46.40 53.28 17.31
C ASN I 448 47.24 52.03 17.49
N TYR I 449 47.19 51.45 18.68
CA TYR I 449 47.82 50.18 18.96
C TYR I 449 46.90 49.28 19.76
N ASN I 450 45.58 49.54 19.69
CA ASN I 450 44.61 48.62 20.25
C ASN I 450 44.65 47.28 19.52
N TYR I 451 44.81 47.31 18.21
CA TYR I 451 44.65 46.12 17.41
C TYR I 451 45.89 45.24 17.48
N LEU I 452 45.68 43.95 17.25
CA LEU I 452 46.72 42.93 17.40
C LEU I 452 46.53 41.89 16.31
N TYR I 453 47.42 40.90 16.31
CA TYR I 453 47.37 39.72 15.45
C TYR I 453 48.41 38.75 15.96
N ARG I 454 48.30 37.50 15.52
CA ARG I 454 49.30 36.49 15.83
C ARG I 454 50.25 36.37 14.66
N LEU I 455 51.55 36.40 14.95
CA LEU I 455 52.55 36.34 13.90
C LEU I 455 53.18 34.97 13.76
N PHE I 456 53.08 34.10 14.76
CA PHE I 456 53.71 32.80 14.68
C PHE I 456 52.90 31.75 15.44
N ARG I 457 53.03 30.51 15.00
CA ARG I 457 52.43 29.33 15.57
C ARG I 457 53.14 28.14 14.94
N LYS I 458 53.18 27.01 15.64
CA LYS I 458 53.95 25.85 15.20
C LYS I 458 53.22 25.01 14.15
N SER I 459 52.10 25.50 13.61
CA SER I 459 51.45 24.86 12.46
C SER I 459 50.57 25.90 11.78
N ASN I 460 50.17 25.58 10.55
CA ASN I 460 49.13 26.36 9.91
C ASN I 460 47.80 26.15 10.63
N LEU I 461 46.89 27.09 10.44
CA LEU I 461 45.71 27.17 11.27
C LEU I 461 44.55 26.39 10.67
N LYS I 462 43.87 25.63 11.52
CA LYS I 462 42.70 24.89 11.10
C LYS I 462 41.57 25.86 10.74
N PRO I 463 40.69 25.51 9.80
CA PRO I 463 39.73 26.49 9.27
C PRO I 463 38.67 26.91 10.28
N PHE I 464 38.42 28.22 10.33
CA PHE I 464 37.49 28.93 11.21
C PHE I 464 37.79 28.81 12.69
N GLU I 465 38.97 28.37 13.09
CA GLU I 465 39.26 28.25 14.50
C GLU I 465 40.21 29.35 14.93
N ARG I 466 39.78 30.17 15.89
CA ARG I 466 40.61 31.25 16.40
C ARG I 466 41.74 30.69 17.26
N ASP I 467 42.64 31.57 17.65
CA ASP I 467 43.77 31.18 18.48
C ASP I 467 43.99 32.29 19.49
N ILE I 468 43.42 32.13 20.69
CA ILE I 468 43.58 33.11 21.75
C ILE I 468 44.72 32.73 22.70
N SER I 469 45.32 31.55 22.49
CA SER I 469 46.39 31.07 23.35
C SER I 469 47.64 31.91 23.13
N THR I 470 47.90 32.82 24.05
CA THR I 470 49.00 33.76 23.95
C THR I 470 50.28 33.28 24.62
N GLU I 471 50.46 31.97 24.76
CA GLU I 471 51.68 31.43 25.34
C GLU I 471 52.85 31.59 24.37
N ILE I 472 54.05 31.41 24.88
CA ILE I 472 55.26 31.59 24.09
C ILE I 472 55.50 30.35 23.25
N TYR I 473 55.72 30.55 21.95
CA TYR I 473 56.16 29.47 21.07
C TYR I 473 57.67 29.41 21.11
N GLN I 474 58.22 28.21 21.02
CA GLN I 474 59.66 27.99 21.11
C GLN I 474 60.14 27.52 19.74
N ALA I 475 60.67 28.48 18.96
CA ALA I 475 61.09 28.17 17.59
C ALA I 475 62.32 27.27 17.61
N GLY I 476 63.37 27.71 18.29
CA GLY I 476 64.49 26.83 18.56
C GLY I 476 64.18 25.89 19.70
N SER I 477 65.11 24.96 19.91
CA SER I 477 64.89 23.87 20.85
C SER I 477 65.05 24.28 22.31
N THR I 478 65.59 25.46 22.58
CA THR I 478 65.86 25.88 23.96
C THR I 478 64.56 26.24 24.68
N PRO I 479 64.18 25.52 25.74
CA PRO I 479 62.86 25.73 26.34
C PRO I 479 62.80 27.02 27.15
N CYS I 480 61.92 27.92 26.73
CA CYS I 480 61.67 29.15 27.46
C CYS I 480 60.62 28.98 28.55
N ASN I 481 59.63 28.12 28.30
CA ASN I 481 58.64 27.65 29.28
C ASN I 481 57.85 28.80 29.89
N GLY I 482 57.06 29.46 29.04
CA GLY I 482 56.10 30.45 29.46
C GLY I 482 56.63 31.87 29.51
N VAL I 483 57.82 32.07 30.06
CA VAL I 483 58.46 33.38 30.04
C VAL I 483 59.18 33.49 28.70
N GLU I 484 59.45 34.73 28.28
CA GLU I 484 60.16 34.97 27.04
C GLU I 484 61.62 34.60 27.18
N GLY I 485 62.34 34.59 26.06
CA GLY I 485 63.76 34.33 26.12
C GLY I 485 64.44 34.23 24.77
N PHE I 486 65.43 33.35 24.64
CA PHE I 486 66.16 33.17 23.41
C PHE I 486 65.65 31.94 22.67
N ASN I 487 65.64 32.07 21.33
CA ASN I 487 65.10 31.17 20.29
C ASN I 487 63.59 31.20 20.27
N CYS I 488 62.97 31.91 21.22
CA CYS I 488 61.54 31.98 21.36
C CYS I 488 61.13 33.45 21.32
N TYR I 489 59.98 33.71 20.71
CA TYR I 489 59.47 35.07 20.63
C TYR I 489 58.12 35.14 21.32
N PHE I 490 57.62 36.35 21.47
CA PHE I 490 56.26 36.54 21.90
C PHE I 490 55.33 36.17 20.74
N PRO I 491 54.13 35.64 21.01
CA PRO I 491 53.25 35.27 19.90
C PRO I 491 52.64 36.44 19.16
N LEU I 492 52.15 37.45 19.86
CA LEU I 492 51.31 38.46 19.24
C LEU I 492 52.10 39.71 18.91
N GLN I 493 51.52 40.53 18.05
CA GLN I 493 52.09 41.82 17.70
C GLN I 493 50.94 42.75 17.37
N SER I 494 51.15 44.04 17.54
CA SER I 494 50.15 45.02 17.14
C SER I 494 50.26 45.33 15.66
N TYR I 495 49.34 46.15 15.18
CA TYR I 495 49.49 46.92 13.96
C TYR I 495 49.88 48.33 14.36
N GLY I 496 50.43 49.10 13.42
CA GLY I 496 50.63 50.52 13.63
C GLY I 496 49.66 51.32 12.79
N PHE I 497 48.62 51.86 13.40
CA PHE I 497 47.64 52.67 12.66
C PHE I 497 47.69 54.11 13.13
N GLN I 498 47.85 55.02 12.18
CA GLN I 498 47.65 56.45 12.27
C GLN I 498 47.08 56.89 10.94
N PRO I 499 46.41 58.06 10.88
CA PRO I 499 46.04 58.60 9.57
C PRO I 499 47.21 59.14 8.75
N THR I 500 48.42 59.13 9.32
CA THR I 500 49.64 59.40 8.57
C THR I 500 50.04 58.22 7.67
N ASN I 501 49.36 57.09 7.79
CA ASN I 501 49.65 55.96 6.93
C ASN I 501 49.20 56.25 5.50
N GLY I 502 49.81 55.56 4.54
CA GLY I 502 49.33 55.60 3.19
C GLY I 502 48.06 54.78 3.01
N VAL I 503 47.57 54.78 1.77
CA VAL I 503 46.28 54.15 1.47
C VAL I 503 46.40 52.63 1.54
N GLY I 504 47.61 52.10 1.35
CA GLY I 504 47.79 50.66 1.45
C GLY I 504 47.85 50.17 2.88
N TYR I 505 48.05 51.09 3.84
CA TYR I 505 48.16 50.73 5.24
C TYR I 505 46.95 51.15 6.04
N GLN I 506 45.79 51.23 5.41
CA GLN I 506 44.59 51.70 6.09
C GLN I 506 43.81 50.52 6.66
N PRO I 507 43.15 50.69 7.81
CA PRO I 507 42.48 49.56 8.44
C PRO I 507 41.17 49.21 7.75
N TYR I 508 41.03 47.93 7.43
CA TYR I 508 39.79 47.40 6.88
C TYR I 508 39.06 46.67 7.98
N ARG I 509 37.75 46.92 8.05
CA ARG I 509 36.87 46.19 8.95
C ARG I 509 36.23 45.08 8.15
N VAL I 510 36.97 43.99 7.98
CA VAL I 510 36.51 42.87 7.16
C VAL I 510 35.50 42.08 7.96
N VAL I 511 34.28 42.02 7.47
CA VAL I 511 33.28 41.10 7.99
C VAL I 511 33.10 40.01 6.96
N VAL I 512 33.06 38.77 7.43
CA VAL I 512 32.95 37.60 6.58
C VAL I 512 31.64 36.92 6.90
N LEU I 513 30.87 36.64 5.86
CA LEU I 513 29.62 35.92 6.02
C LEU I 513 29.79 34.52 5.44
N SER I 514 29.42 33.52 6.22
CA SER I 514 29.62 32.14 5.80
C SER I 514 28.31 31.41 5.93
N PHE I 515 28.05 30.50 4.98
CA PHE I 515 26.72 29.94 4.88
C PHE I 515 26.83 28.42 4.82
N GLU I 516 25.67 27.76 4.92
CA GLU I 516 25.64 26.30 4.95
C GLU I 516 24.25 25.82 4.54
N LEU I 517 24.06 24.50 4.58
CA LEU I 517 22.79 23.87 4.26
C LEU I 517 22.74 22.51 4.94
N LEU I 518 21.61 22.20 5.58
CA LEU I 518 21.52 21.02 6.44
C LEU I 518 20.12 20.41 6.36
N HIS I 519 19.93 19.32 7.13
CA HIS I 519 18.59 18.80 7.46
C HIS I 519 17.71 19.82 8.14
N ALA I 520 18.31 20.80 8.84
CA ALA I 520 17.64 21.97 9.37
C ALA I 520 17.04 22.79 8.24
N PRO I 521 15.92 23.45 8.49
CA PRO I 521 15.30 24.26 7.44
C PRO I 521 16.03 25.58 7.25
N ALA I 522 15.63 26.29 6.21
CA ALA I 522 16.18 27.60 5.91
C ALA I 522 15.63 28.60 6.92
N THR I 523 16.23 28.64 8.10
CA THR I 523 15.72 29.46 9.18
C THR I 523 15.94 30.95 8.94
N VAL I 524 17.00 31.33 8.24
CA VAL I 524 17.22 32.71 7.84
C VAL I 524 16.97 32.82 6.34
N CYS I 525 16.01 33.66 5.96
CA CYS I 525 15.64 33.66 4.56
C CYS I 525 15.10 35.01 4.14
N GLY I 526 15.49 35.43 2.94
CA GLY I 526 15.07 36.70 2.41
C GLY I 526 13.62 36.69 1.95
N PRO I 527 13.16 37.81 1.38
CA PRO I 527 11.77 37.97 0.95
C PRO I 527 11.41 37.10 -0.25
N LYS I 529 8.81 38.56 1.27
CA LYS I 529 8.07 39.39 0.27
C LYS I 529 6.68 39.84 0.73
N SER I 530 6.59 41.02 1.35
CA SER I 530 5.25 41.57 1.68
C SER I 530 4.53 41.86 0.36
N THR I 531 3.32 41.33 0.16
CA THR I 531 2.66 41.51 -1.16
C THR I 531 1.43 42.41 -0.96
N ASN I 532 1.26 43.45 -1.78
CA ASN I 532 0.17 44.44 -1.55
C ASN I 532 -1.19 43.76 -1.48
N LEU I 533 -2.04 44.22 -0.58
CA LEU I 533 -3.32 43.51 -0.37
C LEU I 533 -4.24 43.73 -1.56
N VAL I 534 -4.92 42.68 -2.02
CA VAL I 534 -5.91 42.89 -3.12
C VAL I 534 -7.32 42.62 -2.57
N LYS I 535 -8.23 43.57 -2.79
CA LYS I 535 -9.60 43.43 -2.23
C LYS I 535 -10.55 42.94 -3.33
N ASN I 536 -11.35 41.90 -3.03
CA ASN I 536 -12.37 41.43 -4.01
C ASN I 536 -11.72 40.94 -5.31
N LYS I 537 -10.54 40.35 -5.25
CA LYS I 537 -9.99 39.79 -6.52
C LYS I 537 -9.71 38.31 -6.26
N CYS I 538 -10.04 37.44 -7.21
CA CYS I 538 -9.64 36.03 -6.95
C CYS I 538 -8.12 36.10 -6.91
N VAL I 539 -7.52 35.70 -5.79
CA VAL I 539 -6.05 35.89 -5.66
C VAL I 539 -5.47 34.80 -4.78
N ASN I 540 -4.42 34.14 -5.27
CA ASN I 540 -3.70 33.25 -4.38
C ASN I 540 -3.08 34.07 -3.27
N PHE I 541 -2.87 33.45 -2.11
CA PHE I 541 -2.36 34.25 -1.00
C PHE I 541 -1.59 33.39 -0.03
N ASN I 542 -0.77 34.06 0.77
CA ASN I 542 -0.20 33.53 1.99
C ASN I 542 -0.22 34.62 3.04
N PHE I 543 -0.77 34.31 4.21
CA PHE I 543 -0.68 35.17 5.39
C PHE I 543 0.01 34.38 6.49
N ASN I 544 1.17 34.83 6.92
CA ASN I 544 1.86 34.25 8.07
C ASN I 544 2.11 32.77 7.89
N GLY I 545 2.21 32.32 6.65
CA GLY I 545 2.32 30.93 6.33
C GLY I 545 0.99 30.26 6.02
N LEU I 546 -0.11 30.79 6.53
CA LEU I 546 -1.42 30.30 6.13
C LEU I 546 -1.62 30.55 4.64
N THR I 547 -1.97 29.50 3.91
CA THR I 547 -2.13 29.61 2.47
C THR I 547 -3.50 29.15 2.03
N GLY I 548 -3.99 29.77 0.96
CA GLY I 548 -5.22 29.38 0.34
C GLY I 548 -5.48 30.25 -0.87
N THR I 549 -6.69 30.18 -1.40
CA THR I 549 -7.06 31.03 -2.51
C THR I 549 -8.47 31.54 -2.32
N GLY I 550 -8.66 32.84 -2.38
CA GLY I 550 -9.96 33.39 -2.12
C GLY I 550 -10.08 34.81 -2.63
N VAL I 551 -11.19 35.45 -2.24
CA VAL I 551 -11.46 36.84 -2.57
C VAL I 551 -11.40 37.61 -1.26
N LEU I 552 -10.37 38.41 -1.10
CA LEU I 552 -10.15 39.13 0.16
C LEU I 552 -10.94 40.43 0.16
N THR I 553 -11.69 40.68 1.22
CA THR I 553 -12.54 41.85 1.33
C THR I 553 -12.37 42.47 2.71
N GLU I 554 -12.91 43.67 2.85
CA GLU I 554 -13.05 44.27 4.16
C GLU I 554 -14.21 43.62 4.88
N SER I 555 -14.04 43.35 6.18
CA SER I 555 -15.05 42.65 6.96
C SER I 555 -15.09 43.21 8.36
N ASN I 556 -16.30 43.24 8.92
CA ASN I 556 -16.57 43.89 10.20
C ASN I 556 -16.57 42.93 11.38
N LYS I 557 -16.36 41.63 11.16
CA LYS I 557 -16.25 40.73 12.31
C LYS I 557 -15.03 41.11 13.13
N LYS I 558 -15.15 40.98 14.45
CA LYS I 558 -14.26 41.67 15.38
C LYS I 558 -13.49 40.65 16.20
N PHE I 559 -12.18 40.56 15.97
CA PHE I 559 -11.35 39.62 16.68
C PHE I 559 -11.06 40.05 18.11
N LEU I 560 -10.62 39.08 18.90
CA LEU I 560 -9.85 39.37 20.09
C LEU I 560 -8.39 39.53 19.72
N PRO I 561 -7.67 40.43 20.39
CA PRO I 561 -6.35 40.85 19.89
C PRO I 561 -5.35 39.74 19.62
N PHE I 562 -5.19 38.79 20.52
CA PHE I 562 -4.17 37.78 20.35
C PHE I 562 -4.46 36.87 19.17
N GLN I 563 -5.70 36.86 18.69
CA GLN I 563 -6.15 35.88 17.72
C GLN I 563 -5.46 36.04 16.38
N GLN I 564 -5.56 34.99 15.57
CA GLN I 564 -5.04 35.05 14.22
C GLN I 564 -6.16 34.81 13.21
N PHE I 565 -6.54 33.56 13.04
CA PHE I 565 -7.57 33.18 12.09
C PHE I 565 -8.95 33.54 12.59
N GLY I 566 -9.89 33.59 11.67
CA GLY I 566 -11.25 33.20 11.94
C GLY I 566 -11.53 31.85 11.29
N ARG I 567 -12.64 31.25 11.67
CA ARG I 567 -13.07 30.01 11.04
C ARG I 567 -14.59 29.93 11.02
N ASP I 568 -15.08 29.06 10.14
CA ASP I 568 -16.50 28.84 9.95
C ASP I 568 -16.87 27.49 10.55
N ILE I 569 -18.15 27.13 10.42
CA ILE I 569 -18.65 25.88 10.98
C ILE I 569 -17.89 24.69 10.43
N ALA I 570 -17.42 24.79 9.18
CA ALA I 570 -16.91 23.65 8.44
C ALA I 570 -15.40 23.44 8.62
N ASP I 571 -14.76 24.18 9.51
CA ASP I 571 -13.30 24.14 9.70
C ASP I 571 -12.55 24.63 8.47
N THR I 572 -13.21 25.38 7.62
CA THR I 572 -12.55 26.17 6.59
C THR I 572 -11.88 27.38 7.24
N THR I 573 -10.98 28.01 6.50
CA THR I 573 -10.44 29.28 6.97
C THR I 573 -11.29 30.40 6.37
N ASP I 574 -12.17 30.97 7.19
CA ASP I 574 -13.15 31.95 6.70
C ASP I 574 -12.63 33.37 6.64
N ALA I 575 -11.94 33.80 7.69
CA ALA I 575 -11.56 35.21 7.83
C ALA I 575 -10.19 35.27 8.47
N VAL I 576 -9.33 36.12 7.93
CA VAL I 576 -7.98 36.27 8.45
C VAL I 576 -7.71 37.73 8.68
N ARG I 577 -6.72 38.00 9.51
CA ARG I 577 -6.33 39.35 9.85
C ARG I 577 -5.01 39.66 9.19
N ASP I 578 -4.94 40.78 8.48
CA ASP I 578 -3.72 41.16 7.80
C ASP I 578 -2.67 41.42 8.87
N PRO I 579 -1.55 40.66 8.98
CA PRO I 579 -0.56 40.99 10.02
C PRO I 579 0.07 42.39 9.94
N GLN I 580 0.48 42.85 8.74
CA GLN I 580 1.18 44.16 8.63
C GLN I 580 0.28 45.33 9.05
N THR I 581 -0.98 45.36 8.60
CA THR I 581 -1.95 46.40 9.04
C THR I 581 -3.15 45.63 9.57
N LEU I 582 -3.44 45.72 10.87
CA LEU I 582 -4.46 44.85 11.40
C LEU I 582 -5.80 45.21 10.78
N GLU I 583 -6.39 44.26 10.06
CA GLU I 583 -7.72 44.45 9.51
C GLU I 583 -8.32 43.07 9.32
N ILE I 584 -9.65 43.01 9.38
CA ILE I 584 -10.34 41.74 9.34
C ILE I 584 -10.71 41.49 7.88
N LEU I 585 -10.08 40.49 7.28
CA LEU I 585 -10.23 40.21 5.87
C LEU I 585 -10.96 38.90 5.70
N ASP I 586 -12.12 38.95 5.07
CA ASP I 586 -12.81 37.72 4.71
C ASP I 586 -11.99 36.95 3.68
N ILE I 587 -12.29 35.66 3.60
CA ILE I 587 -11.80 34.83 2.52
C ILE I 587 -13.01 34.13 1.93
N THR I 588 -13.36 34.52 0.71
CA THR I 588 -14.35 33.79 -0.08
C THR I 588 -13.61 33.25 -1.29
N PRO I 589 -13.44 31.94 -1.43
CA PRO I 589 -12.78 31.42 -2.61
C PRO I 589 -13.58 31.79 -3.85
N CYS I 590 -12.85 32.00 -4.94
CA CYS I 590 -13.45 32.53 -6.15
C CYS I 590 -14.64 31.70 -6.56
N SER I 591 -15.67 32.39 -7.05
CA SER I 591 -16.92 31.72 -7.35
C SER I 591 -16.73 30.67 -8.43
N PHE I 592 -17.60 29.67 -8.41
CA PHE I 592 -17.60 28.67 -9.45
C PHE I 592 -18.99 28.06 -9.49
N GLY I 593 -19.31 27.41 -10.60
CA GLY I 593 -20.62 26.84 -10.76
C GLY I 593 -20.69 25.98 -11.99
N GLY I 594 -21.73 25.17 -12.05
CA GLY I 594 -21.92 24.33 -13.22
C GLY I 594 -22.32 25.16 -14.42
N VAL I 595 -21.61 24.97 -15.53
CA VAL I 595 -22.11 25.46 -16.79
C VAL I 595 -23.31 24.63 -17.19
N SER I 596 -24.36 25.29 -17.66
CA SER I 596 -25.53 24.60 -18.16
C SER I 596 -25.81 25.10 -19.56
N VAL I 597 -25.79 24.20 -20.53
CA VAL I 597 -26.05 24.57 -21.91
C VAL I 597 -27.54 24.41 -22.14
N ILE I 598 -28.25 25.52 -22.28
CA ILE I 598 -29.67 25.50 -22.57
C ILE I 598 -29.83 25.49 -24.07
N THR I 599 -30.50 24.49 -24.60
CA THR I 599 -30.71 24.40 -26.01
C THR I 599 -32.08 23.84 -26.32
N PRO I 600 -32.72 24.33 -27.37
CA PRO I 600 -33.79 23.54 -27.97
C PRO I 600 -33.15 22.31 -28.59
N GLY I 601 -33.93 21.40 -29.16
CA GLY I 601 -33.32 20.27 -29.82
C GLY I 601 -32.35 20.74 -30.89
N THR I 602 -31.23 20.03 -31.01
CA THR I 602 -30.34 20.32 -32.13
C THR I 602 -31.09 20.21 -33.45
N ASN I 603 -32.23 19.53 -33.43
CA ASN I 603 -33.14 19.49 -34.56
C ASN I 603 -33.51 20.88 -35.02
N THR I 604 -34.04 21.69 -34.11
CA THR I 604 -34.60 22.99 -34.49
C THR I 604 -33.51 24.04 -34.68
N SER I 605 -32.40 23.95 -33.95
CA SER I 605 -31.39 24.99 -34.06
C SER I 605 -30.05 24.48 -33.60
N ASN I 606 -29.01 25.20 -34.01
CA ASN I 606 -27.66 25.05 -33.48
C ASN I 606 -27.34 26.08 -32.42
N GLN I 607 -28.30 26.92 -32.06
CA GLN I 607 -28.06 28.03 -31.16
C GLN I 607 -28.25 27.59 -29.71
N VAL I 608 -27.32 27.97 -28.85
CA VAL I 608 -27.40 27.62 -27.44
C VAL I 608 -27.35 28.88 -26.61
N ALA I 609 -27.96 28.83 -25.43
CA ALA I 609 -27.89 29.90 -24.44
C ALA I 609 -27.27 29.31 -23.19
N VAL I 610 -26.09 29.75 -22.85
CA VAL I 610 -25.37 29.16 -21.74
C VAL I 610 -25.81 29.81 -20.44
N LEU I 611 -25.99 29.02 -19.41
CA LEU I 611 -26.28 29.50 -18.07
C LEU I 611 -25.09 29.16 -17.17
N TYR I 612 -24.37 30.19 -16.74
CA TYR I 612 -23.42 30.00 -15.66
C TYR I 612 -24.19 30.05 -14.35
N GLN I 613 -24.15 28.97 -13.59
CA GLN I 613 -24.95 28.90 -12.38
C GLN I 613 -24.25 29.58 -11.22
N ASP I 614 -25.01 30.41 -10.51
CA ASP I 614 -24.61 30.94 -9.21
C ASP I 614 -23.31 31.73 -9.30
N VAL I 615 -23.25 32.67 -10.23
CA VAL I 615 -22.21 33.68 -10.26
C VAL I 615 -22.85 35.01 -10.57
N ASN I 616 -22.29 36.07 -10.02
CA ASN I 616 -22.65 37.39 -10.46
C ASN I 616 -22.08 37.57 -11.85
N CYS I 617 -22.68 38.42 -12.68
CA CYS I 617 -22.18 38.48 -14.06
C CYS I 617 -21.07 39.50 -14.10
N THR I 618 -19.85 39.01 -13.96
CA THR I 618 -18.61 39.69 -14.31
C THR I 618 -17.68 38.67 -14.92
N GLU I 619 -17.35 37.64 -14.13
CA GLU I 619 -16.27 36.69 -14.38
C GLU I 619 -16.38 35.99 -15.73
N VAL I 620 -17.49 36.12 -16.41
CA VAL I 620 -17.58 35.74 -17.81
C VAL I 620 -16.36 36.20 -18.61
N ASN I 641 -25.08 38.67 -25.66
CA ASN I 641 -26.06 39.27 -24.78
C ASN I 641 -26.04 38.62 -23.41
N VAL I 642 -26.13 39.44 -22.37
CA VAL I 642 -26.01 38.97 -20.99
C VAL I 642 -27.26 39.37 -20.21
N PHE I 643 -27.78 38.42 -19.44
CA PHE I 643 -28.93 38.66 -18.58
C PHE I 643 -28.67 38.02 -17.23
N GLN I 644 -28.63 38.84 -16.18
CA GLN I 644 -28.50 38.34 -14.83
C GLN I 644 -29.81 37.74 -14.36
N THR I 645 -29.74 36.70 -13.54
CA THR I 645 -30.91 35.98 -13.11
C THR I 645 -30.87 35.78 -11.61
N ARG I 646 -31.88 35.09 -11.10
CA ARG I 646 -31.81 34.58 -9.74
C ARG I 646 -31.01 33.29 -9.68
N ALA I 647 -31.02 32.50 -10.75
CA ALA I 647 -30.31 31.22 -10.73
C ALA I 647 -28.82 31.40 -10.98
N GLY I 648 -28.47 32.27 -11.91
CA GLY I 648 -27.08 32.45 -12.26
C GLY I 648 -26.93 33.44 -13.39
N CYS I 649 -25.78 33.41 -14.04
CA CYS I 649 -25.49 34.33 -15.12
C CYS I 649 -25.86 33.65 -16.43
N LEU I 650 -26.89 34.14 -17.10
CA LEU I 650 -27.43 33.52 -18.30
C LEU I 650 -26.99 34.31 -19.51
N ILE I 651 -26.23 33.66 -20.39
CA ILE I 651 -25.65 34.29 -21.56
C ILE I 651 -26.34 33.75 -22.81
N GLY I 652 -26.76 34.65 -23.68
CA GLY I 652 -27.18 34.25 -25.00
C GLY I 652 -28.67 34.14 -25.20
N ALA I 653 -29.47 34.58 -24.25
CA ALA I 653 -30.92 34.59 -24.43
C ALA I 653 -31.47 35.92 -23.97
N GLU I 654 -32.10 36.65 -24.89
CA GLU I 654 -32.68 37.93 -24.53
C GLU I 654 -33.83 37.73 -23.56
N HIS I 655 -33.89 38.60 -22.56
CA HIS I 655 -34.94 38.55 -21.57
C HIS I 655 -36.28 38.85 -22.24
N VAL I 656 -37.36 38.30 -21.69
CA VAL I 656 -38.72 38.60 -22.16
C VAL I 656 -39.58 38.86 -20.94
N ASN I 657 -40.42 39.90 -21.03
CA ASN I 657 -41.39 40.13 -19.97
C ASN I 657 -42.55 39.16 -20.02
N ASN I 658 -43.37 39.23 -21.06
CA ASN I 658 -44.64 38.51 -21.08
C ASN I 658 -44.37 37.02 -20.90
N SER I 659 -44.99 36.46 -19.86
CA SER I 659 -44.62 35.14 -19.37
C SER I 659 -45.54 34.08 -19.94
N TYR I 660 -44.95 32.95 -20.31
CA TYR I 660 -45.67 31.88 -20.96
C TYR I 660 -45.55 30.63 -20.13
N GLU I 661 -46.22 29.56 -20.54
CA GLU I 661 -46.09 28.34 -19.78
C GLU I 661 -44.67 27.80 -19.90
N CYS I 662 -44.24 27.07 -18.88
CA CYS I 662 -42.86 26.67 -18.82
C CYS I 662 -42.53 25.71 -19.96
N ASP I 663 -41.27 25.76 -20.38
CA ASP I 663 -40.85 24.99 -21.54
C ASP I 663 -39.60 24.19 -21.21
N ILE I 664 -38.49 24.88 -21.00
CA ILE I 664 -37.27 24.28 -20.49
C ILE I 664 -37.01 24.88 -19.11
N PRO I 665 -37.23 24.14 -18.03
CA PRO I 665 -36.97 24.69 -16.71
C PRO I 665 -35.50 25.02 -16.53
N ILE I 666 -35.23 26.03 -15.73
CA ILE I 666 -33.86 26.46 -15.47
C ILE I 666 -33.64 26.54 -13.97
N GLY I 667 -34.33 27.47 -13.34
CA GLY I 667 -34.32 27.58 -11.90
C GLY I 667 -35.05 28.83 -11.46
N ALA I 668 -35.47 28.88 -10.20
CA ALA I 668 -36.15 30.04 -9.65
C ALA I 668 -37.29 30.51 -10.55
N GLY I 669 -37.95 29.55 -11.20
CA GLY I 669 -39.06 29.90 -12.07
C GLY I 669 -38.66 30.71 -13.29
N ILE I 670 -37.58 30.33 -13.95
CA ILE I 670 -37.15 30.93 -15.20
C ILE I 670 -37.16 29.82 -16.24
N CYS I 671 -38.04 29.92 -17.23
CA CYS I 671 -38.18 28.88 -18.24
C CYS I 671 -37.87 29.46 -19.61
N ALA I 672 -36.99 28.80 -20.34
CA ALA I 672 -36.54 29.25 -21.64
C ALA I 672 -37.20 28.44 -22.74
N SER I 673 -37.62 29.15 -23.79
CA SER I 673 -38.17 28.51 -24.98
C SER I 673 -37.55 29.14 -26.21
N TYR I 674 -37.71 28.47 -27.35
CA TYR I 674 -36.89 28.84 -28.50
C TYR I 674 -37.44 30.01 -29.28
N GLN I 675 -38.76 30.10 -29.45
CA GLN I 675 -39.33 30.98 -30.46
C GLN I 675 -39.04 32.44 -30.16
N THR I 676 -39.19 33.26 -31.20
CA THR I 676 -39.17 34.72 -31.06
C THR I 676 -39.93 35.19 -29.82
N SER I 689 -34.55 35.34 -37.50
CA SER I 689 -35.78 35.58 -36.79
C SER I 689 -35.68 35.14 -35.33
N GLN I 690 -35.97 33.87 -35.11
CA GLN I 690 -36.11 33.36 -33.75
C GLN I 690 -34.78 33.37 -33.00
N SER I 691 -34.87 33.48 -31.68
CA SER I 691 -33.73 33.43 -30.79
C SER I 691 -34.19 32.87 -29.45
N ILE I 692 -33.30 32.15 -28.79
CA ILE I 692 -33.62 31.61 -27.47
C ILE I 692 -33.96 32.74 -26.53
N ILE I 693 -35.09 32.63 -25.84
CA ILE I 693 -35.47 33.65 -24.88
C ILE I 693 -35.45 33.04 -23.48
N ALA I 694 -35.69 33.87 -22.48
CA ALA I 694 -35.83 33.41 -21.12
C ALA I 694 -36.78 34.35 -20.41
N TYR I 695 -37.62 33.80 -19.54
CA TYR I 695 -38.66 34.61 -18.93
C TYR I 695 -39.08 33.97 -17.63
N THR I 696 -39.71 34.78 -16.77
CA THR I 696 -40.25 34.25 -15.54
C THR I 696 -41.34 33.24 -15.87
N MET I 697 -41.21 32.05 -15.30
CA MET I 697 -42.18 31.00 -15.59
C MET I 697 -43.56 31.44 -15.18
N SER I 698 -44.49 31.38 -16.12
CA SER I 698 -45.89 31.63 -15.80
C SER I 698 -46.52 30.33 -15.34
N LEU I 699 -47.38 30.41 -14.34
CA LEU I 699 -48.02 29.23 -13.77
C LEU I 699 -49.40 29.14 -14.37
N GLY I 700 -49.61 28.14 -15.22
CA GLY I 700 -50.91 27.95 -15.80
C GLY I 700 -51.42 29.19 -16.50
N ALA I 701 -52.73 29.22 -16.70
CA ALA I 701 -53.43 30.37 -17.24
C ALA I 701 -54.42 30.86 -16.20
N GLU I 702 -54.38 32.16 -15.91
CA GLU I 702 -55.20 32.68 -14.84
C GLU I 702 -56.68 32.51 -15.13
N ASN I 703 -57.45 32.23 -14.08
CA ASN I 703 -58.89 32.26 -14.11
C ASN I 703 -59.39 32.79 -12.79
N SER I 704 -60.51 33.50 -12.82
CA SER I 704 -61.19 33.92 -11.61
C SER I 704 -62.63 33.45 -11.75
N VAL I 705 -63.01 32.48 -10.92
CA VAL I 705 -64.33 31.88 -11.04
C VAL I 705 -65.37 32.89 -10.60
N ALA I 706 -66.32 33.18 -11.48
CA ALA I 706 -67.39 34.08 -11.08
C ALA I 706 -68.23 33.37 -10.04
N TYR I 707 -68.31 33.95 -8.86
CA TYR I 707 -68.82 33.24 -7.70
C TYR I 707 -69.81 34.12 -6.97
N SER I 708 -70.92 33.52 -6.56
CA SER I 708 -71.80 34.20 -5.64
C SER I 708 -72.64 33.15 -4.93
N ASN I 709 -73.15 33.53 -3.78
CA ASN I 709 -73.78 32.59 -2.87
C ASN I 709 -75.02 31.91 -3.46
N ASN I 710 -75.63 32.49 -4.48
CA ASN I 710 -76.71 31.81 -5.17
C ASN I 710 -76.30 31.19 -6.50
N SER I 711 -75.03 31.27 -6.88
CA SER I 711 -74.62 30.91 -8.23
C SER I 711 -74.10 29.48 -8.30
N ILE I 712 -74.76 28.65 -9.11
CA ILE I 712 -74.29 27.29 -9.35
C ILE I 712 -74.13 27.07 -10.85
N ALA I 713 -73.17 26.24 -11.21
CA ALA I 713 -72.90 25.93 -12.61
C ALA I 713 -72.92 24.42 -12.80
N ILE I 714 -73.92 23.93 -13.52
CA ILE I 714 -74.12 22.51 -13.76
C ILE I 714 -73.73 22.20 -15.20
N PRO I 715 -72.86 21.22 -15.42
CA PRO I 715 -72.56 20.84 -16.80
C PRO I 715 -73.76 20.17 -17.45
N THR I 716 -74.04 20.58 -18.68
CA THR I 716 -75.13 19.98 -19.43
C THR I 716 -74.68 18.84 -20.31
N ASN I 717 -73.38 18.63 -20.44
CA ASN I 717 -72.89 17.70 -21.44
C ASN I 717 -71.48 17.29 -21.06
N PHE I 718 -71.04 16.18 -21.62
CA PHE I 718 -69.82 15.54 -21.15
C PHE I 718 -68.98 15.11 -22.33
N THR I 719 -67.75 14.74 -22.02
CA THR I 719 -66.88 14.06 -22.96
C THR I 719 -66.30 12.84 -22.29
N ILE I 720 -65.92 11.86 -23.09
CA ILE I 720 -65.32 10.63 -22.61
C ILE I 720 -63.90 10.60 -23.15
N SER I 721 -62.93 10.80 -22.27
CA SER I 721 -61.53 10.83 -22.68
C SER I 721 -60.85 9.54 -22.29
N VAL I 722 -59.93 9.08 -23.12
CA VAL I 722 -59.12 7.92 -22.84
C VAL I 722 -57.70 8.40 -22.66
N THR I 723 -57.14 8.22 -21.48
CA THR I 723 -55.83 8.76 -21.14
C THR I 723 -54.88 7.61 -20.83
N THR I 724 -53.87 7.45 -21.68
CA THR I 724 -52.82 6.49 -21.44
C THR I 724 -52.09 6.82 -20.14
N GLU I 725 -51.83 5.79 -19.34
CA GLU I 725 -51.01 5.92 -18.15
C GLU I 725 -49.99 4.79 -18.15
N ILE I 726 -48.73 5.14 -17.98
CA ILE I 726 -47.62 4.25 -18.25
C ILE I 726 -46.84 4.03 -16.97
N LEU I 727 -46.54 2.77 -16.67
CA LEU I 727 -45.87 2.43 -15.43
C LEU I 727 -44.80 1.38 -15.71
N PRO I 728 -43.65 1.47 -15.07
CA PRO I 728 -42.74 0.33 -15.05
C PRO I 728 -43.30 -0.74 -14.13
N VAL I 729 -42.94 -1.98 -14.42
CA VAL I 729 -43.41 -3.09 -13.60
C VAL I 729 -42.21 -3.91 -13.17
N SER I 730 -41.48 -4.45 -14.13
CA SER I 730 -40.26 -5.17 -13.85
C SER I 730 -39.09 -4.49 -14.53
N MET I 731 -37.90 -4.80 -14.06
CA MET I 731 -36.67 -4.35 -14.68
C MET I 731 -35.89 -5.58 -15.12
N THR I 732 -34.97 -5.37 -16.05
CA THR I 732 -34.23 -6.48 -16.63
C THR I 732 -33.52 -7.26 -15.52
N LYS I 733 -33.79 -8.57 -15.48
CA LYS I 733 -33.19 -9.41 -14.46
C LYS I 733 -31.75 -9.72 -14.85
N THR I 734 -30.81 -9.30 -14.02
CA THR I 734 -29.41 -9.56 -14.28
C THR I 734 -28.79 -10.30 -13.11
N SER I 735 -27.82 -11.14 -13.42
CA SER I 735 -27.06 -11.84 -12.41
C SER I 735 -25.61 -11.82 -12.83
N VAL I 736 -24.75 -11.40 -11.93
CA VAL I 736 -23.34 -11.19 -12.23
C VAL I 736 -22.52 -12.26 -11.53
N ASP I 737 -21.51 -12.76 -12.23
CA ASP I 737 -20.59 -13.74 -11.66
C ASP I 737 -19.46 -12.99 -11.00
N CYS I 738 -19.43 -13.01 -9.66
CA CYS I 738 -18.51 -12.16 -8.94
C CYS I 738 -17.07 -12.62 -9.13
N THR I 739 -16.81 -13.92 -8.99
CA THR I 739 -15.43 -14.39 -9.12
C THR I 739 -14.90 -14.13 -10.50
N MET I 740 -15.71 -14.35 -11.54
CA MET I 740 -15.21 -14.13 -12.89
C MET I 740 -15.07 -12.64 -13.18
N TYR I 741 -16.14 -11.87 -12.92
CA TYR I 741 -16.08 -10.44 -13.23
C TYR I 741 -14.87 -9.79 -12.61
N ILE I 742 -14.57 -10.15 -11.38
CA ILE I 742 -13.40 -9.58 -10.72
C ILE I 742 -12.13 -10.19 -11.31
N CYS I 743 -11.98 -11.50 -11.16
CA CYS I 743 -10.79 -12.19 -11.63
C CYS I 743 -11.16 -12.95 -12.89
N GLY I 744 -10.75 -12.44 -14.05
CA GLY I 744 -10.89 -13.19 -15.27
C GLY I 744 -9.86 -14.30 -15.35
N ASP I 745 -10.30 -15.54 -15.53
CA ASP I 745 -9.42 -16.64 -15.95
C ASP I 745 -8.08 -16.69 -15.23
N SER I 746 -8.04 -16.30 -13.97
CA SER I 746 -6.79 -16.31 -13.21
C SER I 746 -7.06 -16.89 -11.83
N THR I 747 -6.43 -18.02 -11.54
CA THR I 747 -6.48 -18.52 -10.18
C THR I 747 -5.72 -17.60 -9.25
N GLU I 748 -4.64 -16.99 -9.76
CA GLU I 748 -3.85 -16.06 -8.96
C GLU I 748 -4.74 -15.01 -8.32
N CYS I 749 -5.51 -14.32 -9.15
CA CYS I 749 -6.48 -13.37 -8.64
C CYS I 749 -7.57 -14.09 -7.87
N SER I 750 -8.00 -15.24 -8.37
CA SER I 750 -9.13 -15.94 -7.75
C SER I 750 -8.82 -16.31 -6.31
N ASN I 751 -7.59 -16.71 -6.03
CA ASN I 751 -7.22 -17.05 -4.65
C ASN I 751 -7.28 -15.82 -3.77
N LEU I 752 -6.76 -14.68 -4.24
CA LEU I 752 -6.82 -13.46 -3.45
C LEU I 752 -8.24 -13.11 -3.06
N LEU I 753 -9.19 -13.31 -3.98
CA LEU I 753 -10.57 -12.95 -3.70
C LEU I 753 -11.09 -13.68 -2.48
N LEU I 754 -10.61 -14.89 -2.23
CA LEU I 754 -11.03 -15.63 -1.05
C LEU I 754 -10.70 -14.91 0.24
N GLN I 755 -9.73 -14.01 0.21
CA GLN I 755 -9.33 -13.30 1.41
C GLN I 755 -10.26 -12.14 1.74
N TYR I 756 -11.19 -11.81 0.85
CA TYR I 756 -12.26 -10.89 1.17
C TYR I 756 -13.52 -11.62 1.60
N GLY I 757 -13.47 -12.94 1.68
CA GLY I 757 -14.57 -13.67 2.29
C GLY I 757 -15.82 -13.67 1.44
N SER I 758 -16.92 -13.28 2.06
CA SER I 758 -18.25 -13.52 1.55
C SER I 758 -18.76 -12.41 0.64
N PHE I 759 -17.94 -11.41 0.33
CA PHE I 759 -18.34 -10.41 -0.64
C PHE I 759 -18.86 -11.04 -1.90
N CYS I 760 -18.07 -11.94 -2.51
CA CYS I 760 -18.45 -12.56 -3.76
C CYS I 760 -19.82 -13.23 -3.64
N THR I 761 -20.03 -13.98 -2.56
CA THR I 761 -21.29 -14.70 -2.43
C THR I 761 -22.43 -13.76 -2.09
N GLN I 762 -22.23 -12.83 -1.16
CA GLN I 762 -23.33 -11.97 -0.74
C GLN I 762 -23.81 -11.06 -1.87
N LEU I 763 -22.98 -10.85 -2.89
CA LEU I 763 -23.47 -10.11 -4.05
C LEU I 763 -24.50 -10.91 -4.81
N ASN I 764 -24.19 -12.18 -5.09
CA ASN I 764 -25.19 -13.05 -5.71
C ASN I 764 -26.43 -13.14 -4.86
N ARG I 765 -26.27 -13.28 -3.54
CA ARG I 765 -27.44 -13.27 -2.66
C ARG I 765 -28.21 -11.97 -2.81
N ALA I 766 -27.50 -10.87 -3.01
CA ALA I 766 -28.19 -9.59 -3.21
C ALA I 766 -28.94 -9.57 -4.53
N LEU I 767 -28.23 -9.81 -5.63
CA LEU I 767 -28.86 -9.68 -6.94
C LEU I 767 -29.97 -10.68 -7.13
N THR I 768 -29.83 -11.88 -6.56
CA THR I 768 -30.91 -12.85 -6.67
C THR I 768 -32.16 -12.34 -6.00
N GLY I 769 -32.03 -11.69 -4.85
CA GLY I 769 -33.17 -11.08 -4.21
C GLY I 769 -33.92 -10.14 -5.14
N ILE I 770 -33.19 -9.29 -5.85
CA ILE I 770 -33.78 -8.51 -6.92
C ILE I 770 -34.41 -9.43 -7.95
N ALA I 771 -33.58 -10.25 -8.60
CA ALA I 771 -34.03 -11.04 -9.73
C ALA I 771 -35.26 -11.87 -9.38
N VAL I 772 -35.34 -12.37 -8.15
CA VAL I 772 -36.53 -13.14 -7.76
C VAL I 772 -37.76 -12.26 -7.80
N GLU I 773 -37.74 -11.15 -7.05
CA GLU I 773 -38.95 -10.38 -6.89
C GLU I 773 -39.39 -9.70 -8.18
N GLN I 774 -38.49 -9.55 -9.15
CA GLN I 774 -38.91 -9.02 -10.44
C GLN I 774 -40.02 -9.88 -11.03
N ASP I 775 -39.83 -11.19 -11.02
CA ASP I 775 -40.89 -12.09 -11.46
C ASP I 775 -42.00 -12.20 -10.43
N LYS I 776 -41.79 -11.67 -9.22
CA LYS I 776 -42.91 -11.51 -8.31
C LYS I 776 -43.72 -10.26 -8.63
N ASN I 777 -43.04 -9.18 -8.98
CA ASN I 777 -43.73 -7.98 -9.44
C ASN I 777 -44.66 -8.31 -10.60
N THR I 778 -44.06 -8.75 -11.71
CA THR I 778 -44.84 -9.14 -12.87
C THR I 778 -45.92 -10.15 -12.51
N GLN I 779 -45.69 -10.94 -11.47
CA GLN I 779 -46.70 -11.88 -11.03
C GLN I 779 -47.85 -11.15 -10.36
N GLU I 780 -47.55 -10.23 -9.45
CA GLU I 780 -48.59 -9.53 -8.71
C GLU I 780 -49.45 -8.69 -9.64
N VAL I 781 -48.79 -7.92 -10.51
CA VAL I 781 -49.50 -7.03 -11.40
C VAL I 781 -50.43 -7.81 -12.31
N PHE I 782 -49.85 -8.61 -13.21
CA PHE I 782 -50.62 -9.10 -14.35
C PHE I 782 -51.58 -10.21 -13.95
N ALA I 783 -51.14 -11.19 -13.19
CA ALA I 783 -52.03 -12.30 -12.89
C ALA I 783 -52.61 -12.06 -11.51
N GLN I 784 -53.76 -11.41 -11.49
CA GLN I 784 -54.66 -11.38 -10.36
C GLN I 784 -55.89 -12.23 -10.61
N VAL I 785 -56.02 -12.80 -11.80
CA VAL I 785 -57.24 -13.45 -12.24
C VAL I 785 -57.02 -14.95 -12.20
N LYS I 786 -58.03 -15.65 -11.71
CA LYS I 786 -57.88 -17.09 -11.51
C LYS I 786 -57.82 -17.83 -12.84
N GLN I 787 -58.65 -17.44 -13.80
CA GLN I 787 -58.81 -18.15 -15.05
C GLN I 787 -58.41 -17.23 -16.19
N ILE I 788 -58.12 -17.83 -17.34
CA ILE I 788 -57.92 -17.07 -18.56
C ILE I 788 -59.25 -17.02 -19.30
N TYR I 789 -59.87 -15.86 -19.29
CA TYR I 789 -61.04 -15.60 -20.09
C TYR I 789 -60.62 -15.24 -21.51
N LYS I 790 -61.51 -15.50 -22.46
CA LYS I 790 -61.26 -15.02 -23.81
C LYS I 790 -62.54 -14.43 -24.36
N THR I 791 -62.38 -13.38 -25.16
CA THR I 791 -63.52 -12.68 -25.72
C THR I 791 -64.41 -13.64 -26.49
N PRO I 792 -65.70 -13.37 -26.58
CA PRO I 792 -66.57 -14.21 -27.38
C PRO I 792 -66.18 -14.12 -28.84
N PRO I 793 -66.65 -15.05 -29.67
CA PRO I 793 -66.27 -15.00 -31.08
C PRO I 793 -66.74 -13.75 -31.79
N ILE I 794 -67.94 -13.27 -31.50
CA ILE I 794 -68.54 -12.14 -32.20
C ILE I 794 -68.61 -10.95 -31.27
N LYS I 795 -68.26 -9.78 -31.80
CA LYS I 795 -68.17 -8.56 -31.02
C LYS I 795 -69.40 -7.72 -31.30
N ASP I 796 -70.33 -7.67 -30.35
CA ASP I 796 -71.35 -6.62 -30.31
C ASP I 796 -71.33 -6.05 -28.91
N PHE I 797 -70.76 -4.86 -28.76
CA PHE I 797 -70.69 -4.18 -27.48
C PHE I 797 -71.64 -3.00 -27.38
N GLY I 798 -72.47 -2.78 -28.39
CA GLY I 798 -73.31 -1.62 -28.41
C GLY I 798 -72.71 -0.45 -29.16
N GLY I 799 -71.73 -0.70 -30.02
CA GLY I 799 -71.06 0.35 -30.75
C GLY I 799 -69.65 0.63 -30.31
N PHE I 800 -69.19 0.09 -29.20
CA PHE I 800 -67.83 0.34 -28.75
C PHE I 800 -66.93 -0.62 -29.51
N ASN I 801 -65.86 -0.10 -30.10
CA ASN I 801 -65.01 -0.91 -30.97
C ASN I 801 -63.72 -1.24 -30.24
N PHE I 802 -63.58 -2.49 -29.82
CA PHE I 802 -62.41 -2.92 -29.08
C PHE I 802 -61.38 -3.61 -29.95
N SER I 803 -61.61 -3.73 -31.26
CA SER I 803 -60.62 -4.36 -32.12
C SER I 803 -59.27 -3.69 -31.97
N GLN I 804 -59.26 -2.43 -31.62
CA GLN I 804 -58.00 -1.76 -31.26
C GLN I 804 -57.30 -2.49 -30.13
N ILE I 805 -57.98 -2.65 -29.00
CA ILE I 805 -57.35 -3.12 -27.77
C ILE I 805 -57.43 -4.63 -27.57
N LEU I 806 -58.22 -5.32 -28.35
CA LEU I 806 -58.28 -6.75 -28.09
C LEU I 806 -57.19 -7.50 -28.86
N PRO I 807 -56.82 -8.68 -28.37
CA PRO I 807 -55.75 -9.43 -29.04
C PRO I 807 -56.03 -9.57 -30.52
N ASP I 808 -54.96 -9.47 -31.31
CA ASP I 808 -55.07 -9.51 -32.75
C ASP I 808 -55.02 -10.97 -33.18
N PRO I 809 -56.11 -11.55 -33.68
CA PRO I 809 -56.09 -12.98 -34.01
C PRO I 809 -55.13 -13.33 -35.11
N SER I 810 -54.70 -12.37 -35.91
CA SER I 810 -53.85 -12.63 -37.06
C SER I 810 -52.37 -12.40 -36.78
N LYS I 811 -52.03 -12.01 -35.60
CA LYS I 811 -50.59 -11.98 -35.37
C LYS I 811 -50.10 -13.32 -34.84
N PRO I 812 -48.87 -13.73 -35.18
CA PRO I 812 -48.36 -15.00 -34.63
C PRO I 812 -48.27 -14.97 -33.12
N SER I 813 -47.70 -13.92 -32.55
CA SER I 813 -47.83 -13.64 -31.12
C SER I 813 -49.02 -12.72 -30.99
N LYS I 814 -50.08 -13.21 -30.37
CA LYS I 814 -51.32 -12.43 -30.38
C LYS I 814 -51.17 -11.31 -29.37
N ARG I 815 -51.17 -10.09 -29.89
CA ARG I 815 -51.04 -8.88 -29.09
C ARG I 815 -51.88 -7.81 -29.77
N SER I 816 -52.64 -7.08 -28.97
CA SER I 816 -53.57 -6.10 -29.52
C SER I 816 -52.84 -5.09 -30.37
N PHE I 817 -53.55 -4.57 -31.36
CA PHE I 817 -52.95 -3.65 -32.33
C PHE I 817 -52.13 -2.57 -31.64
N ILE I 818 -52.62 -2.06 -30.52
CA ILE I 818 -51.91 -1.02 -29.81
C ILE I 818 -50.57 -1.52 -29.31
N GLU I 819 -50.56 -2.68 -28.67
CA GLU I 819 -49.34 -3.14 -28.02
C GLU I 819 -48.16 -3.21 -28.98
N ASP I 820 -48.43 -3.44 -30.26
CA ASP I 820 -47.34 -3.43 -31.23
C ASP I 820 -46.74 -2.05 -31.37
N LEU I 821 -47.56 -1.01 -31.32
CA LEU I 821 -47.02 0.34 -31.31
C LEU I 821 -46.04 0.53 -30.17
N LEU I 822 -46.31 -0.10 -29.03
CA LEU I 822 -45.46 0.06 -27.88
C LEU I 822 -44.14 -0.69 -28.04
N PHE I 823 -44.22 -1.96 -28.44
CA PHE I 823 -43.01 -2.76 -28.56
C PHE I 823 -42.07 -2.25 -29.63
N ASN I 824 -42.54 -1.40 -30.54
CA ASN I 824 -41.64 -0.81 -31.50
C ASN I 824 -40.90 0.39 -30.89
N LYS I 825 -41.62 1.20 -30.12
CA LYS I 825 -41.00 2.38 -29.52
C LYS I 825 -39.87 1.96 -28.58
N VAL I 826 -40.18 1.14 -27.58
CA VAL I 826 -39.16 0.68 -26.66
C VAL I 826 -38.19 -0.25 -27.38
N THR I 827 -36.95 -0.28 -26.90
CA THR I 827 -35.95 -1.16 -27.46
C THR I 827 -35.32 -2.04 -26.38
N ASP I 848 -22.79 -5.53 -29.46
CA ASP I 848 -23.93 -4.85 -28.85
C ASP I 848 -23.95 -5.07 -27.35
N LEU I 849 -25.09 -4.82 -26.70
CA LEU I 849 -25.21 -5.15 -25.26
C LEU I 849 -25.65 -6.61 -25.20
N ILE I 850 -25.87 -7.24 -26.37
CA ILE I 850 -26.38 -8.64 -26.43
C ILE I 850 -25.39 -9.64 -25.82
N CYS I 851 -24.09 -9.53 -26.11
CA CYS I 851 -23.13 -10.56 -25.63
C CYS I 851 -21.94 -9.91 -24.93
N ALA I 852 -21.64 -8.65 -25.21
CA ALA I 852 -20.55 -7.90 -24.59
C ALA I 852 -20.60 -8.03 -23.07
N GLN I 853 -21.68 -7.55 -22.46
CA GLN I 853 -21.90 -7.81 -21.04
C GLN I 853 -21.69 -9.29 -20.73
N LYS I 854 -22.30 -10.15 -21.54
CA LYS I 854 -22.24 -11.59 -21.33
C LYS I 854 -20.83 -12.14 -21.49
N PHE I 855 -19.88 -11.33 -21.94
CA PHE I 855 -18.48 -11.75 -21.91
C PHE I 855 -18.03 -11.99 -20.48
N ASN I 856 -18.15 -10.97 -19.63
CA ASN I 856 -17.43 -10.91 -18.37
C ASN I 856 -18.19 -11.53 -17.22
N GLY I 857 -19.33 -12.15 -17.47
CA GLY I 857 -20.15 -12.67 -16.39
C GLY I 857 -21.33 -11.80 -16.06
N LEU I 858 -21.65 -10.82 -16.89
CA LEU I 858 -22.87 -10.05 -16.74
C LEU I 858 -23.92 -10.75 -17.58
N THR I 859 -24.88 -11.37 -16.92
CA THR I 859 -25.86 -12.19 -17.60
C THR I 859 -27.23 -11.54 -17.48
N VAL I 860 -28.04 -11.72 -18.51
CA VAL I 860 -29.41 -11.26 -18.52
C VAL I 860 -30.29 -12.49 -18.48
N LEU I 861 -30.90 -12.74 -17.36
CA LEU I 861 -31.73 -13.92 -17.28
C LEU I 861 -33.09 -13.66 -17.91
N PRO I 862 -33.70 -14.67 -18.52
CA PRO I 862 -34.99 -14.46 -19.14
C PRO I 862 -36.06 -14.22 -18.09
N PRO I 863 -36.92 -13.25 -18.32
CA PRO I 863 -38.06 -13.06 -17.40
C PRO I 863 -38.94 -14.29 -17.42
N LEU I 864 -39.34 -14.74 -16.23
CA LEU I 864 -40.10 -15.98 -16.12
C LEU I 864 -41.26 -16.03 -17.09
N LEU I 865 -41.96 -14.92 -17.28
CA LEU I 865 -43.13 -14.86 -18.12
C LEU I 865 -42.74 -14.29 -19.48
N THR I 866 -42.92 -15.09 -20.53
CA THR I 866 -42.70 -14.58 -21.87
C THR I 866 -43.71 -13.50 -22.20
N ASP I 867 -43.33 -12.61 -23.12
CA ASP I 867 -44.23 -11.54 -23.51
C ASP I 867 -45.55 -12.08 -24.03
N GLU I 868 -45.53 -13.22 -24.72
CA GLU I 868 -46.77 -13.80 -25.20
C GLU I 868 -47.68 -14.18 -24.06
N MET I 869 -47.10 -14.58 -22.93
CA MET I 869 -47.94 -14.87 -21.77
C MET I 869 -48.51 -13.60 -21.18
N ILE I 870 -47.68 -12.57 -21.03
CA ILE I 870 -48.15 -11.29 -20.54
C ILE I 870 -49.35 -10.84 -21.35
N ALA I 871 -49.30 -11.05 -22.66
CA ALA I 871 -50.41 -10.68 -23.51
C ALA I 871 -51.61 -11.60 -23.36
N GLN I 872 -51.46 -12.77 -22.73
CA GLN I 872 -52.65 -13.55 -22.43
C GLN I 872 -53.34 -13.07 -21.17
N TYR I 873 -52.57 -12.76 -20.13
CA TYR I 873 -53.15 -12.10 -18.97
C TYR I 873 -53.91 -10.85 -19.39
N THR I 874 -53.19 -9.87 -19.92
CA THR I 874 -53.84 -8.63 -20.33
C THR I 874 -54.91 -8.87 -21.38
N SER I 875 -54.99 -10.06 -21.96
CA SER I 875 -56.20 -10.43 -22.68
C SER I 875 -57.29 -10.85 -21.72
N ALA I 876 -56.96 -11.73 -20.77
CA ALA I 876 -57.94 -12.18 -19.78
C ALA I 876 -58.54 -11.00 -19.05
N LEU I 877 -57.70 -10.26 -18.32
CA LEU I 877 -58.16 -9.08 -17.60
C LEU I 877 -59.01 -8.20 -18.48
N LEU I 878 -58.62 -8.04 -19.73
CA LEU I 878 -59.42 -7.27 -20.65
C LEU I 878 -60.60 -8.04 -21.19
N ALA I 879 -60.54 -9.36 -21.23
CA ALA I 879 -61.71 -10.11 -21.68
C ALA I 879 -62.79 -10.12 -20.60
N GLY I 880 -62.39 -10.27 -19.34
CA GLY I 880 -63.38 -10.27 -18.28
C GLY I 880 -63.94 -8.90 -18.01
N THR I 881 -63.09 -7.87 -18.10
CA THR I 881 -63.57 -6.50 -17.90
C THR I 881 -64.70 -6.17 -18.86
N ILE I 882 -64.57 -6.60 -20.11
CA ILE I 882 -65.56 -6.26 -21.12
C ILE I 882 -66.84 -7.04 -20.88
N THR I 883 -66.74 -8.37 -20.81
CA THR I 883 -67.93 -9.19 -20.73
C THR I 883 -68.51 -9.18 -19.32
N SER I 884 -67.69 -9.44 -18.32
CA SER I 884 -68.15 -9.79 -16.99
C SER I 884 -68.24 -8.61 -16.04
N GLY I 885 -67.98 -7.40 -16.51
CA GLY I 885 -68.02 -6.27 -15.60
C GLY I 885 -66.85 -6.31 -14.65
N TRP I 886 -67.09 -5.92 -13.40
CA TRP I 886 -66.05 -5.98 -12.38
C TRP I 886 -66.13 -7.22 -11.52
N THR I 887 -67.13 -8.08 -11.72
CA THR I 887 -67.34 -9.17 -10.79
C THR I 887 -66.29 -10.26 -10.89
N PHE I 888 -65.52 -10.31 -11.98
CA PHE I 888 -64.57 -11.41 -12.10
C PHE I 888 -63.43 -11.28 -11.12
N GLY I 889 -63.18 -10.08 -10.61
CA GLY I 889 -62.20 -9.93 -9.56
C GLY I 889 -62.66 -10.41 -8.20
N ALA I 890 -63.98 -10.44 -7.99
CA ALA I 890 -64.54 -10.87 -6.73
C ALA I 890 -64.96 -12.33 -6.71
N GLY I 891 -64.72 -13.07 -7.78
CA GLY I 891 -65.19 -14.44 -7.82
C GLY I 891 -65.36 -14.88 -9.27
N ALA I 892 -66.27 -15.84 -9.45
CA ALA I 892 -66.61 -16.30 -10.78
C ALA I 892 -67.13 -15.14 -11.61
N ALA I 893 -66.61 -15.01 -12.83
CA ALA I 893 -67.05 -13.94 -13.71
C ALA I 893 -68.54 -14.09 -14.04
N LEU I 894 -69.23 -12.97 -14.17
CA LEU I 894 -70.65 -12.97 -14.43
C LEU I 894 -70.90 -12.23 -15.73
N GLN I 895 -71.34 -12.94 -16.76
CA GLN I 895 -71.61 -12.26 -18.01
C GLN I 895 -72.71 -11.23 -17.79
N ILE I 896 -72.48 -10.03 -18.29
CA ILE I 896 -73.45 -8.97 -18.18
C ILE I 896 -73.39 -8.15 -19.47
N PRO I 897 -74.50 -7.68 -19.99
CA PRO I 897 -74.45 -6.89 -21.23
C PRO I 897 -73.60 -5.66 -21.03
N PHE I 898 -72.65 -5.46 -21.94
CA PHE I 898 -71.68 -4.40 -21.74
C PHE I 898 -72.39 -3.05 -21.58
N ALA I 899 -73.40 -2.79 -22.40
CA ALA I 899 -74.15 -1.55 -22.26
C ALA I 899 -74.84 -1.48 -20.91
N MET I 900 -75.17 -2.61 -20.31
CA MET I 900 -75.68 -2.60 -18.95
C MET I 900 -74.58 -2.61 -17.91
N GLN I 901 -73.34 -2.83 -18.32
CA GLN I 901 -72.24 -2.54 -17.43
C GLN I 901 -72.06 -1.05 -17.26
N MET I 902 -71.98 -0.32 -18.36
CA MET I 902 -71.75 1.12 -18.30
C MET I 902 -72.88 1.86 -17.62
N ALA I 903 -74.04 1.27 -17.44
CA ALA I 903 -75.04 1.93 -16.63
C ALA I 903 -74.61 1.95 -15.18
N TYR I 904 -73.93 0.91 -14.73
CA TYR I 904 -73.43 0.93 -13.36
C TYR I 904 -72.31 1.93 -13.22
N ARG I 905 -71.31 1.84 -14.08
CA ARG I 905 -70.14 2.70 -13.95
C ARG I 905 -70.50 4.18 -14.03
N PHE I 906 -71.68 4.53 -14.54
CA PHE I 906 -72.18 5.88 -14.34
C PHE I 906 -72.73 6.08 -12.94
N ASN I 907 -73.54 5.14 -12.46
CA ASN I 907 -73.98 5.23 -11.07
C ASN I 907 -72.81 5.35 -10.13
N GLY I 908 -71.68 4.74 -10.47
CA GLY I 908 -70.50 4.87 -9.65
C GLY I 908 -70.05 6.32 -9.52
N ILE I 909 -70.10 7.07 -10.61
CA ILE I 909 -69.65 8.45 -10.62
C ILE I 909 -70.79 9.43 -10.38
N GLY I 910 -71.99 8.93 -10.10
CA GLY I 910 -73.09 9.80 -9.74
C GLY I 910 -73.96 10.24 -10.90
N VAL I 911 -73.63 9.87 -12.12
CA VAL I 911 -74.48 10.16 -13.27
C VAL I 911 -75.51 9.06 -13.37
N THR I 912 -76.78 9.43 -13.27
CA THR I 912 -77.83 8.43 -13.34
C THR I 912 -77.80 7.71 -14.68
N GLN I 913 -78.06 6.41 -14.64
CA GLN I 913 -77.93 5.55 -15.80
C GLN I 913 -78.81 5.98 -16.96
N ASN I 914 -79.88 6.72 -16.72
CA ASN I 914 -80.71 7.15 -17.83
C ASN I 914 -79.95 8.02 -18.80
N VAL I 915 -78.79 8.54 -18.39
CA VAL I 915 -77.96 9.31 -19.36
C VAL I 915 -77.45 8.34 -20.44
N LEU I 916 -76.81 7.24 -20.05
CA LEU I 916 -76.21 6.31 -21.05
C LEU I 916 -77.28 5.68 -21.95
N TYR I 917 -78.40 5.21 -21.39
CA TYR I 917 -79.40 4.49 -22.22
C TYR I 917 -79.94 5.44 -23.30
N GLU I 918 -79.78 6.74 -23.09
CA GLU I 918 -80.25 7.74 -24.04
C GLU I 918 -79.11 8.23 -24.93
N ASN I 919 -77.91 8.36 -24.38
CA ASN I 919 -76.77 8.87 -25.12
C ASN I 919 -75.88 7.78 -25.70
N GLN I 920 -76.31 6.52 -25.62
CA GLN I 920 -75.41 5.42 -25.94
C GLN I 920 -74.69 5.62 -27.28
N LYS I 921 -75.45 5.88 -28.35
CA LYS I 921 -74.84 6.05 -29.66
C LYS I 921 -73.76 7.12 -29.63
N LEU I 922 -74.08 8.27 -29.06
CA LEU I 922 -73.08 9.33 -28.93
C LEU I 922 -71.87 8.83 -28.15
N ILE I 923 -72.10 8.25 -26.97
CA ILE I 923 -70.98 7.80 -26.15
C ILE I 923 -70.16 6.77 -26.90
N ALA I 924 -70.79 5.99 -27.77
CA ALA I 924 -70.06 5.05 -28.58
C ALA I 924 -69.00 5.76 -29.40
N ASN I 925 -69.41 6.77 -30.17
CA ASN I 925 -68.48 7.46 -31.06
C ASN I 925 -67.38 8.14 -30.27
N GLN I 926 -67.74 8.86 -29.21
CA GLN I 926 -66.73 9.50 -28.39
C GLN I 926 -65.72 8.51 -27.89
N PHE I 927 -66.18 7.32 -27.51
CA PHE I 927 -65.23 6.29 -27.09
C PHE I 927 -64.31 5.92 -28.23
N ASN I 928 -64.90 5.47 -29.35
CA ASN I 928 -64.10 4.98 -30.47
C ASN I 928 -63.14 6.04 -30.95
N SER I 929 -63.64 7.24 -31.23
CA SER I 929 -62.78 8.32 -31.68
C SER I 929 -61.72 8.66 -30.65
N ALA I 930 -61.98 8.39 -29.38
CA ALA I 930 -60.95 8.56 -28.37
C ALA I 930 -59.89 7.48 -28.50
N ILE I 931 -60.30 6.24 -28.74
CA ILE I 931 -59.34 5.17 -28.88
C ILE I 931 -58.41 5.44 -30.06
N GLY I 932 -58.96 5.93 -31.17
CA GLY I 932 -58.15 6.18 -32.34
C GLY I 932 -56.97 7.07 -32.04
N LYS I 933 -57.23 8.21 -31.39
CA LYS I 933 -56.15 9.16 -31.09
C LYS I 933 -55.11 8.56 -30.17
N ILE I 934 -55.44 7.50 -29.43
CA ILE I 934 -54.43 6.87 -28.59
C ILE I 934 -53.34 6.27 -29.46
N GLN I 935 -53.71 5.77 -30.64
CA GLN I 935 -52.72 5.28 -31.58
C GLN I 935 -51.71 6.36 -31.92
N ASP I 936 -52.18 7.49 -32.42
CA ASP I 936 -51.29 8.54 -32.87
C ASP I 936 -50.57 9.18 -31.71
N SER I 937 -51.23 9.31 -30.56
CA SER I 937 -50.55 9.76 -29.35
C SER I 937 -49.29 8.95 -29.10
N LEU I 938 -49.38 7.64 -29.29
CA LEU I 938 -48.21 6.78 -29.24
C LEU I 938 -47.45 6.82 -30.56
N SER I 939 -48.18 6.79 -31.68
CA SER I 939 -47.54 6.59 -32.96
C SER I 939 -46.64 7.76 -33.33
N SER I 940 -47.09 8.98 -33.07
CA SER I 940 -46.44 10.18 -33.57
C SER I 940 -45.46 10.80 -32.58
N THR I 941 -45.35 10.27 -31.36
CA THR I 941 -44.44 10.82 -30.37
C THR I 941 -43.79 9.68 -29.62
N ALA I 942 -42.46 9.72 -29.52
CA ALA I 942 -41.69 8.67 -28.86
C ALA I 942 -41.37 8.97 -27.41
N SER I 943 -41.79 10.13 -26.89
CA SER I 943 -41.48 10.50 -25.52
C SER I 943 -42.54 10.06 -24.51
N ALA I 944 -43.68 9.56 -24.97
CA ALA I 944 -44.72 9.11 -24.03
C ALA I 944 -44.22 7.94 -23.19
N LEU I 945 -43.40 7.08 -23.77
CA LEU I 945 -42.90 5.89 -23.11
C LEU I 945 -41.63 6.14 -22.33
N GLY I 946 -41.22 7.40 -22.19
CA GLY I 946 -39.97 7.71 -21.51
C GLY I 946 -39.81 6.97 -20.19
N LYS I 947 -40.89 6.86 -19.42
CA LYS I 947 -40.81 6.16 -18.14
C LYS I 947 -40.23 4.77 -18.31
N LEU I 948 -40.82 3.97 -19.20
CA LEU I 948 -40.22 2.70 -19.56
C LEU I 948 -38.83 2.90 -20.14
N GLN I 949 -38.72 3.78 -21.12
CA GLN I 949 -37.45 3.97 -21.81
C GLN I 949 -36.35 4.37 -20.84
N ASP I 950 -36.69 5.13 -19.81
CA ASP I 950 -35.69 5.51 -18.82
C ASP I 950 -35.23 4.30 -18.02
N VAL I 951 -36.16 3.45 -17.62
CA VAL I 951 -35.80 2.24 -16.88
C VAL I 951 -34.83 1.40 -17.67
N VAL I 952 -35.18 1.11 -18.93
CA VAL I 952 -34.33 0.24 -19.75
C VAL I 952 -32.96 0.86 -19.93
N ASN I 953 -32.91 2.17 -20.18
CA ASN I 953 -31.63 2.83 -20.36
C ASN I 953 -30.77 2.74 -19.12
N GLN I 954 -31.31 3.14 -17.97
CA GLN I 954 -30.52 3.17 -16.75
C GLN I 954 -29.94 1.80 -16.43
N ASN I 955 -30.69 0.73 -16.72
CA ASN I 955 -30.14 -0.60 -16.55
C ASN I 955 -28.98 -0.82 -17.49
N ALA I 956 -29.21 -0.65 -18.79
CA ALA I 956 -28.12 -0.77 -19.75
C ALA I 956 -27.05 0.27 -19.49
N GLN I 957 -27.41 1.41 -18.92
CA GLN I 957 -26.41 2.41 -18.54
C GLN I 957 -25.39 1.82 -17.58
N ALA I 958 -25.84 1.47 -16.37
CA ALA I 958 -24.90 1.03 -15.35
C ALA I 958 -24.09 -0.16 -15.80
N LEU I 959 -24.70 -1.04 -16.60
CA LEU I 959 -23.94 -2.18 -17.14
C LEU I 959 -22.76 -1.68 -17.95
N ASN I 960 -22.99 -0.75 -18.87
CA ASN I 960 -21.86 -0.15 -19.58
C ASN I 960 -20.82 0.39 -18.61
N THR I 961 -21.26 1.23 -17.67
CA THR I 961 -20.35 1.73 -16.66
C THR I 961 -19.65 0.59 -15.94
N LEU I 962 -20.42 -0.41 -15.51
CA LEU I 962 -19.82 -1.53 -14.81
C LEU I 962 -18.77 -2.22 -15.67
N VAL I 963 -19.03 -2.34 -16.96
CA VAL I 963 -18.05 -2.95 -17.85
C VAL I 963 -16.83 -2.05 -17.97
N LYS I 964 -17.05 -0.77 -18.29
CA LYS I 964 -15.92 0.13 -18.47
C LYS I 964 -15.03 0.18 -17.25
N GLN I 965 -15.55 -0.14 -16.08
CA GLN I 965 -14.69 -0.20 -14.90
C GLN I 965 -13.64 -1.28 -15.02
N LEU I 966 -13.85 -2.28 -15.87
CA LEU I 966 -12.82 -3.29 -16.05
C LEU I 966 -11.56 -2.71 -16.67
N SER I 967 -11.69 -1.66 -17.47
CA SER I 967 -10.55 -1.11 -18.18
C SER I 967 -9.82 -0.03 -17.40
N SER I 968 -10.20 0.23 -16.16
CA SER I 968 -9.57 1.28 -15.39
C SER I 968 -8.43 0.73 -14.55
N ASN I 969 -7.37 1.53 -14.41
CA ASN I 969 -6.17 1.05 -13.73
C ASN I 969 -6.41 0.89 -12.24
N PHE I 970 -7.21 1.78 -11.65
CA PHE I 970 -7.43 1.77 -10.20
C PHE I 970 -6.12 1.85 -9.43
N GLY I 971 -5.13 2.50 -10.01
CA GLY I 971 -3.81 2.59 -9.42
C GLY I 971 -2.90 1.45 -9.77
N ALA I 972 -3.43 0.33 -10.25
CA ALA I 972 -2.58 -0.77 -10.68
C ALA I 972 -1.91 -0.41 -12.00
N ILE I 973 -0.84 -1.16 -12.31
CA ILE I 973 -0.03 -0.85 -13.48
C ILE I 973 -0.78 -1.04 -14.79
N SER I 974 -1.79 -1.92 -14.82
CA SER I 974 -2.58 -2.08 -16.03
C SER I 974 -3.93 -2.68 -15.67
N SER I 975 -4.87 -2.56 -16.60
CA SER I 975 -6.21 -3.06 -16.38
C SER I 975 -6.39 -4.48 -16.88
N VAL I 976 -5.40 -5.05 -17.55
CA VAL I 976 -5.46 -6.44 -17.97
C VAL I 976 -4.90 -7.29 -16.85
N LEU I 977 -5.73 -8.16 -16.29
CA LEU I 977 -5.32 -8.91 -15.11
C LEU I 977 -4.12 -9.79 -15.37
N ASN I 978 -3.92 -10.21 -16.62
CA ASN I 978 -2.80 -11.07 -16.92
C ASN I 978 -1.49 -10.30 -17.06
N ASP I 979 -1.56 -9.07 -17.57
CA ASP I 979 -0.34 -8.29 -17.76
C ASP I 979 0.40 -8.08 -16.45
N ILE I 980 -0.33 -7.76 -15.38
CA ILE I 980 0.30 -7.67 -14.08
C ILE I 980 0.96 -8.98 -13.72
N LEU I 981 0.33 -10.10 -14.09
CA LEU I 981 0.96 -11.38 -13.84
C LEU I 981 2.09 -11.64 -14.82
N SER I 982 1.99 -11.14 -16.04
CA SER I 982 3.03 -11.42 -17.03
C SER I 982 4.28 -10.63 -16.72
N ARG I 983 4.15 -9.32 -16.53
CA ARG I 983 5.33 -8.49 -16.35
C ARG I 983 6.04 -8.77 -15.04
N LEU I 984 5.29 -8.78 -13.95
CA LEU I 984 5.87 -8.74 -12.62
C LEU I 984 5.91 -10.12 -11.99
N ASP I 985 6.95 -10.35 -11.21
CA ASP I 985 6.96 -11.51 -10.35
C ASP I 985 5.81 -11.42 -9.36
N LYS I 986 5.30 -12.56 -8.94
CA LYS I 986 4.09 -12.48 -8.10
C LYS I 986 4.31 -11.67 -6.84
N VAL I 987 5.39 -11.95 -6.11
CA VAL I 987 5.53 -11.30 -4.77
C VAL I 987 4.92 -9.91 -4.80
N GLU I 988 5.30 -9.10 -5.77
CA GLU I 988 4.86 -7.72 -5.88
C GLU I 988 3.50 -7.64 -6.57
N ALA I 989 3.29 -8.45 -7.61
CA ALA I 989 2.03 -8.41 -8.34
C ALA I 989 0.83 -8.64 -7.44
N GLU I 990 1.03 -9.30 -6.29
CA GLU I 990 -0.04 -9.44 -5.32
C GLU I 990 -0.60 -8.08 -4.95
N VAL I 991 0.27 -7.15 -4.56
CA VAL I 991 -0.18 -5.84 -4.13
C VAL I 991 -0.88 -5.12 -5.27
N GLN I 992 -0.37 -5.28 -6.49
CA GLN I 992 -1.02 -4.66 -7.63
C GLN I 992 -2.44 -5.17 -7.79
N ILE I 993 -2.62 -6.48 -7.85
CA ILE I 993 -3.94 -7.05 -8.12
C ILE I 993 -4.94 -6.62 -7.06
N ASP I 994 -4.46 -6.36 -5.84
CA ASP I 994 -5.34 -5.77 -4.84
C ASP I 994 -6.02 -4.52 -5.37
N ARG I 995 -5.22 -3.57 -5.85
CA ARG I 995 -5.81 -2.34 -6.35
C ARG I 995 -6.80 -2.60 -7.47
N LEU I 996 -6.57 -3.63 -8.28
CA LEU I 996 -7.62 -4.03 -9.21
C LEU I 996 -8.81 -4.60 -8.46
N ILE I 997 -8.57 -5.60 -7.63
CA ILE I 997 -9.68 -6.25 -6.93
C ILE I 997 -10.41 -5.22 -6.08
N THR I 998 -9.70 -4.58 -5.16
CA THR I 998 -10.32 -3.56 -4.33
C THR I 998 -11.10 -2.57 -5.17
N GLY I 999 -10.53 -2.15 -6.27
CA GLY I 999 -11.25 -1.28 -7.17
C GLY I 999 -12.47 -1.96 -7.75
N ARG I 1000 -12.28 -3.09 -8.41
CA ARG I 1000 -13.39 -3.77 -9.06
C ARG I 1000 -14.42 -4.24 -8.04
N LEU I 1001 -13.95 -4.95 -7.01
CA LEU I 1001 -14.86 -5.46 -6.00
C LEU I 1001 -15.71 -4.35 -5.41
N GLN I 1002 -15.09 -3.20 -5.13
CA GLN I 1002 -15.89 -2.03 -4.78
C GLN I 1002 -16.85 -1.68 -5.89
N SER I 1003 -16.36 -1.66 -7.13
CA SER I 1003 -17.18 -1.20 -8.24
C SER I 1003 -18.40 -2.07 -8.44
N LEU I 1004 -18.36 -3.32 -7.98
CA LEU I 1004 -19.60 -4.11 -7.97
C LEU I 1004 -20.56 -3.59 -6.93
N GLN I 1005 -20.09 -3.42 -5.68
CA GLN I 1005 -20.98 -2.97 -4.62
C GLN I 1005 -21.65 -1.67 -5.01
N THR I 1006 -20.94 -0.79 -5.70
CA THR I 1006 -21.59 0.38 -6.26
C THR I 1006 -22.73 -0.04 -7.18
N TYR I 1007 -22.43 -0.90 -8.15
CA TYR I 1007 -23.48 -1.33 -9.08
C TYR I 1007 -24.60 -2.05 -8.35
N VAL I 1008 -24.24 -2.97 -7.46
CA VAL I 1008 -25.26 -3.73 -6.75
C VAL I 1008 -26.14 -2.79 -5.94
N THR I 1009 -25.53 -1.89 -5.18
CA THR I 1009 -26.32 -0.97 -4.37
C THR I 1009 -27.25 -0.15 -5.24
N GLN I 1010 -26.79 0.29 -6.40
CA GLN I 1010 -27.66 1.01 -7.31
C GLN I 1010 -28.88 0.18 -7.67
N GLN I 1011 -28.65 -1.07 -8.06
CA GLN I 1011 -29.75 -1.93 -8.46
C GLN I 1011 -30.74 -2.10 -7.33
N LEU I 1012 -30.23 -2.39 -6.12
CA LEU I 1012 -31.11 -2.51 -4.96
C LEU I 1012 -31.97 -1.27 -4.81
N ILE I 1013 -31.35 -0.10 -4.80
CA ILE I 1013 -32.09 1.14 -4.67
C ILE I 1013 -33.06 1.29 -5.83
N ARG I 1014 -32.57 1.08 -7.05
CA ARG I 1014 -33.43 1.27 -8.21
C ARG I 1014 -34.56 0.26 -8.22
N ALA I 1015 -34.28 -0.99 -7.85
CA ALA I 1015 -35.35 -1.98 -7.78
C ALA I 1015 -36.39 -1.58 -6.75
N ALA I 1016 -35.93 -1.02 -5.62
CA ALA I 1016 -36.88 -0.58 -4.60
C ALA I 1016 -37.81 0.49 -5.12
N GLU I 1017 -37.37 1.27 -6.09
CA GLU I 1017 -38.28 2.18 -6.76
C GLU I 1017 -39.29 1.42 -7.61
N ILE I 1018 -38.80 0.53 -8.47
CA ILE I 1018 -39.68 -0.29 -9.28
C ILE I 1018 -40.63 -1.06 -8.39
N ARG I 1019 -40.12 -1.65 -7.32
CA ARG I 1019 -40.97 -2.34 -6.36
C ARG I 1019 -42.09 -1.44 -5.87
N ALA I 1020 -41.81 -0.15 -5.70
CA ALA I 1020 -42.87 0.78 -5.35
C ALA I 1020 -43.79 1.03 -6.52
N SER I 1021 -43.21 1.21 -7.72
CA SER I 1021 -44.05 1.42 -8.89
C SER I 1021 -44.88 0.19 -9.21
N ALA I 1022 -44.33 -1.00 -8.97
CA ALA I 1022 -45.09 -2.22 -9.25
C ALA I 1022 -46.36 -2.26 -8.41
N ASN I 1023 -46.26 -1.94 -7.12
CA ASN I 1023 -47.44 -1.92 -6.27
C ASN I 1023 -48.45 -0.90 -6.76
N LEU I 1024 -47.97 0.25 -7.23
CA LEU I 1024 -48.88 1.22 -7.80
C LEU I 1024 -49.66 0.63 -8.95
N ALA I 1025 -48.99 -0.13 -9.81
CA ALA I 1025 -49.71 -0.83 -10.87
C ALA I 1025 -50.67 -1.84 -10.28
N ALA I 1026 -50.15 -2.77 -9.48
CA ALA I 1026 -50.99 -3.79 -8.87
C ALA I 1026 -52.15 -3.17 -8.11
N THR I 1027 -51.97 -1.97 -7.59
CA THR I 1027 -53.08 -1.27 -6.97
C THR I 1027 -54.07 -0.82 -8.03
N LYS I 1028 -53.58 -0.15 -9.08
CA LYS I 1028 -54.47 0.26 -10.16
C LYS I 1028 -55.12 -0.94 -10.80
N MET I 1029 -54.32 -1.93 -11.18
CA MET I 1029 -54.85 -3.13 -11.81
C MET I 1029 -55.99 -3.71 -11.00
N SER I 1030 -55.83 -3.77 -9.68
CA SER I 1030 -56.90 -4.30 -8.84
C SER I 1030 -58.04 -3.32 -8.75
N GLU I 1031 -57.76 -2.08 -8.36
CA GLU I 1031 -58.85 -1.15 -8.10
C GLU I 1031 -59.41 -0.58 -9.38
N CYS I 1032 -58.54 -0.13 -10.27
CA CYS I 1032 -59.00 0.62 -11.44
C CYS I 1032 -59.56 -0.33 -12.49
N VAL I 1033 -58.74 -1.25 -12.99
CA VAL I 1033 -59.21 -2.21 -13.98
C VAL I 1033 -60.30 -3.11 -13.41
N LEU I 1034 -59.96 -3.87 -12.37
CA LEU I 1034 -60.89 -4.89 -11.90
C LEU I 1034 -62.12 -4.30 -11.25
N GLY I 1035 -61.99 -3.19 -10.55
CA GLY I 1035 -63.14 -2.53 -9.98
C GLY I 1035 -63.44 -1.23 -10.69
N GLN I 1036 -64.10 -0.32 -9.98
CA GLN I 1036 -64.21 1.07 -10.40
C GLN I 1036 -63.73 1.94 -9.27
N SER I 1037 -62.83 2.87 -9.56
CA SER I 1037 -62.16 3.62 -8.52
C SER I 1037 -62.97 4.86 -8.14
N LYS I 1038 -63.14 5.07 -6.85
CA LYS I 1038 -63.70 6.30 -6.31
C LYS I 1038 -62.64 7.30 -5.90
N ARG I 1039 -61.36 6.96 -6.08
CA ARG I 1039 -60.28 7.82 -5.66
C ARG I 1039 -60.02 8.85 -6.73
N VAL I 1040 -60.20 10.13 -6.40
CA VAL I 1040 -60.13 11.17 -7.40
C VAL I 1040 -58.73 11.24 -7.97
N ASP I 1041 -58.63 11.19 -9.28
CA ASP I 1041 -57.38 11.34 -10.02
C ASP I 1041 -56.34 10.32 -9.62
N PHE I 1042 -56.78 9.18 -9.09
CA PHE I 1042 -55.89 8.04 -8.98
C PHE I 1042 -55.78 7.32 -10.31
N CYS I 1043 -56.90 7.17 -11.00
CA CYS I 1043 -56.95 6.57 -12.32
C CYS I 1043 -56.72 7.58 -13.43
N GLY I 1044 -56.39 8.81 -13.11
CA GLY I 1044 -56.23 9.81 -14.14
C GLY I 1044 -57.40 10.78 -14.15
N LYS I 1045 -57.11 11.98 -14.67
CA LYS I 1045 -58.01 13.11 -14.50
C LYS I 1045 -59.42 12.80 -14.98
N GLY I 1046 -60.40 13.18 -14.17
CA GLY I 1046 -61.80 12.98 -14.48
C GLY I 1046 -62.41 11.88 -13.62
N TYR I 1047 -63.73 11.83 -13.66
CA TYR I 1047 -64.44 10.71 -13.07
C TYR I 1047 -64.13 9.46 -13.87
N HIS I 1048 -63.81 8.38 -13.18
CA HIS I 1048 -63.31 7.19 -13.83
C HIS I 1048 -64.43 6.20 -14.13
N LEU I 1049 -64.41 5.67 -15.36
CA LEU I 1049 -65.37 4.64 -15.73
C LEU I 1049 -64.73 3.27 -15.70
N MET I 1050 -63.76 3.02 -16.57
CA MET I 1050 -63.12 1.72 -16.60
C MET I 1050 -61.70 1.90 -17.12
N SER I 1051 -60.88 0.89 -16.91
CA SER I 1051 -59.51 0.92 -17.39
C SER I 1051 -59.18 -0.35 -18.15
N PHE I 1052 -58.34 -0.19 -19.15
CA PHE I 1052 -57.93 -1.28 -20.03
C PHE I 1052 -56.43 -1.49 -19.89
N PRO I 1053 -55.97 -2.56 -19.29
CA PRO I 1053 -54.53 -2.77 -19.21
C PRO I 1053 -53.97 -3.13 -20.56
N GLN I 1054 -52.74 -2.71 -20.80
CA GLN I 1054 -52.01 -3.09 -22.01
C GLN I 1054 -50.56 -3.31 -21.61
N SER I 1055 -49.98 -4.40 -22.09
CA SER I 1055 -48.60 -4.68 -21.72
C SER I 1055 -47.66 -3.84 -22.54
N ALA I 1056 -46.50 -3.56 -21.95
CA ALA I 1056 -45.41 -2.88 -22.62
C ALA I 1056 -44.12 -3.42 -22.04
N PRO I 1057 -43.01 -3.34 -22.78
CA PRO I 1057 -41.82 -4.08 -22.35
C PRO I 1057 -41.39 -3.68 -20.96
N HIS I 1058 -41.28 -4.66 -20.07
CA HIS I 1058 -40.93 -4.42 -18.68
C HIS I 1058 -41.78 -3.32 -18.08
N GLY I 1059 -43.06 -3.33 -18.41
CA GLY I 1059 -43.95 -2.30 -17.92
C GLY I 1059 -45.38 -2.64 -18.22
N VAL I 1060 -46.27 -1.70 -17.93
CA VAL I 1060 -47.68 -1.88 -18.23
C VAL I 1060 -48.27 -0.52 -18.55
N VAL I 1061 -49.30 -0.51 -19.39
CA VAL I 1061 -49.93 0.71 -19.85
C VAL I 1061 -51.43 0.57 -19.69
N PHE I 1062 -52.04 1.52 -19.01
CA PHE I 1062 -53.48 1.52 -18.77
C PHE I 1062 -54.14 2.54 -19.67
N LEU I 1063 -55.28 2.18 -20.21
CA LEU I 1063 -56.12 3.12 -20.93
C LEU I 1063 -57.30 3.42 -20.03
N HIS I 1064 -57.32 4.60 -19.45
CA HIS I 1064 -58.35 4.98 -18.51
C HIS I 1064 -59.48 5.65 -19.27
N VAL I 1065 -60.67 5.06 -19.25
CA VAL I 1065 -61.82 5.67 -19.88
C VAL I 1065 -62.52 6.49 -18.81
N THR I 1066 -62.48 7.81 -18.95
CA THR I 1066 -62.92 8.70 -17.90
C THR I 1066 -64.03 9.60 -18.42
N TYR I 1067 -64.77 10.17 -17.49
CA TYR I 1067 -65.96 10.95 -17.78
C TYR I 1067 -65.68 12.40 -17.39
N VAL I 1068 -65.56 13.26 -18.38
CA VAL I 1068 -65.24 14.66 -18.13
C VAL I 1068 -66.41 15.51 -18.58
N PRO I 1069 -67.05 16.27 -17.69
CA PRO I 1069 -68.14 17.14 -18.10
C PRO I 1069 -67.66 18.29 -18.98
N ALA I 1070 -68.60 18.87 -19.72
CA ALA I 1070 -68.20 19.87 -20.71
C ALA I 1070 -68.88 21.23 -20.54
N GLN I 1071 -70.13 21.33 -20.95
CA GLN I 1071 -70.77 22.62 -21.19
C GLN I 1071 -71.58 23.05 -19.96
N GLU I 1072 -71.36 24.27 -19.52
CA GLU I 1072 -71.94 24.79 -18.30
C GLU I 1072 -73.06 25.76 -18.61
N LYS I 1073 -74.02 25.84 -17.69
CA LYS I 1073 -75.04 26.89 -17.74
C LYS I 1073 -75.24 27.46 -16.36
N ASN I 1074 -74.93 28.75 -16.21
CA ASN I 1074 -75.14 29.43 -14.94
C ASN I 1074 -76.59 29.30 -14.51
N PHE I 1075 -76.78 28.86 -13.27
CA PHE I 1075 -78.12 28.70 -12.70
C PHE I 1075 -78.18 29.35 -11.34
N THR I 1076 -79.22 30.13 -11.11
CA THR I 1076 -79.54 30.53 -9.76
C THR I 1076 -80.00 29.32 -8.99
N THR I 1077 -79.45 29.12 -7.80
CA THR I 1077 -79.72 27.95 -7.00
C THR I 1077 -80.26 28.36 -5.64
N ALA I 1078 -80.88 27.40 -4.96
CA ALA I 1078 -81.28 27.57 -3.59
C ALA I 1078 -81.06 26.27 -2.85
N PRO I 1079 -80.59 26.32 -1.60
CA PRO I 1079 -80.36 25.08 -0.86
C PRO I 1079 -81.63 24.38 -0.46
N ALA I 1080 -82.76 25.06 -0.43
CA ALA I 1080 -83.99 24.48 0.07
C ALA I 1080 -85.16 25.26 -0.49
N ILE I 1081 -86.35 24.69 -0.36
CA ILE I 1081 -87.56 25.35 -0.83
C ILE I 1081 -88.64 25.25 0.23
N CYS I 1082 -89.10 26.41 0.71
CA CYS I 1082 -90.30 26.42 1.56
C CYS I 1082 -91.50 26.04 0.72
N HIS I 1083 -92.32 25.13 1.24
CA HIS I 1083 -93.60 24.96 0.57
C HIS I 1083 -94.70 25.51 1.44
N ASP I 1084 -95.07 24.77 2.47
CA ASP I 1084 -96.11 25.20 3.39
C ASP I 1084 -95.53 25.88 4.61
N GLY I 1085 -94.23 26.12 4.62
CA GLY I 1085 -93.49 26.43 5.82
C GLY I 1085 -92.61 25.30 6.26
N LYS I 1086 -92.89 24.09 5.81
CA LYS I 1086 -91.89 23.04 5.85
C LYS I 1086 -90.79 23.37 4.86
N ALA I 1087 -89.65 22.75 5.05
CA ALA I 1087 -88.55 22.88 4.11
C ALA I 1087 -88.42 21.60 3.33
N HIS I 1088 -88.06 21.71 2.05
CA HIS I 1088 -87.86 20.54 1.20
C HIS I 1088 -86.43 20.54 0.71
N PHE I 1089 -85.73 19.46 0.96
CA PHE I 1089 -84.38 19.48 0.45
C PHE I 1089 -84.24 18.41 -0.63
N PRO I 1090 -83.37 18.61 -1.60
CA PRO I 1090 -83.23 17.62 -2.68
C PRO I 1090 -82.77 16.29 -2.11
N ARG I 1091 -83.47 15.22 -2.46
CA ARG I 1091 -83.02 13.91 -2.00
C ARG I 1091 -81.65 13.58 -2.55
N GLU I 1092 -81.45 13.78 -3.84
CA GLU I 1092 -80.15 13.59 -4.47
C GLU I 1092 -79.98 14.67 -5.52
N GLY I 1093 -78.80 15.25 -5.58
CA GLY I 1093 -78.60 16.41 -6.43
C GLY I 1093 -79.03 17.66 -5.71
N VAL I 1094 -79.40 18.68 -6.49
CA VAL I 1094 -79.73 20.00 -5.95
C VAL I 1094 -80.83 20.68 -6.74
N PHE I 1095 -81.40 21.70 -6.10
CA PHE I 1095 -82.35 22.59 -6.75
C PHE I 1095 -81.61 23.58 -7.61
N VAL I 1096 -82.19 23.90 -8.76
CA VAL I 1096 -81.75 25.01 -9.58
C VAL I 1096 -82.97 25.63 -10.21
N SER I 1097 -82.79 26.84 -10.76
CA SER I 1097 -83.93 27.55 -11.39
C SER I 1097 -83.47 28.29 -12.65
N ASN I 1098 -83.88 27.80 -13.83
CA ASN I 1098 -83.54 28.49 -15.12
C ASN I 1098 -84.19 29.87 -15.11
N GLY I 1099 -85.45 29.96 -14.65
CA GLY I 1099 -86.17 31.25 -14.58
C GLY I 1099 -87.02 31.29 -13.33
N THR I 1100 -88.33 31.03 -13.45
CA THR I 1100 -89.15 30.92 -12.22
C THR I 1100 -89.22 29.46 -11.74
N HIS I 1101 -89.32 28.50 -12.67
CA HIS I 1101 -89.52 27.07 -12.27
C HIS I 1101 -88.29 26.43 -11.62
N TRP I 1102 -88.30 26.29 -10.29
CA TRP I 1102 -87.24 25.60 -9.52
C TRP I 1102 -87.16 24.13 -9.96
N PHE I 1103 -85.99 23.73 -10.47
CA PHE I 1103 -85.73 22.39 -10.95
C PHE I 1103 -84.76 21.70 -10.02
N VAL I 1104 -85.14 20.54 -9.55
CA VAL I 1104 -84.21 19.64 -8.92
C VAL I 1104 -83.52 18.85 -10.01
N THR I 1105 -82.24 18.57 -9.82
CA THR I 1105 -81.53 17.80 -10.83
C THR I 1105 -80.32 17.14 -10.19
N GLN I 1106 -79.80 16.15 -10.88
CA GLN I 1106 -78.58 15.49 -10.46
C GLN I 1106 -77.39 16.43 -10.64
N ARG I 1107 -76.34 16.16 -9.90
CA ARG I 1107 -75.26 17.13 -9.79
C ARG I 1107 -74.43 17.21 -11.07
N ASN I 1108 -73.92 16.08 -11.54
CA ASN I 1108 -72.87 16.08 -12.55
C ASN I 1108 -73.38 16.07 -13.98
N PHE I 1109 -74.68 16.16 -14.19
CA PHE I 1109 -75.23 16.28 -15.53
C PHE I 1109 -76.55 17.01 -15.39
N TYR I 1110 -76.90 17.78 -16.41
CA TYR I 1110 -78.08 18.63 -16.32
C TYR I 1110 -79.27 17.88 -16.90
N GLU I 1111 -80.20 17.50 -16.04
CA GLU I 1111 -81.45 16.88 -16.44
C GLU I 1111 -82.54 17.46 -15.57
N PRO I 1112 -83.07 18.61 -15.93
CA PRO I 1112 -84.05 19.27 -15.07
C PRO I 1112 -85.29 18.43 -14.91
N GLN I 1113 -85.86 18.47 -13.71
CA GLN I 1113 -87.03 17.67 -13.40
C GLN I 1113 -87.97 18.49 -12.53
N ILE I 1114 -89.26 18.41 -12.81
CA ILE I 1114 -90.23 19.10 -11.99
C ILE I 1114 -90.10 18.60 -10.56
N ILE I 1115 -90.27 19.49 -9.60
CA ILE I 1115 -90.04 19.17 -8.21
C ILE I 1115 -91.29 18.54 -7.62
N THR I 1116 -91.17 17.31 -7.15
CA THR I 1116 -92.25 16.64 -6.47
C THR I 1116 -91.70 16.03 -5.18
N THR I 1117 -92.61 15.71 -4.27
CA THR I 1117 -92.19 15.19 -2.98
C THR I 1117 -91.34 13.94 -3.09
N ASP I 1118 -91.44 13.21 -4.20
CA ASP I 1118 -90.56 12.07 -4.37
C ASP I 1118 -89.14 12.50 -4.71
N ASN I 1119 -88.92 13.78 -5.02
CA ASN I 1119 -87.56 14.27 -5.20
C ASN I 1119 -86.99 14.88 -3.94
N THR I 1120 -87.81 15.10 -2.91
CA THR I 1120 -87.39 15.92 -1.78
C THR I 1120 -87.91 15.35 -0.48
N PHE I 1121 -87.07 15.36 0.55
CA PHE I 1121 -87.49 14.98 1.88
C PHE I 1121 -87.63 16.22 2.74
N VAL I 1122 -88.63 16.22 3.59
CA VAL I 1122 -88.92 17.37 4.43
C VAL I 1122 -88.04 17.35 5.66
N SER I 1123 -87.63 18.52 6.12
CA SER I 1123 -86.91 18.61 7.40
C SER I 1123 -87.14 19.97 8.03
N GLY I 1124 -87.22 19.99 9.35
CA GLY I 1124 -87.35 21.23 10.09
C GLY I 1124 -88.47 22.09 9.58
N ASN I 1125 -88.21 23.39 9.51
CA ASN I 1125 -89.12 24.33 8.87
C ASN I 1125 -88.30 25.54 8.42
N CYS I 1126 -88.98 26.59 7.98
CA CYS I 1126 -88.33 27.59 7.13
C CYS I 1126 -87.36 28.51 7.86
N ASP I 1127 -87.70 29.00 9.05
CA ASP I 1127 -87.01 30.15 9.61
C ASP I 1127 -85.50 29.95 9.77
N VAL I 1128 -85.01 28.73 9.69
CA VAL I 1128 -83.61 28.43 9.95
C VAL I 1128 -82.77 28.48 8.69
N VAL I 1129 -83.09 27.62 7.72
CA VAL I 1129 -82.21 27.42 6.57
C VAL I 1129 -81.93 28.74 5.88
N ILE I 1130 -80.65 29.06 5.72
CA ILE I 1130 -80.27 30.29 5.06
C ILE I 1130 -80.55 30.19 3.57
N GLY I 1131 -81.15 31.24 3.01
CA GLY I 1131 -81.30 31.28 1.58
C GLY I 1131 -82.38 30.39 1.01
N ILE I 1132 -83.25 29.86 1.85
CA ILE I 1132 -84.37 29.09 1.33
C ILE I 1132 -85.30 30.01 0.55
N VAL I 1133 -85.95 29.48 -0.46
CA VAL I 1133 -86.76 30.28 -1.37
C VAL I 1133 -88.16 29.73 -1.45
N ASN I 1134 -89.09 30.57 -1.88
CA ASN I 1134 -90.47 30.13 -2.06
C ASN I 1134 -90.62 29.34 -3.35
N ASN I 1135 -91.52 28.37 -3.32
CA ASN I 1135 -92.00 27.69 -4.51
C ASN I 1135 -93.14 26.80 -4.07
N THR I 1136 -93.72 26.07 -5.01
CA THR I 1136 -94.74 25.06 -4.73
C THR I 1136 -94.21 23.73 -5.21
N VAL I 1137 -94.06 22.78 -4.30
CA VAL I 1137 -93.56 21.46 -4.65
C VAL I 1137 -94.75 20.61 -5.06
N TYR I 1138 -94.78 20.25 -6.33
CA TYR I 1138 -95.91 19.54 -6.88
C TYR I 1138 -96.08 18.20 -6.20
N ASP I 1139 -97.32 17.76 -6.06
CA ASP I 1139 -97.62 16.46 -5.47
C ASP I 1139 -97.89 15.45 -6.55
N PRO I 1140 -97.21 14.30 -6.55
CA PRO I 1140 -97.67 13.20 -7.40
C PRO I 1140 -99.08 12.76 -7.07
N LEU I 1141 -99.38 12.66 -5.79
CA LEU I 1141 -100.61 12.02 -5.36
C LEU I 1141 -101.84 12.89 -5.61
N GLN I 1142 -101.78 14.16 -5.19
CA GLN I 1142 -102.93 15.07 -5.28
C GLN I 1142 -103.69 15.01 -6.60
N PRO I 1143 -103.06 15.06 -7.77
CA PRO I 1143 -103.86 14.96 -9.00
C PRO I 1143 -104.53 13.62 -9.14
N GLU I 1144 -103.84 12.54 -8.76
CA GLU I 1144 -104.43 11.21 -8.86
C GLU I 1144 -105.77 11.15 -8.14
N LEU I 1145 -105.94 11.96 -7.10
CA LEU I 1145 -107.16 11.91 -6.31
C LEU I 1145 -108.40 12.17 -7.15
N ASP I 1146 -108.50 13.38 -7.70
CA ASP I 1146 -109.81 14.06 -7.73
C ASP I 1146 -110.92 13.18 -8.27
N SER I 1147 -110.59 12.25 -9.14
CA SER I 1147 -111.60 11.29 -9.54
C SER I 1147 -111.82 10.30 -8.41
N GLN J 1 47.93 -7.10 -59.86
CA GLN J 1 48.30 -7.96 -60.97
C GLN J 1 49.14 -7.24 -62.00
N GLN J 2 48.86 -5.95 -62.19
CA GLN J 2 49.35 -5.26 -63.37
C GLN J 2 49.59 -3.79 -63.04
N LEU J 3 50.63 -3.22 -63.67
CA LEU J 3 51.03 -1.84 -63.42
C LEU J 3 51.15 -1.12 -64.74
N VAL J 4 50.61 0.09 -64.82
CA VAL J 4 50.70 0.90 -66.02
C VAL J 4 51.36 2.23 -65.64
N GLU J 5 52.03 2.86 -66.62
CA GLU J 5 52.89 4.01 -66.36
C GLU J 5 52.45 5.19 -67.21
N SER J 6 52.78 6.39 -66.74
CA SER J 6 52.57 7.59 -67.55
C SER J 6 53.59 7.62 -68.68
N GLY J 7 53.33 8.49 -69.66
CA GLY J 7 54.14 8.51 -70.85
C GLY J 7 55.48 9.17 -70.62
N GLY J 8 56.52 8.52 -71.14
CA GLY J 8 57.84 9.09 -71.16
C GLY J 8 58.03 9.97 -72.39
N GLY J 9 59.12 10.72 -72.37
CA GLY J 9 59.37 11.65 -73.46
C GLY J 9 60.65 12.42 -73.25
N VAL J 10 60.91 13.34 -74.17
CA VAL J 10 62.13 14.15 -74.16
C VAL J 10 61.78 15.48 -73.50
N VAL J 11 62.46 15.77 -72.40
CA VAL J 11 62.23 16.97 -71.59
C VAL J 11 63.57 17.69 -71.48
N GLN J 12 63.53 19.06 -71.57
CA GLN J 12 64.73 19.85 -71.36
C GLN J 12 65.16 19.80 -69.90
N PRO J 13 66.47 19.92 -69.63
CA PRO J 13 66.96 19.86 -68.25
C PRO J 13 66.45 21.02 -67.39
N GLY J 14 66.47 20.79 -66.07
CA GLY J 14 65.95 21.73 -65.12
C GLY J 14 64.45 21.73 -64.95
N ARG J 15 63.73 20.97 -65.75
CA ARG J 15 62.27 21.00 -65.76
C ARG J 15 61.70 19.95 -64.79
N SER J 16 60.40 19.71 -64.92
CA SER J 16 59.69 18.78 -64.05
C SER J 16 58.71 17.98 -64.88
N LEU J 17 58.51 16.71 -64.50
CA LEU J 17 57.58 15.85 -65.22
C LEU J 17 56.97 14.83 -64.28
N ARG J 18 55.69 15.01 -63.96
CA ARG J 18 54.98 14.11 -63.04
C ARG J 18 54.86 12.72 -63.61
N LEU J 19 55.17 11.72 -62.80
CA LEU J 19 55.14 10.31 -63.18
C LEU J 19 53.95 9.64 -62.52
N SER J 20 53.06 9.12 -63.34
CA SER J 20 51.85 8.42 -62.91
C SER J 20 52.01 6.94 -63.16
N CYS J 21 51.60 6.13 -62.19
CA CYS J 21 51.66 4.69 -62.35
C CYS J 21 50.48 4.08 -61.60
N ALA J 22 49.57 3.47 -62.34
CA ALA J 22 48.34 2.94 -61.76
C ALA J 22 48.42 1.42 -61.64
N ALA J 23 47.81 0.91 -60.58
CA ALA J 23 47.82 -0.52 -60.31
C ALA J 23 46.52 -1.16 -60.81
N SER J 24 46.51 -2.49 -60.79
CA SER J 24 45.36 -3.29 -61.20
C SER J 24 45.54 -4.69 -60.65
N GLY J 25 44.41 -5.36 -60.43
CA GLY J 25 44.41 -6.66 -59.80
C GLY J 25 44.36 -6.64 -58.29
N PHE J 26 45.40 -6.14 -57.62
CA PHE J 26 45.26 -5.78 -56.22
C PHE J 26 45.71 -4.34 -56.06
N THR J 27 45.17 -3.71 -55.02
CA THR J 27 45.39 -2.31 -54.72
C THR J 27 46.85 -2.00 -54.43
N PHE J 28 47.22 -0.75 -54.75
CA PHE J 28 48.34 -0.09 -54.11
C PHE J 28 48.20 -0.02 -52.60
N SER J 29 46.97 0.16 -52.11
CA SER J 29 46.69 0.77 -50.82
C SER J 29 47.36 0.05 -49.65
N SER J 30 47.26 -1.28 -49.63
CA SER J 30 47.77 -2.00 -48.47
C SER J 30 49.29 -2.13 -48.51
N TYR J 31 49.91 -1.86 -49.65
CA TYR J 31 51.34 -2.07 -49.75
C TYR J 31 52.10 -0.75 -49.75
N ALA J 32 53.41 -0.86 -49.92
CA ALA J 32 54.27 0.25 -50.30
C ALA J 32 54.39 0.25 -51.82
N MET J 33 55.22 1.12 -52.38
CA MET J 33 55.60 0.99 -53.77
C MET J 33 56.91 1.75 -53.97
N HIS J 34 57.65 1.38 -55.01
CA HIS J 34 58.97 1.94 -55.26
C HIS J 34 59.07 2.44 -56.70
N TRP J 35 60.15 3.17 -56.95
CA TRP J 35 60.62 3.48 -58.29
C TRP J 35 62.08 3.07 -58.41
N VAL J 36 62.43 2.49 -59.55
CA VAL J 36 63.83 2.24 -59.86
C VAL J 36 64.13 2.75 -61.26
N ARG J 37 65.42 2.83 -61.56
CA ARG J 37 65.96 3.41 -62.77
C ARG J 37 66.83 2.37 -63.47
N GLN J 38 66.72 2.31 -64.80
CA GLN J 38 67.68 1.55 -65.60
C GLN J 38 68.13 2.42 -66.76
N ALA J 39 69.36 2.88 -66.69
CA ALA J 39 70.02 3.46 -67.84
C ALA J 39 70.47 2.35 -68.77
N PRO J 40 70.58 2.60 -70.08
CA PRO J 40 70.95 1.53 -71.02
C PRO J 40 72.36 1.03 -70.77
N GLY J 41 72.47 -0.28 -70.54
CA GLY J 41 73.73 -0.88 -70.17
C GLY J 41 74.11 -0.72 -68.72
N LYS J 42 73.33 0.00 -67.93
CA LYS J 42 73.63 0.21 -66.53
C LYS J 42 72.73 -0.66 -65.66
N GLY J 43 73.18 -0.90 -64.45
CA GLY J 43 72.42 -1.72 -63.52
C GLY J 43 71.16 -1.01 -63.04
N LEU J 44 70.33 -1.79 -62.38
CA LEU J 44 69.08 -1.28 -61.82
C LEU J 44 69.40 -0.51 -60.55
N GLU J 45 69.12 0.78 -60.54
CA GLU J 45 69.43 1.64 -59.41
C GLU J 45 68.13 2.10 -58.78
N TRP J 46 67.98 1.80 -57.50
CA TRP J 46 66.80 2.20 -56.75
C TRP J 46 66.71 3.71 -56.64
N VAL J 47 65.47 4.23 -56.65
CA VAL J 47 65.26 5.66 -56.66
C VAL J 47 64.61 6.15 -55.37
N ALA J 48 63.36 5.73 -55.12
CA ALA J 48 62.60 6.28 -54.01
C ALA J 48 61.48 5.33 -53.62
N VAL J 49 61.03 5.44 -52.37
CA VAL J 49 59.94 4.62 -51.86
C VAL J 49 58.68 5.46 -51.79
N ILE J 50 57.56 4.79 -51.54
CA ILE J 50 56.38 5.41 -50.97
C ILE J 50 55.90 4.45 -49.90
N SER J 51 55.29 4.98 -48.84
CA SER J 51 54.79 4.16 -47.75
C SER J 51 53.42 4.69 -47.37
N TYR J 52 52.37 4.09 -47.93
CA TYR J 52 51.04 4.61 -47.66
C TYR J 52 50.51 4.23 -46.29
N ASP J 53 50.98 3.13 -45.71
CA ASP J 53 50.36 2.58 -44.50
C ASP J 53 50.59 3.46 -43.27
N GLY J 54 51.57 4.35 -43.33
CA GLY J 54 51.57 5.52 -42.49
C GLY J 54 51.49 6.75 -43.37
N SER J 55 52.59 7.50 -43.39
CA SER J 55 52.98 8.35 -44.52
C SER J 55 54.44 8.72 -44.33
N ASN J 56 55.28 8.34 -45.28
CA ASN J 56 56.69 8.64 -45.24
C ASN J 56 57.26 8.47 -46.63
N LYS J 57 58.23 9.31 -46.95
CA LYS J 57 58.85 9.32 -48.27
C LYS J 57 60.37 9.34 -48.11
N TYR J 58 61.04 8.34 -48.67
CA TYR J 58 62.49 8.27 -48.66
C TYR J 58 63.00 8.31 -50.09
N TYR J 59 64.09 9.06 -50.26
CA TYR J 59 64.71 9.30 -51.56
C TYR J 59 66.14 8.77 -51.51
N ALA J 60 66.65 8.39 -52.66
CA ALA J 60 68.08 8.11 -52.75
C ALA J 60 68.86 9.41 -52.65
N ASP J 61 69.87 9.44 -51.80
CA ASP J 61 70.77 10.59 -51.76
C ASP J 61 71.79 10.54 -52.88
N SER J 62 71.93 9.40 -53.57
CA SER J 62 72.76 9.33 -54.76
C SER J 62 72.20 10.21 -55.87
N VAL J 63 70.89 10.15 -56.09
CA VAL J 63 70.20 11.09 -56.96
C VAL J 63 69.19 11.79 -56.06
N LYS J 64 69.63 12.87 -55.42
CA LYS J 64 68.83 13.61 -54.46
C LYS J 64 68.40 14.89 -55.14
N GLY J 65 67.31 14.81 -55.91
CA GLY J 65 66.83 15.94 -56.65
C GLY J 65 65.46 16.42 -56.24
N ARG J 66 64.97 16.00 -55.06
CA ARG J 66 63.61 16.24 -54.59
C ARG J 66 62.57 15.77 -55.59
N PHE J 67 62.80 14.57 -56.11
CA PHE J 67 61.81 13.88 -56.92
C PHE J 67 60.65 13.47 -56.04
N THR J 68 59.59 14.26 -56.02
CA THR J 68 58.58 14.11 -54.99
C THR J 68 57.63 12.96 -55.30
N ILE J 69 57.23 12.25 -54.26
CA ILE J 69 56.41 11.05 -54.38
C ILE J 69 55.21 11.18 -53.45
N SER J 70 54.03 10.91 -53.99
CA SER J 70 52.81 10.79 -53.22
C SER J 70 51.84 9.95 -54.03
N ARG J 71 50.58 9.95 -53.61
CA ARG J 71 49.64 8.92 -54.00
C ARG J 71 48.52 9.49 -54.84
N ASP J 72 47.80 8.57 -55.47
CA ASP J 72 46.36 8.64 -55.64
C ASP J 72 45.87 7.23 -55.31
N ASN J 73 45.64 6.98 -54.02
CA ASN J 73 45.32 5.65 -53.51
C ASN J 73 43.98 5.15 -54.05
N SER J 74 43.02 6.06 -54.21
CA SER J 74 41.69 5.66 -54.64
C SER J 74 41.64 5.32 -56.11
N LYS J 75 42.68 5.69 -56.87
CA LYS J 75 42.85 5.20 -58.22
C LYS J 75 43.95 4.15 -58.31
N ASN J 76 44.53 3.74 -57.17
CA ASN J 76 45.64 2.79 -57.08
C ASN J 76 46.82 3.23 -57.93
N THR J 77 47.16 4.51 -57.80
CA THR J 77 48.08 5.19 -58.69
C THR J 77 49.07 5.95 -57.83
N LEU J 78 50.22 6.27 -58.40
CA LEU J 78 51.32 6.86 -57.64
C LEU J 78 52.06 7.86 -58.52
N TYR J 79 52.45 8.98 -57.91
CA TYR J 79 52.89 10.18 -58.62
C TYR J 79 54.25 10.59 -58.07
N LEU J 80 55.26 10.60 -58.93
CA LEU J 80 56.58 11.12 -58.59
C LEU J 80 57.00 12.10 -59.66
N GLN J 81 57.12 13.37 -59.27
CA GLN J 81 57.38 14.44 -60.21
C GLN J 81 58.88 14.59 -60.41
N MET J 82 59.31 14.51 -61.67
CA MET J 82 60.71 14.63 -62.02
C MET J 82 61.16 16.08 -61.90
N ASN J 83 61.87 16.38 -60.81
CA ASN J 83 62.29 17.74 -60.51
C ASN J 83 63.81 17.80 -60.57
N SER J 84 64.31 18.97 -60.98
CA SER J 84 65.74 19.30 -61.05
C SER J 84 66.51 18.31 -61.93
N LEU J 85 66.17 18.32 -63.21
CA LEU J 85 66.64 17.30 -64.14
C LEU J 85 68.11 17.52 -64.52
N ARG J 86 68.73 16.43 -64.97
CA ARG J 86 70.10 16.42 -65.48
C ARG J 86 70.28 15.15 -66.31
N ALA J 87 71.12 15.27 -67.35
CA ALA J 87 70.98 14.46 -68.57
C ALA J 87 71.27 12.98 -68.31
N GLU J 88 72.12 12.68 -67.33
CA GLU J 88 72.46 11.30 -67.01
C GLU J 88 71.29 10.53 -66.40
N ASP J 89 70.24 11.23 -65.97
CA ASP J 89 69.02 10.56 -65.54
C ASP J 89 68.18 10.06 -66.70
N THR J 90 68.60 10.33 -67.95
CA THR J 90 67.92 9.81 -69.13
C THR J 90 67.98 8.29 -69.15
N ALA J 91 66.82 7.66 -68.92
CA ALA J 91 66.77 6.23 -68.63
C ALA J 91 65.32 5.76 -68.72
N VAL J 92 65.10 4.50 -68.35
CA VAL J 92 63.75 3.95 -68.22
C VAL J 92 63.46 3.81 -66.73
N TYR J 93 62.22 4.03 -66.33
CA TYR J 93 61.85 3.84 -64.94
C TYR J 93 60.90 2.67 -64.78
N TYR J 94 60.91 2.08 -63.58
CA TYR J 94 60.01 1.00 -63.21
C TYR J 94 59.31 1.27 -61.89
N CYS J 95 58.05 0.86 -61.84
CA CYS J 95 57.28 0.81 -60.60
C CYS J 95 57.57 -0.51 -59.93
N ALA J 96 57.92 -0.51 -58.64
CA ALA J 96 58.55 -1.67 -58.04
C ALA J 96 57.96 -2.06 -56.70
N ARG J 97 58.28 -3.28 -56.28
CA ARG J 97 57.87 -3.83 -54.99
C ARG J 97 58.89 -4.89 -54.58
N HIS J 98 59.20 -4.93 -53.28
CA HIS J 98 60.23 -5.81 -52.73
C HIS J 98 59.60 -6.85 -51.82
N ALA J 99 59.92 -8.11 -52.05
CA ALA J 99 59.50 -9.16 -51.14
C ALA J 99 60.36 -9.10 -49.89
N THR J 100 59.81 -8.57 -48.80
CA THR J 100 60.59 -8.31 -47.58
C THR J 100 60.37 -9.49 -46.64
N LEU J 101 60.75 -10.69 -47.10
CA LEU J 101 60.77 -11.96 -46.35
C LEU J 101 59.38 -12.48 -45.98
N MET J 102 58.35 -11.68 -46.24
CA MET J 102 56.99 -12.00 -45.82
C MET J 102 56.15 -12.23 -47.06
N ASN J 103 56.15 -11.26 -47.95
CA ASN J 103 55.28 -11.33 -49.10
C ASN J 103 56.02 -11.96 -50.27
N ASN J 104 55.27 -12.18 -51.34
CA ASN J 104 55.82 -12.32 -52.69
C ASN J 104 54.97 -11.41 -53.56
N LYS J 105 55.27 -10.13 -53.53
CA LYS J 105 54.47 -9.16 -54.28
C LYS J 105 55.27 -8.35 -55.26
N ASP J 106 56.46 -8.81 -55.65
CA ASP J 106 57.33 -8.01 -56.51
C ASP J 106 56.74 -7.92 -57.91
N ILE J 107 56.08 -6.80 -58.18
CA ILE J 107 55.40 -6.56 -59.45
C ILE J 107 55.99 -5.32 -60.08
N TRP J 108 56.24 -5.38 -61.38
CA TRP J 108 57.03 -4.40 -62.09
C TRP J 108 56.22 -3.84 -63.24
N GLY J 109 56.32 -2.53 -63.46
CA GLY J 109 55.63 -1.89 -64.55
C GLY J 109 56.26 -2.24 -65.89
N GLN J 110 55.73 -1.61 -66.93
CA GLN J 110 56.19 -1.96 -68.28
C GLN J 110 57.48 -1.22 -68.62
N GLY J 111 57.71 -0.06 -68.02
CA GLY J 111 58.90 0.71 -68.29
C GLY J 111 58.67 1.79 -69.34
N THR J 112 58.91 3.03 -68.94
CA THR J 112 58.84 4.16 -69.86
C THR J 112 60.12 4.99 -69.78
N LEU J 113 60.48 5.58 -70.91
CA LEU J 113 61.72 6.35 -71.00
C LEU J 113 61.49 7.81 -70.64
N VAL J 114 62.18 8.25 -69.60
CA VAL J 114 62.41 9.67 -69.36
C VAL J 114 63.70 10.04 -70.08
N THR J 115 63.67 11.16 -70.79
CA THR J 115 64.83 11.67 -71.50
C THR J 115 65.08 13.09 -71.05
N VAL J 116 66.32 13.39 -70.66
CA VAL J 116 66.69 14.72 -70.21
C VAL J 116 67.71 15.26 -71.21
N SER J 117 67.25 16.12 -72.12
CA SER J 117 68.09 16.68 -73.16
C SER J 117 67.40 17.91 -73.74
N SER J 118 68.21 18.86 -74.20
CA SER J 118 67.70 20.04 -74.90
C SER J 118 67.38 19.74 -76.36
N ALA J 119 67.88 18.63 -76.89
CA ALA J 119 67.64 18.24 -78.27
C ALA J 119 66.54 17.19 -78.29
N SER J 120 65.41 17.53 -78.92
CA SER J 120 64.25 16.65 -78.96
C SER J 120 64.48 15.46 -79.89
N GLY K 1 77.12 5.69 -43.53
CA GLY K 1 77.10 5.75 -44.98
C GLY K 1 76.18 4.72 -45.61
N ASP K 2 76.28 4.57 -46.93
CA ASP K 2 75.48 3.60 -47.63
C ASP K 2 76.02 2.19 -47.40
N ILE K 3 75.22 1.20 -47.79
CA ILE K 3 75.65 -0.18 -47.75
C ILE K 3 76.10 -0.58 -49.14
N GLN K 4 77.36 -0.98 -49.26
CA GLN K 4 77.92 -1.38 -50.55
C GLN K 4 77.58 -2.83 -50.82
N LEU K 5 77.27 -3.12 -52.08
CA LEU K 5 77.13 -4.48 -52.54
C LEU K 5 78.34 -4.86 -53.39
N THR K 6 78.59 -6.15 -53.49
CA THR K 6 79.69 -6.67 -54.28
C THR K 6 79.19 -7.92 -54.99
N GLN K 7 78.83 -7.77 -56.25
CA GLN K 7 78.32 -8.88 -57.04
C GLN K 7 79.45 -9.42 -57.89
N SER K 8 79.77 -10.70 -57.71
CA SER K 8 80.89 -11.28 -58.41
C SER K 8 80.53 -12.66 -58.92
N PRO K 9 80.89 -12.99 -60.18
CA PRO K 9 81.47 -12.08 -61.17
C PRO K 9 80.37 -11.25 -61.82
N SER K 10 80.72 -10.12 -62.42
CA SER K 10 79.71 -9.28 -63.04
C SER K 10 79.27 -9.80 -64.40
N SER K 11 79.92 -10.83 -64.92
CA SER K 11 79.41 -11.59 -66.06
C SER K 11 80.05 -12.96 -66.03
N LEU K 12 79.37 -13.93 -66.64
CA LEU K 12 79.94 -15.25 -66.81
C LEU K 12 79.28 -15.91 -68.01
N SER K 13 80.05 -16.04 -69.09
CA SER K 13 79.59 -16.68 -70.32
C SER K 13 79.64 -18.18 -70.12
N ALA K 14 78.49 -18.83 -70.24
CA ALA K 14 78.32 -20.18 -69.74
C ALA K 14 77.79 -21.10 -70.82
N SER K 15 77.61 -22.36 -70.45
CA SER K 15 77.24 -23.42 -71.39
C SER K 15 76.05 -24.20 -70.84
N VAL K 16 75.67 -25.25 -71.58
CA VAL K 16 74.43 -25.95 -71.28
C VAL K 16 74.65 -26.92 -70.11
N GLY K 17 73.74 -26.87 -69.13
CA GLY K 17 73.77 -27.81 -68.03
C GLY K 17 74.74 -27.48 -66.93
N ASP K 18 75.21 -26.23 -66.85
CA ASP K 18 76.19 -25.83 -65.86
C ASP K 18 75.56 -25.74 -64.47
N ARG K 19 76.40 -25.39 -63.50
CA ARG K 19 75.96 -25.06 -62.16
C ARG K 19 76.74 -23.83 -61.71
N VAL K 20 76.19 -22.66 -62.01
CA VAL K 20 76.86 -21.37 -61.84
C VAL K 20 76.54 -20.84 -60.46
N THR K 21 77.57 -20.36 -59.76
CA THR K 21 77.43 -19.76 -58.44
C THR K 21 77.69 -18.26 -58.58
N ILE K 22 76.63 -17.47 -58.70
CA ILE K 22 76.76 -16.03 -58.81
C ILE K 22 76.70 -15.45 -57.41
N THR K 23 77.81 -14.89 -56.97
CA THR K 23 77.97 -14.43 -55.60
C THR K 23 77.62 -12.96 -55.48
N CYS K 24 76.87 -12.62 -54.45
CA CYS K 24 76.61 -11.23 -54.08
C CYS K 24 77.13 -11.07 -52.67
N ARG K 25 78.19 -10.29 -52.52
CA ARG K 25 78.79 -10.03 -51.23
C ARG K 25 78.31 -8.68 -50.71
N ALA K 26 78.37 -8.51 -49.40
CA ALA K 26 77.81 -7.33 -48.77
C ALA K 26 78.85 -6.64 -47.91
N SER K 27 78.72 -5.32 -47.80
CA SER K 27 79.62 -4.55 -46.96
C SER K 27 79.28 -4.68 -45.48
N GLN K 28 78.04 -4.99 -45.14
CA GLN K 28 77.63 -5.16 -43.76
C GLN K 28 77.11 -6.56 -43.56
N SER K 29 76.74 -6.86 -42.32
CA SER K 29 76.11 -8.13 -42.00
C SER K 29 74.60 -7.98 -42.12
N ILE K 30 74.05 -8.49 -43.23
CA ILE K 30 72.62 -8.43 -43.52
C ILE K 30 72.06 -9.82 -43.25
N SER K 31 70.96 -9.87 -42.49
CA SER K 31 70.41 -11.13 -41.95
C SER K 31 70.10 -12.17 -43.01
N SER K 32 69.09 -11.93 -43.82
CA SER K 32 68.91 -12.67 -45.06
C SER K 32 68.36 -11.82 -46.19
N TYR K 33 68.37 -10.50 -46.04
CA TYR K 33 67.51 -9.62 -46.83
C TYR K 33 68.15 -9.39 -48.18
N LEU K 34 68.10 -10.41 -49.03
CA LEU K 34 68.70 -10.32 -50.35
C LEU K 34 67.88 -11.16 -51.32
N ASN K 35 67.78 -10.68 -52.55
CA ASN K 35 66.89 -11.29 -53.52
C ASN K 35 67.65 -11.54 -54.81
N TRP K 36 66.94 -12.03 -55.83
CA TRP K 36 67.54 -12.32 -57.12
C TRP K 36 66.49 -12.10 -58.21
N TYR K 37 66.95 -11.67 -59.38
CA TYR K 37 66.02 -11.30 -60.44
C TYR K 37 66.42 -11.88 -61.77
N GLN K 38 65.42 -12.21 -62.60
CA GLN K 38 65.66 -12.50 -64.00
C GLN K 38 65.35 -11.25 -64.83
N GLN K 39 66.30 -10.85 -65.68
CA GLN K 39 66.02 -9.81 -66.67
C GLN K 39 66.67 -10.16 -68.00
N LYS K 40 65.84 -10.63 -68.95
CA LYS K 40 66.33 -10.46 -70.31
C LYS K 40 66.25 -8.98 -70.66
N PRO K 41 67.22 -8.44 -71.41
CA PRO K 41 67.33 -6.98 -71.53
C PRO K 41 66.16 -6.34 -72.27
N GLY K 42 65.35 -5.60 -71.51
CA GLY K 42 64.10 -5.05 -71.99
C GLY K 42 62.88 -5.59 -71.29
N LYS K 43 63.04 -6.56 -70.40
CA LYS K 43 61.91 -7.18 -69.71
C LYS K 43 61.72 -6.54 -68.35
N ALA K 44 60.77 -7.08 -67.60
CA ALA K 44 60.59 -6.68 -66.21
C ALA K 44 61.38 -7.63 -65.31
N PRO K 45 61.98 -7.15 -64.23
CA PRO K 45 62.80 -8.03 -63.39
C PRO K 45 61.96 -9.03 -62.62
N LYS K 46 61.99 -10.27 -63.07
CA LYS K 46 61.23 -11.37 -62.50
C LYS K 46 61.98 -11.89 -61.28
N LEU K 47 61.36 -11.75 -60.10
CA LEU K 47 61.97 -12.17 -58.85
C LEU K 47 62.23 -13.67 -58.80
N LEU K 48 63.40 -14.05 -58.29
CA LEU K 48 63.80 -15.44 -58.27
C LEU K 48 63.85 -16.02 -56.87
N ILE K 49 64.56 -15.40 -55.94
CA ILE K 49 64.67 -15.86 -54.56
C ILE K 49 64.26 -14.71 -53.66
N TYR K 50 63.51 -15.01 -52.60
CA TYR K 50 63.24 -14.01 -51.59
C TYR K 50 63.81 -14.49 -50.27
N ALA K 51 64.33 -13.53 -49.49
CA ALA K 51 65.05 -13.75 -48.23
C ALA K 51 66.26 -14.66 -48.38
N ALA K 52 66.84 -14.70 -49.59
CA ALA K 52 68.11 -15.36 -49.94
C ALA K 52 68.13 -16.87 -49.76
N SER K 53 67.05 -17.48 -49.28
CA SER K 53 67.02 -18.91 -49.03
C SER K 53 65.68 -19.56 -49.36
N SER K 54 64.88 -18.97 -50.25
CA SER K 54 63.54 -19.48 -50.49
C SER K 54 63.17 -19.35 -51.95
N LEU K 55 62.62 -20.42 -52.52
CA LEU K 55 62.29 -20.45 -53.94
C LEU K 55 61.04 -19.61 -54.23
N GLN K 56 60.64 -19.60 -55.49
CA GLN K 56 59.51 -18.78 -55.90
C GLN K 56 58.63 -19.57 -56.86
N SER K 57 57.33 -19.22 -56.87
CA SER K 57 56.35 -19.79 -57.79
C SER K 57 56.77 -19.57 -59.23
N GLY K 58 56.57 -20.60 -60.05
CA GLY K 58 56.99 -20.59 -61.45
C GLY K 58 58.45 -20.88 -61.69
N VAL K 59 59.31 -20.70 -60.68
CA VAL K 59 60.74 -20.90 -60.81
C VAL K 59 61.09 -22.20 -60.07
N PRO K 60 61.48 -23.25 -60.78
CA PRO K 60 61.85 -24.51 -60.11
C PRO K 60 63.18 -24.40 -59.37
N SER K 61 63.60 -25.53 -58.81
CA SER K 61 64.79 -25.55 -57.97
C SER K 61 66.09 -25.64 -58.76
N ARG K 62 66.05 -25.41 -60.08
CA ARG K 62 67.28 -25.17 -60.83
C ARG K 62 68.01 -23.91 -60.36
N PHE K 63 67.29 -22.97 -59.77
CA PHE K 63 67.87 -21.88 -59.01
C PHE K 63 67.72 -22.24 -57.53
N SER K 64 68.65 -21.79 -56.70
CA SER K 64 68.72 -22.22 -55.31
C SER K 64 69.59 -21.23 -54.53
N GLY K 65 68.99 -20.54 -53.57
CA GLY K 65 69.71 -19.55 -52.81
C GLY K 65 70.16 -20.04 -51.45
N SER K 66 71.26 -19.45 -50.97
CA SER K 66 71.73 -19.66 -49.61
C SER K 66 72.67 -18.52 -49.25
N GLY K 67 73.03 -18.46 -47.97
CA GLY K 67 73.95 -17.48 -47.45
C GLY K 67 73.27 -16.52 -46.48
N SER K 68 74.11 -15.82 -45.73
CA SER K 68 73.67 -14.86 -44.73
C SER K 68 74.82 -13.96 -44.36
N GLY K 69 74.52 -12.93 -43.57
CA GLY K 69 75.56 -12.04 -43.09
C GLY K 69 76.05 -11.13 -44.19
N THR K 70 77.28 -11.39 -44.65
CA THR K 70 77.86 -10.63 -45.76
C THR K 70 77.79 -11.40 -47.06
N ASP K 71 77.75 -12.73 -46.96
CA ASP K 71 77.99 -13.61 -48.09
C ASP K 71 76.66 -14.16 -48.58
N PHE K 72 76.36 -13.96 -49.86
CA PHE K 72 75.12 -14.45 -50.43
C PHE K 72 75.42 -15.13 -51.75
N THR K 73 74.64 -16.16 -52.05
CA THR K 73 74.98 -17.08 -53.11
C THR K 73 73.78 -17.37 -54.00
N LEU K 74 73.96 -17.26 -55.30
CA LEU K 74 73.01 -17.67 -56.31
C LEU K 74 73.47 -19.01 -56.87
N THR K 75 72.72 -20.06 -56.55
CA THR K 75 73.07 -21.42 -56.90
C THR K 75 72.22 -21.83 -58.10
N ILE K 76 72.69 -21.51 -59.29
CA ILE K 76 72.04 -21.95 -60.50
C ILE K 76 72.54 -23.35 -60.81
N SER K 77 71.62 -24.27 -61.05
CA SER K 77 71.96 -25.67 -61.29
C SER K 77 71.22 -26.17 -62.52
N SER K 78 71.91 -27.03 -63.28
CA SER K 78 71.41 -27.65 -64.52
C SER K 78 70.95 -26.58 -65.52
N LEU K 79 71.93 -25.81 -65.99
CA LEU K 79 71.67 -24.53 -66.63
C LEU K 79 70.95 -24.69 -67.95
N GLN K 80 69.80 -24.04 -68.05
CA GLN K 80 68.82 -24.23 -69.11
C GLN K 80 69.00 -23.18 -70.19
N PRO K 81 68.63 -23.49 -71.44
CA PRO K 81 68.78 -22.50 -72.53
C PRO K 81 67.95 -21.24 -72.39
N GLU K 82 66.93 -21.22 -71.52
CA GLU K 82 66.20 -19.99 -71.26
C GLU K 82 66.80 -19.19 -70.11
N ASP K 83 67.70 -19.78 -69.33
CA ASP K 83 68.23 -19.10 -68.16
C ASP K 83 69.35 -18.12 -68.48
N PHE K 84 69.72 -17.97 -69.74
CA PHE K 84 70.83 -17.11 -70.13
C PHE K 84 70.32 -15.67 -70.28
N ALA K 85 70.50 -14.87 -69.24
CA ALA K 85 69.98 -13.49 -69.20
C ALA K 85 70.81 -12.70 -68.19
N THR K 86 70.37 -11.47 -67.92
CA THR K 86 71.04 -10.56 -67.01
C THR K 86 70.36 -10.58 -65.66
N TYR K 87 71.11 -10.93 -64.62
CA TYR K 87 70.52 -11.20 -63.31
C TYR K 87 71.02 -10.17 -62.31
N TYR K 88 70.41 -10.17 -61.13
CA TYR K 88 70.62 -9.14 -60.14
C TYR K 88 70.41 -9.65 -58.73
N CYS K 89 71.25 -9.20 -57.80
CA CYS K 89 70.98 -9.35 -56.37
C CYS K 89 70.37 -8.06 -55.81
N GLN K 90 70.00 -8.11 -54.53
CA GLN K 90 69.17 -7.09 -53.94
C GLN K 90 69.24 -7.09 -52.42
N GLN K 91 69.56 -5.95 -51.83
CA GLN K 91 69.40 -5.77 -50.40
C GLN K 91 68.01 -5.21 -50.13
N SER K 92 67.51 -5.46 -48.93
CA SER K 92 66.41 -4.72 -48.35
C SER K 92 66.63 -4.43 -46.89
N TYR K 93 67.90 -4.38 -46.48
CA TYR K 93 68.25 -4.28 -45.07
C TYR K 93 67.93 -2.90 -44.54
N SER K 94 68.51 -1.87 -45.15
CA SER K 94 68.34 -0.51 -44.72
C SER K 94 67.74 0.33 -45.84
N THR K 95 67.59 1.58 -45.57
CA THR K 95 67.36 2.57 -46.60
C THR K 95 68.61 3.41 -46.76
N PRO K 96 69.17 3.59 -47.97
CA PRO K 96 68.74 3.19 -49.32
C PRO K 96 68.96 1.73 -49.68
N ARG K 97 68.07 1.22 -50.53
CA ARG K 97 68.29 -0.06 -51.15
C ARG K 97 69.20 0.11 -52.35
N THR K 98 70.14 -0.81 -52.51
CA THR K 98 70.93 -0.86 -53.72
C THR K 98 70.79 -2.24 -54.31
N PHE K 99 71.06 -2.34 -55.59
CA PHE K 99 70.98 -3.61 -56.30
C PHE K 99 72.39 -3.89 -56.79
N GLY K 100 72.68 -5.15 -57.10
CA GLY K 100 73.97 -5.46 -57.69
C GLY K 100 74.10 -4.93 -59.10
N GLN K 101 75.32 -4.95 -59.62
CA GLN K 101 75.53 -4.43 -60.97
C GLN K 101 75.03 -5.37 -62.05
N GLY K 102 74.67 -6.59 -61.72
CA GLY K 102 74.14 -7.52 -62.69
C GLY K 102 75.16 -8.55 -63.10
N THR K 103 74.68 -9.74 -63.43
CA THR K 103 75.53 -10.79 -63.96
C THR K 103 74.83 -11.41 -65.15
N LYS K 104 75.42 -11.25 -66.33
CA LYS K 104 74.85 -11.75 -67.57
C LYS K 104 75.39 -13.15 -67.83
N VAL K 105 74.54 -14.15 -67.62
CA VAL K 105 74.86 -15.52 -68.01
C VAL K 105 74.44 -15.68 -69.45
N GLU K 106 75.38 -16.12 -70.29
CA GLU K 106 75.19 -16.06 -71.73
C GLU K 106 75.89 -17.26 -72.37
N ILE K 107 75.45 -17.57 -73.59
CA ILE K 107 75.82 -18.84 -74.22
C ILE K 107 77.24 -18.76 -74.76
N LYS K 108 78.04 -19.76 -74.42
CA LYS K 108 79.45 -19.82 -74.81
C LYS K 108 79.60 -20.22 -76.26
N GLN L 1 41.78 -54.43 34.92
CA GLN L 1 42.11 -54.99 36.23
C GLN L 1 42.77 -56.36 36.09
N GLN L 2 42.36 -57.12 35.08
CA GLN L 2 42.67 -58.54 35.07
C GLN L 2 42.82 -59.01 33.63
N LEU L 3 43.72 -59.97 33.43
CA LEU L 3 44.03 -60.49 32.10
C LEU L 3 43.95 -62.01 32.15
N VAL L 4 43.30 -62.59 31.14
CA VAL L 4 43.20 -64.04 31.03
C VAL L 4 43.78 -64.46 29.68
N GLU L 5 44.29 -65.70 29.62
CA GLU L 5 45.06 -66.16 28.49
C GLU L 5 44.43 -67.42 27.88
N SER L 6 44.71 -67.65 26.61
CA SER L 6 44.31 -68.90 25.98
C SER L 6 45.20 -70.04 26.50
N GLY L 7 44.77 -71.26 26.25
CA GLY L 7 45.44 -72.41 26.81
C GLY L 7 46.74 -72.73 26.11
N GLY L 8 47.76 -72.98 26.90
CA GLY L 8 49.02 -73.47 26.38
C GLY L 8 49.00 -74.98 26.25
N GLY L 9 50.01 -75.50 25.56
CA GLY L 9 50.06 -76.92 25.29
C GLY L 9 51.30 -77.28 24.50
N VAL L 10 51.39 -78.57 24.17
CA VAL L 10 52.51 -79.12 23.43
C VAL L 10 52.14 -79.17 21.96
N VAL L 11 52.90 -78.45 21.14
CA VAL L 11 52.66 -78.33 19.70
C VAL L 11 53.93 -78.77 18.99
N GLN L 12 53.76 -79.52 17.86
CA GLN L 12 54.91 -79.89 17.04
C GLN L 12 55.50 -78.67 16.34
N PRO L 13 56.81 -78.68 16.09
CA PRO L 13 57.45 -77.52 15.43
C PRO L 13 56.94 -77.29 14.01
N GLY L 14 57.13 -76.05 13.55
CA GLY L 14 56.63 -75.62 12.26
C GLY L 14 55.16 -75.28 12.21
N ARG L 15 54.41 -75.49 13.29
CA ARG L 15 52.97 -75.32 13.29
C ARG L 15 52.60 -73.90 13.73
N SER L 16 51.33 -73.70 14.02
CA SER L 16 50.79 -72.41 14.41
C SER L 16 49.79 -72.60 15.54
N LEU L 17 49.75 -71.61 16.45
CA LEU L 17 48.82 -71.68 17.57
C LEU L 17 48.40 -70.28 17.99
N ARG L 18 47.15 -69.91 17.71
CA ARG L 18 46.64 -68.59 18.03
C ARG L 18 46.56 -68.38 19.54
N LEU L 19 47.05 -67.22 19.98
CA LEU L 19 47.09 -66.86 21.39
C LEU L 19 46.05 -65.80 21.66
N SER L 20 45.12 -66.12 22.55
CA SER L 20 44.04 -65.25 22.96
C SER L 20 44.28 -64.74 24.36
N CYS L 21 44.05 -63.46 24.58
CA CYS L 21 44.22 -62.89 25.91
C CYS L 21 43.18 -61.79 26.08
N ALA L 22 42.25 -62.00 27.00
CA ALA L 22 41.14 -61.08 27.19
C ALA L 22 41.36 -60.23 28.43
N ALA L 23 40.92 -58.97 28.37
CA ALA L 23 41.07 -58.05 29.46
C ALA L 23 39.79 -57.99 30.30
N SER L 24 39.89 -57.30 31.43
CA SER L 24 38.78 -57.11 32.36
C SER L 24 39.14 -55.96 33.29
N GLY L 25 38.10 -55.29 33.79
CA GLY L 25 38.27 -54.11 34.59
C GLY L 25 38.38 -52.82 33.81
N PHE L 26 39.44 -52.63 33.04
CA PHE L 26 39.42 -51.59 32.02
C PHE L 26 39.75 -52.23 30.68
N THR L 27 39.29 -51.57 29.63
CA THR L 27 39.41 -52.04 28.26
C THR L 27 40.86 -52.14 27.81
N PHE L 28 41.10 -53.08 26.90
CA PHE L 28 42.22 -53.01 25.98
C PHE L 28 42.23 -51.73 25.16
N SER L 29 41.04 -51.22 24.78
CA SER L 29 40.86 -50.37 23.61
C SER L 29 41.70 -49.11 23.65
N SER L 30 41.72 -48.42 24.78
CA SER L 30 42.43 -47.14 24.81
C SER L 30 43.94 -47.32 24.92
N TYR L 31 44.41 -48.52 25.23
CA TYR L 31 45.83 -48.69 25.45
C TYR L 31 46.47 -49.44 24.29
N ALA L 32 47.76 -49.72 24.44
CA ALA L 32 48.48 -50.70 23.65
C ALA L 32 48.43 -52.01 24.41
N MET L 33 49.11 -53.05 23.92
CA MET L 33 49.36 -54.24 24.73
C MET L 33 50.57 -54.95 24.15
N HIS L 34 51.22 -55.76 24.97
CA HIS L 34 52.44 -56.44 24.59
C HIS L 34 52.36 -57.93 24.87
N TRP L 35 53.33 -58.65 24.35
CA TRP L 35 53.63 -60.01 24.73
C TRP L 35 55.09 -60.12 25.12
N VAL L 36 55.37 -60.86 26.19
CA VAL L 36 56.74 -61.19 26.53
C VAL L 36 56.85 -62.69 26.78
N ARG L 37 58.09 -63.15 26.84
CA ARG L 37 58.45 -64.55 26.94
C ARG L 37 59.32 -64.75 28.17
N GLN L 38 59.08 -65.85 28.89
CA GLN L 38 60.00 -66.30 29.92
C GLN L 38 60.25 -67.78 29.74
N ALA L 39 61.44 -68.12 29.29
CA ALA L 39 61.92 -69.49 29.35
C ALA L 39 62.35 -69.79 30.77
N PRO L 40 62.31 -71.06 31.21
CA PRO L 40 62.67 -71.38 32.60
C PRO L 40 64.13 -71.11 32.88
N GLY L 41 64.38 -70.29 33.89
CA GLY L 41 65.71 -69.84 34.20
C GLY L 41 66.24 -68.72 33.33
N LYS L 42 65.48 -68.30 32.33
CA LYS L 42 65.91 -67.23 31.43
C LYS L 42 65.18 -65.95 31.77
N GLY L 43 65.78 -64.84 31.37
CA GLY L 43 65.20 -63.54 31.62
C GLY L 43 63.95 -63.31 30.78
N LEU L 44 63.25 -62.24 31.15
CA LEU L 44 62.04 -61.84 30.45
C LEU L 44 62.44 -61.17 29.14
N GLU L 45 62.04 -61.76 28.03
CA GLU L 45 62.39 -61.27 26.71
C GLU L 45 61.13 -60.77 26.02
N TRP L 46 61.15 -59.49 25.64
CA TRP L 46 60.03 -58.90 24.95
C TRP L 46 59.82 -59.54 23.58
N VAL L 47 58.55 -59.63 23.17
CA VAL L 47 58.22 -60.33 21.93
C VAL L 47 57.66 -59.38 20.89
N ALA L 48 56.49 -58.79 21.15
CA ALA L 48 55.81 -58.00 20.12
C ALA L 48 54.82 -57.05 20.78
N VAL L 49 54.50 -55.95 20.07
CA VAL L 49 53.55 -54.97 20.55
C VAL L 49 52.23 -55.15 19.81
N ILE L 50 51.20 -54.45 20.28
CA ILE L 50 50.05 -54.11 19.47
C ILE L 50 49.77 -52.65 19.79
N SER L 51 49.23 -51.93 18.81
CA SER L 51 48.92 -50.51 18.98
C SER L 51 47.56 -50.26 18.37
N TYR L 52 46.50 -50.30 19.18
CA TYR L 52 45.18 -50.16 18.62
C TYR L 52 44.83 -48.72 18.26
N ASP L 53 45.46 -47.74 18.92
CA ASP L 53 45.02 -46.34 18.81
C ASP L 53 45.30 -45.75 17.43
N GLY L 54 46.19 -46.38 16.67
CA GLY L 54 46.18 -46.24 15.24
C GLY L 54 45.90 -47.59 14.61
N SER L 55 46.93 -48.13 13.95
CA SER L 55 47.12 -49.57 13.77
C SER L 55 48.55 -49.78 13.32
N ASN L 56 49.31 -50.53 14.13
CA ASN L 56 50.69 -50.84 13.80
C ASN L 56 51.12 -52.03 14.65
N LYS L 57 51.99 -52.85 14.05
CA LYS L 57 52.46 -54.06 14.70
C LYS L 57 53.97 -54.15 14.57
N TYR L 58 54.66 -54.22 15.70
CA TYR L 58 56.10 -54.37 15.72
C TYR L 58 56.46 -55.69 16.40
N TYR L 59 57.45 -56.36 15.82
CA TYR L 59 57.90 -57.67 16.25
C TYR L 59 59.36 -57.56 16.65
N ALA L 60 59.79 -58.44 17.55
CA ALA L 60 61.22 -58.56 17.81
C ALA L 60 61.90 -59.23 16.62
N ASP L 61 62.99 -58.64 16.14
CA ASP L 61 63.77 -59.31 15.12
C ASP L 61 64.68 -60.38 15.69
N SER L 62 64.83 -60.42 17.02
CA SER L 62 65.53 -61.52 17.66
C SER L 62 64.79 -62.83 17.46
N VAL L 63 63.47 -62.82 17.65
CA VAL L 63 62.61 -63.93 17.29
C VAL L 63 61.64 -63.37 16.25
N LYS L 64 62.06 -63.42 14.99
CA LYS L 64 61.31 -62.85 13.89
C LYS L 64 60.70 -64.02 13.13
N GLY L 65 59.55 -64.47 13.60
CA GLY L 65 58.89 -65.61 13.02
C GLY L 65 57.54 -65.31 12.42
N ARG L 66 57.22 -64.03 12.20
CA ARG L 66 55.90 -63.55 11.77
C ARG L 66 54.80 -64.05 12.72
N PHE L 67 55.08 -63.92 14.01
CA PHE L 67 54.07 -64.16 15.03
C PHE L 67 53.05 -63.03 14.97
N THR L 68 51.94 -63.26 14.30
CA THR L 68 51.05 -62.17 13.93
C THR L 68 50.18 -61.75 15.10
N ILE L 69 49.95 -60.44 15.20
CA ILE L 69 49.23 -59.84 16.30
C ILE L 69 48.14 -58.94 15.76
N SER L 70 46.93 -59.12 16.29
CA SER L 70 45.81 -58.22 16.03
C SER L 70 44.83 -58.38 17.17
N ARG L 71 43.64 -57.85 16.99
CA ARG L 71 42.75 -57.55 18.09
C ARG L 71 41.50 -58.39 18.04
N ASP L 72 40.80 -58.38 19.18
CA ASP L 72 39.34 -58.37 19.23
C ASP L 72 39.02 -57.33 20.29
N ASN L 73 38.95 -56.06 19.86
CA ASN L 73 38.80 -54.93 20.77
C ASN L 73 37.46 -54.95 21.50
N SER L 74 36.41 -55.41 20.81
CA SER L 74 35.08 -55.40 21.40
C SER L 74 34.91 -56.49 22.44
N LYS L 75 35.82 -57.46 22.47
CA LYS L 75 35.89 -58.40 23.57
C LYS L 75 37.06 -58.11 24.50
N ASN L 76 37.78 -57.01 24.27
CA ASN L 76 38.98 -56.61 25.02
C ASN L 76 40.02 -57.73 25.05
N THR L 77 40.26 -58.29 23.87
CA THR L 77 41.01 -59.51 23.72
C THR L 77 42.03 -59.28 22.61
N LEU L 78 43.08 -60.09 22.59
CA LEU L 78 44.20 -59.88 21.67
C LEU L 78 44.75 -61.23 21.24
N TYR L 79 45.10 -61.31 19.95
CA TYR L 79 45.38 -62.56 19.26
C TYR L 79 46.75 -62.49 18.60
N LEU L 80 47.66 -63.36 19.01
CA LEU L 80 48.95 -63.51 18.37
C LEU L 80 49.17 -64.97 18.03
N GLN L 81 49.22 -65.28 16.75
CA GLN L 81 49.28 -66.65 16.28
C GLN L 81 50.73 -67.10 16.22
N MET L 82 51.03 -68.20 16.91
CA MET L 82 52.37 -68.75 16.95
C MET L 82 52.71 -69.42 15.64
N ASN L 83 53.50 -68.73 14.82
CA ASN L 83 53.84 -69.20 13.49
C ASN L 83 55.32 -69.49 13.42
N SER L 84 55.68 -70.49 12.61
CA SER L 84 57.07 -70.91 12.33
C SER L 84 57.82 -71.27 13.61
N LEU L 85 57.34 -72.34 14.26
CA LEU L 85 57.80 -72.69 15.59
C LEU L 85 59.19 -73.32 15.57
N ARG L 86 59.85 -73.26 16.72
CA ARG L 86 61.15 -73.87 16.96
C ARG L 86 61.35 -73.98 18.46
N ALA L 87 62.06 -75.04 18.86
CA ALA L 87 61.86 -75.67 20.18
C ALA L 87 62.30 -74.76 21.33
N GLU L 88 63.27 -73.89 21.08
CA GLU L 88 63.76 -72.98 22.11
C GLU L 88 62.74 -71.92 22.48
N ASP L 89 61.68 -71.75 21.70
CA ASP L 89 60.57 -70.89 22.07
C ASP L 89 59.66 -71.52 23.11
N THR L 90 59.92 -72.78 23.49
CA THR L 90 59.17 -73.44 24.55
C THR L 90 59.34 -72.71 25.87
N ALA L 91 58.28 -72.06 26.32
CA ALA L 91 58.38 -71.09 27.41
C ALA L 91 56.98 -70.74 27.90
N VAL L 92 56.90 -69.77 28.81
CA VAL L 92 55.63 -69.20 29.25
C VAL L 92 55.51 -67.81 28.64
N TYR L 93 54.30 -67.42 28.26
CA TYR L 93 54.10 -66.07 27.73
C TYR L 93 53.29 -65.23 28.68
N TYR L 94 53.48 -63.91 28.60
CA TYR L 94 52.70 -62.94 29.37
C TYR L 94 52.14 -61.85 28.48
N CYS L 95 50.92 -61.42 28.83
CA CYS L 95 50.30 -60.23 28.27
C CYS L 95 50.78 -59.03 29.07
N ALA L 96 51.26 -57.99 28.41
CA ALA L 96 52.04 -56.98 29.12
C ALA L 96 51.63 -55.54 28.79
N ARG L 97 52.10 -54.63 29.62
CA ARG L 97 51.88 -53.20 29.46
C ARG L 97 53.02 -52.46 30.15
N HIS L 98 53.47 -51.36 29.53
CA HIS L 98 54.63 -50.60 29.99
C HIS L 98 54.19 -49.22 30.44
N ALA L 99 54.59 -48.84 31.66
CA ALA L 99 54.37 -47.48 32.11
C ALA L 99 55.35 -46.55 31.42
N THR L 100 54.87 -45.80 30.41
CA THR L 100 55.74 -44.99 29.58
C THR L 100 55.73 -43.56 30.13
N LEU L 101 56.16 -43.42 31.38
CA LEU L 101 56.37 -42.16 32.11
C LEU L 101 55.08 -41.39 32.40
N MET L 102 53.96 -41.86 31.86
CA MET L 102 52.69 -41.17 31.94
C MET L 102 51.74 -42.00 32.78
N ASN L 103 51.55 -43.25 32.38
CA ASN L 103 50.59 -44.08 33.05
C ASN L 103 51.24 -44.89 34.17
N ASN L 104 50.41 -45.60 34.91
CA ASN L 104 50.81 -46.75 35.69
C ASN L 104 49.81 -47.83 35.36
N LYS L 105 50.00 -48.49 34.23
CA LYS L 105 49.04 -49.48 33.79
C LYS L 105 49.65 -50.85 33.56
N ASP L 106 50.83 -51.12 34.12
CA ASP L 106 51.53 -52.37 33.85
C ASP L 106 50.80 -53.53 34.49
N ILE L 107 50.02 -54.23 33.67
CA ILE L 107 49.19 -55.34 34.11
C ILE L 107 49.60 -56.58 33.34
N TRP L 108 49.71 -57.70 34.05
CA TRP L 108 50.34 -58.91 33.52
C TRP L 108 49.37 -60.06 33.64
N GLY L 109 49.32 -60.89 32.61
CA GLY L 109 48.47 -62.07 32.63
C GLY L 109 48.98 -63.13 33.58
N GLN L 110 48.30 -64.27 33.57
CA GLN L 110 48.64 -65.31 34.54
C GLN L 110 49.82 -66.13 34.04
N GLY L 111 50.00 -66.23 32.74
CA GLY L 111 51.09 -67.01 32.19
C GLY L 111 50.66 -68.41 31.77
N THR L 112 50.83 -68.71 30.49
CA THR L 112 50.58 -70.05 29.98
C THR L 112 51.78 -70.56 29.20
N LEU L 113 51.97 -71.88 29.24
CA LEU L 113 53.11 -72.50 28.61
C LEU L 113 52.80 -72.88 27.17
N VAL L 114 53.56 -72.30 26.25
CA VAL L 114 53.69 -72.83 24.90
C VAL L 114 54.86 -73.81 24.90
N THR L 115 54.66 -74.96 24.29
CA THR L 115 55.69 -75.99 24.19
C THR L 115 55.87 -76.33 22.73
N VAL L 116 57.10 -76.30 22.25
CA VAL L 116 57.42 -76.64 20.87
C VAL L 116 58.27 -77.90 20.89
N SER L 117 57.64 -79.04 20.61
CA SER L 117 58.32 -80.33 20.62
C SER L 117 57.46 -81.33 19.86
N SER L 118 58.14 -82.31 19.25
CA SER L 118 57.45 -83.42 18.60
C SER L 118 57.02 -84.49 19.59
N ALA L 119 57.54 -84.46 20.81
CA ALA L 119 57.20 -85.43 21.85
C ALA L 119 56.17 -84.78 22.78
N SER L 120 54.97 -85.33 22.82
CA SER L 120 53.89 -84.78 23.63
C SER L 120 54.13 -85.02 25.12
N GLY M 1 71.37 -50.67 15.09
CA GLY M 1 71.18 -51.95 15.77
C GLY M 1 70.30 -51.85 16.99
N ASP M 2 70.27 -52.92 17.78
CA ASP M 2 69.48 -52.93 18.99
C ASP M 2 70.16 -52.12 20.09
N ILE M 3 69.41 -51.86 21.15
CA ILE M 3 69.97 -51.19 22.31
C ILE M 3 70.29 -52.25 23.36
N GLN M 4 71.56 -52.33 23.73
CA GLN M 4 72.01 -53.31 24.71
C GLN M 4 71.77 -52.78 26.11
N LEU M 5 71.35 -53.68 27.00
CA LEU M 5 71.28 -53.38 28.42
C LEU M 5 72.42 -54.08 29.14
N THR M 6 72.77 -53.57 30.30
CA THR M 6 73.82 -54.14 31.13
C THR M 6 73.34 -54.06 32.57
N GLN M 7 72.84 -55.17 33.08
CA GLN M 7 72.35 -55.23 34.44
C GLN M 7 73.42 -55.85 35.33
N SER M 8 73.86 -55.10 36.33
CA SER M 8 74.96 -55.56 37.15
C SER M 8 74.66 -55.28 38.62
N PRO M 9 74.92 -56.24 39.52
CA PRO M 9 75.30 -57.62 39.22
C PRO M 9 74.07 -58.43 38.85
N SER M 10 74.25 -59.55 38.17
CA SER M 10 73.12 -60.37 37.77
C SER M 10 72.58 -61.22 38.91
N SER M 11 73.25 -61.24 40.06
CA SER M 11 72.69 -61.78 41.29
C SER M 11 73.45 -61.15 42.44
N LEU M 12 72.78 -61.12 43.60
CA LEU M 12 73.44 -60.69 44.82
C LEU M 12 72.72 -61.30 46.00
N SER M 13 73.38 -62.27 46.64
CA SER M 13 72.85 -62.95 47.82
C SER M 13 73.05 -62.04 49.02
N ALA M 14 71.95 -61.67 49.65
CA ALA M 14 71.96 -60.55 50.58
C ALA M 14 71.38 -60.95 51.93
N SER M 15 71.36 -59.99 52.85
CA SER M 15 70.99 -60.21 54.23
C SER M 15 69.93 -59.19 54.67
N VAL M 16 69.55 -59.26 55.94
CA VAL M 16 68.43 -58.49 56.43
C VAL M 16 68.85 -57.04 56.67
N GLY M 17 68.05 -56.10 56.17
CA GLY M 17 68.27 -54.69 56.42
C GLY M 17 69.32 -54.03 55.56
N ASP M 18 69.69 -54.65 54.43
CA ASP M 18 70.73 -54.13 53.58
C ASP M 18 70.25 -52.90 52.81
N ARG M 19 71.16 -52.35 52.01
CA ARG M 19 70.84 -51.30 51.06
C ARG M 19 71.55 -51.64 49.76
N VAL M 20 70.87 -52.39 48.90
CA VAL M 20 71.45 -52.98 47.69
C VAL M 20 71.24 -52.01 46.54
N THR M 21 72.29 -51.79 45.76
CA THR M 21 72.24 -50.94 44.58
C THR M 21 72.36 -51.82 43.35
N ILE M 22 71.23 -52.18 42.75
CA ILE M 22 71.22 -53.00 41.55
C ILE M 22 71.26 -52.08 40.35
N THR M 23 72.36 -52.12 39.61
CA THR M 23 72.63 -51.20 38.53
C THR M 23 72.16 -51.79 37.21
N CYS M 24 71.51 -50.96 36.41
CA CYS M 24 71.18 -51.30 35.03
C CYS M 24 71.83 -50.23 34.17
N ARG M 25 72.83 -50.64 33.41
CA ARG M 25 73.53 -49.73 32.51
C ARG M 25 73.01 -49.89 31.11
N ALA M 26 73.18 -48.85 30.29
CA ALA M 26 72.60 -48.82 28.97
C ALA M 26 73.66 -48.57 27.92
N SER M 27 73.43 -49.11 26.73
CA SER M 27 74.36 -48.89 25.63
C SER M 27 74.18 -47.52 25.00
N GLN M 28 73.01 -46.90 25.12
CA GLN M 28 72.77 -45.57 24.58
C GLN M 28 72.39 -44.64 25.71
N SER M 29 72.18 -43.37 25.35
CA SER M 29 71.71 -42.38 26.31
C SER M 29 70.18 -42.36 26.27
N ILE M 30 69.57 -42.99 27.27
CA ILE M 30 68.11 -43.07 27.39
C ILE M 30 67.71 -42.08 28.47
N SER M 31 66.70 -41.25 28.17
CA SER M 31 66.32 -40.09 28.98
C SER M 31 65.99 -40.44 30.43
N SER M 32 64.88 -41.13 30.64
CA SER M 32 64.63 -41.79 31.90
C SER M 32 63.90 -43.11 31.74
N TYR M 33 63.81 -43.64 30.53
CA TYR M 33 62.80 -44.63 30.19
C TYR M 33 63.26 -45.99 30.66
N LEU M 34 63.22 -46.21 31.97
CA LEU M 34 63.65 -47.48 32.53
C LEU M 34 62.82 -47.78 33.76
N ASN M 35 62.55 -49.05 33.96
CA ASN M 35 61.61 -49.47 34.99
C ASN M 35 62.24 -50.55 35.84
N TRP M 36 61.47 -51.08 36.79
CA TRP M 36 61.94 -52.14 37.69
C TRP M 36 60.78 -53.04 38.06
N TYR M 37 61.08 -54.32 38.26
CA TYR M 37 60.00 -55.28 38.48
C TYR M 37 60.31 -56.20 39.65
N GLN M 38 59.26 -56.61 40.36
CA GLN M 38 59.38 -57.71 41.31
C GLN M 38 58.88 -59.00 40.67
N GLN M 39 59.68 -60.05 40.71
CA GLN M 39 59.21 -61.37 40.33
C GLN M 39 59.74 -62.43 41.29
N LYS M 40 58.87 -62.90 42.19
CA LYS M 40 59.19 -64.22 42.70
C LYS M 40 58.94 -65.24 41.60
N PRO M 41 59.77 -66.28 41.49
CA PRO M 41 59.75 -67.13 40.29
C PRO M 41 58.47 -67.92 40.13
N GLY M 42 57.68 -67.53 39.13
CA GLY M 42 56.35 -68.03 38.91
C GLY M 42 55.24 -67.01 39.06
N LYS M 43 55.57 -65.78 39.44
CA LYS M 43 54.59 -64.73 39.65
C LYS M 43 54.49 -63.84 38.42
N ALA M 44 53.68 -62.82 38.53
CA ALA M 44 53.63 -61.79 37.49
C ALA M 44 54.58 -60.66 37.86
N PRO M 45 55.25 -60.05 36.88
CA PRO M 45 56.23 -59.00 37.21
C PRO M 45 55.56 -57.73 37.70
N LYS M 46 55.64 -57.51 39.00
CA LYS M 46 55.04 -56.38 39.68
C LYS M 46 55.96 -55.18 39.50
N LEU M 47 55.47 -54.15 38.81
CA LEU M 47 56.24 -52.94 38.52
C LEU M 47 56.62 -52.19 39.79
N LEU M 48 57.87 -51.73 39.84
CA LEU M 48 58.39 -51.07 41.04
C LEU M 48 58.63 -49.59 40.83
N ILE M 49 59.39 -49.20 39.81
CA ILE M 49 59.67 -47.81 39.52
C ILE M 49 59.28 -47.54 38.07
N TYR M 50 58.68 -46.38 37.82
CA TYR M 50 58.43 -45.98 36.44
C TYR M 50 59.17 -44.68 36.19
N ALA M 51 59.69 -44.55 34.96
CA ALA M 51 60.55 -43.46 34.51
C ALA M 51 61.82 -43.31 35.35
N ALA M 52 62.27 -44.40 35.98
CA ALA M 52 63.54 -44.55 36.69
C ALA M 52 63.72 -43.65 37.92
N SER M 53 62.75 -42.80 38.23
CA SER M 53 62.86 -41.87 39.33
C SER M 53 61.56 -41.64 40.08
N SER M 54 60.61 -42.59 40.04
CA SER M 54 59.31 -42.35 40.63
C SER M 54 58.79 -43.63 41.26
N LEU M 55 58.26 -43.53 42.48
CA LEU M 55 57.78 -44.67 43.22
C LEU M 55 56.45 -45.17 42.66
N GLN M 56 55.91 -46.21 43.30
CA GLN M 56 54.68 -46.82 42.82
C GLN M 56 53.77 -47.13 44.00
N SER M 57 52.46 -47.14 43.73
CA SER M 57 51.45 -47.51 44.70
C SER M 57 51.68 -48.92 45.22
N GLY M 58 51.48 -49.09 46.53
CA GLY M 58 51.74 -50.34 47.20
C GLY M 58 53.19 -50.60 47.56
N VAL M 59 54.13 -49.94 46.88
CA VAL M 59 55.55 -50.14 47.09
C VAL M 59 56.09 -48.92 47.84
N PRO M 60 56.49 -49.05 49.09
CA PRO M 60 57.04 -47.91 49.83
C PRO M 60 58.42 -47.50 49.33
N SER M 61 58.99 -46.52 50.03
CA SER M 61 60.27 -45.95 49.61
C SER M 61 61.47 -46.77 50.05
N ARG M 62 61.28 -48.01 50.52
CA ARG M 62 62.39 -48.94 50.66
C ARG M 62 63.06 -49.25 49.32
N PHE M 63 62.33 -49.11 48.22
CA PHE M 63 62.89 -49.08 46.88
C PHE M 63 62.92 -47.61 46.47
N SER M 64 63.91 -47.25 45.65
CA SER M 64 64.16 -45.85 45.30
C SER M 64 65.01 -45.78 44.05
N GLY M 65 64.47 -45.22 42.98
CA GLY M 65 65.18 -45.16 41.72
C GLY M 65 65.81 -43.81 41.45
N SER M 66 66.90 -43.83 40.69
CA SER M 66 67.54 -42.63 40.18
C SER M 66 68.41 -43.01 38.99
N GLY M 67 68.89 -41.99 38.29
CA GLY M 67 69.77 -42.15 37.16
C GLY M 67 69.13 -41.70 35.87
N SER M 68 69.99 -41.51 34.87
CA SER M 68 69.56 -41.06 33.55
C SER M 68 70.67 -41.36 32.55
N GLY M 69 70.37 -41.15 31.28
CA GLY M 69 71.38 -41.31 30.25
C GLY M 69 71.67 -42.78 30.00
N THR M 70 72.85 -43.21 30.43
CA THR M 70 73.25 -44.61 30.31
C THR M 70 73.11 -45.33 31.63
N ASP M 71 73.18 -44.60 32.74
CA ASP M 71 73.38 -45.16 34.06
C ASP M 71 72.07 -45.12 34.80
N PHE M 72 71.61 -46.28 35.28
CA PHE M 72 70.36 -46.36 36.01
C PHE M 72 70.56 -47.21 37.26
N THR M 73 69.85 -46.85 38.32
CA THR M 73 70.16 -47.35 39.65
C THR M 73 68.89 -47.80 40.36
N LEU M 74 68.93 -49.01 40.91
CA LEU M 74 67.91 -49.54 41.79
C LEU M 74 68.42 -49.41 43.22
N THR M 75 67.80 -48.52 43.97
CA THR M 75 68.23 -48.20 45.33
C THR M 75 67.30 -48.91 46.30
N ILE M 76 67.60 -50.15 46.61
CA ILE M 76 66.86 -50.89 47.62
C ILE M 76 67.45 -50.53 48.97
N SER M 77 66.59 -50.15 49.91
CA SER M 77 67.02 -49.71 51.22
C SER M 77 66.21 -50.43 52.30
N SER M 78 66.87 -50.75 53.41
CA SER M 78 66.30 -51.44 54.57
C SER M 78 65.65 -52.76 54.16
N LEU M 79 66.50 -53.68 53.70
CA LEU M 79 66.07 -54.82 52.92
C LEU M 79 65.22 -55.79 53.74
N GLN M 80 64.02 -56.03 53.25
CA GLN M 80 62.96 -56.71 53.97
C GLN M 80 62.92 -58.19 53.59
N PRO M 81 62.45 -59.06 54.49
CA PRO M 81 62.40 -60.50 54.18
C PRO M 81 61.48 -60.90 53.04
N GLU M 82 60.57 -60.02 52.62
CA GLU M 82 59.77 -60.30 51.43
C GLU M 82 60.42 -59.79 50.15
N ASP M 83 61.44 -58.96 50.25
CA ASP M 83 62.03 -58.36 49.07
C ASP M 83 63.03 -59.27 48.36
N PHE M 84 63.25 -60.48 48.86
CA PHE M 84 64.23 -61.39 48.27
C PHE M 84 63.58 -62.15 47.12
N ALA M 85 63.80 -61.68 45.89
CA ALA M 85 63.19 -62.26 44.70
C ALA M 85 64.03 -61.90 43.49
N THR M 86 63.52 -62.22 42.30
CA THR M 86 64.22 -61.97 41.05
C THR M 86 63.68 -60.72 40.39
N TYR M 87 64.56 -59.75 40.17
CA TYR M 87 64.15 -58.42 39.75
C TYR M 87 64.66 -58.12 38.35
N TYR M 88 64.18 -57.04 37.77
CA TYR M 88 64.42 -56.72 36.37
C TYR M 88 64.40 -55.22 36.13
N CYS M 89 65.28 -54.76 35.24
CA CYS M 89 65.18 -53.44 34.67
C CYS M 89 64.53 -53.50 33.28
N GLN M 90 64.32 -52.33 32.69
CA GLN M 90 63.45 -52.21 31.52
C GLN M 90 63.69 -50.91 30.77
N GLN M 91 63.99 -51.02 29.48
CA GLN M 91 63.95 -49.86 28.60
C GLN M 91 62.56 -49.71 28.02
N SER M 92 62.22 -48.48 27.63
CA SER M 92 61.12 -48.23 26.73
C SER M 92 61.48 -47.13 25.75
N TYR M 93 62.76 -46.98 25.47
CA TYR M 93 63.26 -45.86 24.66
C TYR M 93 62.89 -46.04 23.21
N SER M 94 63.31 -47.15 22.62
CA SER M 94 63.07 -47.44 21.22
C SER M 94 62.29 -48.74 21.08
N THR M 95 62.05 -49.10 19.87
CA THR M 95 61.62 -50.45 19.53
C THR M 95 62.78 -51.16 18.85
N PRO M 96 63.19 -52.37 19.29
CA PRO M 96 62.67 -53.27 20.32
C PRO M 96 62.95 -52.89 21.76
N ARG M 97 62.04 -53.25 22.65
CA ARG M 97 62.29 -53.17 24.07
C ARG M 97 63.06 -54.42 24.49
N THR M 98 64.05 -54.22 25.35
CA THR M 98 64.71 -55.35 25.99
C THR M 98 64.61 -55.15 27.48
N PHE M 99 64.75 -56.24 28.21
CA PHE M 99 64.72 -56.20 29.66
C PHE M 99 66.08 -56.69 30.12
N GLY M 100 66.44 -56.36 31.36
CA GLY M 100 67.67 -56.89 31.90
C GLY M 100 67.61 -58.38 32.15
N GLN M 101 68.77 -58.98 32.40
CA GLN M 101 68.79 -60.42 32.62
C GLN M 101 68.25 -60.83 33.99
N GLY M 102 68.04 -59.88 34.88
CA GLY M 102 67.49 -60.19 36.19
C GLY M 102 68.55 -60.16 37.26
N THR M 103 68.14 -59.80 38.47
CA THR M 103 69.01 -59.84 39.63
C THR M 103 68.24 -60.47 40.77
N LYS M 104 68.68 -61.64 41.21
CA LYS M 104 68.02 -62.38 42.28
C LYS M 104 68.65 -61.98 43.61
N VAL M 105 67.92 -61.20 44.38
CA VAL M 105 68.31 -60.89 45.75
C VAL M 105 67.76 -62.00 46.63
N GLU M 106 68.63 -62.63 47.41
CA GLU M 106 68.29 -63.87 48.09
C GLU M 106 69.01 -63.93 49.43
N ILE M 107 68.48 -64.75 50.32
CA ILE M 107 68.88 -64.72 51.72
C ILE M 107 70.22 -65.41 51.90
N LYS M 108 71.13 -64.73 52.58
CA LYS M 108 72.49 -65.22 52.79
C LYS M 108 72.53 -66.30 53.86
N GLN N 1 47.81 50.50 30.30
CA GLN N 1 48.20 51.90 30.25
C GLN N 1 48.92 52.34 31.51
N GLN N 2 48.53 51.77 32.65
CA GLN N 2 48.89 52.36 33.93
C GLN N 2 49.04 51.25 34.97
N LEU N 3 49.98 51.44 35.88
CA LEU N 3 50.28 50.45 36.91
C LEU N 3 50.27 51.14 38.27
N VAL N 4 49.63 50.51 39.25
CA VAL N 4 49.60 51.06 40.61
C VAL N 4 50.16 49.99 41.55
N GLU N 5 50.73 50.43 42.67
CA GLU N 5 51.50 49.57 43.55
C GLU N 5 50.92 49.60 44.96
N SER N 6 51.18 48.53 45.72
CA SER N 6 50.83 48.52 47.12
C SER N 6 51.78 49.43 47.90
N GLY N 7 51.40 49.75 49.13
CA GLY N 7 52.14 50.72 49.90
C GLY N 7 53.44 50.16 50.45
N GLY N 8 54.49 50.94 50.29
CA GLY N 8 55.77 50.63 50.91
C GLY N 8 55.82 51.15 52.34
N GLY N 9 56.84 50.71 53.05
CA GLY N 9 56.95 51.07 54.45
C GLY N 9 58.19 50.46 55.09
N VAL N 10 58.32 50.71 56.39
CA VAL N 10 59.46 50.23 57.16
C VAL N 10 59.05 48.94 57.86
N VAL N 11 59.74 47.86 57.53
CA VAL N 11 59.47 46.52 58.04
C VAL N 11 60.75 46.00 58.71
N GLN N 12 60.58 45.31 59.88
CA GLN N 12 61.72 44.69 60.52
C GLN N 12 62.23 43.52 59.69
N PRO N 13 63.54 43.22 59.77
CA PRO N 13 64.10 42.10 59.00
C PRO N 13 63.55 40.75 59.40
N GLY N 14 63.66 39.80 58.49
CA GLY N 14 63.11 38.47 58.67
C GLY N 14 61.62 38.34 58.43
N ARG N 15 60.92 39.44 58.18
CA ARG N 15 59.47 39.43 58.07
C ARG N 15 59.04 39.22 56.62
N SER N 16 57.76 39.47 56.36
CA SER N 16 57.17 39.29 55.04
C SER N 16 56.22 40.43 54.76
N LEU N 17 56.14 40.84 53.49
CA LEU N 17 55.25 41.92 53.09
C LEU N 17 54.77 41.72 51.67
N ARG N 18 53.50 41.35 51.50
CA ARG N 18 52.93 41.10 50.19
C ARG N 18 52.88 42.38 49.35
N LEU N 19 53.32 42.26 48.10
CA LEU N 19 53.38 43.37 47.17
C LEU N 19 52.29 43.21 46.12
N SER N 20 51.40 44.19 46.07
CA SER N 20 50.28 44.23 45.14
C SER N 20 50.55 45.27 44.07
N CYS N 21 50.26 44.93 42.83
CA CYS N 21 50.43 45.88 41.74
C CYS N 21 49.34 45.61 40.70
N ALA N 22 48.45 46.57 40.53
CA ALA N 22 47.29 46.40 39.66
C ALA N 22 47.51 47.15 38.35
N ALA N 23 47.00 46.57 37.27
CA ALA N 23 47.13 47.15 35.95
C ALA N 23 45.88 47.95 35.57
N SER N 24 45.97 48.67 34.47
CA SER N 24 44.87 49.47 33.94
C SER N 24 45.20 49.80 32.49
N GLY N 25 44.14 50.00 31.71
CA GLY N 25 44.28 50.22 30.28
C GLY N 25 44.30 48.96 29.45
N PHE N 26 45.32 48.13 29.58
CA PHE N 26 45.24 46.77 29.08
C PHE N 26 45.57 45.82 30.22
N THR N 27 45.03 44.61 30.09
CA THR N 27 45.15 43.57 31.09
C THR N 27 46.59 43.14 31.33
N PHE N 28 46.85 42.70 32.57
CA PHE N 28 47.95 41.80 32.85
C PHE N 28 47.87 40.51 32.05
N SER N 29 46.65 40.02 31.79
CA SER N 29 46.39 38.60 31.55
C SER N 29 47.17 38.05 30.36
N SER N 30 47.18 38.78 29.25
CA SER N 30 47.83 38.23 28.07
C SER N 30 49.35 38.33 28.12
N TYR N 31 49.88 39.11 29.05
CA TYR N 31 51.32 39.31 29.07
C TYR N 31 51.97 38.56 30.23
N ALA N 32 53.27 38.76 30.36
CA ALA N 32 54.01 38.43 31.56
C ALA N 32 54.05 39.69 32.42
N MET N 33 54.78 39.65 33.54
CA MET N 33 55.10 40.88 34.26
C MET N 33 56.32 40.61 35.12
N HIS N 34 57.04 41.67 35.46
CA HIS N 34 58.29 41.55 36.20
C HIS N 34 58.27 42.46 37.42
N TRP N 35 59.27 42.25 38.27
CA TRP N 35 59.65 43.18 39.33
C TRP N 35 61.13 43.50 39.20
N VAL N 36 61.47 44.77 39.40
CA VAL N 36 62.87 45.16 39.50
C VAL N 36 63.05 46.02 40.74
N ARG N 37 64.31 46.21 41.10
CA ARG N 37 64.75 46.89 42.31
C ARG N 37 65.66 48.05 41.93
N GLN N 38 65.49 49.19 42.61
CA GLN N 38 66.46 50.27 42.54
C GLN N 38 66.78 50.72 43.96
N ALA N 39 67.97 50.41 44.41
CA ALA N 39 68.52 51.03 45.60
C ALA N 39 69.01 52.42 45.25
N PRO N 40 69.04 53.35 46.21
CA PRO N 40 69.44 54.74 45.90
C PRO N 40 70.90 54.81 45.48
N GLY N 41 71.13 55.36 44.29
CA GLY N 41 72.45 55.39 43.72
C GLY N 41 72.89 54.10 43.06
N LYS N 42 72.09 53.05 43.13
CA LYS N 42 72.44 51.76 42.54
C LYS N 42 71.66 51.55 41.26
N GLY N 43 72.19 50.68 40.41
CA GLY N 43 71.55 50.38 39.16
C GLY N 43 70.28 49.59 39.34
N LEU N 44 69.53 49.49 38.24
CA LEU N 44 68.29 48.75 38.22
C LEU N 44 68.61 47.26 38.18
N GLU N 45 68.21 46.53 39.20
CA GLU N 45 68.51 45.10 39.31
C GLU N 45 67.22 44.33 39.20
N TRP N 46 67.16 43.44 38.21
CA TRP N 46 65.99 42.61 38.00
C TRP N 46 65.78 41.66 39.18
N VAL N 47 64.50 41.38 39.49
CA VAL N 47 64.18 40.57 40.65
C VAL N 47 63.54 39.25 40.26
N ALA N 48 62.36 39.28 39.66
CA ALA N 48 61.61 38.05 39.41
C ALA N 48 60.59 38.28 38.31
N VAL N 49 60.20 37.18 37.64
CA VAL N 49 59.21 37.23 36.57
C VAL N 49 57.89 36.70 37.10
N ILE N 50 56.85 36.88 36.31
CA ILE N 50 55.65 36.06 36.38
C ILE N 50 55.31 35.72 34.94
N SER N 51 54.71 34.55 34.72
CA SER N 51 54.34 34.12 33.39
C SER N 51 52.95 33.51 33.47
N TYR N 52 51.92 34.32 33.20
CA TYR N 52 50.56 33.80 33.35
C TYR N 52 50.15 32.89 32.22
N ASP N 53 50.73 33.03 31.02
CA ASP N 53 50.22 32.35 29.84
C ASP N 53 50.44 30.83 29.89
N GLY N 54 51.34 30.39 30.74
CA GLY N 54 51.30 29.03 31.24
C GLY N 54 51.07 29.05 32.72
N SER N 55 52.10 28.65 33.47
CA SER N 55 52.35 29.10 34.84
C SER N 55 53.78 28.72 35.17
N ASN N 56 54.60 29.73 35.47
CA ASN N 56 55.99 29.51 35.84
C ASN N 56 56.49 30.75 36.55
N LYS N 57 57.38 30.54 37.51
CA LYS N 57 57.93 31.62 38.31
C LYS N 57 59.44 31.46 38.39
N TYR N 58 60.16 32.48 37.95
CA TYR N 58 61.61 32.51 38.02
C TYR N 58 62.06 33.67 38.91
N TYR N 59 63.06 33.39 39.73
CA TYR N 59 63.59 34.32 40.72
C TYR N 59 65.05 34.57 40.39
N ALA N 60 65.55 35.74 40.78
CA ALA N 60 66.98 35.96 40.72
C ALA N 60 67.66 35.15 41.82
N ASP N 61 68.71 34.42 41.46
CA ASP N 61 69.50 33.74 42.47
C ASP N 61 70.47 34.68 43.16
N SER N 62 70.66 35.88 42.63
CA SER N 62 71.43 36.91 43.32
C SER N 62 70.75 37.32 44.61
N VAL N 63 69.44 37.54 44.56
CA VAL N 63 68.62 37.73 45.75
C VAL N 63 67.61 36.60 45.72
N LYS N 64 67.99 35.47 46.29
CA LYS N 64 67.19 34.26 46.28
C LYS N 64 66.62 34.09 47.68
N GLY N 65 65.51 34.78 47.93
CA GLY N 65 64.89 34.76 49.23
C GLY N 65 63.51 34.15 49.26
N ARG N 66 63.11 33.41 48.21
CA ARG N 66 61.76 32.89 48.01
C ARG N 66 60.72 34.00 48.09
N PHE N 67 61.02 35.09 47.41
CA PHE N 67 60.05 36.16 47.22
C PHE N 67 58.98 35.67 46.26
N THR N 68 57.86 35.22 46.80
CA THR N 68 56.91 34.46 46.00
C THR N 68 56.06 35.37 45.14
N ILE N 69 55.77 34.90 43.93
CA ILE N 69 55.05 35.69 42.94
C ILE N 69 53.89 34.85 42.40
N SER N 70 52.71 35.46 42.37
CA SER N 70 51.53 34.89 41.72
C SER N 70 50.60 36.04 41.39
N ARG N 71 49.38 35.69 41.04
CA ARG N 71 48.50 36.60 40.32
C ARG N 71 47.29 36.98 41.15
N ASP N 72 46.62 38.03 40.68
CA ASP N 72 45.17 38.13 40.69
C ASP N 72 44.82 38.65 39.31
N ASN N 73 44.68 37.74 38.35
CA ASN N 73 44.49 38.08 36.95
C ASN N 73 43.18 38.80 36.70
N SER N 74 42.13 38.43 37.44
CA SER N 74 40.82 39.01 37.23
C SER N 74 40.73 40.42 37.78
N LYS N 75 41.69 40.83 38.61
CA LYS N 75 41.83 42.22 38.98
C LYS N 75 43.00 42.88 38.28
N ASN N 76 43.67 42.17 37.36
CA ASN N 76 44.85 42.63 36.63
C ASN N 76 45.95 43.07 37.59
N THR N 77 46.19 42.24 38.60
CA THR N 77 47.00 42.59 39.74
C THR N 77 47.98 41.45 39.98
N LEU N 78 49.08 41.73 40.67
CA LEU N 78 50.15 40.77 40.84
C LEU N 78 50.76 40.93 42.23
N TYR N 79 51.08 39.78 42.84
CA TYR N 79 51.40 39.69 44.26
C TYR N 79 52.75 39.00 44.42
N LEU N 80 53.70 39.71 45.01
CA LEU N 80 54.99 39.12 45.37
C LEU N 80 55.27 39.44 46.83
N GLN N 81 55.31 38.41 47.66
CA GLN N 81 55.42 38.57 49.09
C GLN N 81 56.89 38.65 49.48
N MET N 82 57.26 39.73 50.16
CA MET N 82 58.63 39.95 50.60
C MET N 82 58.97 39.03 51.76
N ASN N 83 59.70 37.96 51.46
CA ASN N 83 60.03 36.94 52.44
C ASN N 83 61.53 36.94 52.68
N SER N 84 61.92 36.63 53.92
CA SER N 84 63.31 36.49 54.37
C SER N 84 64.11 37.78 54.12
N LEU N 85 63.71 38.83 54.82
CA LEU N 85 64.21 40.17 54.55
C LEU N 85 65.64 40.35 55.08
N ARG N 86 66.32 41.34 54.50
CA ARG N 86 67.65 41.76 54.91
C ARG N 86 67.90 43.15 54.35
N ALA N 87 68.67 43.94 55.12
CA ALA N 87 68.54 45.40 55.12
C ALA N 87 68.95 46.03 53.80
N GLU N 88 69.88 45.38 53.08
CA GLU N 88 70.35 45.91 51.80
C GLU N 88 69.28 45.83 50.72
N ASP N 89 68.20 45.10 50.94
CA ASP N 89 67.06 45.12 50.04
C ASP N 89 66.21 46.37 50.20
N THR N 90 66.53 47.24 51.16
CA THR N 90 65.84 48.51 51.33
C THR N 90 66.02 49.38 50.09
N ALA N 91 64.94 49.56 49.35
CA ALA N 91 65.01 50.13 48.01
C ALA N 91 63.60 50.47 47.54
N VAL N 92 63.51 50.88 46.26
CA VAL N 92 62.22 51.09 45.61
C VAL N 92 62.01 49.95 44.62
N TYR N 93 60.78 49.49 44.47
CA TYR N 93 60.51 48.45 43.49
C TYR N 93 59.67 48.98 42.34
N TYR N 94 59.79 48.33 41.19
CA TYR N 94 59.00 48.65 40.00
C TYR N 94 58.35 47.40 39.42
N CYS N 95 57.13 47.59 38.92
CA CYS N 95 56.43 46.61 38.12
C CYS N 95 56.87 46.80 36.67
N ALA N 96 57.28 45.73 36.00
CA ALA N 96 58.03 45.89 34.76
C ALA N 96 57.54 45.00 33.62
N ARG N 97 57.98 45.35 32.42
CA ARG N 97 57.69 44.60 31.21
C ARG N 97 58.81 44.85 30.20
N HIS N 98 59.19 43.81 29.47
CA HIS N 98 60.31 43.84 28.54
C HIS N 98 59.82 43.68 27.12
N ALA N 99 60.23 44.59 26.24
CA ALA N 99 59.95 44.43 24.83
C ALA N 99 60.86 43.36 24.25
N THR N 100 60.33 42.16 24.02
CA THR N 100 61.14 41.01 23.62
C THR N 100 61.07 40.90 22.09
N LEU N 101 61.52 41.95 21.41
CA LEU N 101 61.70 42.06 19.95
C LEU N 101 60.37 42.05 19.18
N MET N 102 59.26 41.82 19.87
CA MET N 102 57.96 41.65 19.26
C MET N 102 57.08 42.80 19.68
N ASN N 103 56.94 42.99 20.98
CA ASN N 103 56.03 43.99 21.48
C ASN N 103 56.75 45.31 21.71
N ASN N 104 55.97 46.32 22.05
CA ASN N 104 56.45 47.50 22.74
C ASN N 104 55.49 47.71 23.89
N LYS N 105 55.69 46.97 24.97
CA LYS N 105 54.78 47.03 26.09
C LYS N 105 55.45 47.39 27.40
N ASP N 106 56.66 47.96 27.36
CA ASP N 106 57.41 48.22 28.58
C ASP N 106 56.75 49.32 29.38
N ILE N 107 55.98 48.93 30.39
CA ILE N 107 55.22 49.84 31.23
C ILE N 107 55.68 49.65 32.67
N TRP N 108 55.86 50.76 33.37
CA TRP N 108 56.53 50.77 34.65
C TRP N 108 55.63 51.42 35.68
N GLY N 109 55.59 50.86 36.89
CA GLY N 109 54.80 51.40 37.96
C GLY N 109 55.39 52.69 38.50
N GLN N 110 54.76 53.21 39.55
CA GLN N 110 55.18 54.50 40.06
C GLN N 110 56.39 54.37 40.98
N GLY N 111 56.55 53.22 41.62
CA GLY N 111 57.66 53.00 42.51
C GLY N 111 57.29 53.25 43.97
N THR N 112 57.44 52.22 44.80
CA THR N 112 57.24 52.34 46.23
C THR N 112 58.44 51.80 46.99
N LEU N 113 58.70 52.40 48.15
CA LEU N 113 59.86 52.03 48.95
C LEU N 113 59.53 50.91 49.91
N VAL N 114 60.23 49.80 49.76
CA VAL N 114 60.36 48.80 50.81
C VAL N 114 61.57 49.18 51.66
N THR N 115 61.41 49.13 52.97
CA THR N 115 62.50 49.43 53.90
C THR N 115 62.65 48.25 54.84
N VAL N 116 63.88 47.76 54.97
CA VAL N 116 64.16 46.64 55.85
C VAL N 116 65.08 47.15 56.96
N SER N 117 64.51 47.42 58.13
CA SER N 117 65.25 47.95 59.27
C SER N 117 64.42 47.74 60.53
N SER N 118 65.12 47.57 61.64
CA SER N 118 64.49 47.49 62.95
C SER N 118 64.12 48.86 63.51
N ALA N 119 64.68 49.93 62.93
CA ALA N 119 64.41 51.29 63.37
C ALA N 119 63.39 51.91 62.42
N SER N 120 62.21 52.23 62.94
CA SER N 120 61.12 52.77 62.13
C SER N 120 61.40 54.21 61.70
N GLY O 1 76.65 29.68 34.44
CA GLY O 1 76.54 30.84 35.30
C GLY O 1 75.70 31.95 34.72
N ASP O 2 75.74 33.12 35.35
CA ASP O 2 74.97 34.26 34.86
C ASP O 2 75.64 34.86 33.63
N ILE O 3 74.91 35.74 32.97
CA ILE O 3 75.46 36.49 31.85
C ILE O 3 75.87 37.86 32.34
N GLN O 4 77.15 38.18 32.21
CA GLN O 4 77.67 39.46 32.66
C GLN O 4 77.44 40.52 31.59
N LEU O 5 77.08 41.71 32.03
CA LEU O 5 77.04 42.88 31.15
C LEU O 5 78.23 43.77 31.44
N THR O 6 78.58 44.58 30.47
CA THR O 6 79.68 45.53 30.58
C THR O 6 79.23 46.82 29.91
N GLN O 7 78.81 47.78 30.71
CA GLN O 7 78.36 49.06 30.20
C GLN O 7 79.48 50.07 30.33
N SER O 8 79.90 50.63 29.22
CA SER O 8 81.04 51.53 29.25
C SER O 8 80.77 52.74 28.37
N PRO O 9 81.09 53.96 28.84
CA PRO O 9 81.53 54.26 30.20
C PRO O 9 80.34 54.33 31.13
N SER O 10 80.57 54.19 32.43
CA SER O 10 79.46 54.23 33.38
C SER O 10 78.99 55.64 33.68
N SER O 11 79.70 56.66 33.18
CA SER O 11 79.20 58.02 33.16
C SER O 11 79.94 58.77 32.07
N LEU O 12 79.31 59.83 31.56
CA LEU O 12 79.99 60.72 30.62
C LEU O 12 79.32 62.08 30.70
N SER O 13 80.04 63.04 31.27
CA SER O 13 79.57 64.42 31.39
C SER O 13 79.76 65.10 30.05
N ALA O 14 78.66 65.57 29.47
CA ALA O 14 78.63 65.92 28.07
C ALA O 14 78.11 67.33 27.88
N SER O 15 78.07 67.75 26.61
CA SER O 15 77.74 69.12 26.23
C SER O 15 76.64 69.11 25.16
N VAL O 16 76.30 70.31 24.69
CA VAL O 16 75.16 70.47 23.82
C VAL O 16 75.51 70.05 22.39
N GLY O 17 74.65 69.23 21.80
CA GLY O 17 74.81 68.85 20.40
C GLY O 17 75.81 67.74 20.15
N ASP O 18 76.18 66.98 21.17
CA ASP O 18 77.17 65.93 21.03
C ASP O 18 76.61 64.73 20.26
N ARG O 19 77.46 63.73 20.09
CA ARG O 19 77.07 62.43 19.55
C ARG O 19 77.76 61.37 20.40
N VAL O 20 77.10 60.95 21.48
CA VAL O 20 77.68 60.09 22.50
C VAL O 20 77.39 58.65 22.13
N THR O 21 78.41 57.79 22.23
CA THR O 21 78.28 56.37 21.96
C THR O 21 78.42 55.64 23.30
N ILE O 22 77.29 55.30 23.91
CA ILE O 22 77.30 54.57 25.17
C ILE O 22 77.26 53.08 24.85
N THR O 23 78.34 52.40 25.17
CA THR O 23 78.54 51.00 24.79
C THR O 23 78.06 50.09 25.90
N CYS O 24 77.35 49.04 25.52
CA CYS O 24 77.00 47.96 26.44
C CYS O 24 77.58 46.70 25.82
N ARG O 25 78.57 46.13 26.48
CA ARG O 25 79.20 44.91 26.02
C ARG O 25 78.65 43.72 26.79
N ALA O 26 78.76 42.54 26.20
CA ALA O 26 78.15 41.36 26.76
C ALA O 26 79.16 40.26 26.95
N SER O 27 78.92 39.42 27.95
CA SER O 27 79.81 38.29 28.19
C SER O 27 79.56 37.15 27.23
N GLN O 28 78.36 37.04 26.67
CA GLN O 28 78.04 36.00 25.71
C GLN O 28 77.65 36.63 24.39
N SER O 29 77.37 35.78 23.41
CA SER O 29 76.87 36.24 22.12
C SER O 29 75.34 36.26 22.17
N ILE O 30 74.78 37.45 22.33
CA ILE O 30 73.34 37.68 22.40
C ILE O 30 72.91 38.25 21.07
N SER O 31 71.85 37.66 20.47
CA SER O 31 71.45 37.91 19.10
C SER O 31 71.16 39.38 18.80
N SER O 32 70.09 39.92 19.36
CA SER O 32 69.92 41.35 19.43
C SER O 32 69.24 41.81 20.71
N TYR O 33 69.15 40.93 21.71
CA TYR O 33 68.18 41.10 22.79
C TYR O 33 68.72 42.08 23.80
N LEU O 34 68.72 43.36 23.44
CA LEU O 34 69.23 44.39 24.33
C LEU O 34 68.44 45.67 24.09
N ASN O 35 68.24 46.42 25.17
CA ASN O 35 67.35 47.56 25.13
C ASN O 35 68.07 48.76 25.72
N TRP O 36 67.34 49.88 25.83
CA TRP O 36 67.89 51.11 26.37
C TRP O 36 66.79 51.90 27.06
N TYR O 37 67.14 52.60 28.12
CA TYR O 37 66.13 53.28 28.93
C TYR O 37 66.51 54.71 29.24
N GLN O 38 65.50 55.58 29.34
CA GLN O 38 65.69 56.90 29.92
C GLN O 38 65.24 56.89 31.38
N GLN O 39 66.10 57.35 32.28
CA GLN O 39 65.70 57.58 33.66
C GLN O 39 66.29 58.87 34.19
N LYS O 40 65.47 59.93 34.25
CA LYS O 40 65.86 60.94 35.21
C LYS O 40 65.64 60.40 36.61
N PRO O 41 66.52 60.71 37.57
CA PRO O 41 66.51 59.99 38.85
C PRO O 41 65.26 60.23 39.68
N GLY O 42 64.43 59.20 39.77
CA GLY O 42 63.12 59.28 40.37
C GLY O 42 61.97 59.01 39.42
N LYS O 43 62.25 58.83 38.13
CA LYS O 43 61.22 58.61 37.14
C LYS O 43 61.05 57.13 36.87
N ALA O 44 60.19 56.82 35.92
CA ALA O 44 60.06 55.45 35.45
C ALA O 44 60.97 55.25 34.24
N PRO O 45 61.58 54.08 34.07
CA PRO O 45 62.52 53.88 32.97
C PRO O 45 61.80 53.81 31.63
N LYS O 46 61.90 54.90 30.86
CA LYS O 46 61.26 55.04 29.57
C LYS O 46 62.11 54.32 28.53
N LEU O 47 61.55 53.29 27.91
CA LEU O 47 62.26 52.47 26.93
C LEU O 47 62.63 53.28 25.69
N LEU O 48 63.87 53.07 25.21
CA LEU O 48 64.38 53.85 24.09
C LEU O 48 64.54 53.01 22.83
N ILE O 49 65.25 51.89 22.90
CA ILE O 49 65.46 51.01 21.75
C ILE O 49 65.01 49.62 22.15
N TYR O 50 64.34 48.92 21.23
CA TYR O 50 64.04 47.53 21.46
C TYR O 50 64.72 46.70 20.38
N ALA O 51 65.19 45.52 20.77
CA ALA O 51 66.00 44.60 19.95
C ALA O 51 67.26 45.23 19.41
N ALA O 52 67.78 46.26 20.11
CA ALA O 52 69.08 46.90 19.90
C ALA O 52 69.24 47.61 18.55
N SER O 53 68.23 47.57 17.68
CA SER O 53 68.34 48.17 16.36
C SER O 53 67.04 48.81 15.88
N SER O 54 66.15 49.20 16.79
CA SER O 54 64.85 49.71 16.37
C SER O 54 64.40 50.84 17.27
N LEU O 55 63.91 51.92 16.66
CA LEU O 55 63.50 53.11 17.39
C LEU O 55 62.18 52.88 18.13
N GLN O 56 61.71 53.91 18.81
CA GLN O 56 60.50 53.80 19.60
C GLN O 56 59.64 55.04 19.42
N SER O 57 58.33 54.84 19.57
CA SER O 57 57.35 55.93 19.54
C SER O 57 57.67 57.00 20.58
N GLY O 58 57.52 58.26 20.17
CA GLY O 58 57.85 59.39 21.00
C GLY O 58 59.32 59.75 21.03
N VAL O 59 60.21 58.82 20.70
CA VAL O 59 61.65 59.04 20.75
C VAL O 59 62.14 59.16 19.30
N PRO O 60 62.57 60.35 18.86
CA PRO O 60 63.09 60.49 17.50
C PRO O 60 64.43 59.81 17.30
N SER O 61 64.98 59.99 16.09
CA SER O 61 66.20 59.31 15.71
C SER O 61 67.47 60.00 16.23
N ARG O 62 67.34 60.96 17.14
CA ARG O 62 68.51 61.44 17.89
C ARG O 62 69.16 60.34 18.73
N PHE O 63 68.39 59.32 19.10
CA PHE O 63 68.91 58.07 19.62
C PHE O 63 68.87 57.07 18.48
N SER O 64 69.81 56.13 18.47
CA SER O 64 69.99 55.20 17.34
C SER O 64 70.80 54.01 17.80
N GLY O 65 70.20 52.83 17.76
CA GLY O 65 70.88 51.63 18.23
C GLY O 65 71.44 50.79 17.10
N SER O 66 72.50 50.06 17.42
CA SER O 66 73.06 49.05 16.53
C SER O 66 73.92 48.10 17.35
N GLY O 67 74.34 47.01 16.71
CA GLY O 67 75.20 46.03 17.31
C GLY O 67 74.50 44.68 17.49
N SER O 68 75.32 43.67 17.72
CA SER O 68 74.84 42.30 17.90
C SER O 68 75.94 41.48 18.55
N GLY O 69 75.60 40.26 18.92
CA GLY O 69 76.59 39.35 19.48
C GLY O 69 76.94 39.73 20.90
N THR O 70 78.15 40.25 21.06
CA THR O 70 78.62 40.73 22.36
C THR O 70 78.54 42.25 22.45
N ASP O 71 78.60 42.92 21.31
CA ASP O 71 78.87 44.35 21.24
C ASP O 71 77.57 45.07 20.93
N PHE O 72 77.19 46.01 21.78
CA PHE O 72 75.96 46.76 21.59
C PHE O 72 76.24 48.24 21.81
N THR O 73 75.53 49.08 21.05
CA THR O 73 75.90 50.47 20.93
C THR O 73 74.68 51.37 21.07
N LEU O 74 74.80 52.38 21.92
CA LEU O 74 73.82 53.45 22.06
C LEU O 74 74.36 54.66 21.32
N THR O 75 73.72 54.99 20.21
CA THR O 75 74.17 56.05 19.31
C THR O 75 73.29 57.28 19.57
N ILE O 76 73.66 58.07 20.55
CA ILE O 76 73.00 59.33 20.81
C ILE O 76 73.59 60.38 19.88
N SER O 77 72.74 61.09 19.16
CA SER O 77 73.18 62.07 18.19
C SER O 77 72.43 63.38 18.40
N SER O 78 73.14 64.50 18.19
CA SER O 78 72.62 65.87 18.33
C SER O 78 72.04 66.10 19.72
N LEU O 79 72.92 66.04 20.72
CA LEU O 79 72.53 65.84 22.10
C LEU O 79 71.76 67.03 22.65
N GLN O 80 70.55 66.75 23.12
CA GLN O 80 69.54 67.73 23.47
C GLN O 80 69.57 68.02 24.96
N PRO O 81 69.17 69.23 25.37
CA PRO O 81 69.18 69.58 26.80
C PRO O 81 68.25 68.74 27.69
N GLU O 82 67.28 68.04 27.11
CA GLU O 82 66.47 67.12 27.90
C GLU O 82 67.07 65.72 27.98
N ASP O 83 68.05 65.40 27.13
CA ASP O 83 68.57 64.05 27.08
C ASP O 83 69.60 63.76 28.18
N PHE O 84 69.89 64.71 29.05
CA PHE O 84 70.89 64.54 30.08
C PHE O 84 70.26 63.84 31.29
N ALA O 85 70.43 62.53 31.39
CA ALA O 85 69.81 61.74 32.44
C ALA O 85 70.61 60.45 32.60
N THR O 86 70.08 59.54 33.42
CA THR O 86 70.74 58.27 33.72
C THR O 86 70.12 57.16 32.88
N TYR O 87 70.95 56.50 32.08
CA TYR O 87 70.46 55.58 31.07
C TYR O 87 70.93 54.16 31.39
N TYR O 88 70.36 53.19 30.68
CA TYR O 88 70.56 51.78 30.98
C TYR O 88 70.45 50.92 29.73
N CYS O 89 71.29 49.89 29.68
CA CYS O 89 71.11 48.80 28.73
C CYS O 89 70.44 47.61 29.40
N GLN O 90 70.15 46.59 28.61
CA GLN O 90 69.25 45.52 29.03
C GLN O 90 69.40 44.28 28.18
N GLN O 91 69.66 43.14 28.82
CA GLN O 91 69.55 41.86 28.15
C GLN O 91 68.14 41.32 28.32
N SER O 92 67.73 40.48 27.38
CA SER O 92 66.59 39.59 27.57
C SER O 92 66.88 38.22 26.99
N TYR O 93 68.14 37.85 26.93
CA TYR O 93 68.56 36.63 26.25
C TYR O 93 68.16 35.40 27.07
N SER O 94 68.62 35.33 28.30
CA SER O 94 68.36 34.20 29.17
C SER O 94 67.64 34.67 30.42
N THR O 95 67.40 33.73 31.28
CA THR O 95 67.03 34.02 32.65
C THR O 95 68.20 33.67 33.55
N PRO O 96 68.68 34.56 34.43
CA PRO O 96 68.22 35.91 34.83
C PRO O 96 68.53 37.03 33.85
N ARG O 97 67.65 38.02 33.83
CA ARG O 97 67.94 39.26 33.14
C ARG O 97 68.78 40.15 34.05
N THR O 98 69.78 40.79 33.48
CA THR O 98 70.51 41.82 34.20
C THR O 98 70.45 43.08 33.37
N PHE O 99 70.66 44.20 34.05
CA PHE O 99 70.66 45.49 33.40
C PHE O 99 72.05 46.06 33.58
N GLY O 100 72.43 47.03 32.75
CA GLY O 100 73.71 47.69 32.95
C GLY O 100 73.71 48.54 34.19
N GLN O 101 74.91 48.99 34.58
CA GLN O 101 75.01 49.79 35.79
C GLN O 101 74.52 51.22 35.58
N GLY O 102 74.29 51.63 34.35
CA GLY O 102 73.78 52.97 34.09
C GLY O 102 74.88 53.89 33.57
N THR O 103 74.47 54.84 32.74
CA THR O 103 75.38 55.86 32.25
C THR O 103 74.67 57.20 32.34
N LYS O 104 75.19 58.07 33.20
CA LYS O 104 74.58 59.38 33.43
C LYS O 104 75.23 60.38 32.47
N VAL O 105 74.48 60.78 31.46
CA VAL O 105 74.89 61.87 30.59
C VAL O 105 74.41 63.17 31.22
N GLU O 106 75.34 64.09 31.42
CA GLU O 106 75.08 65.25 32.26
C GLU O 106 75.83 66.45 31.72
N ILE O 107 75.36 67.64 32.09
CA ILE O 107 75.80 68.87 31.45
C ILE O 107 77.18 69.26 31.95
N LYS O 108 78.08 69.55 31.02
CA LYS O 108 79.45 69.89 31.33
C LYS O 108 79.57 71.32 31.83
#